data_7LQZ
#
_entry.id   7LQZ
#
_cell.length_a   1.00
_cell.length_b   1.00
_cell.length_c   1.00
_cell.angle_alpha   90.00
_cell.angle_beta   90.00
_cell.angle_gamma   90.00
#
_symmetry.space_group_name_H-M   'P 1'
#
loop_
_entity.id
_entity.type
_entity.pdbx_description
1 polymer 'Osm-9-like TRP channel 1'
2 non-polymer '(2S)-3-(hexadecanoyloxy)-2-[(9Z)-octadec-9-enoyloxy]propyl 2-(trimethylammonio)ethyl phosphate'
3 non-polymer resiniferatoxin
4 non-polymer 'SODIUM ION'
#
_entity_poly.entity_id   1
_entity_poly.type   'polypeptide(L)'
_entity_poly.pdbx_seq_one_letter_code
;MKKWANLDSGESEDPPHEDSCPDPPDGDPNSKQSPAKPHIFSTTKSRTRLFGKGDSEEASPMDCSYEEGELASCPTITVS
SVVIIQRPGDALTCARQLSQDSVSAGAEKPLKLYDRRSIFDAVAQNNCQELESLLPFLQKSRKRLTDSEFKDPETGKTCL
LKAMLNLHNGQNDTISLLLDIARQTDSLKEFVNASYTDSYYKGQTALHIAIERRNMALVTLLVENGADVQAAANGDFFKK
TKGRPGFYFGELPLSLAACTNQLAIVKFLLQNSWQPADISARDSVGNTVLHALVEVADNTADNTKFVTSMYNEILILGAK
LHPTLKLEELINKKGLTPLALAASSGKIGVLAYILQREIQEPECRHLSRKFTEWAYGPVHSSLYDLSCIDTCEKNSVLEV
IAYSSSETPNRHDMLLVEPLNRLLQDKWDRFVKRIFYFNFFVYCLYMIVFTTAAYYRPVDGLPPYKLKNTVGDYFRVTGE
ILSVSGGVYFFLRGIQYFLQRRPSMKTLFVDSYSEMLFFVQSLFMLGSVVLYFSHRKEYVASMVFSLAMGWTNMLYYTRG
FQQMGIYAVMIEKMILRDLCRFMFVYLVFLFGFSTAVVTLIEDGKNYSEPAEYTSHRWRAPGCRPPDSYNSLYSTCLELF
KFTIGMGDLEFTENYDFKAVFIILLLAYVILTYILLLNMLIALMGETVNKIAQESKNIWKLQRAITILDTEKSFLKCMRK
AFRSGKLLQVGYTPDGKDDYRWCFRVDEVNWTTWNTNVGIINEDPGNCEGVKRTLSFSLRSGRVSGRNWRNFALVPLLRD
ASTRDRHHAQPEEVHLKHFAGSLKPEDAEVFKDSMAPGEKLPVR
;
_entity_poly.pdbx_strand_id   A,B,C,D
#
loop_
_chem_comp.id
_chem_comp.type
_chem_comp.name
_chem_comp.formula
6EU non-polymer resiniferatoxin 'C37 H40 O9'
NA non-polymer 'SODIUM ION' 'Na 1'
POV non-polymer '(2S)-3-(hexadecanoyloxy)-2-[(9Z)-octadec-9-enoyloxy]propyl 2-(trimethylammonio)ethyl phosphate' 'C42 H82 N O8 P'
#
# COMPACT_ATOMS: atom_id res chain seq x y z
N LEU A 111 74.05 -7.03 -36.01
CA LEU A 111 73.05 -6.07 -36.45
C LEU A 111 71.71 -6.76 -36.72
N LYS A 112 70.87 -6.85 -35.70
CA LYS A 112 69.60 -7.54 -35.84
C LYS A 112 68.57 -6.63 -36.51
N LEU A 113 67.82 -7.19 -37.45
CA LEU A 113 66.89 -6.42 -38.26
C LEU A 113 65.62 -6.12 -37.47
N TYR A 114 64.91 -5.08 -37.90
CA TYR A 114 63.65 -4.66 -37.28
C TYR A 114 62.70 -4.14 -38.34
N ASP A 115 61.46 -4.63 -38.33
CA ASP A 115 60.36 -4.07 -39.08
C ASP A 115 59.25 -3.64 -38.14
N ARG A 116 58.11 -3.26 -38.71
CA ARG A 116 57.02 -2.72 -37.89
C ARG A 116 56.38 -3.82 -37.03
N ARG A 117 56.33 -5.05 -37.56
CA ARG A 117 55.62 -6.11 -36.85
C ARG A 117 56.42 -6.65 -35.67
N SER A 118 57.74 -6.82 -35.84
CA SER A 118 58.56 -7.41 -34.80
C SER A 118 58.76 -6.47 -33.62
N ILE A 119 58.73 -5.16 -33.88
CA ILE A 119 58.87 -4.21 -32.79
C ILE A 119 57.59 -4.16 -31.95
N PHE A 120 56.44 -4.13 -32.61
CA PHE A 120 55.15 -4.09 -31.90
C PHE A 120 54.90 -5.36 -31.10
N ASP A 121 55.42 -6.48 -31.57
CA ASP A 121 55.30 -7.72 -30.80
C ASP A 121 56.21 -7.70 -29.59
N ALA A 122 57.43 -7.18 -29.74
CA ALA A 122 58.33 -7.02 -28.60
C ALA A 122 57.77 -6.02 -27.60
N VAL A 123 57.02 -5.02 -28.10
CA VAL A 123 56.30 -4.12 -27.21
C VAL A 123 55.16 -4.85 -26.50
N ALA A 124 54.46 -5.73 -27.24
CA ALA A 124 53.27 -6.38 -26.71
C ALA A 124 53.63 -7.45 -25.67
N GLN A 125 54.39 -8.47 -26.08
CA GLN A 125 54.58 -9.61 -25.19
C GLN A 125 55.68 -9.40 -24.15
N ASN A 126 56.25 -8.19 -24.07
CA ASN A 126 57.10 -7.74 -22.95
C ASN A 126 58.38 -8.57 -22.82
N ASN A 127 58.99 -8.92 -23.95
CA ASN A 127 60.29 -9.59 -23.93
C ASN A 127 61.38 -8.55 -24.22
N CYS A 128 62.03 -8.06 -23.15
CA CYS A 128 62.97 -6.96 -23.30
C CYS A 128 64.29 -7.44 -23.88
N GLN A 129 64.49 -8.75 -23.97
CA GLN A 129 65.68 -9.30 -24.61
C GLN A 129 65.68 -9.03 -26.11
N GLU A 130 64.50 -8.93 -26.71
CA GLU A 130 64.41 -8.52 -28.11
C GLU A 130 64.72 -7.05 -28.27
N LEU A 131 64.47 -6.26 -27.23
CA LEU A 131 64.67 -4.82 -27.26
C LEU A 131 66.01 -4.53 -26.58
N GLU A 132 67.10 -4.84 -27.28
CA GLU A 132 68.41 -4.47 -26.78
C GLU A 132 69.28 -3.92 -27.91
N SER A 133 68.93 -4.27 -29.15
CA SER A 133 69.64 -3.78 -30.32
C SER A 133 68.78 -2.87 -31.17
N LEU A 134 67.67 -2.36 -30.64
CA LEU A 134 66.83 -1.46 -31.40
C LEU A 134 67.47 -0.08 -31.52
N LEU A 135 68.33 0.26 -30.56
CA LEU A 135 69.04 1.54 -30.65
C LEU A 135 70.16 1.57 -31.70
N PRO A 136 71.07 0.58 -31.81
CA PRO A 136 72.08 0.69 -32.88
C PRO A 136 71.51 0.44 -34.27
N PHE A 137 70.37 -0.24 -34.36
CA PHE A 137 69.74 -0.45 -35.66
C PHE A 137 69.20 0.85 -36.23
N LEU A 138 68.60 1.69 -35.37
CA LEU A 138 68.14 2.99 -35.82
C LEU A 138 69.29 3.95 -36.04
N GLN A 139 70.44 3.68 -35.41
CA GLN A 139 71.64 4.43 -35.73
C GLN A 139 72.22 3.97 -37.06
N LYS A 140 71.96 2.72 -37.44
CA LYS A 140 72.45 2.20 -38.72
C LYS A 140 71.63 2.75 -39.88
N SER A 141 70.30 2.64 -39.79
CA SER A 141 69.43 2.93 -40.92
C SER A 141 69.09 4.42 -41.05
N ARG A 142 69.79 5.29 -40.29
CA ARG A 142 69.57 6.74 -40.22
C ARG A 142 68.14 7.07 -39.80
N LYS A 143 67.53 6.20 -39.01
CA LYS A 143 66.12 6.35 -38.68
C LYS A 143 65.93 6.80 -37.24
N ARG A 144 64.80 7.47 -37.01
CA ARG A 144 64.33 7.83 -35.68
C ARG A 144 63.21 6.86 -35.31
N LEU A 145 62.77 6.94 -34.05
CA LEU A 145 61.58 6.20 -33.66
C LEU A 145 60.33 6.80 -34.30
N THR A 146 60.36 8.08 -34.66
CA THR A 146 59.29 8.72 -35.42
C THR A 146 59.57 8.56 -36.92
N ASP A 147 59.68 7.31 -37.34
CA ASP A 147 59.88 6.96 -38.73
C ASP A 147 58.54 6.56 -39.33
N SER A 148 58.37 6.91 -40.61
CA SER A 148 57.08 6.72 -41.28
C SER A 148 56.75 5.23 -41.43
N GLU A 149 57.77 4.38 -41.53
CA GLU A 149 57.53 2.94 -41.63
C GLU A 149 57.13 2.34 -40.29
N PHE A 150 57.45 3.03 -39.19
CA PHE A 150 57.18 2.47 -37.87
C PHE A 150 55.72 2.67 -37.46
N LYS A 151 55.07 3.70 -37.98
CA LYS A 151 53.67 3.94 -37.64
C LYS A 151 52.77 2.93 -38.34
N ASP A 152 51.76 2.45 -37.60
CA ASP A 152 50.73 1.61 -38.18
C ASP A 152 49.88 2.44 -39.15
N PRO A 153 49.59 1.91 -40.34
CA PRO A 153 49.00 2.76 -41.40
C PRO A 153 47.55 3.18 -41.19
N GLU A 154 46.66 2.28 -40.75
CA GLU A 154 45.24 2.63 -40.72
C GLU A 154 44.90 3.48 -39.49
N THR A 155 45.52 3.20 -38.35
CA THR A 155 45.44 4.05 -37.16
C THR A 155 46.86 4.33 -36.72
N GLY A 156 47.20 5.61 -36.57
CA GLY A 156 48.58 6.01 -36.39
C GLY A 156 49.18 5.67 -35.04
N LYS A 157 49.19 4.39 -34.69
CA LYS A 157 49.66 3.92 -33.39
C LYS A 157 51.18 3.84 -33.39
N THR A 158 51.81 4.46 -32.40
CA THR A 158 53.25 4.47 -32.29
C THR A 158 53.66 3.30 -31.38
N CYS A 159 54.98 3.12 -31.21
CA CYS A 159 55.48 2.11 -30.28
C CYS A 159 55.17 2.50 -28.84
N LEU A 160 55.03 3.80 -28.59
CA LEU A 160 54.65 4.26 -27.26
C LEU A 160 53.17 3.98 -26.99
N LEU A 161 52.34 4.14 -28.02
CA LEU A 161 50.91 3.94 -27.85
C LEU A 161 50.57 2.45 -27.71
N LYS A 162 51.34 1.59 -28.39
CA LYS A 162 51.14 0.15 -28.26
C LYS A 162 51.48 -0.32 -26.86
N ALA A 163 52.45 0.35 -26.22
CA ALA A 163 52.86 -0.03 -24.87
C ALA A 163 51.83 0.39 -23.82
N MET A 164 51.01 1.39 -24.14
CA MET A 164 50.00 1.83 -23.19
C MET A 164 48.84 0.85 -23.10
N LEU A 165 48.42 0.29 -24.24
CA LEU A 165 47.28 -0.62 -24.24
C LEU A 165 47.66 -1.96 -23.63
N ASN A 166 48.80 -2.50 -24.02
CA ASN A 166 49.33 -3.74 -23.47
C ASN A 166 49.93 -3.43 -22.11
N LEU A 167 49.23 -3.84 -21.06
CA LEU A 167 49.62 -3.51 -19.69
C LEU A 167 49.64 -4.76 -18.84
N HIS A 168 50.83 -5.12 -18.34
CA HIS A 168 51.02 -6.31 -17.53
C HIS A 168 51.13 -5.87 -16.07
N ASN A 169 50.14 -6.26 -15.26
CA ASN A 169 50.09 -6.02 -13.81
C ASN A 169 50.17 -4.54 -13.46
N GLY A 170 49.65 -3.67 -14.31
CA GLY A 170 49.68 -2.25 -14.04
C GLY A 170 50.97 -1.54 -14.41
N GLN A 171 52.06 -2.27 -14.61
CA GLN A 171 53.37 -1.67 -14.88
C GLN A 171 54.01 -2.34 -16.09
N ASN A 172 53.83 -1.76 -17.26
CA ASN A 172 54.63 -2.18 -18.40
C ASN A 172 56.02 -1.56 -18.27
N ASP A 173 57.04 -2.36 -18.57
CA ASP A 173 58.41 -1.90 -18.52
C ASP A 173 59.02 -1.70 -19.91
N THR A 174 58.27 -1.99 -20.96
CA THR A 174 58.74 -1.72 -22.31
C THR A 174 58.79 -0.22 -22.58
N ILE A 175 57.84 0.53 -21.98
CA ILE A 175 57.64 1.95 -22.28
C ILE A 175 58.87 2.77 -21.88
N SER A 176 59.51 2.41 -20.77
CA SER A 176 60.65 3.18 -20.29
C SER A 176 61.87 2.95 -21.18
N LEU A 177 61.90 1.84 -21.91
CA LEU A 177 63.01 1.58 -22.81
C LEU A 177 62.80 2.27 -24.16
N LEU A 178 61.54 2.49 -24.54
CA LEU A 178 61.29 3.27 -25.75
C LEU A 178 61.65 4.73 -25.53
N LEU A 179 61.44 5.23 -24.31
CA LEU A 179 61.74 6.61 -24.02
C LEU A 179 63.23 6.85 -23.90
N ASP A 180 63.99 5.81 -23.55
CA ASP A 180 65.44 5.94 -23.50
C ASP A 180 66.03 5.97 -24.90
N ILE A 181 65.37 5.33 -25.85
CA ILE A 181 65.85 5.37 -27.23
C ILE A 181 65.45 6.67 -27.90
N ALA A 182 64.26 7.20 -27.54
CA ALA A 182 63.76 8.41 -28.17
C ALA A 182 64.56 9.64 -27.76
N ARG A 183 65.16 9.62 -26.56
CA ARG A 183 66.01 10.74 -26.17
C ARG A 183 67.36 10.64 -26.86
N GLN A 184 67.80 9.43 -27.21
CA GLN A 184 69.05 9.29 -27.96
C GLN A 184 68.86 9.70 -29.41
N THR A 185 67.69 9.42 -29.97
CA THR A 185 67.34 9.90 -31.29
C THR A 185 66.73 11.30 -31.26
N ASP A 186 66.76 11.95 -30.09
CA ASP A 186 66.44 13.34 -29.73
C ASP A 186 65.19 13.92 -30.41
N SER A 187 64.22 13.07 -30.77
CA SER A 187 62.93 13.50 -31.29
C SER A 187 61.82 13.24 -30.28
N LEU A 188 62.12 13.46 -28.99
CA LEU A 188 61.26 12.99 -27.91
C LEU A 188 59.94 13.76 -27.85
N LYS A 189 60.00 15.08 -28.09
CA LYS A 189 58.80 15.90 -27.99
C LYS A 189 57.82 15.59 -29.12
N GLU A 190 58.34 15.20 -30.28
CA GLU A 190 57.46 14.73 -31.34
C GLU A 190 57.03 13.29 -31.09
N PHE A 191 57.84 12.54 -30.33
CA PHE A 191 57.58 11.11 -30.15
C PHE A 191 56.40 10.87 -29.22
N VAL A 192 56.40 11.51 -28.05
CA VAL A 192 55.35 11.27 -27.08
C VAL A 192 54.05 11.96 -27.50
N ASN A 193 54.17 13.01 -28.31
CA ASN A 193 52.99 13.74 -28.76
C ASN A 193 52.34 13.10 -29.98
N ALA A 194 52.85 11.97 -30.45
CA ALA A 194 52.22 11.25 -31.55
C ALA A 194 50.87 10.70 -31.08
N SER A 195 49.90 10.67 -31.98
CA SER A 195 48.54 10.35 -31.61
C SER A 195 47.87 9.59 -32.74
N TYR A 196 46.70 9.05 -32.44
CA TYR A 196 45.89 8.40 -33.45
C TYR A 196 45.36 9.42 -34.44
N THR A 197 45.51 9.13 -35.74
CA THR A 197 44.96 9.98 -36.78
C THR A 197 43.72 9.38 -37.42
N ASP A 198 43.18 8.32 -36.83
CA ASP A 198 41.95 7.73 -37.35
C ASP A 198 40.77 8.64 -37.03
N SER A 199 39.79 8.67 -37.93
CA SER A 199 38.65 9.58 -37.79
C SER A 199 37.79 9.23 -36.59
N TYR A 200 37.76 7.95 -36.21
CA TYR A 200 37.06 7.55 -35.00
C TYR A 200 37.88 7.91 -33.76
N TYR A 201 39.15 8.28 -33.94
CA TYR A 201 40.13 8.40 -32.86
C TYR A 201 40.98 9.66 -32.91
N LYS A 202 40.46 10.76 -33.46
CA LYS A 202 41.32 11.91 -33.78
C LYS A 202 41.88 12.57 -32.53
N GLY A 203 43.15 12.30 -32.26
CA GLY A 203 43.90 13.05 -31.28
C GLY A 203 44.12 12.40 -29.94
N GLN A 204 43.68 11.15 -29.74
CA GLN A 204 43.91 10.48 -28.47
C GLN A 204 45.39 10.18 -28.29
N THR A 205 45.95 10.63 -27.17
CA THR A 205 47.38 10.57 -26.97
C THR A 205 47.73 9.51 -25.93
N ALA A 206 49.01 9.46 -25.56
CA ALA A 206 49.45 8.56 -24.50
C ALA A 206 48.89 8.99 -23.16
N LEU A 207 48.63 10.28 -22.99
CA LEU A 207 48.19 10.78 -21.70
C LEU A 207 46.71 10.46 -21.46
N HIS A 208 45.93 10.36 -22.54
CA HIS A 208 44.51 10.04 -22.40
C HIS A 208 44.30 8.60 -21.95
N ILE A 209 45.34 7.75 -22.10
CA ILE A 209 45.21 6.35 -21.75
C ILE A 209 45.60 6.14 -20.29
N ALA A 210 46.67 6.79 -19.86
CA ALA A 210 47.19 6.58 -18.50
C ALA A 210 46.22 7.12 -17.45
N ILE A 211 45.65 8.31 -17.71
CA ILE A 211 44.61 8.87 -16.85
C ILE A 211 43.39 7.98 -16.85
N GLU A 212 43.12 7.33 -17.98
CA GLU A 212 41.96 6.45 -18.08
C GLU A 212 42.15 5.18 -17.26
N ARG A 213 43.32 4.58 -17.32
CA ARG A 213 43.56 3.31 -16.65
C ARG A 213 43.90 3.45 -15.17
N ARG A 214 43.75 4.67 -14.61
CA ARG A 214 43.93 4.96 -13.18
C ARG A 214 45.35 4.64 -12.72
N ASN A 215 46.33 4.97 -13.55
CA ASN A 215 47.72 4.67 -13.28
C ASN A 215 48.39 5.98 -12.93
N MET A 216 48.75 6.14 -11.65
CA MET A 216 49.35 7.39 -11.20
C MET A 216 50.77 7.55 -11.71
N ALA A 217 51.57 6.49 -11.66
CA ALA A 217 52.97 6.59 -12.02
C ALA A 217 53.15 6.74 -13.52
N LEU A 218 52.23 6.18 -14.30
CA LEU A 218 52.37 6.22 -15.75
C LEU A 218 52.03 7.61 -16.29
N VAL A 219 51.20 8.36 -15.56
CA VAL A 219 50.96 9.76 -15.88
C VAL A 219 52.22 10.58 -15.66
N THR A 220 52.95 10.29 -14.57
CA THR A 220 54.09 11.11 -14.18
C THR A 220 55.24 10.96 -15.17
N LEU A 221 55.45 9.75 -15.68
CA LEU A 221 56.55 9.52 -16.62
C LEU A 221 56.24 10.11 -17.99
N LEU A 222 54.95 10.21 -18.32
CA LEU A 222 54.59 10.70 -19.65
C LEU A 222 54.76 12.22 -19.76
N VAL A 223 54.30 12.95 -18.75
CA VAL A 223 54.22 14.41 -18.87
C VAL A 223 55.60 15.04 -18.75
N GLU A 224 56.54 14.35 -18.10
CA GLU A 224 57.88 14.90 -17.96
C GLU A 224 58.66 14.84 -19.28
N ASN A 225 58.24 13.97 -20.18
CA ASN A 225 58.92 13.78 -21.45
C ASN A 225 58.37 14.65 -22.56
N GLY A 226 57.59 15.69 -22.23
CA GLY A 226 57.12 16.61 -23.23
C GLY A 226 55.77 16.27 -23.83
N ALA A 227 55.02 15.38 -23.20
CA ALA A 227 53.65 15.15 -23.63
C ALA A 227 52.79 16.34 -23.25
N ASP A 228 52.29 17.07 -24.24
CA ASP A 228 51.52 18.27 -23.98
C ASP A 228 50.15 17.90 -23.44
N VAL A 229 49.82 18.44 -22.26
CA VAL A 229 48.59 18.05 -21.57
C VAL A 229 47.36 18.71 -22.15
N GLN A 230 47.51 19.63 -23.10
CA GLN A 230 46.39 20.29 -23.73
C GLN A 230 45.97 19.64 -25.04
N ALA A 231 46.46 18.45 -25.33
CA ALA A 231 46.04 17.75 -26.54
C ALA A 231 44.59 17.31 -26.39
N ALA A 232 43.79 17.64 -27.40
CA ALA A 232 42.35 17.41 -27.35
C ALA A 232 41.99 16.19 -28.16
N ALA A 233 41.09 15.38 -27.61
CA ALA A 233 40.63 14.15 -28.27
C ALA A 233 39.40 14.47 -29.12
N ASN A 234 39.65 15.01 -30.30
CA ASN A 234 38.57 15.49 -31.18
C ASN A 234 38.13 14.37 -32.12
N GLY A 235 37.84 13.21 -31.53
CA GLY A 235 37.53 12.03 -32.31
C GLY A 235 36.15 11.51 -31.98
N ASP A 236 35.57 10.78 -32.94
CA ASP A 236 34.13 10.49 -32.92
C ASP A 236 33.75 9.52 -31.80
N PHE A 237 34.72 8.88 -31.16
CA PHE A 237 34.42 8.17 -29.94
C PHE A 237 34.26 9.14 -28.77
N PHE A 238 34.99 10.27 -28.83
CA PHE A 238 35.04 11.16 -27.68
C PHE A 238 34.02 12.28 -27.81
N LYS A 239 33.36 12.41 -28.96
CA LYS A 239 32.21 13.29 -29.08
C LYS A 239 30.98 12.70 -28.38
N LYS A 240 29.86 13.39 -28.53
CA LYS A 240 28.63 12.92 -27.90
C LYS A 240 28.15 11.62 -28.53
N THR A 241 27.83 11.66 -29.83
CA THR A 241 27.36 10.52 -30.64
C THR A 241 26.22 9.76 -29.95
N LYS A 242 25.07 10.42 -29.86
CA LYS A 242 23.94 9.90 -29.10
C LYS A 242 23.37 8.63 -29.71
N GLY A 243 23.66 8.35 -30.98
CA GLY A 243 23.30 7.07 -31.55
C GLY A 243 24.38 6.01 -31.40
N ARG A 244 25.64 6.42 -31.51
CA ARG A 244 26.79 5.52 -31.57
C ARG A 244 27.26 5.19 -30.15
N PRO A 245 28.04 4.12 -29.98
CA PRO A 245 28.67 3.87 -28.67
C PRO A 245 29.83 4.84 -28.44
N GLY A 246 29.79 5.53 -27.30
CA GLY A 246 30.81 6.51 -27.00
C GLY A 246 30.74 6.96 -25.56
N PHE A 247 31.81 7.62 -25.13
CA PHE A 247 31.94 8.14 -23.78
C PHE A 247 32.32 9.61 -23.88
N TYR A 248 31.43 10.49 -23.41
CA TYR A 248 31.67 11.93 -23.46
C TYR A 248 32.06 12.42 -22.08
N PHE A 249 33.32 12.75 -21.91
CA PHE A 249 33.83 13.31 -20.67
C PHE A 249 34.21 14.78 -20.79
N GLY A 250 34.19 15.35 -21.99
CA GLY A 250 34.60 16.72 -22.18
C GLY A 250 35.86 16.90 -23.00
N GLU A 251 36.43 15.81 -23.53
CA GLU A 251 37.37 15.83 -24.65
C GLU A 251 38.70 16.50 -24.29
N LEU A 252 39.10 16.42 -23.04
CA LEU A 252 40.35 17.05 -22.65
C LEU A 252 40.88 16.28 -21.44
N PRO A 253 42.20 16.18 -21.25
CA PRO A 253 42.72 15.34 -20.15
C PRO A 253 42.35 15.84 -18.77
N LEU A 254 42.28 17.15 -18.57
CA LEU A 254 41.85 17.67 -17.27
C LEU A 254 40.37 17.39 -17.05
N SER A 255 39.58 17.38 -18.13
CA SER A 255 38.18 16.99 -18.01
C SER A 255 38.04 15.49 -17.80
N LEU A 256 39.06 14.73 -18.22
CA LEU A 256 39.01 13.28 -18.06
C LEU A 256 39.32 12.87 -16.64
N ALA A 257 40.26 13.56 -16.00
CA ALA A 257 40.60 13.23 -14.62
C ALA A 257 39.53 13.72 -13.66
N ALA A 258 38.76 14.73 -14.07
CA ALA A 258 37.75 15.27 -13.17
C ALA A 258 36.46 14.48 -13.22
N CYS A 259 36.02 14.09 -14.42
CA CYS A 259 34.80 13.31 -14.56
C CYS A 259 34.96 11.88 -14.07
N THR A 260 36.16 11.31 -14.13
CA THR A 260 36.41 9.96 -13.65
C THR A 260 36.93 9.93 -12.22
N ASN A 261 36.56 10.93 -11.40
CA ASN A 261 36.72 10.98 -9.95
C ASN A 261 38.17 10.97 -9.46
N GLN A 262 39.17 11.09 -10.34
CA GLN A 262 40.56 10.97 -9.92
C GLN A 262 40.99 12.32 -9.36
N LEU A 263 41.02 12.40 -8.03
CA LEU A 263 41.26 13.68 -7.39
C LEU A 263 42.75 14.01 -7.32
N ALA A 264 43.60 12.99 -7.35
CA ALA A 264 45.03 13.23 -7.27
C ALA A 264 45.57 13.79 -8.58
N ILE A 265 45.05 13.32 -9.70
CA ILE A 265 45.61 13.69 -10.99
C ILE A 265 45.10 15.06 -11.42
N VAL A 266 43.87 15.43 -11.00
CA VAL A 266 43.31 16.71 -11.36
C VAL A 266 44.06 17.84 -10.65
N LYS A 267 44.74 17.53 -9.56
CA LYS A 267 45.62 18.51 -8.94
C LYS A 267 46.99 18.52 -9.62
N PHE A 268 47.45 17.34 -10.05
CA PHE A 268 48.81 17.23 -10.57
C PHE A 268 48.94 17.91 -11.92
N LEU A 269 47.89 17.87 -12.73
CA LEU A 269 47.98 18.43 -14.08
C LEU A 269 48.02 19.95 -14.03
N LEU A 270 47.44 20.53 -12.98
CA LEU A 270 47.49 21.98 -12.78
C LEU A 270 48.77 22.44 -12.10
N GLN A 271 49.47 21.55 -11.40
CA GLN A 271 50.57 21.91 -10.53
C GLN A 271 51.85 21.14 -10.84
N ASN A 272 52.00 20.66 -12.08
CA ASN A 272 53.25 20.07 -12.52
C ASN A 272 54.19 21.17 -12.99
N SER A 273 55.46 21.06 -12.60
CA SER A 273 56.40 22.18 -12.77
C SER A 273 56.81 22.34 -14.23
N TRP A 274 56.62 21.31 -15.05
CA TRP A 274 57.13 21.36 -16.42
C TRP A 274 56.22 22.19 -17.32
N GLN A 275 54.94 21.81 -17.39
CA GLN A 275 54.00 22.49 -18.28
C GLN A 275 52.61 22.36 -17.69
N PRO A 276 52.13 23.38 -16.98
CA PRO A 276 50.84 23.27 -16.29
C PRO A 276 49.66 23.37 -17.23
N ALA A 277 48.51 22.93 -16.74
CA ALA A 277 47.32 22.85 -17.58
C ALA A 277 46.52 24.15 -17.52
N ASP A 278 45.52 24.23 -18.38
CA ASP A 278 44.60 25.34 -18.45
C ASP A 278 43.26 24.90 -17.86
N ILE A 279 42.81 25.61 -16.83
CA ILE A 279 41.54 25.28 -16.19
C ILE A 279 40.36 25.91 -16.91
N SER A 280 40.62 26.83 -17.82
CA SER A 280 39.56 27.55 -18.51
C SER A 280 39.39 27.15 -19.96
N ALA A 281 40.21 26.23 -20.47
CA ALA A 281 40.11 25.83 -21.86
C ALA A 281 38.83 25.02 -22.10
N ARG A 282 38.42 24.97 -23.35
CA ARG A 282 37.18 24.31 -23.71
C ARG A 282 37.40 23.39 -24.92
N ASP A 283 36.51 22.41 -25.05
CA ASP A 283 36.54 21.51 -26.20
C ASP A 283 35.83 22.15 -27.40
N SER A 284 35.51 21.34 -28.40
CA SER A 284 34.86 21.85 -29.60
C SER A 284 33.44 22.30 -29.32
N VAL A 285 32.76 21.66 -28.37
CA VAL A 285 31.42 22.05 -27.99
C VAL A 285 31.43 23.32 -27.16
N GLY A 286 32.55 23.64 -26.54
CA GLY A 286 32.66 24.81 -25.70
C GLY A 286 32.61 24.53 -24.22
N ASN A 287 32.38 23.28 -23.82
CA ASN A 287 32.31 22.93 -22.41
C ASN A 287 33.68 23.00 -21.76
N THR A 288 33.72 23.53 -20.55
CA THR A 288 34.90 23.50 -19.71
C THR A 288 34.72 22.41 -18.67
N VAL A 289 35.62 22.39 -17.69
CA VAL A 289 35.66 21.32 -16.70
C VAL A 289 34.41 21.33 -15.83
N LEU A 290 33.90 22.52 -15.53
CA LEU A 290 32.72 22.64 -14.69
C LEU A 290 31.45 22.35 -15.48
N HIS A 291 31.51 22.50 -16.81
CA HIS A 291 30.39 22.07 -17.63
C HIS A 291 30.34 20.56 -17.72
N ALA A 292 31.50 19.92 -17.87
CA ALA A 292 31.53 18.49 -18.14
C ALA A 292 31.13 17.67 -16.93
N LEU A 293 31.37 18.20 -15.73
CA LEU A 293 30.90 17.53 -14.51
C LEU A 293 29.39 17.55 -14.43
N VAL A 294 28.75 18.52 -15.08
CA VAL A 294 27.29 18.52 -15.12
C VAL A 294 26.81 17.54 -16.17
N GLU A 295 27.56 17.38 -17.26
CA GLU A 295 27.14 16.49 -18.34
C GLU A 295 27.26 15.03 -17.93
N VAL A 296 28.09 14.73 -16.94
CA VAL A 296 28.42 13.36 -16.59
C VAL A 296 27.70 13.00 -15.29
N ALA A 297 26.79 13.86 -14.87
CA ALA A 297 25.90 13.56 -13.76
C ALA A 297 24.68 12.85 -14.29
N ASP A 298 24.14 11.93 -13.49
CA ASP A 298 22.92 11.21 -13.83
C ASP A 298 22.00 11.00 -12.65
N ASN A 299 21.96 11.93 -11.70
CA ASN A 299 20.96 12.11 -10.66
C ASN A 299 20.96 11.02 -9.60
N THR A 300 21.75 9.96 -9.72
CA THR A 300 21.80 8.94 -8.70
C THR A 300 22.59 9.46 -7.51
N ALA A 301 22.19 9.01 -6.31
CA ALA A 301 22.71 9.61 -5.07
C ALA A 301 24.18 9.28 -4.86
N ASP A 302 24.69 8.24 -5.52
CA ASP A 302 26.13 8.02 -5.51
C ASP A 302 26.82 9.01 -6.44
N ASN A 303 26.18 9.34 -7.57
CA ASN A 303 26.81 10.23 -8.53
C ASN A 303 26.74 11.68 -8.06
N THR A 304 25.71 12.02 -7.30
CA THR A 304 25.58 13.37 -6.74
C THR A 304 26.65 13.63 -5.68
N LYS A 305 27.17 12.55 -5.08
CA LYS A 305 28.19 12.69 -4.05
C LYS A 305 29.50 13.17 -4.63
N PHE A 306 30.01 12.49 -5.67
CA PHE A 306 31.36 12.80 -6.11
C PHE A 306 31.38 13.81 -7.24
N VAL A 307 30.21 14.13 -7.81
CA VAL A 307 30.16 15.26 -8.74
C VAL A 307 30.34 16.56 -7.98
N THR A 308 29.49 16.79 -6.97
CA THR A 308 29.55 18.03 -6.21
C THR A 308 30.81 18.11 -5.36
N SER A 309 31.39 16.97 -4.99
CA SER A 309 32.68 17.00 -4.31
C SER A 309 33.78 17.41 -5.28
N MET A 310 33.76 16.86 -6.50
CA MET A 310 34.77 17.27 -7.48
C MET A 310 34.46 18.65 -8.03
N TYR A 311 33.18 19.03 -8.07
CA TYR A 311 32.82 20.37 -8.49
C TYR A 311 33.31 21.40 -7.49
N ASN A 312 33.43 20.99 -6.23
CA ASN A 312 33.88 21.90 -5.19
C ASN A 312 35.37 22.17 -5.30
N GLU A 313 36.15 21.13 -5.62
CA GLU A 313 37.59 21.22 -5.47
C GLU A 313 38.22 22.05 -6.58
N ILE A 314 37.50 22.24 -7.68
CA ILE A 314 38.07 22.93 -8.83
C ILE A 314 37.94 24.44 -8.66
N LEU A 315 36.83 24.88 -8.06
CA LEU A 315 36.61 26.31 -7.83
C LEU A 315 37.64 26.87 -6.87
N ILE A 316 37.92 26.15 -5.79
CA ILE A 316 38.91 26.58 -4.83
C ILE A 316 40.28 26.60 -5.48
N LEU A 317 40.61 25.54 -6.20
CA LEU A 317 41.90 25.46 -6.90
C LEU A 317 41.92 26.40 -8.10
N GLY A 318 40.76 26.80 -8.60
CA GLY A 318 40.73 27.86 -9.59
C GLY A 318 41.14 29.19 -9.01
N ALA A 319 40.76 29.46 -7.76
CA ALA A 319 41.07 30.74 -7.16
C ALA A 319 42.52 30.82 -6.70
N LYS A 320 43.10 29.68 -6.31
CA LYS A 320 44.50 29.69 -5.85
C LYS A 320 45.45 29.98 -7.01
N LEU A 321 45.20 29.35 -8.15
CA LEU A 321 46.01 29.62 -9.33
C LEU A 321 45.63 30.95 -9.95
N HIS A 322 44.33 31.21 -10.04
CA HIS A 322 43.83 32.40 -10.73
C HIS A 322 42.72 33.03 -9.92
N PRO A 323 43.06 33.91 -8.96
CA PRO A 323 42.01 34.64 -8.23
C PRO A 323 41.31 35.68 -9.08
N THR A 324 41.95 36.10 -10.18
CA THR A 324 41.32 37.05 -11.09
C THR A 324 40.29 36.36 -11.99
N LEU A 325 40.30 35.04 -12.03
CA LEU A 325 39.38 34.31 -12.88
C LEU A 325 38.06 34.05 -12.17
N LYS A 326 36.97 34.15 -12.92
CA LYS A 326 35.62 33.81 -12.44
C LYS A 326 35.18 32.59 -13.23
N LEU A 327 35.15 31.44 -12.58
CA LEU A 327 35.04 30.18 -13.31
C LEU A 327 33.63 29.94 -13.84
N GLU A 328 32.61 30.36 -13.10
CA GLU A 328 31.27 29.98 -13.49
C GLU A 328 30.58 31.01 -14.38
N GLU A 329 31.30 32.02 -14.85
CA GLU A 329 30.69 32.95 -15.77
C GLU A 329 30.71 32.41 -17.20
N LEU A 330 31.53 31.39 -17.44
CA LEU A 330 31.88 31.00 -18.80
C LEU A 330 30.73 30.26 -19.47
N ILE A 331 30.70 30.33 -20.80
CA ILE A 331 29.61 29.73 -21.55
C ILE A 331 30.17 28.84 -22.65
N ASN A 332 29.33 27.90 -23.07
CA ASN A 332 29.57 27.06 -24.23
C ASN A 332 29.00 27.74 -25.47
N LYS A 333 28.88 26.98 -26.58
CA LYS A 333 28.38 27.59 -27.81
C LYS A 333 26.88 27.79 -27.76
N LYS A 334 26.19 27.11 -26.84
CA LYS A 334 24.78 27.42 -26.63
C LYS A 334 24.59 28.59 -25.67
N GLY A 335 25.67 29.10 -25.07
CA GLY A 335 25.60 30.26 -24.22
C GLY A 335 25.18 29.99 -22.80
N LEU A 336 25.24 28.73 -22.35
CA LEU A 336 24.77 28.40 -21.02
C LEU A 336 25.91 28.40 -20.01
N THR A 337 25.59 28.78 -18.79
CA THR A 337 26.53 28.73 -17.67
C THR A 337 26.41 27.36 -16.99
N PRO A 338 27.39 26.91 -16.19
CA PRO A 338 27.25 25.61 -15.53
C PRO A 338 26.11 25.54 -14.53
N LEU A 339 25.67 26.68 -14.02
CA LEU A 339 24.42 26.69 -13.26
C LEU A 339 23.23 26.43 -14.16
N ALA A 340 23.14 27.14 -15.28
CA ALA A 340 21.96 27.05 -16.12
C ALA A 340 21.96 25.76 -16.93
N LEU A 341 23.13 25.18 -17.16
CA LEU A 341 23.21 23.90 -17.83
C LEU A 341 22.65 22.78 -16.96
N ALA A 342 22.77 22.93 -15.64
CA ALA A 342 22.19 21.96 -14.73
C ALA A 342 20.68 22.13 -14.63
N ALA A 343 20.19 23.32 -14.96
CA ALA A 343 18.76 23.55 -14.93
C ALA A 343 18.13 23.26 -16.29
N SER A 344 18.90 23.45 -17.37
CA SER A 344 18.39 23.17 -18.70
C SER A 344 18.16 21.68 -18.88
N SER A 345 19.08 20.86 -18.39
CA SER A 345 18.85 19.43 -18.30
C SER A 345 18.07 19.12 -17.03
N GLY A 346 18.03 17.86 -16.63
CA GLY A 346 17.22 17.53 -15.48
C GLY A 346 17.97 17.38 -14.18
N LYS A 347 19.21 17.88 -14.13
CA LYS A 347 20.09 17.59 -13.01
C LYS A 347 19.65 18.36 -11.78
N ILE A 348 19.19 17.63 -10.77
CA ILE A 348 18.60 18.20 -9.56
C ILE A 348 19.60 18.30 -8.42
N GLY A 349 20.49 17.31 -8.29
CA GLY A 349 21.45 17.35 -7.20
C GLY A 349 22.54 18.37 -7.41
N VAL A 350 22.98 18.53 -8.66
CA VAL A 350 23.95 19.57 -8.99
C VAL A 350 23.30 20.94 -8.90
N LEU A 351 21.99 21.02 -9.18
CA LEU A 351 21.29 22.29 -9.04
C LEU A 351 21.11 22.68 -7.58
N ALA A 352 20.77 21.69 -6.73
CA ALA A 352 20.55 21.99 -5.32
C ALA A 352 21.86 22.34 -4.63
N TYR A 353 22.97 21.85 -5.14
CA TYR A 353 24.26 22.18 -4.56
C TYR A 353 24.67 23.62 -4.88
N ILE A 354 24.54 24.04 -6.14
CA ILE A 354 25.11 25.33 -6.55
C ILE A 354 24.34 26.47 -5.92
N LEU A 355 23.03 26.32 -5.77
CA LEU A 355 22.24 27.37 -5.13
C LEU A 355 22.52 27.44 -3.64
N GLN A 356 22.69 26.30 -2.99
CA GLN A 356 23.00 26.25 -1.57
C GLN A 356 24.50 25.98 -1.37
N ARG A 357 25.32 26.90 -1.87
CA ARG A 357 26.76 26.70 -1.83
C ARG A 357 27.37 27.68 -0.85
N GLU A 358 27.95 27.16 0.22
CA GLU A 358 28.80 27.95 1.11
C GLU A 358 30.15 27.25 1.27
N ILE A 359 31.21 28.00 1.03
CA ILE A 359 32.58 27.53 1.26
C ILE A 359 33.04 28.23 2.52
N GLN A 360 33.20 27.47 3.60
CA GLN A 360 33.31 28.06 4.93
C GLN A 360 34.72 28.56 5.20
N GLU A 361 35.73 27.90 4.65
CA GLU A 361 37.11 28.24 4.94
C GLU A 361 37.48 29.61 4.36
N PRO A 362 38.31 30.40 5.03
CA PRO A 362 38.63 31.73 4.50
C PRO A 362 39.54 31.68 3.30
N GLU A 363 39.72 32.85 2.69
CA GLU A 363 40.45 33.21 1.47
C GLU A 363 39.70 32.73 0.22
N CYS A 364 38.71 31.86 0.34
CA CYS A 364 37.86 31.44 -0.77
C CYS A 364 36.41 31.37 -0.32
N ARG A 365 35.98 32.37 0.45
CA ARG A 365 34.60 32.44 0.92
C ARG A 365 33.70 33.21 -0.05
N HIS A 366 34.28 34.03 -0.93
CA HIS A 366 33.49 34.82 -1.85
C HIS A 366 32.82 33.95 -2.92
N LEU A 367 33.27 32.70 -3.05
CA LEU A 367 32.63 31.76 -3.96
C LEU A 367 31.31 31.23 -3.43
N SER A 368 30.92 31.61 -2.22
CA SER A 368 29.69 31.08 -1.63
C SER A 368 28.47 31.72 -2.27
N ARG A 369 27.32 31.12 -2.02
CA ARG A 369 26.05 31.66 -2.47
C ARG A 369 25.02 31.75 -1.36
N LYS A 370 24.98 30.77 -0.46
CA LYS A 370 24.11 30.81 0.73
C LYS A 370 24.88 31.36 1.90
N PHE A 371 24.51 32.54 2.37
CA PHE A 371 25.19 33.18 3.49
C PHE A 371 24.28 33.24 4.70
N THR A 372 24.69 32.61 5.79
CA THR A 372 23.93 32.72 7.03
C THR A 372 24.28 34.04 7.71
N GLU A 373 23.26 34.77 8.16
CA GLU A 373 23.51 36.14 8.61
C GLU A 373 23.57 36.24 10.14
N TRP A 374 22.63 35.62 10.84
CA TRP A 374 22.68 35.58 12.29
C TRP A 374 22.00 34.31 12.75
N ALA A 375 22.26 33.94 13.99
CA ALA A 375 21.69 32.75 14.60
C ALA A 375 21.47 33.04 16.06
N TYR A 376 20.27 32.74 16.55
CA TYR A 376 19.93 32.90 17.95
C TYR A 376 19.38 31.57 18.45
N GLY A 377 20.29 30.66 18.81
CA GLY A 377 19.91 29.32 19.19
C GLY A 377 19.30 28.53 18.06
N PRO A 378 18.00 28.25 18.16
CA PRO A 378 17.34 27.52 17.07
C PRO A 378 17.22 28.32 15.80
N VAL A 379 16.91 29.62 15.90
CA VAL A 379 16.55 30.39 14.71
C VAL A 379 17.78 30.67 13.86
N HIS A 380 17.66 30.39 12.57
CA HIS A 380 18.79 30.38 11.65
C HIS A 380 18.39 31.12 10.37
N SER A 381 18.89 32.34 10.21
CA SER A 381 18.51 33.20 9.10
C SER A 381 19.64 33.23 8.07
N SER A 382 19.29 33.08 6.79
CA SER A 382 20.27 32.91 5.73
C SER A 382 19.98 33.84 4.57
N LEU A 383 21.04 34.29 3.90
CA LEU A 383 20.92 35.07 2.66
C LEU A 383 21.27 34.20 1.46
N TYR A 384 20.24 33.79 0.74
CA TYR A 384 20.47 33.19 -0.57
C TYR A 384 20.79 34.28 -1.56
N ASP A 385 21.35 33.90 -2.71
CA ASP A 385 21.74 34.88 -3.70
C ASP A 385 20.95 34.75 -4.99
N LEU A 386 20.73 35.87 -5.66
CA LEU A 386 19.85 35.99 -6.82
C LEU A 386 20.56 36.66 -7.99
N SER A 387 21.78 36.26 -8.30
CA SER A 387 22.51 36.95 -9.37
C SER A 387 22.13 36.42 -10.73
N CYS A 388 22.37 35.15 -10.98
CA CYS A 388 22.05 34.58 -12.28
C CYS A 388 20.59 34.22 -12.41
N ILE A 389 19.95 33.82 -11.31
CA ILE A 389 18.53 33.48 -11.28
C ILE A 389 17.75 34.78 -11.18
N ASP A 390 16.42 34.68 -11.23
CA ASP A 390 15.47 35.76 -10.96
C ASP A 390 15.52 36.81 -12.06
N THR A 391 15.47 36.34 -13.32
CA THR A 391 15.11 37.11 -14.50
C THR A 391 16.06 38.29 -14.75
N CYS A 392 17.30 38.17 -14.26
CA CYS A 392 18.24 39.29 -14.40
C CYS A 392 19.02 39.19 -15.71
N GLU A 393 19.33 37.98 -16.15
CA GLU A 393 20.25 37.80 -17.27
C GLU A 393 19.54 37.13 -18.43
N LYS A 394 20.35 36.70 -19.41
CA LYS A 394 19.83 36.12 -20.63
C LYS A 394 19.23 34.75 -20.38
N ASN A 395 19.93 33.93 -19.60
CA ASN A 395 19.44 32.61 -19.21
C ASN A 395 19.42 32.52 -17.69
N SER A 396 18.29 32.86 -17.10
CA SER A 396 18.07 32.71 -15.67
C SER A 396 17.41 31.37 -15.45
N VAL A 397 17.71 30.74 -14.32
CA VAL A 397 17.26 29.37 -14.14
C VAL A 397 15.78 29.34 -13.79
N LEU A 398 15.20 30.49 -13.46
CA LEU A 398 13.76 30.54 -13.27
C LEU A 398 13.07 30.51 -14.63
N GLU A 399 13.72 31.10 -15.64
CA GLU A 399 13.21 31.04 -16.99
C GLU A 399 13.41 29.68 -17.62
N VAL A 400 14.61 29.11 -17.43
CA VAL A 400 15.02 27.95 -18.21
C VAL A 400 14.30 26.69 -17.71
N ILE A 401 13.99 26.63 -16.41
CA ILE A 401 13.19 25.53 -15.88
C ILE A 401 11.79 25.53 -16.48
N ALA A 402 11.14 26.70 -16.48
CA ALA A 402 9.74 26.75 -16.87
C ALA A 402 9.56 26.62 -18.38
N TYR A 403 10.49 27.15 -19.17
CA TYR A 403 10.35 27.11 -20.62
C TYR A 403 10.99 25.87 -21.23
N SER A 404 11.40 24.89 -20.42
CA SER A 404 12.05 23.72 -20.99
C SER A 404 11.02 22.79 -21.63
N SER A 405 11.45 22.09 -22.69
CA SER A 405 10.56 21.48 -23.66
C SER A 405 9.99 20.13 -23.23
N SER A 406 10.11 19.77 -21.94
CA SER A 406 9.62 18.55 -21.29
C SER A 406 10.27 17.27 -21.79
N GLU A 407 11.17 17.36 -22.77
CA GLU A 407 12.05 16.23 -23.08
C GLU A 407 13.16 16.13 -22.04
N THR A 408 13.50 17.26 -21.42
CA THR A 408 14.41 17.23 -20.29
C THR A 408 13.60 16.91 -19.04
N PRO A 409 13.94 15.85 -18.31
CA PRO A 409 13.09 15.40 -17.20
C PRO A 409 13.18 16.35 -16.02
N ASN A 410 12.27 16.12 -15.06
CA ASN A 410 12.36 16.65 -13.70
C ASN A 410 12.31 18.18 -13.67
N ARG A 411 11.63 18.78 -14.65
CA ARG A 411 11.34 20.20 -14.59
C ARG A 411 10.47 20.53 -13.39
N HIS A 412 9.60 19.59 -13.05
CA HIS A 412 8.71 19.77 -11.91
C HIS A 412 9.49 19.62 -10.61
N ASP A 413 10.56 18.83 -10.64
CA ASP A 413 11.36 18.61 -9.44
C ASP A 413 12.22 19.82 -9.10
N MET A 414 12.71 20.53 -10.12
CA MET A 414 13.68 21.60 -9.92
C MET A 414 13.07 22.88 -9.37
N LEU A 415 11.78 22.89 -9.04
CA LEU A 415 11.17 24.02 -8.34
C LEU A 415 11.04 23.73 -6.86
N LEU A 416 11.66 22.68 -6.36
CA LEU A 416 11.55 22.31 -4.96
C LEU A 416 12.69 22.83 -4.10
N VAL A 417 13.78 23.31 -4.72
CA VAL A 417 14.92 23.78 -3.95
C VAL A 417 14.59 25.09 -3.26
N GLU A 418 15.40 25.45 -2.27
CA GLU A 418 14.98 26.46 -1.30
C GLU A 418 14.97 27.90 -1.79
N PRO A 419 15.98 28.43 -2.51
CA PRO A 419 15.85 29.83 -2.91
C PRO A 419 14.87 30.07 -4.04
N LEU A 420 14.44 29.03 -4.75
CA LEU A 420 13.46 29.22 -5.82
C LEU A 420 12.05 29.10 -5.28
N ASN A 421 11.81 28.10 -4.42
CA ASN A 421 10.44 27.75 -4.04
C ASN A 421 9.85 28.78 -3.09
N ARG A 422 10.69 29.62 -2.50
CA ARG A 422 10.19 30.74 -1.72
C ARG A 422 10.29 32.03 -2.51
N LEU A 423 10.85 31.98 -3.71
CA LEU A 423 10.93 33.16 -4.56
C LEU A 423 9.67 33.30 -5.41
N LEU A 424 9.18 32.18 -5.95
CA LEU A 424 7.94 32.23 -6.71
C LEU A 424 6.75 32.47 -5.79
N GLN A 425 6.80 31.92 -4.58
CA GLN A 425 5.72 32.13 -3.63
C GLN A 425 5.72 33.57 -3.12
N ASP A 426 6.87 34.22 -3.14
CA ASP A 426 6.89 35.60 -2.67
C ASP A 426 6.90 36.59 -3.82
N LYS A 427 6.88 36.10 -5.06
CA LYS A 427 6.50 36.97 -6.16
C LYS A 427 4.99 36.93 -6.39
N TRP A 428 4.33 35.87 -5.94
CA TRP A 428 2.90 35.80 -6.14
C TRP A 428 2.17 36.67 -5.16
N ASP A 429 2.68 36.78 -3.93
CA ASP A 429 1.96 37.47 -2.87
C ASP A 429 1.97 38.98 -3.04
N ARG A 430 2.76 39.52 -3.97
CA ARG A 430 2.68 40.93 -4.28
C ARG A 430 2.95 41.14 -5.77
N PHE A 431 2.16 42.02 -6.37
CA PHE A 431 2.02 42.49 -7.75
C PHE A 431 1.71 41.40 -8.79
N VAL A 432 1.49 40.15 -8.41
CA VAL A 432 1.11 39.18 -9.44
C VAL A 432 -0.27 38.60 -9.10
N LYS A 433 -0.61 38.53 -7.81
CA LYS A 433 -1.97 38.13 -7.44
C LYS A 433 -2.98 39.19 -7.85
N ARG A 434 -2.55 40.45 -7.86
CA ARG A 434 -3.44 41.53 -8.26
C ARG A 434 -3.64 41.55 -9.77
N ILE A 435 -2.61 41.19 -10.53
CA ILE A 435 -2.76 41.25 -11.98
C ILE A 435 -3.46 40.01 -12.50
N PHE A 436 -3.25 38.86 -11.86
CA PHE A 436 -3.88 37.64 -12.33
C PHE A 436 -5.38 37.61 -12.04
N TYR A 437 -5.80 38.25 -10.95
CA TYR A 437 -7.23 38.34 -10.69
C TYR A 437 -7.87 39.39 -11.59
N PHE A 438 -7.07 40.29 -12.13
CA PHE A 438 -7.60 41.27 -13.07
C PHE A 438 -7.69 40.70 -14.47
N ASN A 439 -6.80 39.77 -14.83
CA ASN A 439 -6.93 39.12 -16.12
C ASN A 439 -8.13 38.20 -16.15
N PHE A 440 -8.47 37.60 -15.02
CA PHE A 440 -9.62 36.71 -14.97
C PHE A 440 -10.92 37.49 -14.90
N PHE A 441 -10.87 38.75 -14.48
CA PHE A 441 -12.08 39.55 -14.44
C PHE A 441 -12.39 40.16 -15.79
N VAL A 442 -11.38 40.54 -16.56
CA VAL A 442 -11.62 41.07 -17.88
C VAL A 442 -12.06 39.97 -18.82
N TYR A 443 -11.56 38.75 -18.60
CA TYR A 443 -11.98 37.64 -19.45
C TYR A 443 -13.41 37.23 -19.17
N CYS A 444 -13.85 37.34 -17.93
CA CYS A 444 -15.26 37.06 -17.64
C CYS A 444 -16.17 38.18 -18.11
N LEU A 445 -15.65 39.38 -18.28
CA LEU A 445 -16.43 40.43 -18.93
C LEU A 445 -16.36 40.30 -20.44
N TYR A 446 -15.49 39.43 -20.94
CA TYR A 446 -15.47 39.20 -22.37
C TYR A 446 -16.48 38.15 -22.77
N MET A 447 -16.67 37.14 -21.94
CA MET A 447 -17.58 36.07 -22.32
C MET A 447 -19.03 36.44 -22.04
N ILE A 448 -19.27 37.44 -21.20
CA ILE A 448 -20.65 37.90 -21.03
C ILE A 448 -21.05 38.79 -22.20
N VAL A 449 -20.10 39.54 -22.75
CA VAL A 449 -20.41 40.37 -23.92
C VAL A 449 -20.54 39.50 -25.15
N PHE A 450 -19.65 38.53 -25.32
CA PHE A 450 -19.67 37.71 -26.53
C PHE A 450 -20.81 36.70 -26.51
N THR A 451 -21.30 36.33 -25.32
CA THR A 451 -22.53 35.54 -25.26
C THR A 451 -23.73 36.36 -25.68
N THR A 452 -23.87 37.56 -25.12
CA THR A 452 -25.08 38.34 -25.32
C THR A 452 -25.12 38.94 -26.72
N ALA A 453 -23.96 39.19 -27.32
CA ALA A 453 -23.95 39.72 -28.67
C ALA A 453 -24.19 38.62 -29.69
N ALA A 454 -24.01 37.36 -29.29
CA ALA A 454 -24.27 36.27 -30.21
C ALA A 454 -25.69 35.73 -30.03
N TYR A 455 -26.20 35.79 -28.79
CA TYR A 455 -27.57 35.35 -28.52
C TYR A 455 -28.59 36.20 -29.27
N TYR A 456 -28.39 37.51 -29.30
CA TYR A 456 -29.33 38.43 -29.93
C TYR A 456 -28.98 38.74 -31.36
N ARG A 457 -28.36 37.80 -32.08
CA ARG A 457 -27.92 37.99 -33.46
C ARG A 457 -29.12 38.17 -34.38
N PRO A 458 -28.97 38.85 -35.50
CA PRO A 458 -30.11 39.00 -36.41
C PRO A 458 -30.39 37.70 -37.15
N VAL A 459 -31.67 37.38 -37.25
CA VAL A 459 -32.15 36.20 -37.93
C VAL A 459 -32.74 36.54 -39.29
N ASP A 460 -32.67 37.81 -39.69
CA ASP A 460 -33.49 38.31 -40.79
C ASP A 460 -33.02 37.81 -42.14
N GLY A 461 -31.80 38.13 -42.54
CA GLY A 461 -31.38 37.81 -43.90
C GLY A 461 -29.91 37.50 -44.09
N LEU A 462 -29.36 38.00 -45.20
CA LEU A 462 -27.98 37.71 -45.56
C LEU A 462 -27.02 38.51 -44.68
N PRO A 463 -25.87 37.93 -44.31
CA PRO A 463 -25.20 38.31 -43.07
C PRO A 463 -24.61 39.72 -42.98
N PRO A 464 -24.20 40.41 -44.04
CA PRO A 464 -23.87 41.83 -43.79
C PRO A 464 -25.16 42.63 -43.63
N TYR A 465 -25.49 42.92 -42.36
CA TYR A 465 -26.79 43.48 -42.02
C TYR A 465 -26.68 44.99 -41.87
N LYS A 466 -27.73 45.68 -42.29
CA LYS A 466 -27.82 47.11 -42.06
C LYS A 466 -28.08 47.39 -40.59
N LEU A 467 -27.81 48.63 -40.20
CA LEU A 467 -27.82 49.01 -38.80
C LEU A 467 -28.89 50.07 -38.58
N LYS A 468 -29.95 49.69 -37.87
CA LYS A 468 -31.03 50.62 -37.59
C LYS A 468 -30.61 51.62 -36.52
N ASN A 469 -31.32 52.74 -36.46
CA ASN A 469 -31.03 53.78 -35.48
C ASN A 469 -31.88 53.50 -34.25
N THR A 470 -31.45 52.52 -33.45
CA THR A 470 -32.10 52.19 -32.19
C THR A 470 -31.03 52.13 -31.12
N VAL A 471 -31.47 52.13 -29.86
CA VAL A 471 -30.53 51.93 -28.77
C VAL A 471 -30.21 50.44 -28.63
N GLY A 472 -31.03 49.59 -29.24
CA GLY A 472 -30.76 48.17 -29.19
C GLY A 472 -29.65 47.76 -30.15
N ASP A 473 -29.64 48.34 -31.34
CA ASP A 473 -28.66 47.92 -32.33
C ASP A 473 -27.31 48.60 -32.11
N TYR A 474 -27.29 49.71 -31.38
CA TYR A 474 -26.01 50.31 -31.03
C TYR A 474 -25.26 49.44 -30.03
N PHE A 475 -25.99 48.86 -29.08
CA PHE A 475 -25.35 47.98 -28.10
C PHE A 475 -24.93 46.66 -28.71
N ARG A 476 -25.62 46.23 -29.75
CA ARG A 476 -25.30 44.93 -30.32
C ARG A 476 -24.06 45.01 -31.21
N VAL A 477 -23.97 46.05 -32.03
CA VAL A 477 -22.81 46.16 -32.93
C VAL A 477 -21.59 46.63 -32.15
N THR A 478 -21.80 47.18 -30.96
CA THR A 478 -20.69 47.38 -30.04
C THR A 478 -20.25 46.04 -29.45
N GLY A 479 -21.23 45.18 -29.16
CA GLY A 479 -20.89 43.88 -28.58
C GLY A 479 -20.20 42.95 -29.57
N GLU A 480 -20.34 43.21 -30.86
CA GLU A 480 -19.67 42.40 -31.85
C GLU A 480 -18.24 42.87 -32.10
N ILE A 481 -18.03 44.19 -32.07
CA ILE A 481 -16.70 44.74 -32.27
C ILE A 481 -15.81 44.46 -31.07
N LEU A 482 -16.38 44.44 -29.87
CA LEU A 482 -15.62 44.04 -28.69
C LEU A 482 -15.38 42.53 -28.66
N SER A 483 -16.07 41.77 -29.52
CA SER A 483 -15.90 40.33 -29.52
C SER A 483 -14.91 39.89 -30.59
N VAL A 484 -14.83 40.61 -31.70
CA VAL A 484 -13.82 40.31 -32.71
C VAL A 484 -12.46 40.78 -32.24
N SER A 485 -12.41 41.95 -31.58
CA SER A 485 -11.14 42.52 -31.14
C SER A 485 -10.55 41.71 -30.01
N GLY A 486 -11.38 41.04 -29.21
CA GLY A 486 -10.85 40.03 -28.32
C GLY A 486 -10.31 38.84 -29.09
N GLY A 487 -10.94 38.51 -30.21
CA GLY A 487 -10.50 37.34 -30.97
C GLY A 487 -9.20 37.59 -31.71
N VAL A 488 -8.86 38.85 -31.96
CA VAL A 488 -7.56 39.16 -32.56
C VAL A 488 -6.47 39.05 -31.51
N TYR A 489 -6.78 39.43 -30.26
CA TYR A 489 -5.80 39.42 -29.19
C TYR A 489 -5.32 38.02 -28.87
N PHE A 490 -6.23 37.05 -28.86
CA PHE A 490 -5.81 35.68 -28.60
C PHE A 490 -5.13 35.08 -29.82
N PHE A 491 -5.34 35.66 -31.00
CA PHE A 491 -4.69 35.16 -32.19
C PHE A 491 -3.25 35.62 -32.27
N LEU A 492 -2.98 36.84 -31.85
CA LEU A 492 -1.60 37.34 -31.96
C LEU A 492 -0.72 36.78 -30.86
N ARG A 493 -1.26 36.63 -29.65
CA ARG A 493 -0.46 36.01 -28.59
C ARG A 493 -0.29 34.52 -28.83
N GLY A 494 -1.15 33.93 -29.64
CA GLY A 494 -0.88 32.60 -30.10
C GLY A 494 0.27 32.58 -31.10
N ILE A 495 0.29 33.55 -32.01
CA ILE A 495 1.18 33.44 -33.16
C ILE A 495 2.58 33.90 -32.81
N GLN A 496 2.74 34.56 -31.67
CA GLN A 496 4.09 34.86 -31.18
C GLN A 496 4.58 33.74 -30.28
N TYR A 497 3.67 32.93 -29.77
CA TYR A 497 4.07 31.81 -28.92
C TYR A 497 4.59 30.65 -29.75
N PHE A 498 4.14 30.52 -30.99
CA PHE A 498 4.58 29.38 -31.78
C PHE A 498 5.76 29.74 -32.66
N LEU A 499 5.77 30.95 -33.23
CA LEU A 499 6.73 31.31 -34.26
C LEU A 499 7.79 32.28 -33.75
N GLN A 500 7.40 33.42 -33.17
CA GLN A 500 8.39 34.42 -32.77
C GLN A 500 9.20 33.94 -31.57
N ARG A 501 8.55 33.35 -30.59
CA ARG A 501 9.20 32.65 -29.51
C ARG A 501 8.78 31.20 -29.58
N ARG A 502 9.54 30.35 -28.88
CA ARG A 502 9.18 28.97 -28.57
C ARG A 502 8.73 28.12 -29.77
N PRO A 503 9.66 27.70 -30.64
CA PRO A 503 9.27 26.76 -31.68
C PRO A 503 8.96 25.41 -31.07
N SER A 504 7.97 24.72 -31.63
CA SER A 504 7.45 23.52 -31.00
C SER A 504 7.20 22.43 -32.03
N MET A 505 7.60 21.22 -31.68
CA MET A 505 7.38 20.07 -32.54
C MET A 505 6.00 19.49 -32.29
N LYS A 506 5.64 18.48 -33.09
CA LYS A 506 4.27 17.99 -33.10
C LYS A 506 3.94 17.19 -31.85
N THR A 507 4.92 16.49 -31.29
CA THR A 507 4.65 15.71 -30.08
C THR A 507 4.69 16.58 -28.84
N LEU A 508 5.03 17.86 -28.98
CA LEU A 508 5.05 18.78 -27.85
C LEU A 508 3.69 19.43 -27.63
N PHE A 509 2.68 19.10 -28.45
CA PHE A 509 1.35 19.66 -28.28
C PHE A 509 0.52 18.89 -27.24
N VAL A 510 1.18 18.08 -26.41
CA VAL A 510 0.56 17.60 -25.19
C VAL A 510 1.23 18.26 -24.00
N ASP A 511 2.34 18.98 -24.26
CA ASP A 511 2.94 19.81 -23.23
C ASP A 511 2.39 21.22 -23.27
N SER A 512 2.09 21.72 -24.46
CA SER A 512 1.56 23.06 -24.67
C SER A 512 0.07 23.03 -24.94
N TYR A 513 -0.62 22.18 -24.19
CA TYR A 513 -2.05 21.94 -24.40
C TYR A 513 -2.88 23.17 -24.08
N SER A 514 -2.53 23.87 -23.00
CA SER A 514 -3.38 24.96 -22.53
C SER A 514 -3.30 26.16 -23.47
N GLU A 515 -2.23 26.25 -24.26
CA GLU A 515 -2.10 27.36 -25.19
C GLU A 515 -2.68 27.03 -26.55
N MET A 516 -2.72 25.74 -26.90
CA MET A 516 -3.33 25.34 -28.16
C MET A 516 -4.82 25.62 -28.17
N LEU A 517 -5.48 25.51 -27.02
CA LEU A 517 -6.92 25.75 -26.97
C LEU A 517 -7.27 27.22 -27.09
N PHE A 518 -6.41 28.11 -26.60
CA PHE A 518 -6.68 29.53 -26.78
C PHE A 518 -6.40 29.97 -28.21
N PHE A 519 -5.69 29.15 -28.98
CA PHE A 519 -5.44 29.53 -30.35
C PHE A 519 -6.52 28.97 -31.27
N VAL A 520 -7.04 27.78 -30.96
CA VAL A 520 -8.08 27.17 -31.78
C VAL A 520 -9.38 27.97 -31.66
N GLN A 521 -9.66 28.50 -30.45
CA GLN A 521 -10.76 29.43 -30.27
C GLN A 521 -10.63 30.66 -31.17
N SER A 522 -9.43 31.21 -31.28
CA SER A 522 -9.27 32.43 -32.06
C SER A 522 -9.20 32.15 -33.55
N LEU A 523 -9.17 30.87 -33.94
CA LEU A 523 -9.32 30.54 -35.35
C LEU A 523 -10.78 30.50 -35.75
N PHE A 524 -11.65 30.03 -34.86
CA PHE A 524 -13.08 30.03 -35.16
C PHE A 524 -13.64 31.44 -35.15
N MET A 525 -13.23 32.26 -34.18
CA MET A 525 -13.80 33.59 -34.05
C MET A 525 -13.34 34.49 -35.20
N LEU A 526 -12.11 34.31 -35.66
CA LEU A 526 -11.70 34.98 -36.88
C LEU A 526 -12.17 34.22 -38.12
N GLY A 527 -12.56 32.96 -37.95
CA GLY A 527 -13.15 32.24 -39.06
C GLY A 527 -14.53 32.75 -39.40
N SER A 528 -15.25 33.25 -38.39
CA SER A 528 -16.59 33.78 -38.65
C SER A 528 -16.54 35.10 -39.39
N VAL A 529 -15.50 35.91 -39.13
CA VAL A 529 -15.44 37.24 -39.73
C VAL A 529 -15.14 37.13 -41.23
N VAL A 530 -14.47 36.05 -41.63
CA VAL A 530 -14.33 35.78 -43.05
C VAL A 530 -15.67 35.39 -43.65
N LEU A 531 -16.44 34.53 -42.98
CA LEU A 531 -17.71 34.08 -43.51
C LEU A 531 -18.79 35.14 -43.39
N TYR A 532 -18.65 36.07 -42.43
CA TYR A 532 -19.67 37.08 -42.24
C TYR A 532 -19.68 38.08 -43.37
N PHE A 533 -18.50 38.44 -43.88
CA PHE A 533 -18.43 39.39 -44.97
C PHE A 533 -18.29 38.71 -46.31
N SER A 534 -18.37 37.40 -46.37
CA SER A 534 -18.44 36.71 -47.64
C SER A 534 -19.86 36.35 -48.04
N HIS A 535 -20.85 37.01 -47.42
CA HIS A 535 -22.28 36.83 -47.69
C HIS A 535 -22.72 35.38 -47.49
N ARG A 536 -22.22 34.75 -46.43
CA ARG A 536 -22.51 33.35 -46.18
C ARG A 536 -23.19 33.17 -44.83
N LYS A 537 -24.25 32.37 -44.80
CA LYS A 537 -25.02 32.15 -43.59
C LYS A 537 -24.32 31.20 -42.62
N GLU A 538 -23.19 30.63 -43.01
CA GLU A 538 -22.46 29.71 -42.15
C GLU A 538 -21.59 30.40 -41.13
N TYR A 539 -21.82 31.67 -40.80
CA TYR A 539 -21.04 32.27 -39.74
C TYR A 539 -21.50 31.79 -38.39
N VAL A 540 -22.73 31.26 -38.31
CA VAL A 540 -23.23 30.76 -37.04
C VAL A 540 -22.77 29.34 -36.79
N ALA A 541 -21.99 28.78 -37.72
CA ALA A 541 -21.43 27.45 -37.47
C ALA A 541 -20.00 27.55 -36.96
N SER A 542 -19.39 28.72 -37.09
CA SER A 542 -18.04 28.90 -36.59
C SER A 542 -18.03 29.70 -35.32
N MET A 543 -18.93 30.68 -35.22
CA MET A 543 -19.10 31.45 -34.00
C MET A 543 -19.53 30.56 -32.84
N VAL A 544 -20.35 29.57 -33.12
CA VAL A 544 -20.94 28.73 -32.08
C VAL A 544 -19.88 27.81 -31.47
N PHE A 545 -18.97 27.30 -32.28
CA PHE A 545 -17.85 26.55 -31.72
C PHE A 545 -16.88 27.45 -30.98
N SER A 546 -16.93 28.76 -31.22
CA SER A 546 -16.11 29.66 -30.42
C SER A 546 -16.77 29.94 -29.08
N LEU A 547 -18.11 29.94 -29.03
CA LEU A 547 -18.81 30.11 -27.77
C LEU A 547 -18.64 28.91 -26.86
N ALA A 548 -18.80 27.71 -27.39
CA ALA A 548 -18.69 26.51 -26.59
C ALA A 548 -17.27 26.28 -26.12
N MET A 549 -16.30 26.76 -26.89
CA MET A 549 -14.91 26.63 -26.48
C MET A 549 -14.49 27.85 -25.69
N GLY A 550 -15.28 28.91 -25.76
CA GLY A 550 -14.93 30.11 -25.04
C GLY A 550 -15.16 29.97 -23.56
N TRP A 551 -16.35 29.49 -23.18
CA TRP A 551 -16.65 29.30 -21.76
C TRP A 551 -15.83 28.19 -21.16
N THR A 552 -15.49 27.18 -21.95
CA THR A 552 -14.78 26.01 -21.49
C THR A 552 -13.33 26.31 -21.15
N ASN A 553 -12.72 27.28 -21.81
CA ASN A 553 -11.34 27.67 -21.56
C ASN A 553 -11.21 28.57 -20.34
N MET A 554 -12.30 28.79 -19.62
CA MET A 554 -12.24 29.47 -18.34
C MET A 554 -11.72 28.54 -17.26
N LEU A 555 -11.53 27.27 -17.56
CA LEU A 555 -10.78 26.38 -16.70
C LEU A 555 -9.28 26.58 -16.83
N TYR A 556 -8.83 27.47 -17.71
CA TYR A 556 -7.42 27.81 -17.68
C TYR A 556 -7.09 28.63 -16.45
N TYR A 557 -8.02 29.45 -15.99
CA TYR A 557 -7.69 30.31 -14.88
C TYR A 557 -7.85 29.64 -13.54
N THR A 558 -8.35 28.41 -13.50
CA THR A 558 -8.55 27.77 -12.22
C THR A 558 -7.30 27.05 -11.77
N ARG A 559 -6.25 27.07 -12.58
CA ARG A 559 -4.92 26.80 -12.05
C ARG A 559 -4.42 28.05 -11.34
N GLY A 560 -3.44 27.88 -10.47
CA GLY A 560 -3.07 28.92 -9.55
C GLY A 560 -3.91 28.93 -8.29
N PHE A 561 -4.95 28.11 -8.24
CA PHE A 561 -5.66 27.81 -7.00
C PHE A 561 -5.24 26.37 -6.74
N GLN A 562 -5.06 26.00 -5.47
CA GLN A 562 -4.48 24.68 -5.23
C GLN A 562 -5.51 23.57 -5.43
N GLN A 563 -6.60 23.57 -4.66
CA GLN A 563 -7.51 22.43 -4.73
C GLN A 563 -8.37 22.47 -5.99
N MET A 564 -8.64 23.66 -6.51
CA MET A 564 -9.31 23.73 -7.80
C MET A 564 -8.40 23.33 -8.94
N GLY A 565 -7.11 23.62 -8.83
CA GLY A 565 -6.21 23.41 -9.95
C GLY A 565 -5.89 21.96 -10.20
N ILE A 566 -6.02 21.12 -9.18
CA ILE A 566 -5.75 19.70 -9.36
C ILE A 566 -6.92 19.04 -10.09
N TYR A 567 -8.05 19.72 -10.18
CA TYR A 567 -9.16 19.16 -10.92
C TYR A 567 -8.98 19.38 -12.42
N ALA A 568 -8.45 20.53 -12.82
CA ALA A 568 -8.34 20.84 -14.24
C ALA A 568 -7.05 20.29 -14.84
N VAL A 569 -6.11 19.86 -14.00
CA VAL A 569 -4.95 19.17 -14.52
C VAL A 569 -5.33 17.75 -14.92
N MET A 570 -6.24 17.13 -14.17
CA MET A 570 -6.65 15.77 -14.47
C MET A 570 -7.48 15.69 -15.74
N ILE A 571 -8.04 16.81 -16.19
CA ILE A 571 -8.77 16.78 -17.45
C ILE A 571 -7.81 16.75 -18.63
N GLU A 572 -6.75 17.55 -18.58
CA GLU A 572 -5.82 17.55 -19.71
C GLU A 572 -4.94 16.31 -19.71
N LYS A 573 -4.86 15.61 -18.59
CA LYS A 573 -4.11 14.37 -18.57
C LYS A 573 -5.00 13.18 -18.90
N MET A 574 -6.31 13.33 -18.84
CA MET A 574 -7.23 12.25 -19.19
C MET A 574 -8.19 12.65 -20.30
N ILE A 575 -7.71 13.37 -21.29
CA ILE A 575 -8.50 13.62 -22.49
C ILE A 575 -7.55 13.27 -23.63
N LEU A 576 -6.32 12.92 -23.26
CA LEU A 576 -5.29 12.51 -24.19
C LEU A 576 -4.75 11.12 -23.90
N ARG A 577 -4.97 10.61 -22.69
CA ARG A 577 -4.49 9.30 -22.27
C ARG A 577 -5.61 8.29 -22.16
N ASP A 578 -6.65 8.59 -21.41
CA ASP A 578 -7.68 7.60 -21.10
C ASP A 578 -8.89 7.72 -22.03
N LEU A 579 -9.16 8.91 -22.56
CA LEU A 579 -10.32 9.02 -23.42
C LEU A 579 -9.95 8.74 -24.87
N CYS A 580 -8.73 9.02 -25.27
CA CYS A 580 -8.34 8.73 -26.65
C CYS A 580 -8.03 7.25 -26.85
N ARG A 581 -7.77 6.52 -25.77
CA ARG A 581 -7.69 5.07 -25.91
C ARG A 581 -9.07 4.44 -25.87
N PHE A 582 -9.95 4.97 -25.03
CA PHE A 582 -11.27 4.38 -24.89
C PHE A 582 -12.12 4.64 -26.12
N MET A 583 -11.98 5.80 -26.73
CA MET A 583 -12.84 6.12 -27.86
C MET A 583 -12.35 5.46 -29.15
N PHE A 584 -11.23 4.75 -29.11
CA PHE A 584 -10.90 3.90 -30.24
C PHE A 584 -11.55 2.54 -30.10
N VAL A 585 -11.53 1.97 -28.90
CA VAL A 585 -12.12 0.67 -28.66
C VAL A 585 -13.63 0.74 -28.75
N TYR A 586 -14.21 1.83 -28.27
CA TYR A 586 -15.64 2.00 -28.32
C TYR A 586 -16.14 2.21 -29.75
N LEU A 587 -15.35 2.87 -30.58
CA LEU A 587 -15.78 3.08 -31.95
C LEU A 587 -15.54 1.85 -32.81
N VAL A 588 -14.81 0.87 -32.30
CA VAL A 588 -14.77 -0.43 -32.96
C VAL A 588 -16.05 -1.20 -32.69
N PHE A 589 -16.51 -1.20 -31.44
CA PHE A 589 -17.70 -1.98 -31.09
C PHE A 589 -18.95 -1.34 -31.65
N LEU A 590 -19.03 -0.01 -31.64
CA LEU A 590 -20.23 0.66 -32.12
C LEU A 590 -20.35 0.53 -33.63
N PHE A 591 -19.23 0.59 -34.34
CA PHE A 591 -19.28 0.44 -35.78
C PHE A 591 -19.19 -1.03 -36.17
N GLY A 592 -18.82 -1.88 -35.21
CA GLY A 592 -18.90 -3.31 -35.46
C GLY A 592 -20.34 -3.78 -35.50
N PHE A 593 -21.10 -3.52 -34.44
CA PHE A 593 -22.45 -4.06 -34.34
C PHE A 593 -23.44 -3.27 -35.18
N SER A 594 -23.21 -1.98 -35.42
CA SER A 594 -24.17 -1.24 -36.23
C SER A 594 -23.94 -1.47 -37.71
N THR A 595 -22.89 -2.20 -38.07
CA THR A 595 -22.81 -2.74 -39.43
C THR A 595 -23.58 -4.05 -39.52
N ALA A 596 -23.59 -4.80 -38.43
CA ALA A 596 -24.31 -6.06 -38.41
C ALA A 596 -25.82 -5.83 -38.45
N VAL A 597 -26.29 -4.77 -37.82
CA VAL A 597 -27.72 -4.57 -37.68
C VAL A 597 -28.33 -4.04 -38.97
N VAL A 598 -27.62 -3.18 -39.69
CA VAL A 598 -28.19 -2.62 -40.93
C VAL A 598 -28.23 -3.67 -42.02
N THR A 599 -27.29 -4.61 -42.00
CA THR A 599 -27.31 -5.71 -42.95
C THR A 599 -28.53 -6.60 -42.72
N LEU A 600 -28.98 -6.71 -41.48
CA LEU A 600 -30.21 -7.44 -41.18
C LEU A 600 -31.43 -6.72 -41.71
N ILE A 601 -31.64 -5.47 -41.30
CA ILE A 601 -32.96 -4.86 -41.44
C ILE A 601 -33.22 -4.48 -42.88
N GLU A 602 -34.37 -4.87 -43.38
CA GLU A 602 -34.71 -4.74 -44.79
C GLU A 602 -35.49 -3.44 -45.00
N ASP A 603 -36.13 -3.30 -46.16
CA ASP A 603 -36.83 -2.07 -46.50
C ASP A 603 -38.19 -1.97 -45.80
N GLY A 604 -39.04 -1.04 -46.26
CA GLY A 604 -40.31 -0.80 -45.61
C GLY A 604 -41.24 -2.00 -45.65
N LYS A 605 -41.14 -2.81 -46.71
CA LYS A 605 -41.52 -4.22 -46.74
C LYS A 605 -43.03 -4.45 -46.72
N ASN A 606 -43.82 -3.38 -46.57
CA ASN A 606 -45.27 -3.51 -46.43
C ASN A 606 -46.01 -2.53 -47.33
N PRO A 625 -42.80 7.01 -33.65
CA PRO A 625 -41.77 7.69 -34.47
C PRO A 625 -41.35 6.87 -35.69
N PRO A 626 -42.14 6.93 -36.77
CA PRO A 626 -41.81 6.14 -37.96
C PRO A 626 -40.65 6.75 -38.72
N ASP A 627 -39.71 5.90 -39.13
CA ASP A 627 -38.55 6.32 -39.89
C ASP A 627 -37.97 5.08 -40.58
N SER A 628 -37.34 5.32 -41.74
CA SER A 628 -36.58 4.27 -42.39
C SER A 628 -35.21 4.18 -41.74
N TYR A 629 -34.98 3.10 -40.99
CA TYR A 629 -33.73 2.89 -40.28
C TYR A 629 -32.66 2.24 -41.13
N ASN A 630 -32.83 2.21 -42.45
CA ASN A 630 -31.87 1.53 -43.30
C ASN A 630 -30.58 2.31 -43.46
N SER A 631 -30.55 3.56 -43.03
CA SER A 631 -29.31 4.32 -43.11
C SER A 631 -28.35 3.82 -42.05
N LEU A 632 -27.05 3.89 -42.36
CA LEU A 632 -26.05 3.54 -41.36
C LEU A 632 -25.95 4.61 -40.31
N TYR A 633 -26.36 5.84 -40.64
CA TYR A 633 -26.26 6.92 -39.66
C TYR A 633 -27.28 6.76 -38.54
N SER A 634 -28.50 6.36 -38.87
CA SER A 634 -29.51 6.21 -37.84
C SER A 634 -29.18 5.07 -36.90
N THR A 635 -28.69 3.96 -37.44
CA THR A 635 -28.47 2.79 -36.61
C THR A 635 -27.18 2.91 -35.82
N CYS A 636 -26.23 3.74 -36.29
CA CYS A 636 -25.10 4.06 -35.43
C CYS A 636 -25.52 5.01 -34.33
N LEU A 637 -26.63 5.72 -34.53
CA LEU A 637 -27.13 6.61 -33.50
C LEU A 637 -27.99 5.86 -32.50
N GLU A 638 -28.76 4.88 -32.97
CA GLU A 638 -29.64 4.12 -32.08
C GLU A 638 -28.84 3.19 -31.17
N LEU A 639 -27.61 2.87 -31.55
CA LEU A 639 -26.78 2.05 -30.68
C LEU A 639 -25.88 2.91 -29.82
N PHE A 640 -25.78 4.20 -30.11
CA PHE A 640 -25.10 5.08 -29.17
C PHE A 640 -25.97 5.32 -27.95
N LYS A 641 -27.28 5.23 -28.12
CA LYS A 641 -28.19 5.59 -27.04
C LYS A 641 -28.22 4.56 -25.93
N PHE A 642 -27.64 3.38 -26.16
CA PHE A 642 -27.55 2.42 -25.07
C PHE A 642 -26.46 2.81 -24.09
N THR A 643 -25.49 3.58 -24.54
CA THR A 643 -24.43 4.04 -23.65
C THR A 643 -24.91 5.21 -22.82
N ILE A 644 -25.80 6.02 -23.38
CA ILE A 644 -26.21 7.29 -22.81
C ILE A 644 -27.29 7.04 -21.75
N GLY A 645 -27.79 5.81 -21.70
CA GLY A 645 -28.84 5.47 -20.76
C GLY A 645 -30.24 5.71 -21.25
N MET A 646 -30.43 5.90 -22.55
CA MET A 646 -31.74 6.11 -23.13
C MET A 646 -31.87 5.08 -24.26
N GLY A 647 -32.11 3.83 -23.91
CA GLY A 647 -31.86 2.72 -24.82
C GLY A 647 -33.12 1.96 -25.15
N ASP A 648 -33.45 1.93 -26.43
CA ASP A 648 -34.71 1.38 -26.89
C ASP A 648 -34.45 0.10 -27.65
N LEU A 649 -34.65 -1.05 -27.00
CA LEU A 649 -34.76 -2.30 -27.74
C LEU A 649 -36.08 -2.27 -28.50
N GLU A 650 -36.16 -3.11 -29.53
CA GLU A 650 -37.22 -3.09 -30.53
C GLU A 650 -37.38 -1.69 -31.12
N PHE A 651 -36.28 -1.08 -31.55
CA PHE A 651 -36.38 0.24 -32.14
C PHE A 651 -36.90 0.17 -33.58
N THR A 652 -36.87 -1.02 -34.17
CA THR A 652 -37.49 -1.26 -35.46
C THR A 652 -38.08 -2.66 -35.48
N GLU A 653 -38.95 -2.89 -36.45
CA GLU A 653 -39.53 -4.21 -36.70
C GLU A 653 -39.59 -4.49 -38.19
N ASN A 654 -38.80 -3.76 -38.98
CA ASN A 654 -38.70 -3.98 -40.41
C ASN A 654 -37.69 -5.04 -40.77
N TYR A 655 -37.08 -5.67 -39.78
CA TYR A 655 -36.12 -6.73 -40.03
C TYR A 655 -36.82 -8.05 -40.35
N ASP A 656 -36.03 -9.10 -40.33
CA ASP A 656 -36.52 -10.47 -40.28
C ASP A 656 -35.57 -11.17 -39.33
N PHE A 657 -35.91 -12.41 -38.96
CA PHE A 657 -35.12 -13.24 -38.02
C PHE A 657 -34.94 -12.53 -36.67
N LYS A 658 -36.04 -12.47 -35.90
CA LYS A 658 -36.03 -11.76 -34.62
C LYS A 658 -35.05 -12.35 -33.63
N ALA A 659 -34.73 -13.64 -33.77
CA ALA A 659 -33.85 -14.29 -32.82
C ALA A 659 -32.42 -13.75 -32.93
N VAL A 660 -31.96 -13.42 -34.14
CA VAL A 660 -30.59 -12.94 -34.27
C VAL A 660 -30.53 -11.44 -34.03
N PHE A 661 -31.67 -10.76 -34.08
CA PHE A 661 -31.65 -9.33 -33.85
C PHE A 661 -31.52 -9.03 -32.37
N ILE A 662 -32.12 -9.87 -31.53
CA ILE A 662 -32.05 -9.65 -30.09
C ILE A 662 -30.69 -10.06 -29.56
N ILE A 663 -30.10 -11.13 -30.13
CA ILE A 663 -28.80 -11.60 -29.69
C ILE A 663 -27.72 -10.57 -29.98
N LEU A 664 -27.87 -9.85 -31.10
CA LEU A 664 -26.92 -8.80 -31.42
C LEU A 664 -27.03 -7.62 -30.46
N LEU A 665 -28.27 -7.26 -30.09
CA LEU A 665 -28.43 -6.16 -29.16
C LEU A 665 -28.02 -6.57 -27.74
N LEU A 666 -28.25 -7.81 -27.36
CA LEU A 666 -27.88 -8.22 -26.01
C LEU A 666 -26.38 -8.48 -25.91
N ALA A 667 -25.73 -8.84 -27.02
CA ALA A 667 -24.29 -8.95 -26.97
C ALA A 667 -23.65 -7.59 -27.02
N TYR A 668 -24.38 -6.59 -27.52
CA TYR A 668 -23.83 -5.24 -27.54
C TYR A 668 -23.92 -4.59 -26.17
N VAL A 669 -25.06 -4.72 -25.50
CA VAL A 669 -25.29 -4.04 -24.23
C VAL A 669 -24.38 -4.61 -23.15
N ILE A 670 -24.13 -5.91 -23.19
CA ILE A 670 -23.24 -6.51 -22.20
C ILE A 670 -21.80 -6.13 -22.47
N LEU A 671 -21.40 -6.05 -23.74
CA LEU A 671 -20.05 -5.64 -24.08
C LEU A 671 -19.79 -4.18 -23.76
N THR A 672 -20.71 -3.32 -24.12
CA THR A 672 -20.49 -1.89 -24.01
C THR A 672 -20.98 -1.31 -22.70
N TYR A 673 -22.25 -1.51 -22.35
CA TYR A 673 -22.79 -0.86 -21.17
C TYR A 673 -22.29 -1.52 -19.89
N ILE A 674 -22.11 -2.83 -19.89
CA ILE A 674 -21.71 -3.52 -18.67
C ILE A 674 -20.21 -3.64 -18.57
N LEU A 675 -19.52 -3.97 -19.65
CA LEU A 675 -18.11 -4.31 -19.54
C LEU A 675 -17.18 -3.11 -19.69
N LEU A 676 -17.29 -2.35 -20.78
CA LEU A 676 -16.32 -1.28 -21.02
C LEU A 676 -16.54 -0.09 -20.08
N LEU A 677 -17.78 0.31 -19.85
CA LEU A 677 -18.03 1.47 -19.00
C LEU A 677 -17.73 1.17 -17.54
N ASN A 678 -17.63 -0.11 -17.19
CA ASN A 678 -17.18 -0.44 -15.86
C ASN A 678 -15.69 -0.75 -15.85
N MET A 679 -15.08 -0.87 -17.03
CA MET A 679 -13.61 -0.89 -17.11
C MET A 679 -13.05 0.51 -17.16
N LEU A 680 -13.80 1.45 -17.73
CA LEU A 680 -13.32 2.83 -17.78
C LEU A 680 -13.25 3.44 -16.40
N ILE A 681 -14.20 3.08 -15.53
CA ILE A 681 -14.20 3.59 -14.16
C ILE A 681 -13.02 3.02 -13.39
N ALA A 682 -12.68 1.76 -13.66
CA ALA A 682 -11.56 1.14 -12.97
C ALA A 682 -10.23 1.68 -13.48
N LEU A 683 -10.14 2.00 -14.76
CA LEU A 683 -8.87 2.50 -15.30
C LEU A 683 -8.68 3.97 -14.99
N MET A 684 -9.77 4.72 -14.78
CA MET A 684 -9.59 6.06 -14.25
C MET A 684 -9.29 6.01 -12.76
N GLY A 685 -9.64 4.91 -12.10
CA GLY A 685 -9.26 4.76 -10.71
C GLY A 685 -7.77 4.54 -10.55
N GLU A 686 -7.13 3.97 -11.56
CA GLU A 686 -5.69 3.76 -11.49
C GLU A 686 -4.93 5.01 -11.91
N THR A 687 -5.48 5.77 -12.85
CA THR A 687 -4.78 6.95 -13.36
C THR A 687 -4.78 8.07 -12.34
N VAL A 688 -5.89 8.27 -11.63
CA VAL A 688 -5.98 9.31 -10.63
C VAL A 688 -5.07 9.03 -9.45
N ASN A 689 -4.87 7.76 -9.12
CA ASN A 689 -3.92 7.41 -8.06
C ASN A 689 -2.49 7.69 -8.49
N LYS A 690 -2.21 7.60 -9.79
CA LYS A 690 -0.86 7.92 -10.26
C LYS A 690 -0.61 9.42 -10.25
N ILE A 691 -1.51 10.18 -10.85
CA ILE A 691 -1.28 11.61 -11.03
C ILE A 691 -1.85 12.40 -9.86
N ALA A 692 -2.10 11.72 -8.74
CA ALA A 692 -2.35 12.46 -7.51
C ALA A 692 -1.09 13.15 -7.03
N GLN A 693 0.06 12.50 -7.21
CA GLN A 693 1.33 13.09 -6.79
C GLN A 693 1.88 14.01 -7.86
N GLU A 694 1.71 13.65 -9.13
CA GLU A 694 2.32 14.40 -10.21
C GLU A 694 1.64 15.76 -10.39
N SER A 695 0.36 15.86 -10.04
CA SER A 695 -0.39 17.07 -10.35
C SER A 695 -0.01 18.22 -9.44
N LYS A 696 0.42 17.92 -8.20
CA LYS A 696 0.98 18.96 -7.35
C LYS A 696 2.27 19.52 -7.95
N ASN A 697 3.00 18.67 -8.67
CA ASN A 697 4.22 19.10 -9.33
C ASN A 697 3.92 19.91 -10.59
N ILE A 698 2.82 19.59 -11.28
CA ILE A 698 2.49 20.30 -12.51
C ILE A 698 1.83 21.63 -12.18
N TRP A 699 1.14 21.70 -11.03
CA TRP A 699 0.47 22.93 -10.64
C TRP A 699 1.47 24.05 -10.29
N LYS A 700 2.54 23.70 -9.60
CA LYS A 700 3.57 24.68 -9.25
C LYS A 700 4.24 25.24 -10.50
N LEU A 701 4.41 24.40 -11.51
CA LEU A 701 4.96 24.87 -12.78
C LEU A 701 3.96 25.75 -13.51
N GLN A 702 2.67 25.41 -13.45
CA GLN A 702 1.67 26.23 -14.11
C GLN A 702 1.38 27.51 -13.34
N ARG A 703 1.83 27.59 -12.09
CA ARG A 703 1.85 28.87 -11.39
C ARG A 703 3.07 29.69 -11.80
N ALA A 704 4.18 29.02 -12.13
CA ALA A 704 5.43 29.72 -12.39
C ALA A 704 5.43 30.41 -13.74
N ILE A 705 4.72 29.86 -14.73
CA ILE A 705 4.73 30.43 -16.07
C ILE A 705 3.90 31.70 -16.10
N THR A 706 2.89 31.80 -15.23
CA THR A 706 2.11 33.02 -15.10
C THR A 706 2.97 34.16 -14.59
N ILE A 707 3.89 33.85 -13.66
CA ILE A 707 4.70 34.88 -13.03
C ILE A 707 5.75 35.40 -14.00
N LEU A 708 6.22 34.53 -14.90
CA LEU A 708 7.24 34.94 -15.86
C LEU A 708 6.63 35.75 -16.99
N ASP A 709 5.43 35.38 -17.44
CA ASP A 709 4.82 36.06 -18.57
C ASP A 709 4.32 37.44 -18.19
N THR A 710 4.02 37.64 -16.91
CA THR A 710 3.60 38.95 -16.45
C THR A 710 4.79 39.91 -16.36
N GLU A 711 5.98 39.37 -16.07
CA GLU A 711 7.16 40.22 -15.98
C GLU A 711 7.65 40.64 -17.35
N LYS A 712 7.50 39.78 -18.35
CA LYS A 712 7.95 40.13 -19.69
C LYS A 712 7.05 41.19 -20.33
N SER A 713 5.82 41.30 -19.85
CA SER A 713 4.85 42.19 -20.47
C SER A 713 4.93 43.62 -19.95
N PHE A 714 5.76 43.92 -18.95
CA PHE A 714 5.78 45.24 -18.34
C PHE A 714 7.20 45.61 -17.96
N LEU A 715 7.67 46.78 -18.40
CA LEU A 715 9.01 47.23 -18.04
C LEU A 715 9.05 47.78 -16.62
N LYS A 716 7.97 48.44 -16.18
CA LYS A 716 7.94 48.99 -14.83
C LYS A 716 7.77 47.89 -13.79
N CYS A 717 7.29 46.72 -14.21
CA CYS A 717 7.29 45.57 -13.31
C CYS A 717 8.68 44.95 -13.20
N MET A 718 9.54 45.16 -14.21
CA MET A 718 10.88 44.58 -14.18
C MET A 718 11.76 45.28 -13.15
N ARG A 719 11.51 46.57 -12.90
CA ARG A 719 12.20 47.26 -11.81
C ARG A 719 11.56 46.94 -10.48
N LYS A 720 10.37 46.34 -10.51
CA LYS A 720 9.70 45.82 -9.32
C LYS A 720 9.85 44.31 -9.22
N ALA A 721 10.37 43.66 -10.27
CA ALA A 721 10.65 42.23 -10.27
C ALA A 721 11.82 41.83 -9.38
N PHE A 722 12.58 42.80 -8.87
CA PHE A 722 13.65 42.50 -7.92
C PHE A 722 13.00 42.13 -6.61
N ARG A 723 12.62 40.86 -6.50
CA ARG A 723 12.02 40.37 -5.28
C ARG A 723 13.11 40.19 -4.24
N SER A 724 12.99 40.96 -3.15
CA SER A 724 13.96 41.02 -2.06
C SER A 724 15.35 41.32 -2.59
N GLY A 725 15.47 42.43 -3.31
CA GLY A 725 16.75 42.75 -3.91
C GLY A 725 17.78 43.16 -2.88
N LYS A 726 17.59 44.35 -2.29
CA LYS A 726 18.23 44.85 -1.08
C LYS A 726 19.71 45.22 -1.23
N LEU A 727 20.33 44.80 -2.34
CA LEU A 727 21.69 45.17 -2.78
C LEU A 727 22.72 45.08 -1.64
N LEU A 728 22.65 44.01 -0.84
CA LEU A 728 23.34 43.97 0.43
C LEU A 728 24.84 43.75 0.27
N GLN A 729 25.61 44.35 1.16
CA GLN A 729 27.00 43.97 1.39
C GLN A 729 27.01 42.63 2.10
N VAL A 730 27.80 41.69 1.60
CA VAL A 730 27.84 40.36 2.16
C VAL A 730 29.18 40.01 2.78
N GLY A 731 30.28 40.14 2.03
CA GLY A 731 31.58 39.78 2.54
C GLY A 731 32.64 40.59 1.83
N TYR A 732 33.83 40.02 1.77
CA TYR A 732 34.96 40.70 1.16
C TYR A 732 35.57 39.84 0.07
N THR A 733 35.60 40.38 -1.14
CA THR A 733 36.17 39.72 -2.29
C THR A 733 37.69 39.86 -2.27
N PRO A 734 38.42 39.19 -3.17
CA PRO A 734 39.81 39.59 -3.40
C PRO A 734 39.90 41.01 -3.96
N ASP A 735 41.08 41.60 -3.79
CA ASP A 735 41.42 43.00 -4.03
C ASP A 735 40.59 43.89 -3.11
N GLY A 736 40.27 43.38 -1.92
CA GLY A 736 39.76 44.13 -0.78
C GLY A 736 38.54 45.00 -0.96
N LYS A 737 37.46 44.45 -1.52
CA LYS A 737 36.26 45.22 -1.78
C LYS A 737 35.06 44.58 -1.11
N ASP A 738 34.00 45.38 -0.98
CA ASP A 738 32.72 44.88 -0.49
C ASP A 738 32.09 43.95 -1.53
N ASP A 739 31.11 43.16 -1.09
CA ASP A 739 30.54 42.19 -2.01
C ASP A 739 29.49 42.84 -2.90
N TYR A 740 28.44 43.40 -2.28
CA TYR A 740 27.35 44.11 -2.96
C TYR A 740 26.64 43.23 -3.99
N ARG A 741 25.95 42.22 -3.49
CA ARG A 741 25.29 41.25 -4.34
C ARG A 741 23.86 41.05 -3.83
N TRP A 742 22.90 41.01 -4.76
CA TRP A 742 21.47 41.00 -4.44
C TRP A 742 21.08 39.74 -3.69
N CYS A 743 20.45 39.88 -2.52
CA CYS A 743 20.26 38.71 -1.69
C CYS A 743 18.86 38.65 -1.09
N PHE A 744 18.37 37.41 -0.97
CA PHE A 744 17.05 37.04 -0.48
C PHE A 744 17.16 36.81 1.03
N ARG A 745 16.20 36.12 1.67
CA ARG A 745 16.27 35.84 3.10
C ARG A 745 15.38 34.63 3.40
N VAL A 746 15.65 33.94 4.52
CA VAL A 746 14.89 32.75 4.90
C VAL A 746 14.97 32.59 6.42
N ASP A 747 14.14 31.70 6.99
CA ASP A 747 14.19 31.36 8.41
C ASP A 747 13.98 29.86 8.60
N GLU A 748 14.73 29.28 9.54
CA GLU A 748 14.56 27.89 9.94
C GLU A 748 14.80 27.76 11.44
N VAL A 749 14.62 26.54 11.96
CA VAL A 749 15.04 26.17 13.31
C VAL A 749 15.71 24.80 13.28
N ASN A 750 16.42 24.48 14.37
CA ASN A 750 17.02 23.16 14.57
C ASN A 750 17.11 22.88 16.06
N TRP A 751 16.69 21.67 16.46
CA TRP A 751 16.64 21.24 17.85
C TRP A 751 17.34 19.92 18.12
N THR A 752 17.50 19.08 17.09
CA THR A 752 18.18 17.80 17.29
C THR A 752 19.65 18.01 17.59
N THR A 753 20.33 18.77 16.76
CA THR A 753 21.68 19.20 17.08
C THR A 753 21.62 20.41 18.01
N TRP A 754 22.78 20.85 18.44
CA TRP A 754 22.90 22.03 19.28
C TRP A 754 23.01 23.31 18.45
N ASN A 755 23.02 23.18 17.11
CA ASN A 755 23.10 24.28 16.14
C ASN A 755 24.35 25.12 16.36
N THR A 756 25.52 24.52 16.15
CA THR A 756 26.76 25.26 16.13
C THR A 756 26.98 25.87 14.75
N ASN A 757 27.39 27.15 14.73
CA ASN A 757 27.61 27.88 13.49
C ASN A 757 29.05 28.39 13.47
N VAL A 758 29.75 28.13 12.36
CA VAL A 758 31.16 28.52 12.25
C VAL A 758 31.26 30.00 11.88
N GLY A 759 30.54 30.43 10.85
CA GLY A 759 30.61 31.81 10.40
C GLY A 759 29.27 32.51 10.39
N ILE A 760 29.21 33.71 10.97
CA ILE A 760 27.96 34.45 11.15
C ILE A 760 28.22 35.88 10.71
N ILE A 761 27.36 36.40 9.82
CA ILE A 761 27.56 37.75 9.29
C ILE A 761 27.28 38.80 10.36
N ASN A 762 26.08 38.80 10.92
CA ASN A 762 25.66 39.81 11.87
C ASN A 762 25.66 39.17 13.26
N GLU A 763 26.53 39.66 14.13
CA GLU A 763 26.67 39.08 15.47
C GLU A 763 25.43 39.30 16.31
N ASP A 764 24.74 40.40 16.08
CA ASP A 764 23.56 40.81 16.83
C ASP A 764 22.28 40.45 16.06
N PRO A 765 21.31 39.79 16.70
CA PRO A 765 20.21 39.15 15.96
C PRO A 765 19.18 40.11 15.39
N GLY A 766 18.16 39.55 14.75
CA GLY A 766 17.03 40.34 14.26
C GLY A 766 17.35 41.20 13.05
N ASN A 767 16.27 41.71 12.43
CA ASN A 767 16.38 42.57 11.24
C ASN A 767 15.55 43.84 11.49
N CYS A 768 16.17 44.82 12.12
CA CYS A 768 15.50 46.05 12.50
C CYS A 768 16.04 47.28 11.76
N GLU A 769 16.59 47.09 10.57
CA GLU A 769 17.20 48.07 9.65
C GLU A 769 18.48 48.69 10.22
N GLY A 770 19.03 48.16 11.31
CA GLY A 770 20.32 48.60 11.81
C GLY A 770 21.15 47.41 12.24
N VAL A 771 22.32 47.21 11.63
CA VAL A 771 23.17 46.06 11.90
C VAL A 771 24.61 46.52 12.09
N LYS A 772 25.40 45.67 12.74
CA LYS A 772 26.84 45.84 12.86
C LYS A 772 27.50 44.51 12.54
N ARG A 773 28.41 44.52 11.57
CA ARG A 773 28.95 43.28 11.04
C ARG A 773 29.91 42.64 12.03
N THR A 774 30.09 41.32 11.91
CA THR A 774 30.93 40.58 12.83
C THR A 774 32.39 40.67 12.39
N LEU A 775 33.30 40.57 13.35
CA LEU A 775 34.73 40.46 13.08
C LEU A 775 35.15 39.07 12.62
N SER A 776 34.21 38.16 12.39
CA SER A 776 34.54 36.85 11.84
C SER A 776 35.02 36.96 10.39
N PHE A 777 34.65 38.04 9.71
CA PHE A 777 35.15 38.33 8.38
C PHE A 777 36.65 38.61 8.43
N SER A 778 37.41 37.96 7.54
CA SER A 778 38.86 38.03 7.60
C SER A 778 39.36 39.40 7.16
N LEU A 779 38.93 39.86 5.99
CA LEU A 779 39.39 41.15 5.47
C LEU A 779 38.55 42.28 6.07
N LEU B 111 49.39 59.65 29.07
CA LEU B 111 47.93 59.73 29.14
C LEU B 111 47.32 59.51 27.76
N LYS B 112 47.03 58.25 27.44
CA LYS B 112 46.49 57.92 26.13
C LYS B 112 45.00 58.20 26.08
N LEU B 113 44.57 58.81 24.98
CA LEU B 113 43.18 59.25 24.84
C LEU B 113 42.27 58.07 24.53
N TYR B 114 40.97 58.25 24.80
CA TYR B 114 39.95 57.24 24.56
C TYR B 114 38.65 57.91 24.15
N ASP B 115 38.07 57.45 23.04
CA ASP B 115 36.70 57.79 22.66
C ASP B 115 35.88 56.52 22.58
N ARG B 116 34.64 56.66 22.07
CA ARG B 116 33.73 55.52 22.04
C ARG B 116 34.16 54.47 21.02
N ARG B 117 34.76 54.92 19.92
CA ARG B 117 35.11 53.99 18.84
C ARG B 117 36.33 53.15 19.18
N SER B 118 37.36 53.77 19.78
CA SER B 118 38.62 53.07 20.04
C SER B 118 38.47 52.06 21.17
N ILE B 119 37.55 52.32 22.10
CA ILE B 119 37.34 51.36 23.19
C ILE B 119 36.59 50.13 22.68
N PHE B 120 35.55 50.35 21.87
CA PHE B 120 34.77 49.24 21.32
C PHE B 120 35.59 48.37 20.39
N ASP B 121 36.56 48.96 19.71
CA ASP B 121 37.44 48.17 18.85
C ASP B 121 38.40 47.35 19.69
N ALA B 122 38.94 47.94 20.76
CA ALA B 122 39.79 47.20 21.69
C ALA B 122 39.01 46.08 22.37
N VAL B 123 37.71 46.30 22.59
CA VAL B 123 36.84 45.24 23.08
C VAL B 123 36.65 44.17 22.02
N ALA B 124 36.50 44.59 20.75
CA ALA B 124 36.18 43.66 19.68
C ALA B 124 37.38 42.79 19.31
N GLN B 125 38.47 43.41 18.87
CA GLN B 125 39.56 42.62 18.31
C GLN B 125 40.50 42.03 19.36
N ASN B 126 40.19 42.19 20.65
CA ASN B 126 40.81 41.46 21.76
C ASN B 126 42.30 41.76 21.89
N ASN B 127 42.67 43.03 21.71
CA ASN B 127 44.06 43.44 21.95
C ASN B 127 44.13 44.12 23.32
N CYS B 128 44.57 43.36 24.34
CA CYS B 128 44.52 43.86 25.70
C CYS B 128 45.65 44.86 25.97
N GLN B 129 46.59 44.98 25.03
CA GLN B 129 47.65 45.98 25.16
C GLN B 129 47.09 47.40 25.02
N GLU B 130 46.00 47.55 24.26
CA GLU B 130 45.32 48.83 24.18
C GLU B 130 44.57 49.13 25.48
N LEU B 131 44.17 48.08 26.19
CA LEU B 131 43.40 48.22 27.42
C LEU B 131 44.37 48.06 28.58
N GLU B 132 45.19 49.09 28.82
CA GLU B 132 46.05 49.10 29.98
C GLU B 132 46.05 50.47 30.64
N SER B 133 45.69 51.49 29.88
CA SER B 133 45.59 52.86 30.40
C SER B 133 44.16 53.37 30.40
N LEU B 134 43.18 52.49 30.27
CA LEU B 134 41.79 52.93 30.30
C LEU B 134 41.37 53.30 31.70
N LEU B 135 42.02 52.72 32.71
CA LEU B 135 41.71 53.08 34.09
C LEU B 135 42.24 54.45 34.51
N PRO B 136 43.50 54.85 34.26
CA PRO B 136 43.89 56.21 34.67
C PRO B 136 43.28 57.31 33.81
N PHE B 137 42.85 56.97 32.60
CA PHE B 137 42.18 57.96 31.75
C PHE B 137 40.82 58.33 32.32
N LEU B 138 40.08 57.34 32.83
CA LEU B 138 38.79 57.63 33.45
C LEU B 138 38.98 58.27 34.83
N GLN B 139 40.15 58.07 35.43
CA GLN B 139 40.49 58.81 36.65
C GLN B 139 40.86 60.24 36.31
N LYS B 140 41.35 60.48 35.09
CA LYS B 140 41.71 61.84 34.68
C LYS B 140 40.46 62.65 34.34
N SER B 141 39.58 62.10 33.51
CA SER B 141 38.45 62.85 32.95
C SER B 141 37.24 62.90 33.88
N ARG B 142 37.41 62.45 35.14
CA ARG B 142 36.35 62.34 36.16
C ARG B 142 35.20 61.46 35.68
N LYS B 143 35.51 60.47 34.84
CA LYS B 143 34.46 59.68 34.21
C LYS B 143 34.41 58.27 34.79
N ARG B 144 33.23 57.68 34.71
CA ARG B 144 33.01 56.28 35.03
C ARG B 144 32.89 55.51 33.72
N LEU B 145 32.84 54.18 33.83
CA LEU B 145 32.52 53.37 32.64
C LEU B 145 31.07 53.55 32.21
N THR B 146 30.20 53.93 33.15
CA THR B 146 28.82 54.27 32.84
C THR B 146 28.74 55.77 32.53
N ASP B 147 29.50 56.18 31.52
CA ASP B 147 29.51 57.55 31.03
C ASP B 147 28.62 57.63 29.80
N SER B 148 27.94 58.77 29.66
CA SER B 148 26.95 58.95 28.60
C SER B 148 27.59 58.93 27.22
N GLU B 149 28.86 59.37 27.13
CA GLU B 149 29.57 59.35 25.84
C GLU B 149 30.00 57.93 25.47
N PHE B 150 30.08 57.03 26.45
CA PHE B 150 30.58 55.68 26.17
C PHE B 150 29.50 54.80 25.57
N LYS B 151 28.23 55.08 25.87
CA LYS B 151 27.15 54.28 25.32
C LYS B 151 26.93 54.58 23.85
N ASP B 152 26.69 53.54 23.07
CA ASP B 152 26.32 53.69 21.67
C ASP B 152 24.92 54.32 21.58
N PRO B 153 24.73 55.32 20.72
CA PRO B 153 23.49 56.12 20.78
C PRO B 153 22.21 55.42 20.31
N GLU B 154 22.25 54.68 19.21
CA GLU B 154 21.00 54.17 18.66
C GLU B 154 20.53 52.92 19.41
N THR B 155 21.46 52.06 19.82
CA THR B 155 21.18 50.94 20.71
C THR B 155 22.14 51.04 21.87
N GLY B 156 21.63 51.04 23.10
CA GLY B 156 22.43 51.36 24.26
C GLY B 156 23.43 50.30 24.67
N LYS B 157 24.34 49.95 23.75
CA LYS B 157 25.31 48.88 23.98
C LYS B 157 26.48 49.42 24.80
N THR B 158 26.80 48.73 25.88
CA THR B 158 27.89 49.12 26.76
C THR B 158 29.16 48.40 26.31
N CYS B 159 30.29 48.70 26.98
CA CYS B 159 31.53 47.98 26.72
C CYS B 159 31.43 46.53 27.18
N LEU B 160 30.57 46.27 28.17
CA LEU B 160 30.34 44.90 28.62
C LEU B 160 29.51 44.13 27.61
N LEU B 161 28.53 44.80 27.00
CA LEU B 161 27.66 44.13 26.03
C LEU B 161 28.38 43.86 24.72
N LYS B 162 29.30 44.74 24.34
CA LYS B 162 30.09 44.52 23.14
C LYS B 162 31.02 43.31 23.31
N ALA B 163 31.46 43.06 24.54
CA ALA B 163 32.35 41.94 24.81
C ALA B 163 31.60 40.61 24.78
N MET B 164 30.29 40.65 25.00
CA MET B 164 29.52 39.42 24.99
C MET B 164 29.32 38.90 23.57
N LEU B 165 29.07 39.80 22.62
CA LEU B 165 28.81 39.39 21.25
C LEU B 165 30.08 38.91 20.57
N ASN B 166 31.16 39.67 20.73
CA ASN B 166 32.47 39.31 20.20
C ASN B 166 33.06 38.25 21.11
N LEU B 167 33.08 37.01 20.64
CA LEU B 167 33.51 35.88 21.45
C LEU B 167 34.55 35.06 20.70
N HIS B 168 35.76 35.00 21.23
CA HIS B 168 36.86 34.27 20.62
C HIS B 168 37.05 32.97 21.37
N ASN B 169 36.78 31.85 20.69
CA ASN B 169 36.96 30.48 21.18
C ASN B 169 36.17 30.21 22.46
N GLY B 170 35.02 30.85 22.63
CA GLY B 170 34.23 30.64 23.82
C GLY B 170 34.63 31.45 25.03
N GLN B 171 35.84 32.01 25.05
CA GLN B 171 36.35 32.73 26.22
C GLN B 171 36.93 34.07 25.78
N ASN B 172 36.12 35.13 25.84
CA ASN B 172 36.69 36.46 25.72
C ASN B 172 37.34 36.84 27.04
N ASP B 173 38.51 37.46 26.94
CA ASP B 173 39.24 37.91 28.12
C ASP B 173 39.20 39.42 28.29
N THR B 174 38.57 40.14 27.37
CA THR B 174 38.38 41.58 27.55
C THR B 174 37.40 41.87 28.68
N ILE B 175 36.40 41.00 28.84
CA ILE B 175 35.29 41.24 29.75
C ILE B 175 35.76 41.31 31.20
N SER B 176 36.74 40.49 31.56
CA SER B 176 37.23 40.47 32.94
C SER B 176 38.03 41.72 33.26
N LEU B 177 38.57 42.38 32.24
CA LEU B 177 39.30 43.63 32.47
C LEU B 177 38.37 44.82 32.56
N LEU B 178 37.21 44.74 31.91
CA LEU B 178 36.22 45.80 32.08
C LEU B 178 35.62 45.76 33.48
N LEU B 179 35.48 44.56 34.03
CA LEU B 179 34.88 44.43 35.35
C LEU B 179 35.86 44.85 36.44
N ASP B 180 37.16 44.75 36.16
CA ASP B 180 38.16 45.22 37.12
C ASP B 180 38.21 46.74 37.14
N ILE B 181 37.88 47.38 36.03
CA ILE B 181 37.86 48.85 36.02
C ILE B 181 36.56 49.36 36.63
N ALA B 182 35.47 48.62 36.44
CA ALA B 182 34.16 49.06 36.94
C ALA B 182 34.08 48.98 38.45
N ARG B 183 34.84 48.07 39.07
CA ARG B 183 34.87 48.03 40.53
C ARG B 183 35.73 49.15 41.09
N GLN B 184 36.72 49.61 40.31
CA GLN B 184 37.53 50.74 40.76
C GLN B 184 36.78 52.04 40.62
N THR B 185 35.94 52.15 39.58
CA THR B 185 35.04 53.28 39.44
C THR B 185 33.72 53.07 40.17
N ASP B 186 33.63 51.99 40.98
CA ASP B 186 32.61 51.58 41.96
C ASP B 186 31.17 51.78 41.51
N SER B 187 30.89 51.76 40.21
CA SER B 187 29.55 51.81 39.66
C SER B 187 29.15 50.47 39.05
N LEU B 188 29.57 49.37 39.70
CA LEU B 188 29.51 48.04 39.10
C LEU B 188 28.09 47.54 38.95
N LYS B 189 27.23 47.81 39.94
CA LYS B 189 25.86 47.32 39.90
C LYS B 189 25.05 48.03 38.82
N GLU B 190 25.37 49.29 38.54
CA GLU B 190 24.75 49.96 37.41
C GLU B 190 25.40 49.54 36.11
N PHE B 191 26.67 49.10 36.18
CA PHE B 191 27.42 48.80 34.97
C PHE B 191 26.95 47.51 34.30
N VAL B 192 26.86 46.43 35.08
CA VAL B 192 26.49 45.14 34.50
C VAL B 192 24.99 45.11 34.19
N ASN B 193 24.20 45.93 34.88
CA ASN B 193 22.76 45.95 34.65
C ASN B 193 22.37 46.85 33.49
N ALA B 194 23.34 47.45 32.79
CA ALA B 194 23.05 48.23 31.60
C ALA B 194 22.53 47.32 30.51
N SER B 195 21.61 47.81 29.70
CA SER B 195 20.91 46.97 28.74
C SER B 195 20.61 47.79 27.49
N TYR B 196 20.17 47.07 26.46
CA TYR B 196 19.72 47.73 25.24
C TYR B 196 18.43 48.49 25.50
N THR B 197 18.38 49.74 25.05
CA THR B 197 17.17 50.55 25.14
C THR B 197 16.48 50.69 23.79
N ASP B 198 16.91 49.93 22.79
CA ASP B 198 16.24 49.97 21.50
C ASP B 198 14.89 49.28 21.59
N SER B 199 13.92 49.78 20.82
CA SER B 199 12.55 49.26 20.91
C SER B 199 12.45 47.83 20.41
N TYR B 200 13.34 47.44 19.50
CA TYR B 200 13.39 46.05 19.06
C TYR B 200 14.07 45.18 20.12
N TYR B 201 14.74 45.80 21.11
CA TYR B 201 15.66 45.15 22.02
C TYR B 201 15.47 45.52 23.48
N LYS B 202 14.26 45.88 23.90
CA LYS B 202 14.07 46.51 25.21
C LYS B 202 14.39 45.56 26.36
N GLY B 203 15.57 45.74 26.95
CA GLY B 203 15.89 45.11 28.21
C GLY B 203 16.82 43.91 28.15
N GLN B 204 17.33 43.53 26.98
CA GLN B 204 18.25 42.41 26.89
C GLN B 204 19.57 42.76 27.57
N THR B 205 19.98 41.92 28.50
CA THR B 205 21.12 42.24 29.34
C THR B 205 22.32 41.36 28.98
N ALA B 206 23.38 41.46 29.78
CA ALA B 206 24.54 40.60 29.58
C ALA B 206 24.22 39.16 29.91
N LEU B 207 23.26 38.93 30.79
CA LEU B 207 22.94 37.58 31.23
C LEU B 207 22.12 36.84 30.18
N HIS B 208 21.34 37.57 29.38
CA HIS B 208 20.54 36.94 28.34
C HIS B 208 21.42 36.42 27.21
N ILE B 209 22.66 36.89 27.13
CA ILE B 209 23.54 36.49 26.05
C ILE B 209 24.34 35.25 26.46
N ALA B 210 24.83 35.23 27.69
CA ALA B 210 25.68 34.14 28.15
C ALA B 210 24.91 32.83 28.26
N ILE B 211 23.68 32.91 28.79
CA ILE B 211 22.79 31.76 28.82
C ILE B 211 22.46 31.30 27.41
N GLU B 212 22.38 32.25 26.48
CA GLU B 212 22.05 31.92 25.10
C GLU B 212 23.19 31.18 24.41
N ARG B 213 24.42 31.63 24.62
CA ARG B 213 25.57 31.05 23.94
C ARG B 213 26.10 29.79 24.60
N ARG B 214 25.39 29.25 25.59
CA ARG B 214 25.71 27.99 26.27
C ARG B 214 27.07 28.04 26.94
N ASN B 215 27.36 29.17 27.58
CA ASN B 215 28.64 29.41 28.22
C ASN B 215 28.39 29.34 29.72
N MET B 216 28.87 28.28 30.36
CA MET B 216 28.65 28.09 31.78
C MET B 216 29.46 29.07 32.61
N ALA B 217 30.72 29.27 32.27
CA ALA B 217 31.59 30.11 33.09
C ALA B 217 31.24 31.58 32.95
N LEU B 218 30.71 31.97 31.79
CA LEU B 218 30.42 33.38 31.56
C LEU B 218 29.16 33.81 32.31
N VAL B 219 28.27 32.84 32.58
CA VAL B 219 27.13 33.08 33.45
C VAL B 219 27.59 33.36 34.88
N THR B 220 28.58 32.58 35.33
CA THR B 220 29.01 32.63 36.73
C THR B 220 29.68 33.96 37.05
N LEU B 221 30.47 34.48 36.11
CA LEU B 221 31.18 35.74 36.35
C LEU B 221 30.23 36.93 36.29
N LEU B 222 29.13 36.79 35.55
CA LEU B 222 28.21 37.92 35.39
C LEU B 222 27.35 38.11 36.64
N VAL B 223 26.81 37.02 37.18
CA VAL B 223 25.81 37.14 38.24
C VAL B 223 26.44 37.53 39.57
N GLU B 224 27.74 37.25 39.74
CA GLU B 224 28.42 37.60 40.98
C GLU B 224 28.68 39.09 41.07
N ASN B 225 28.69 39.78 39.94
CA ASN B 225 28.98 41.20 39.88
C ASN B 225 27.73 42.06 39.98
N GLY B 226 26.61 41.50 40.40
CA GLY B 226 25.42 42.30 40.60
C GLY B 226 24.49 42.37 39.41
N ALA B 227 24.66 41.51 38.42
CA ALA B 227 23.68 41.42 37.35
C ALA B 227 22.41 40.78 37.86
N ASP B 228 21.33 41.56 37.90
CA ASP B 228 20.07 41.07 38.45
C ASP B 228 19.44 40.07 37.49
N VAL B 229 19.17 38.87 37.99
CA VAL B 229 18.70 37.78 37.13
C VAL B 229 17.22 37.91 36.79
N GLN B 230 16.52 38.87 37.37
CA GLN B 230 15.11 39.08 37.08
C GLN B 230 14.87 40.14 36.02
N ALA B 231 15.91 40.57 35.31
CA ALA B 231 15.73 41.53 34.24
C ALA B 231 14.98 40.87 33.09
N ALA B 232 13.93 41.54 32.63
CA ALA B 232 13.03 40.98 31.63
C ALA B 232 13.32 41.59 30.28
N ALA B 233 13.32 40.73 29.25
CA ALA B 233 13.59 41.17 27.88
C ALA B 233 12.27 41.53 27.21
N ASN B 234 11.80 42.74 27.48
CA ASN B 234 10.49 43.19 27.02
C ASN B 234 10.61 43.89 25.66
N GLY B 235 11.30 43.21 24.74
CA GLY B 235 11.61 43.80 23.45
C GLY B 235 11.00 42.99 22.32
N ASP B 236 10.79 43.68 21.19
CA ASP B 236 9.93 43.14 20.13
C ASP B 236 10.55 41.94 19.42
N PHE B 237 11.83 41.67 19.65
CA PHE B 237 12.37 40.39 19.21
C PHE B 237 11.96 39.27 20.15
N PHE B 238 11.76 39.60 21.43
CA PHE B 238 11.52 38.57 22.43
C PHE B 238 10.04 38.36 22.67
N LYS B 239 9.19 39.21 22.11
CA LYS B 239 7.74 38.94 22.09
C LYS B 239 7.41 37.84 21.09
N LYS B 240 6.11 37.60 20.94
CA LYS B 240 5.67 36.57 20.01
C LYS B 240 5.98 36.96 18.57
N THR B 241 5.37 38.06 18.09
CA THR B 241 5.55 38.63 16.75
C THR B 241 5.38 37.57 15.65
N LYS B 242 4.13 37.10 15.53
CA LYS B 242 3.83 35.97 14.64
C LYS B 242 4.05 36.31 13.17
N GLY B 243 4.11 37.60 12.83
CA GLY B 243 4.51 37.98 11.48
C GLY B 243 6.00 38.19 11.33
N ARG B 244 6.64 38.75 12.36
CA ARG B 244 8.03 39.18 12.31
C ARG B 244 8.96 38.02 12.65
N PRO B 245 10.25 38.11 12.33
CA PRO B 245 11.20 37.09 12.82
C PRO B 245 11.50 37.29 14.30
N GLY B 246 11.33 36.24 15.09
CA GLY B 246 11.53 36.34 16.52
C GLY B 246 11.56 34.98 17.17
N PHE B 247 12.04 34.97 18.41
CA PHE B 247 12.17 33.77 19.21
C PHE B 247 11.50 34.02 20.55
N TYR B 248 10.41 33.30 20.82
CA TYR B 248 9.67 33.46 22.07
C TYR B 248 10.01 32.31 22.99
N PHE B 249 10.76 32.61 24.04
CA PHE B 249 11.09 31.64 25.07
C PHE B 249 10.43 31.92 26.40
N GLY B 250 9.74 33.05 26.54
CA GLY B 250 9.14 33.40 27.80
C GLY B 250 9.73 34.61 28.48
N GLU B 251 10.69 35.29 27.84
CA GLU B 251 11.08 36.67 28.14
C GLU B 251 11.72 36.82 29.52
N LEU B 252 12.39 35.78 29.98
CA LEU B 252 13.01 35.87 31.30
C LEU B 252 14.19 34.90 31.29
N PRO B 253 15.28 35.19 32.04
CA PRO B 253 16.47 34.33 31.96
C PRO B 253 16.25 32.91 32.45
N LEU B 254 15.42 32.73 33.48
CA LEU B 254 15.11 31.38 33.93
C LEU B 254 14.25 30.64 32.92
N SER B 255 13.41 31.37 32.18
CA SER B 255 12.66 30.76 31.10
C SER B 255 13.56 30.48 29.90
N LEU B 256 14.67 31.22 29.80
CA LEU B 256 15.59 31.02 28.68
C LEU B 256 16.45 29.77 28.89
N ALA B 257 16.87 29.54 30.13
CA ALA B 257 17.68 28.36 30.40
C ALA B 257 16.83 27.09 30.38
N ALA B 258 15.53 27.23 30.61
CA ALA B 258 14.68 26.05 30.67
C ALA B 258 14.22 25.61 29.29
N CYS B 259 13.84 26.58 28.44
CA CYS B 259 13.40 26.25 27.09
C CYS B 259 14.55 25.82 26.18
N THR B 260 15.76 26.30 26.43
CA THR B 260 16.92 25.90 25.64
C THR B 260 17.68 24.74 26.26
N ASN B 261 17.01 23.88 27.02
CA ASN B 261 17.47 22.57 27.50
C ASN B 261 18.66 22.62 28.45
N GLN B 262 19.08 23.80 28.92
CA GLN B 262 20.29 23.90 29.74
C GLN B 262 19.91 23.55 31.17
N LEU B 263 20.21 22.32 31.57
CA LEU B 263 19.75 21.82 32.86
C LEU B 263 20.66 22.29 33.99
N ALA B 264 21.92 22.60 33.69
CA ALA B 264 22.82 23.03 34.74
C ALA B 264 22.53 24.46 35.18
N ILE B 265 22.16 25.31 34.23
CA ILE B 265 22.00 26.73 34.54
C ILE B 265 20.65 26.98 35.21
N VAL B 266 19.64 26.17 34.88
CA VAL B 266 18.31 26.34 35.46
C VAL B 266 18.32 25.96 36.94
N LYS B 267 19.31 25.17 37.36
CA LYS B 267 19.50 24.93 38.79
C LYS B 267 20.32 26.04 39.42
N PHE B 268 21.29 26.58 38.68
CA PHE B 268 22.23 27.54 39.26
C PHE B 268 21.55 28.87 39.54
N LEU B 269 20.59 29.26 38.70
CA LEU B 269 19.94 30.56 38.87
C LEU B 269 19.03 30.56 40.08
N LEU B 270 18.52 29.40 40.46
CA LEU B 270 17.69 29.25 41.64
C LEU B 270 18.50 29.08 42.91
N GLN B 271 19.76 28.65 42.79
CA GLN B 271 20.57 28.23 43.93
C GLN B 271 21.92 28.96 44.00
N ASN B 272 22.00 30.16 43.42
CA ASN B 272 23.17 30.99 43.59
C ASN B 272 23.05 31.78 44.88
N SER B 273 24.15 31.86 45.64
CA SER B 273 24.09 32.39 46.99
C SER B 273 23.92 33.90 47.02
N TRP B 274 24.21 34.58 45.91
CA TRP B 274 24.20 36.03 45.92
C TRP B 274 22.78 36.58 45.81
N GLN B 275 22.06 36.19 44.77
CA GLN B 275 20.71 36.70 44.53
C GLN B 275 19.93 35.66 43.75
N PRO B 276 19.11 34.85 44.44
CA PRO B 276 18.43 33.74 43.77
C PRO B 276 17.25 34.22 42.93
N ALA B 277 16.81 33.35 42.03
CA ALA B 277 15.77 33.71 41.08
C ALA B 277 14.38 33.39 41.64
N ASP B 278 13.37 33.86 40.91
CA ASP B 278 11.97 33.63 41.22
C ASP B 278 11.44 32.60 40.24
N ILE B 279 10.93 31.49 40.78
CA ILE B 279 10.37 30.43 39.93
C ILE B 279 8.93 30.71 39.56
N SER B 280 8.29 31.68 40.21
CA SER B 280 6.88 31.96 39.98
C SER B 280 6.65 33.25 39.22
N ALA B 281 7.69 33.99 38.86
CA ALA B 281 7.51 35.26 38.16
C ALA B 281 7.02 35.01 36.74
N ARG B 282 6.42 36.03 36.15
CA ARG B 282 5.84 35.92 34.83
C ARG B 282 6.27 37.10 33.96
N ASP B 283 6.20 36.90 32.64
CA ASP B 283 6.49 37.96 31.70
C ASP B 283 5.26 38.84 31.49
N SER B 284 5.28 39.65 30.43
CA SER B 284 4.17 40.56 30.17
C SER B 284 2.92 39.80 29.76
N VAL B 285 3.07 38.66 29.09
CA VAL B 285 1.94 37.85 28.70
C VAL B 285 1.36 37.11 29.89
N GLY B 286 2.15 36.93 30.94
CA GLY B 286 1.71 36.21 32.12
C GLY B 286 2.23 34.80 32.22
N ASN B 287 2.95 34.32 31.20
CA ASN B 287 3.48 32.97 31.23
C ASN B 287 4.61 32.83 32.24
N THR B 288 4.61 31.72 32.96
CA THR B 288 5.72 31.35 33.83
C THR B 288 6.55 30.29 33.12
N VAL B 289 7.47 29.69 33.87
CA VAL B 289 8.43 28.75 33.30
C VAL B 289 7.73 27.50 32.78
N LEU B 290 6.68 27.07 33.49
CA LEU B 290 5.96 25.87 33.08
C LEU B 290 5.02 26.16 31.93
N HIS B 291 4.62 27.42 31.77
CA HIS B 291 3.86 27.79 30.59
C HIS B 291 4.74 27.81 29.36
N ALA B 292 5.96 28.35 29.50
CA ALA B 292 6.81 28.59 28.35
C ALA B 292 7.35 27.29 27.77
N LEU B 293 7.50 26.27 28.61
CA LEU B 293 7.89 24.95 28.11
C LEU B 293 6.80 24.34 27.25
N VAL B 294 5.56 24.74 27.48
CA VAL B 294 4.48 24.27 26.62
C VAL B 294 4.46 25.05 25.32
N GLU B 295 4.83 26.34 25.39
CA GLU B 295 4.81 27.19 24.19
C GLU B 295 5.92 26.81 23.21
N VAL B 296 6.97 26.17 23.71
CA VAL B 296 8.18 25.93 22.92
C VAL B 296 8.20 24.45 22.54
N ALA B 297 7.10 23.76 22.77
CA ALA B 297 6.94 22.39 22.29
C ALA B 297 6.35 22.45 20.89
N ASP B 298 6.74 21.48 20.05
CA ASP B 298 6.20 21.36 18.71
C ASP B 298 5.98 19.91 18.28
N ASN B 299 5.61 19.05 19.21
CA ASN B 299 5.03 17.72 19.01
C ASN B 299 5.99 16.70 18.41
N THR B 300 7.21 17.08 18.03
CA THR B 300 8.15 16.11 17.51
C THR B 300 8.71 15.28 18.66
N ALA B 301 9.02 14.01 18.36
CA ALA B 301 9.34 13.05 19.42
C ALA B 301 10.67 13.35 20.08
N ASP B 302 11.53 14.12 19.41
CA ASP B 302 12.72 14.63 20.08
C ASP B 302 12.36 15.76 21.03
N ASN B 303 11.40 16.60 20.64
CA ASN B 303 11.04 17.74 21.47
C ASN B 303 10.21 17.31 22.67
N THR B 304 9.42 16.24 22.51
CA THR B 304 8.64 15.70 23.62
C THR B 304 9.54 15.10 24.69
N LYS B 305 10.75 14.68 24.31
CA LYS B 305 11.67 14.09 25.25
C LYS B 305 12.18 15.11 26.26
N PHE B 306 12.71 16.24 25.79
CA PHE B 306 13.39 17.13 26.71
C PHE B 306 12.47 18.22 27.23
N VAL B 307 11.27 18.35 26.65
CA VAL B 307 10.29 19.24 27.28
C VAL B 307 9.79 18.61 28.58
N THR B 308 9.29 17.37 28.50
CA THR B 308 8.75 16.71 29.68
C THR B 308 9.83 16.36 30.68
N SER B 309 11.07 16.18 30.22
CA SER B 309 12.17 16.02 31.16
C SER B 309 12.47 17.31 31.88
N MET B 310 12.49 18.43 31.16
CA MET B 310 12.72 19.72 31.83
C MET B 310 11.48 20.16 32.58
N TYR B 311 10.30 19.75 32.13
CA TYR B 311 9.08 20.06 32.87
C TYR B 311 9.04 19.32 34.19
N ASN B 312 9.71 18.16 34.24
CA ASN B 312 9.74 17.37 35.46
C ASN B 312 10.64 18.00 36.51
N GLU B 313 11.78 18.55 36.08
CA GLU B 313 12.82 18.93 37.03
C GLU B 313 12.46 20.20 37.77
N ILE B 314 11.53 20.98 37.23
CA ILE B 314 11.22 22.27 37.83
C ILE B 314 10.21 22.11 38.96
N LEU B 315 9.28 21.15 38.80
CA LEU B 315 8.28 20.90 39.84
C LEU B 315 8.92 20.38 41.12
N ILE B 316 9.87 19.45 40.97
CA ILE B 316 10.58 18.90 42.12
C ILE B 316 11.40 20.01 42.78
N LEU B 317 12.12 20.78 41.96
CA LEU B 317 12.92 21.88 42.48
C LEU B 317 12.05 23.03 42.94
N GLY B 318 10.80 23.09 42.46
CA GLY B 318 9.86 24.03 43.03
C GLY B 318 9.47 23.67 44.44
N ALA B 319 9.35 22.38 44.72
CA ALA B 319 8.92 21.95 46.04
C ALA B 319 10.06 22.02 47.06
N LYS B 320 11.30 21.83 46.62
CA LYS B 320 12.43 21.89 47.54
C LYS B 320 12.65 23.32 48.04
N LEU B 321 12.57 24.29 47.13
CA LEU B 321 12.69 25.69 47.53
C LEU B 321 11.41 26.16 48.20
N HIS B 322 10.27 25.80 47.62
CA HIS B 322 8.98 26.30 48.09
C HIS B 322 7.97 25.16 48.14
N PRO B 323 7.92 24.41 49.24
CA PRO B 323 6.88 23.37 49.36
C PRO B 323 5.50 23.95 49.56
N THR B 324 5.41 25.21 50.00
CA THR B 324 4.12 25.86 50.15
C THR B 324 3.57 26.31 48.80
N LEU B 325 4.40 26.33 47.77
CA LEU B 325 3.96 26.79 46.47
C LEU B 325 3.35 25.65 45.66
N LYS B 326 2.28 25.98 44.91
CA LYS B 326 1.64 25.05 44.00
C LYS B 326 1.87 25.61 42.60
N LEU B 327 2.75 24.95 41.83
CA LEU B 327 3.27 25.57 40.62
C LEU B 327 2.25 25.57 39.49
N GLU B 328 1.43 24.53 39.40
CA GLU B 328 0.59 24.40 38.22
C GLU B 328 -0.79 25.03 38.41
N GLU B 329 -1.02 25.74 39.51
CA GLU B 329 -2.30 26.42 39.65
C GLU B 329 -2.31 27.75 38.90
N LEU B 330 -1.12 28.23 38.52
CA LEU B 330 -0.98 29.62 38.11
C LEU B 330 -1.53 29.83 36.70
N ILE B 331 -1.94 31.06 36.42
CA ILE B 331 -2.56 31.37 35.15
C ILE B 331 -1.87 32.57 34.51
N ASN B 332 -2.01 32.65 33.19
CA ASN B 332 -1.59 33.80 32.40
C ASN B 332 -2.75 34.78 32.30
N LYS B 333 -2.66 35.75 31.39
CA LYS B 333 -3.72 36.75 31.27
C LYS B 333 -4.94 36.17 30.56
N LYS B 334 -4.79 35.06 29.85
CA LYS B 334 -5.96 34.37 29.32
C LYS B 334 -6.58 33.44 30.34
N GLY B 335 -5.96 33.27 31.51
CA GLY B 335 -6.51 32.48 32.58
C GLY B 335 -6.29 30.99 32.45
N LEU B 336 -5.33 30.56 31.64
CA LEU B 336 -5.13 29.14 31.40
C LEU B 336 -4.03 28.60 32.31
N THR B 337 -4.18 27.35 32.71
CA THR B 337 -3.17 26.62 33.49
C THR B 337 -2.22 25.92 32.52
N PRO B 338 -1.01 25.51 32.94
CA PRO B 338 -0.13 24.80 32.00
C PRO B 338 -0.66 23.47 31.52
N LEU B 339 -1.57 22.86 32.27
CA LEU B 339 -2.29 21.71 31.73
C LEU B 339 -3.23 22.13 30.61
N ALA B 340 -4.04 23.16 30.85
CA ALA B 340 -5.06 23.54 29.89
C ALA B 340 -4.47 24.26 28.70
N LEU B 341 -3.29 24.87 28.88
CA LEU B 341 -2.60 25.50 27.76
C LEU B 341 -2.09 24.46 26.78
N ALA B 342 -1.75 23.28 27.28
CA ALA B 342 -1.33 22.20 26.39
C ALA B 342 -2.51 21.58 25.69
N ALA B 343 -3.70 21.73 26.25
CA ALA B 343 -4.90 21.21 25.59
C ALA B 343 -5.52 22.26 24.68
N SER B 344 -5.36 23.54 25.01
CA SER B 344 -5.90 24.61 24.18
C SER B 344 -5.18 24.65 22.85
N SER B 345 -3.87 24.50 22.86
CA SER B 345 -3.10 24.30 21.64
C SER B 345 -3.15 22.83 21.25
N GLY B 346 -2.28 22.41 20.35
CA GLY B 346 -2.37 21.05 19.89
C GLY B 346 -1.39 20.09 20.53
N LYS B 347 -0.79 20.49 21.64
CA LYS B 347 0.33 19.73 22.20
C LYS B 347 -0.16 18.45 22.83
N ILE B 348 0.23 17.33 22.24
CA ILE B 348 -0.25 16.00 22.62
C ILE B 348 0.72 15.30 23.56
N GLY B 349 2.02 15.46 23.34
CA GLY B 349 2.98 14.77 24.19
C GLY B 349 3.08 15.39 25.58
N VAL B 350 2.98 16.71 25.65
CA VAL B 350 2.95 17.38 26.94
C VAL B 350 1.64 17.10 27.66
N LEU B 351 0.56 16.91 26.88
CA LEU B 351 -0.72 16.56 27.50
C LEU B 351 -0.72 15.14 28.03
N ALA B 352 -0.14 14.21 27.28
CA ALA B 352 -0.11 12.81 27.71
C ALA B 352 0.80 12.63 28.92
N TYR B 353 1.80 13.49 29.06
CA TYR B 353 2.68 13.41 30.22
C TYR B 353 1.99 13.87 31.49
N ILE B 354 1.32 15.03 31.44
CA ILE B 354 0.80 15.65 32.67
C ILE B 354 -0.31 14.81 33.27
N LEU B 355 -1.13 14.20 32.42
CA LEU B 355 -2.21 13.36 32.92
C LEU B 355 -1.67 12.05 33.50
N GLN B 356 -0.65 11.49 32.86
CA GLN B 356 -0.02 10.26 33.35
C GLN B 356 1.28 10.59 34.06
N ARG B 357 1.18 11.37 35.13
CA ARG B 357 2.38 11.84 35.83
C ARG B 357 2.45 11.16 37.18
N GLU B 358 3.49 10.35 37.37
CA GLU B 358 3.84 9.84 38.69
C GLU B 358 5.31 10.13 38.97
N ILE B 359 5.56 10.76 40.11
CA ILE B 359 6.91 11.01 40.60
C ILE B 359 7.13 10.00 41.71
N GLN B 360 8.02 9.04 41.48
CA GLN B 360 8.07 7.85 42.32
C GLN B 360 8.86 8.09 43.60
N GLU B 361 9.86 8.95 43.53
CA GLU B 361 10.74 9.17 44.68
C GLU B 361 9.98 9.88 45.81
N PRO B 362 10.28 9.56 47.07
CA PRO B 362 9.53 10.19 48.17
C PRO B 362 9.92 11.64 48.37
N GLU B 363 9.15 12.31 49.24
CA GLU B 363 9.14 13.71 49.66
C GLU B 363 8.58 14.61 48.55
N CYS B 364 8.43 14.12 47.32
CA CYS B 364 7.80 14.85 46.24
C CYS B 364 6.90 13.92 45.45
N ARG B 365 6.14 13.07 46.14
CA ARG B 365 5.21 12.16 45.51
C ARG B 365 3.82 12.77 45.36
N HIS B 366 3.50 13.81 46.12
CA HIS B 366 2.17 14.42 46.05
C HIS B 366 1.96 15.15 44.74
N LEU B 367 3.04 15.40 44.00
CA LEU B 367 2.93 16.01 42.68
C LEU B 367 2.44 15.03 41.62
N SER B 368 2.23 13.78 41.97
CA SER B 368 1.82 12.79 40.99
C SER B 368 0.35 12.97 40.62
N ARG B 369 -0.05 12.31 39.54
CA ARG B 369 -1.44 12.31 39.11
C ARG B 369 -1.96 10.90 38.84
N LYS B 370 -1.14 10.02 38.28
CA LYS B 370 -1.49 8.62 38.08
C LYS B 370 -0.97 7.80 39.24
N PHE B 371 -1.86 7.24 40.04
CA PHE B 371 -1.48 6.46 41.22
C PHE B 371 -1.87 5.01 41.02
N THR B 372 -0.89 4.11 41.02
CA THR B 372 -1.19 2.68 40.96
C THR B 372 -1.60 2.21 42.35
N GLU B 373 -2.68 1.44 42.44
CA GLU B 373 -3.25 1.14 43.75
C GLU B 373 -2.87 -0.26 44.22
N TRP B 374 -2.98 -1.26 43.36
CA TRP B 374 -2.55 -2.61 43.71
C TRP B 374 -2.13 -3.30 42.44
N ALA B 375 -1.37 -4.38 42.60
CA ALA B 375 -0.90 -5.18 41.48
C ALA B 375 -0.86 -6.62 41.92
N TYR B 376 -1.42 -7.51 41.11
CA TYR B 376 -1.41 -8.93 41.37
C TYR B 376 -0.84 -9.63 40.15
N GLY B 377 0.49 -9.66 40.04
CA GLY B 377 1.16 -10.18 38.88
C GLY B 377 0.92 -9.35 37.64
N PRO B 378 0.16 -9.91 36.69
CA PRO B 378 -0.15 -9.14 35.47
C PRO B 378 -1.07 -7.97 35.73
N VAL B 379 -2.08 -8.14 36.57
CA VAL B 379 -3.15 -7.15 36.68
C VAL B 379 -2.64 -5.92 37.41
N HIS B 380 -2.88 -4.75 36.82
CA HIS B 380 -2.29 -3.49 37.25
C HIS B 380 -3.37 -2.42 37.28
N SER B 381 -3.82 -2.06 38.49
CA SER B 381 -4.93 -1.14 38.67
C SER B 381 -4.39 0.23 39.10
N SER B 382 -4.89 1.29 38.47
CA SER B 382 -4.33 2.63 38.66
C SER B 382 -5.44 3.63 38.94
N LEU B 383 -5.12 4.65 39.75
CA LEU B 383 -6.01 5.78 39.99
C LEU B 383 -5.52 7.01 39.23
N TYR B 384 -6.20 7.31 38.14
CA TYR B 384 -6.00 8.60 37.50
C TYR B 384 -6.71 9.67 38.30
N ASP B 385 -6.35 10.93 38.06
CA ASP B 385 -6.94 12.02 38.82
C ASP B 385 -7.77 12.94 37.93
N LEU B 386 -8.82 13.52 38.51
CA LEU B 386 -9.83 14.29 37.82
C LEU B 386 -10.05 15.67 38.47
N SER B 387 -8.96 16.38 38.80
CA SER B 387 -9.14 17.64 39.51
C SER B 387 -9.45 18.76 38.55
N CYS B 388 -8.53 19.07 37.64
CA CYS B 388 -8.75 20.15 36.71
C CYS B 388 -9.62 19.75 35.54
N ILE B 389 -9.55 18.48 35.13
CA ILE B 389 -10.38 17.95 34.04
C ILE B 389 -11.74 17.60 34.61
N ASP B 390 -12.66 17.19 33.74
CA ASP B 390 -13.96 16.63 34.09
C ASP B 390 -14.87 17.70 34.68
N THR B 391 -14.93 18.84 33.99
CA THR B 391 -16.00 19.84 34.09
C THR B 391 -16.10 20.44 35.50
N CYS B 392 -15.00 20.42 36.25
CA CYS B 392 -15.04 20.90 37.62
C CYS B 392 -14.76 22.40 37.70
N GLU B 393 -13.88 22.90 36.84
CA GLU B 393 -13.39 24.26 36.97
C GLU B 393 -13.78 25.09 35.75
N LYS B 394 -13.18 26.27 35.67
CA LYS B 394 -13.51 27.23 34.61
C LYS B 394 -13.01 26.75 33.25
N ASN B 395 -11.79 26.24 33.21
CA ASN B 395 -11.20 25.67 32.00
C ASN B 395 -10.77 24.24 32.28
N SER B 396 -11.67 23.30 32.03
CA SER B 396 -11.36 21.89 32.12
C SER B 396 -10.95 21.41 30.75
N VAL B 397 -10.03 20.44 30.70
CA VAL B 397 -9.46 20.08 29.42
C VAL B 397 -10.43 19.23 28.61
N LEU B 398 -11.48 18.75 29.25
CA LEU B 398 -12.52 18.07 28.49
C LEU B 398 -13.36 19.10 27.75
N GLU B 399 -13.52 20.28 28.33
CA GLU B 399 -14.22 21.37 27.67
C GLU B 399 -13.36 22.00 26.59
N VAL B 400 -12.08 22.23 26.89
CA VAL B 400 -11.25 23.07 26.03
C VAL B 400 -10.85 22.32 24.76
N ILE B 401 -10.72 21.00 24.85
CA ILE B 401 -10.46 20.19 23.65
C ILE B 401 -11.64 20.26 22.70
N ALA B 402 -12.86 20.05 23.21
CA ALA B 402 -14.02 19.93 22.34
C ALA B 402 -14.45 21.28 21.78
N TYR B 403 -14.32 22.36 22.55
CA TYR B 403 -14.76 23.66 22.10
C TYR B 403 -13.67 24.44 21.36
N SER B 404 -12.55 23.81 21.02
CA SER B 404 -11.49 24.54 20.36
C SER B 404 -11.81 24.73 18.89
N SER B 405 -11.34 25.87 18.35
CA SER B 405 -11.86 26.45 17.12
C SER B 405 -11.31 25.82 15.84
N SER B 406 -10.66 24.65 15.94
CA SER B 406 -10.09 23.84 14.86
C SER B 406 -8.92 24.51 14.12
N GLU B 407 -8.57 25.74 14.49
CA GLU B 407 -7.30 26.31 14.06
C GLU B 407 -6.16 25.73 14.87
N THR B 408 -6.45 25.29 16.09
CA THR B 408 -5.49 24.55 16.86
C THR B 408 -5.55 23.09 16.44
N PRO B 409 -4.44 22.50 15.99
CA PRO B 409 -4.50 21.16 15.42
C PRO B 409 -4.72 20.11 16.48
N ASN B 410 -5.00 18.89 16.01
CA ASN B 410 -4.91 17.66 16.79
C ASN B 410 -5.90 17.64 17.96
N ARG B 411 -7.04 18.33 17.79
CA ARG B 411 -8.14 18.21 18.75
C ARG B 411 -8.66 16.79 18.77
N HIS B 412 -8.62 16.14 17.62
CA HIS B 412 -9.08 14.77 17.51
C HIS B 412 -8.09 13.82 18.16
N ASP B 413 -6.81 14.20 18.17
CA ASP B 413 -5.77 13.35 18.75
C ASP B 413 -5.82 13.37 20.27
N MET B 414 -6.17 14.51 20.86
CA MET B 414 -6.08 14.68 22.30
C MET B 414 -7.20 13.99 23.08
N LEU B 415 -8.07 13.23 22.41
CA LEU B 415 -9.03 12.38 23.10
C LEU B 415 -8.57 10.95 23.16
N LEU B 416 -7.31 10.68 22.82
CA LEU B 416 -6.81 9.32 22.79
C LEU B 416 -6.08 8.93 24.07
N VAL B 417 -5.75 9.89 24.93
CA VAL B 417 -5.00 9.59 26.15
C VAL B 417 -5.90 8.86 27.14
N GLU B 418 -5.28 8.23 28.13
CA GLU B 418 -5.96 7.19 28.90
C GLU B 418 -7.01 7.68 29.89
N PRO B 419 -6.79 8.73 30.71
CA PRO B 419 -7.87 9.09 31.64
C PRO B 419 -9.03 9.80 30.98
N LEU B 420 -8.86 10.29 29.75
CA LEU B 420 -9.98 10.95 29.08
C LEU B 420 -10.81 9.96 28.28
N ASN B 421 -10.13 9.04 27.57
CA ASN B 421 -10.81 8.19 26.60
C ASN B 421 -11.65 7.13 27.28
N ARG B 422 -11.40 6.89 28.56
CA ARG B 422 -12.27 6.02 29.32
C ARG B 422 -13.22 6.81 30.19
N LEU B 423 -13.08 8.13 30.19
CA LEU B 423 -14.00 8.98 30.95
C LEU B 423 -15.22 9.33 30.13
N LEU B 424 -15.02 9.64 28.84
CA LEU B 424 -16.15 9.92 27.97
C LEU B 424 -16.94 8.66 27.68
N GLN B 425 -16.25 7.52 27.58
CA GLN B 425 -16.92 6.25 27.35
C GLN B 425 -17.70 5.82 28.57
N ASP B 426 -17.28 6.26 29.75
CA ASP B 426 -17.99 5.84 30.94
C ASP B 426 -18.90 6.95 31.44
N LYS B 427 -18.94 8.10 30.76
CA LYS B 427 -20.06 9.01 30.94
C LYS B 427 -21.18 8.70 29.99
N TRP B 428 -20.88 8.02 28.89
CA TRP B 428 -21.94 7.70 27.94
C TRP B 428 -22.78 6.55 28.43
N ASP B 429 -22.15 5.58 29.10
CA ASP B 429 -22.85 4.36 29.47
C ASP B 429 -23.82 4.55 30.60
N ARG B 430 -23.83 5.71 31.26
CA ARG B 430 -24.86 6.01 32.24
C ARG B 430 -25.18 7.49 32.21
N PHE B 431 -26.47 7.80 32.29
CA PHE B 431 -27.22 9.06 32.24
C PHE B 431 -27.03 9.89 30.97
N VAL B 432 -26.30 9.43 29.96
CA VAL B 432 -26.25 10.24 28.73
C VAL B 432 -26.81 9.42 27.56
N LYS B 433 -26.67 8.10 27.61
CA LYS B 433 -27.31 7.27 26.60
C LYS B 433 -28.83 7.32 26.74
N ARG B 434 -29.31 7.50 27.96
CA ARG B 434 -30.75 7.58 28.18
C ARG B 434 -31.30 8.93 27.73
N ILE B 435 -30.53 10.00 27.86
CA ILE B 435 -31.04 11.31 27.48
C ILE B 435 -30.90 11.52 25.98
N PHE B 436 -29.86 10.96 25.37
CA PHE B 436 -29.67 11.16 23.93
C PHE B 436 -30.67 10.35 23.12
N TYR B 437 -31.10 9.20 23.63
CA TYR B 437 -32.15 8.46 22.92
C TYR B 437 -33.50 9.11 23.15
N PHE B 438 -33.62 9.92 24.19
CA PHE B 438 -34.87 10.62 24.40
C PHE B 438 -34.95 11.90 23.57
N ASN B 439 -33.80 12.52 23.29
CA ASN B 439 -33.82 13.68 22.40
C ASN B 439 -34.13 13.26 20.98
N PHE B 440 -33.71 12.06 20.59
CA PHE B 440 -33.97 11.59 19.24
C PHE B 440 -35.40 11.09 19.10
N PHE B 441 -36.04 10.74 20.21
CA PHE B 441 -37.42 10.30 20.14
C PHE B 441 -38.39 11.46 20.10
N VAL B 442 -38.08 12.54 20.81
CA VAL B 442 -38.94 13.72 20.75
C VAL B 442 -38.80 14.41 19.42
N TYR B 443 -37.62 14.35 18.82
CA TYR B 443 -37.44 14.98 17.52
C TYR B 443 -38.16 14.20 16.43
N CYS B 444 -38.25 12.88 16.55
CA CYS B 444 -39.01 12.12 15.57
C CYS B 444 -40.51 12.26 15.80
N LEU B 445 -40.93 12.63 17.00
CA LEU B 445 -42.33 13.00 17.20
C LEU B 445 -42.59 14.43 16.79
N TYR B 446 -41.54 15.18 16.50
CA TYR B 446 -41.74 16.52 15.99
C TYR B 446 -41.92 16.51 14.49
N MET B 447 -41.20 15.64 13.79
CA MET B 447 -41.30 15.66 12.34
C MET B 447 -42.52 14.90 11.86
N ILE B 448 -43.12 14.05 12.68
CA ILE B 448 -44.37 13.41 12.29
C ILE B 448 -45.52 14.39 12.46
N VAL B 449 -45.45 15.25 13.47
CA VAL B 449 -46.49 16.26 13.64
C VAL B 449 -46.36 17.35 12.60
N PHE B 450 -45.14 17.80 12.33
CA PHE B 450 -44.95 18.89 11.39
C PHE B 450 -45.15 18.45 9.95
N THR B 451 -44.96 17.16 9.66
CA THR B 451 -45.35 16.65 8.34
C THR B 451 -46.86 16.65 8.17
N THR B 452 -47.57 16.10 9.16
CA THR B 452 -49.00 15.88 9.02
C THR B 452 -49.77 17.20 9.12
N ALA B 453 -49.24 18.17 9.86
CA ALA B 453 -49.92 19.45 9.95
C ALA B 453 -49.66 20.29 8.71
N ALA B 454 -48.63 19.96 7.93
CA ALA B 454 -48.37 20.70 6.71
C ALA B 454 -49.02 20.02 5.51
N TYR B 455 -49.12 18.68 5.55
CA TYR B 455 -49.77 17.93 4.48
C TYR B 455 -51.24 18.30 4.37
N TYR B 456 -51.93 18.43 5.49
CA TYR B 456 -53.36 18.70 5.51
C TYR B 456 -53.68 20.18 5.60
N ARG B 457 -52.81 21.04 5.07
CA ARG B 457 -52.97 22.49 5.14
C ARG B 457 -54.19 22.93 4.36
N PRO B 458 -54.81 24.06 4.71
CA PRO B 458 -55.97 24.51 3.95
C PRO B 458 -55.55 25.08 2.60
N VAL B 459 -56.31 24.71 1.58
CA VAL B 459 -56.09 25.15 0.21
C VAL B 459 -57.10 26.22 -0.19
N ASP B 460 -57.94 26.65 0.74
CA ASP B 460 -59.15 27.40 0.40
C ASP B 460 -58.83 28.83 -0.05
N GLY B 461 -58.25 29.64 0.83
CA GLY B 461 -58.09 31.04 0.49
C GLY B 461 -56.87 31.74 1.07
N LEU B 462 -57.07 32.98 1.51
CA LEU B 462 -55.97 33.80 2.00
C LEU B 462 -55.54 33.33 3.39
N PRO B 463 -54.24 33.37 3.70
CA PRO B 463 -53.66 32.45 4.69
C PRO B 463 -54.10 32.61 6.14
N PRO B 464 -54.50 33.76 6.67
CA PRO B 464 -55.10 33.68 8.01
C PRO B 464 -56.50 33.10 7.94
N TYR B 465 -56.61 31.80 8.26
CA TYR B 465 -57.81 31.04 8.03
C TYR B 465 -58.64 30.97 9.29
N LYS B 466 -59.96 31.00 9.12
CA LYS B 466 -60.87 30.80 10.23
C LYS B 466 -60.86 29.34 10.65
N LEU B 467 -61.34 29.09 11.86
CA LEU B 467 -61.22 27.79 12.49
C LEU B 467 -62.61 27.24 12.74
N LYS B 468 -62.97 26.19 12.00
CA LYS B 468 -64.28 25.57 12.15
C LYS B 468 -64.32 24.74 13.43
N ASN B 469 -65.52 24.46 13.89
CA ASN B 469 -65.72 23.66 15.10
C ASN B 469 -65.84 22.20 14.69
N THR B 470 -64.71 21.59 14.37
CA THR B 470 -64.64 20.18 14.03
C THR B 470 -63.54 19.55 14.86
N VAL B 471 -63.54 18.22 14.90
CA VAL B 471 -62.44 17.52 15.56
C VAL B 471 -61.24 17.46 14.62
N GLY B 472 -61.47 17.73 13.34
CA GLY B 472 -60.35 17.75 12.40
C GLY B 472 -59.53 19.01 12.51
N ASP B 473 -60.20 20.16 12.68
CA ASP B 473 -59.48 21.42 12.69
C ASP B 473 -58.86 21.71 14.05
N TYR B 474 -59.34 21.05 15.10
CA TYR B 474 -58.69 21.18 16.40
C TYR B 474 -57.35 20.48 16.41
N PHE B 475 -57.26 19.34 15.75
CA PHE B 475 -55.99 18.61 15.68
C PHE B 475 -55.00 19.31 14.76
N ARG B 476 -55.51 20.02 13.76
CA ARG B 476 -54.61 20.64 12.80
C ARG B 476 -53.98 21.91 13.37
N VAL B 477 -54.79 22.74 14.06
CA VAL B 477 -54.24 23.98 14.59
C VAL B 477 -53.44 23.70 15.85
N THR B 478 -53.63 22.53 16.45
CA THR B 478 -52.69 22.06 17.47
C THR B 478 -51.39 21.63 16.82
N GLY B 479 -51.47 20.99 15.66
CA GLY B 479 -50.27 20.54 14.98
C GLY B 479 -49.43 21.68 14.43
N GLU B 480 -50.03 22.85 14.24
CA GLU B 480 -49.29 24.00 13.77
C GLU B 480 -48.60 24.73 14.91
N ILE B 481 -49.27 24.81 16.07
CA ILE B 481 -48.69 25.49 17.22
C ILE B 481 -47.55 24.67 17.81
N LEU B 482 -47.66 23.34 17.73
CA LEU B 482 -46.54 22.49 18.15
C LEU B 482 -45.41 22.52 17.12
N SER B 483 -45.65 23.06 15.94
CA SER B 483 -44.62 23.09 14.92
C SER B 483 -43.89 24.42 14.89
N VAL B 484 -44.58 25.51 15.23
CA VAL B 484 -43.91 26.80 15.34
C VAL B 484 -43.09 26.85 16.62
N SER B 485 -43.62 26.28 17.71
CA SER B 485 -42.94 26.32 19.00
C SER B 485 -41.69 25.46 18.99
N GLY B 486 -41.68 24.41 18.18
CA GLY B 486 -40.43 23.74 17.91
C GLY B 486 -39.48 24.61 17.12
N GLY B 487 -40.02 25.44 16.23
CA GLY B 487 -39.16 26.27 15.40
C GLY B 487 -38.56 27.43 16.17
N VAL B 488 -39.17 27.80 17.29
CA VAL B 488 -38.57 28.83 18.14
C VAL B 488 -37.42 28.23 18.95
N TYR B 489 -37.57 26.97 19.36
CA TYR B 489 -36.57 26.30 20.18
C TYR B 489 -35.25 26.15 19.44
N PHE B 490 -35.30 25.80 18.17
CA PHE B 490 -34.07 25.67 17.41
C PHE B 490 -33.50 27.04 17.05
N PHE B 491 -34.33 28.06 17.10
CA PHE B 491 -33.85 29.40 16.80
C PHE B 491 -33.09 29.99 17.98
N LEU B 492 -33.56 29.73 19.20
CA LEU B 492 -32.91 30.33 20.36
C LEU B 492 -31.62 29.59 20.70
N ARG B 493 -31.60 28.26 20.55
CA ARG B 493 -30.35 27.54 20.79
C ARG B 493 -29.35 27.78 19.68
N GLY B 494 -29.83 28.23 18.53
CA GLY B 494 -28.90 28.73 17.54
C GLY B 494 -28.31 30.06 17.95
N ILE B 495 -29.14 30.95 18.51
CA ILE B 495 -28.71 32.34 18.66
C ILE B 495 -27.89 32.50 19.93
N GLN B 496 -27.89 31.50 20.80
CA GLN B 496 -26.97 31.53 21.94
C GLN B 496 -25.67 30.84 21.57
N TYR B 497 -25.69 30.02 20.53
CA TYR B 497 -24.48 29.35 20.09
C TYR B 497 -23.58 30.27 19.31
N PHE B 498 -24.15 31.27 18.64
CA PHE B 498 -23.31 32.14 17.82
C PHE B 498 -22.91 33.39 18.59
N LEU B 499 -23.80 33.94 19.39
CA LEU B 499 -23.59 35.25 19.99
C LEU B 499 -23.30 35.18 21.47
N GLN B 500 -24.16 34.54 22.27
CA GLN B 500 -23.96 34.52 23.72
C GLN B 500 -22.75 33.67 24.12
N ARG B 501 -22.60 32.50 23.51
CA ARG B 501 -21.39 31.72 23.60
C ARG B 501 -20.81 31.59 22.22
N ARG B 502 -19.54 31.19 22.16
CA ARG B 502 -18.86 30.75 20.95
C ARG B 502 -18.96 31.68 19.75
N PRO B 503 -18.24 32.81 19.76
CA PRO B 503 -18.21 33.64 18.56
C PRO B 503 -17.41 32.92 17.46
N SER B 504 -17.86 33.08 16.23
CA SER B 504 -17.31 32.28 15.14
C SER B 504 -17.08 33.13 13.90
N MET B 505 -15.92 32.92 13.28
CA MET B 505 -15.59 33.62 12.05
C MET B 505 -16.18 32.88 10.85
N LYS B 506 -16.00 33.49 9.67
CA LYS B 506 -16.71 33.00 8.49
C LYS B 506 -16.12 31.69 7.97
N THR B 507 -14.81 31.50 8.13
CA THR B 507 -14.21 30.26 7.67
C THR B 507 -14.41 29.12 8.66
N LEU B 508 -15.00 29.41 9.82
CA LEU B 508 -15.28 28.38 10.80
C LEU B 508 -16.62 27.71 10.56
N PHE B 509 -17.35 28.12 9.53
CA PHE B 509 -18.64 27.49 9.23
C PHE B 509 -18.49 26.22 8.40
N VAL B 510 -17.30 25.66 8.35
CA VAL B 510 -17.14 24.28 7.91
C VAL B 510 -16.74 23.42 9.10
N ASP B 511 -16.46 24.06 10.23
CA ASP B 511 -16.27 23.33 11.48
C ASP B 511 -17.58 23.22 12.25
N SER B 512 -18.41 24.23 12.16
CA SER B 512 -19.70 24.28 12.86
C SER B 512 -20.84 24.00 11.90
N TYR B 513 -20.62 23.03 11.01
CA TYR B 513 -21.57 22.73 9.94
C TYR B 513 -22.87 22.17 10.48
N SER B 514 -22.78 21.30 11.49
CA SER B 514 -23.96 20.59 11.96
C SER B 514 -24.90 21.51 12.71
N GLU B 515 -24.38 22.63 13.21
CA GLU B 515 -25.22 23.58 13.94
C GLU B 515 -25.79 24.64 13.02
N MET B 516 -25.10 24.93 11.90
CA MET B 516 -25.62 25.89 10.94
C MET B 516 -26.90 25.37 10.29
N LEU B 517 -27.01 24.06 10.08
CA LEU B 517 -28.19 23.51 9.44
C LEU B 517 -29.41 23.54 10.35
N PHE B 518 -29.22 23.40 11.66
CA PHE B 518 -30.36 23.51 12.56
C PHE B 518 -30.80 24.96 12.73
N PHE B 519 -29.97 25.90 12.33
CA PHE B 519 -30.38 27.29 12.43
C PHE B 519 -31.05 27.76 11.15
N VAL B 520 -30.60 27.26 10.00
CA VAL B 520 -31.20 27.64 8.72
C VAL B 520 -32.61 27.09 8.61
N GLN B 521 -32.84 25.88 9.16
CA GLN B 521 -34.19 25.34 9.28
C GLN B 521 -35.10 26.25 10.08
N SER B 522 -34.59 26.79 11.19
CA SER B 522 -35.45 27.60 12.04
C SER B 522 -35.60 29.01 11.51
N LEU B 523 -34.88 29.36 10.45
CA LEU B 523 -35.14 30.63 9.76
C LEU B 523 -36.30 30.48 8.78
N PHE B 524 -36.40 29.33 8.13
CA PHE B 524 -37.53 29.11 7.22
C PHE B 524 -38.83 28.94 7.99
N MET B 525 -38.79 28.20 9.09
CA MET B 525 -40.01 27.91 9.83
C MET B 525 -40.53 29.16 10.53
N LEU B 526 -39.64 30.02 10.99
CA LEU B 526 -40.08 31.33 11.46
C LEU B 526 -40.26 32.29 10.30
N GLY B 527 -39.71 31.97 9.13
CA GLY B 527 -39.98 32.79 7.96
C GLY B 527 -41.40 32.63 7.47
N SER B 528 -41.99 31.45 7.68
CA SER B 528 -43.37 31.23 7.25
C SER B 528 -44.35 31.98 8.14
N VAL B 529 -44.04 32.11 9.43
CA VAL B 529 -44.98 32.74 10.35
C VAL B 529 -45.08 34.23 10.07
N VAL B 530 -44.01 34.82 9.54
CA VAL B 530 -44.10 36.20 9.07
C VAL B 530 -45.01 36.28 7.84
N LEU B 531 -44.84 35.35 6.90
CA LEU B 531 -45.64 35.40 5.67
C LEU B 531 -47.06 34.93 5.89
N TYR B 532 -47.29 34.10 6.92
CA TYR B 532 -48.63 33.58 7.16
C TYR B 532 -49.56 34.67 7.66
N PHE B 533 -49.06 35.56 8.49
CA PHE B 533 -49.88 36.63 9.02
C PHE B 533 -49.71 37.93 8.26
N SER B 534 -48.95 37.92 7.17
CA SER B 534 -48.89 39.07 6.29
C SER B 534 -49.81 38.93 5.10
N HIS B 535 -50.78 38.02 5.19
CA HIS B 535 -51.79 37.78 4.14
C HIS B 535 -51.16 37.39 2.81
N ARG B 536 -50.11 36.57 2.86
CA ARG B 536 -49.37 36.19 1.67
C ARG B 536 -49.42 34.70 1.45
N LYS B 537 -49.68 34.28 0.22
CA LYS B 537 -49.79 32.86 -0.11
C LYS B 537 -48.42 32.18 -0.20
N GLU B 538 -47.34 32.93 -0.09
CA GLU B 538 -46.01 32.36 -0.17
C GLU B 538 -45.53 31.72 1.12
N TYR B 539 -46.42 31.36 2.05
CA TYR B 539 -45.95 30.66 3.23
C TYR B 539 -45.64 29.21 2.89
N VAL B 540 -46.19 28.71 1.79
CA VAL B 540 -45.91 27.33 1.42
C VAL B 540 -44.61 27.22 0.64
N ALA B 541 -43.92 28.34 0.44
CA ALA B 541 -42.62 28.28 -0.21
C ALA B 541 -41.50 28.30 0.82
N SER B 542 -41.82 28.68 2.05
CA SER B 542 -40.81 28.70 3.11
C SER B 542 -40.98 27.52 4.04
N MET B 543 -42.24 27.13 4.29
CA MET B 543 -42.53 25.95 5.09
C MET B 543 -41.99 24.69 4.42
N VAL B 544 -42.03 24.64 3.10
CA VAL B 544 -41.66 23.44 2.35
C VAL B 544 -40.15 23.21 2.40
N PHE B 545 -39.38 24.29 2.34
CA PHE B 545 -37.93 24.14 2.54
C PHE B 545 -37.60 23.80 4.00
N SER B 546 -38.52 24.04 4.92
CA SER B 546 -38.29 23.61 6.29
C SER B 546 -38.60 22.12 6.44
N LEU B 547 -39.56 21.61 5.68
CA LEU B 547 -39.85 20.18 5.70
C LEU B 547 -38.74 19.37 5.10
N ALA B 548 -38.25 19.79 3.93
CA ALA B 548 -37.20 19.03 3.25
C ALA B 548 -35.89 19.10 4.02
N MET B 549 -35.68 20.17 4.78
CA MET B 549 -34.47 20.27 5.58
C MET B 549 -34.73 19.71 6.96
N GLY B 550 -36.00 19.52 7.31
CA GLY B 550 -36.32 19.00 8.62
C GLY B 550 -36.02 17.52 8.73
N TRP B 551 -36.48 16.74 7.76
CA TRP B 551 -36.22 15.31 7.76
C TRP B 551 -34.75 15.00 7.51
N THR B 552 -34.08 15.83 6.76
CA THR B 552 -32.70 15.63 6.36
C THR B 552 -31.74 15.83 7.52
N ASN B 553 -32.07 16.69 8.48
CA ASN B 553 -31.24 16.94 9.65
C ASN B 553 -31.40 15.86 10.71
N MET B 554 -32.15 14.82 10.42
CA MET B 554 -32.21 13.65 11.29
C MET B 554 -30.96 12.80 11.13
N LEU B 555 -30.09 13.12 10.17
CA LEU B 555 -28.77 12.56 10.14
C LEU B 555 -27.83 13.22 11.13
N TYR B 556 -28.28 14.21 11.88
CA TYR B 556 -27.46 14.69 12.97
C TYR B 556 -27.41 13.67 14.09
N TYR B 557 -28.50 12.93 14.29
CA TYR B 557 -28.51 12.03 15.43
C TYR B 557 -27.85 10.70 15.12
N THR B 558 -27.44 10.47 13.89
CA THR B 558 -26.85 9.18 13.57
C THR B 558 -25.35 9.18 13.84
N ARG B 559 -24.82 10.31 14.30
CA ARG B 559 -23.53 10.27 14.98
C ARG B 559 -23.77 9.81 16.41
N GLY B 560 -22.72 9.34 17.06
CA GLY B 560 -22.87 8.63 18.31
C GLY B 560 -23.17 7.16 18.12
N PHE B 561 -23.39 6.73 16.89
CA PHE B 561 -23.40 5.32 16.55
C PHE B 561 -22.13 5.17 15.73
N GLN B 562 -21.43 4.05 15.84
CA GLN B 562 -20.11 3.99 15.22
C GLN B 562 -20.22 3.80 13.71
N GLN B 563 -20.80 2.69 13.26
CA GLN B 563 -20.78 2.41 11.82
C GLN B 563 -21.75 3.29 11.05
N MET B 564 -22.84 3.71 11.69
CA MET B 564 -23.72 4.68 11.06
C MET B 564 -23.10 6.06 11.01
N GLY B 565 -22.30 6.42 12.01
CA GLY B 565 -21.80 7.78 12.11
C GLY B 565 -20.71 8.09 11.10
N ILE B 566 -20.01 7.07 10.62
CA ILE B 566 -18.96 7.29 9.63
C ILE B 566 -19.59 7.56 8.26
N TYR B 567 -20.87 7.25 8.11
CA TYR B 567 -21.53 7.55 6.85
C TYR B 567 -21.92 9.03 6.76
N ALA B 568 -22.36 9.60 7.88
CA ALA B 568 -22.84 10.98 7.84
C ALA B 568 -21.72 11.99 8.02
N VAL B 569 -20.54 11.52 8.44
CA VAL B 569 -19.39 12.40 8.45
C VAL B 569 -18.87 12.61 7.03
N MET B 570 -18.97 11.57 6.20
CA MET B 570 -18.48 11.68 4.83
C MET B 570 -19.37 12.56 3.98
N ILE B 571 -20.60 12.82 4.41
CA ILE B 571 -21.45 13.74 3.67
C ILE B 571 -21.03 15.17 3.92
N GLU B 572 -20.73 15.53 5.18
CA GLU B 572 -20.36 16.91 5.45
C GLU B 572 -18.93 17.20 5.01
N LYS B 573 -18.13 16.16 4.78
CA LYS B 573 -16.80 16.37 4.24
C LYS B 573 -16.78 16.34 2.73
N MET B 574 -17.82 15.82 2.09
CA MET B 574 -17.90 15.81 0.63
C MET B 574 -19.15 16.52 0.12
N ILE B 575 -19.51 17.63 0.73
CA ILE B 575 -20.55 18.49 0.18
C ILE B 575 -19.94 19.87 0.18
N LEU B 576 -18.72 19.95 0.72
CA LEU B 576 -17.95 21.17 0.78
C LEU B 576 -16.60 21.05 0.08
N ARG B 577 -16.13 19.83 -0.16
CA ARG B 577 -14.85 19.58 -0.78
C ARG B 577 -15.00 19.07 -2.20
N ASP B 578 -15.76 17.99 -2.39
CA ASP B 578 -15.81 17.33 -3.69
C ASP B 578 -17.01 17.78 -4.52
N LEU B 579 -18.09 18.20 -3.89
CA LEU B 579 -19.24 18.61 -4.68
C LEU B 579 -19.16 20.08 -5.04
N CYS B 580 -18.54 20.90 -4.19
CA CYS B 580 -18.45 22.31 -4.53
C CYS B 580 -17.34 22.57 -5.53
N ARG B 581 -16.40 21.64 -5.69
CA ARG B 581 -15.46 21.77 -6.81
C ARG B 581 -16.07 21.23 -8.09
N PHE B 582 -16.82 20.15 -8.00
CA PHE B 582 -17.39 19.54 -9.19
C PHE B 582 -18.50 20.39 -9.78
N MET B 583 -19.28 21.05 -8.93
CA MET B 583 -20.40 21.81 -9.47
C MET B 583 -19.96 23.16 -9.99
N PHE B 584 -18.68 23.51 -9.89
CA PHE B 584 -18.20 24.66 -10.62
C PHE B 584 -17.79 24.27 -12.03
N VAL B 585 -17.10 23.14 -12.16
CA VAL B 585 -16.64 22.68 -13.46
C VAL B 585 -17.82 22.24 -14.32
N TYR B 586 -18.81 21.62 -13.69
CA TYR B 586 -19.98 21.15 -14.40
C TYR B 586 -20.84 22.31 -14.88
N LEU B 587 -20.90 23.39 -14.09
CA LEU B 587 -21.70 24.54 -14.52
C LEU B 587 -20.97 25.38 -15.54
N VAL B 588 -19.68 25.14 -15.75
CA VAL B 588 -19.01 25.75 -16.89
C VAL B 588 -19.40 25.02 -18.17
N PHE B 589 -19.40 23.69 -18.13
CA PHE B 589 -19.69 22.94 -19.35
C PHE B 589 -21.16 23.04 -19.73
N LEU B 590 -22.04 23.02 -18.74
CA LEU B 590 -23.47 23.07 -19.03
C LEU B 590 -23.87 24.44 -19.57
N PHE B 591 -23.27 25.50 -19.03
CA PHE B 591 -23.59 26.82 -19.53
C PHE B 591 -22.70 27.19 -20.69
N GLY B 592 -21.64 26.41 -20.92
CA GLY B 592 -20.87 26.57 -22.13
C GLY B 592 -21.63 26.09 -23.35
N PHE B 593 -22.08 24.84 -23.33
CA PHE B 593 -22.71 24.25 -24.51
C PHE B 593 -24.14 24.71 -24.68
N SER B 594 -24.85 25.05 -23.60
CA SER B 594 -26.22 25.49 -23.77
C SER B 594 -26.30 26.95 -24.18
N THR B 595 -25.16 27.63 -24.23
CA THR B 595 -25.11 28.92 -24.92
C THR B 595 -24.87 28.70 -26.40
N ALA B 596 -24.13 27.66 -26.74
CA ALA B 596 -23.86 27.36 -28.14
C ALA B 596 -25.11 26.87 -28.84
N VAL B 597 -25.97 26.15 -28.13
CA VAL B 597 -27.11 25.52 -28.78
C VAL B 597 -28.22 26.53 -29.05
N VAL B 598 -28.44 27.47 -28.13
CA VAL B 598 -29.52 28.44 -28.31
C VAL B 598 -29.17 29.43 -29.42
N THR B 599 -27.88 29.71 -29.60
CA THR B 599 -27.46 30.57 -30.69
C THR B 599 -27.72 29.91 -32.04
N LEU B 600 -27.67 28.58 -32.08
CA LEU B 600 -28.03 27.85 -33.30
C LEU B 600 -29.52 27.93 -33.58
N ILE B 601 -30.35 27.51 -32.63
CA ILE B 601 -31.73 27.18 -32.97
C ILE B 601 -32.53 28.46 -33.17
N GLU B 602 -33.27 28.51 -34.26
CA GLU B 602 -33.96 29.71 -34.69
C GLU B 602 -35.40 29.67 -34.19
N ASP B 603 -36.26 30.53 -34.73
CA ASP B 603 -37.64 30.63 -34.27
C ASP B 603 -38.51 29.50 -34.80
N GLY B 604 -39.84 29.67 -34.69
CA GLY B 604 -40.75 28.61 -35.09
C GLY B 604 -40.69 28.28 -36.58
N LYS B 605 -40.38 29.30 -37.40
CA LYS B 605 -39.77 29.16 -38.73
C LYS B 605 -40.74 28.61 -39.78
N ASN B 606 -41.95 28.21 -39.38
CA ASN B 606 -42.88 27.58 -40.29
C ASN B 606 -44.28 28.17 -40.17
N PRO B 625 -44.40 16.73 -27.64
CA PRO B 625 -44.28 17.86 -26.70
C PRO B 625 -43.78 19.13 -27.38
N PRO B 626 -44.67 19.86 -28.05
CA PRO B 626 -44.24 21.08 -28.76
C PRO B 626 -43.97 22.22 -27.79
N ASP B 627 -42.86 22.91 -28.00
CA ASP B 627 -42.47 24.05 -27.18
C ASP B 627 -41.45 24.86 -27.96
N SER B 628 -41.43 26.16 -27.69
CA SER B 628 -40.38 27.03 -28.22
C SER B 628 -39.15 26.89 -27.34
N TYR B 629 -38.11 26.25 -27.85
CA TYR B 629 -36.88 26.00 -27.12
C TYR B 629 -35.91 27.17 -27.21
N ASN B 630 -36.36 28.34 -27.64
CA ASN B 630 -35.44 29.47 -27.81
C ASN B 630 -35.03 30.08 -26.48
N SER B 631 -35.69 29.73 -25.39
CA SER B 631 -35.27 30.26 -24.11
C SER B 631 -33.98 29.59 -23.68
N LEU B 632 -33.16 30.33 -22.94
CA LEU B 632 -31.95 29.74 -22.40
C LEU B 632 -32.27 28.82 -21.24
N TYR B 633 -33.43 29.01 -20.61
CA TYR B 633 -33.78 28.16 -19.49
C TYR B 633 -34.14 26.75 -19.93
N SER B 634 -34.87 26.62 -21.03
CA SER B 634 -35.25 25.29 -21.49
C SER B 634 -34.05 24.50 -21.97
N THR B 635 -33.12 25.15 -22.67
CA THR B 635 -32.01 24.43 -23.26
C THR B 635 -30.94 24.14 -22.21
N CYS B 636 -30.89 24.93 -21.14
CA CYS B 636 -30.04 24.54 -20.01
C CYS B 636 -30.67 23.39 -19.27
N LEU B 637 -31.97 23.19 -19.42
CA LEU B 637 -32.62 22.07 -18.76
C LEU B 637 -32.53 20.81 -19.60
N GLU B 638 -32.61 20.96 -20.93
CA GLU B 638 -32.53 19.80 -21.82
C GLU B 638 -31.13 19.21 -21.86
N LEU B 639 -30.13 19.99 -21.48
CA LEU B 639 -28.78 19.45 -21.43
C LEU B 639 -28.43 18.98 -20.03
N PHE B 640 -29.25 19.33 -19.04
CA PHE B 640 -29.06 18.70 -17.74
C PHE B 640 -29.53 17.27 -17.76
N LYS B 641 -30.48 16.95 -18.64
CA LYS B 641 -31.11 15.64 -18.64
C LYS B 641 -30.18 14.56 -19.19
N PHE B 642 -29.07 14.95 -19.82
CA PHE B 642 -28.11 13.94 -20.26
C PHE B 642 -27.32 13.41 -19.08
N THR B 643 -27.20 14.20 -18.02
CA THR B 643 -26.49 13.74 -16.83
C THR B 643 -27.37 12.83 -16.00
N ILE B 644 -28.67 13.06 -16.04
CA ILE B 644 -29.63 12.41 -15.16
C ILE B 644 -29.97 11.04 -15.72
N GLY B 645 -29.56 10.78 -16.96
CA GLY B 645 -29.86 9.53 -17.60
C GLY B 645 -31.17 9.50 -18.35
N MET B 646 -31.77 10.65 -18.63
CA MET B 646 -33.00 10.74 -19.38
C MET B 646 -32.75 11.72 -20.52
N GLY B 647 -32.04 11.28 -21.54
CA GLY B 647 -31.40 12.19 -22.47
C GLY B 647 -31.93 12.04 -23.88
N ASP B 648 -32.48 13.13 -24.40
CA ASP B 648 -33.19 13.10 -25.67
C ASP B 648 -32.37 13.88 -26.70
N LEU B 649 -31.63 13.17 -27.54
CA LEU B 649 -31.13 13.79 -28.75
C LEU B 649 -32.29 14.04 -29.69
N GLU B 650 -32.09 14.97 -30.64
CA GLU B 650 -33.15 15.52 -31.47
C GLU B 650 -34.28 16.06 -30.62
N PHE B 651 -33.98 16.85 -29.60
CA PHE B 651 -35.05 17.41 -28.78
C PHE B 651 -35.74 18.57 -29.48
N THR B 652 -35.13 19.10 -30.53
CA THR B 652 -35.77 20.08 -31.39
C THR B 652 -35.33 19.87 -32.82
N GLU B 653 -36.06 20.46 -33.73
CA GLU B 653 -35.72 20.46 -35.16
C GLU B 653 -35.98 21.83 -35.78
N ASN B 654 -36.06 22.86 -34.94
CA ASN B 654 -36.23 24.23 -35.39
C ASN B 654 -34.91 24.89 -35.71
N TYR B 655 -33.80 24.17 -35.61
CA TYR B 655 -32.50 24.71 -35.93
C TYR B 655 -32.27 24.74 -37.43
N ASP B 656 -31.02 24.97 -37.79
CA ASP B 656 -30.51 24.73 -39.11
C ASP B 656 -29.12 24.15 -38.89
N PHE B 657 -28.49 23.65 -39.96
CA PHE B 657 -27.15 23.04 -39.90
C PHE B 657 -27.12 21.85 -38.94
N LYS B 658 -27.76 20.74 -39.35
CA LYS B 658 -27.88 19.57 -38.49
C LYS B 658 -26.51 18.97 -38.14
N ALA B 659 -25.52 19.19 -38.99
CA ALA B 659 -24.20 18.59 -38.74
C ALA B 659 -23.53 19.20 -37.53
N VAL B 660 -23.72 20.50 -37.28
CA VAL B 660 -23.05 21.12 -36.14
C VAL B 660 -23.89 20.96 -34.88
N PHE B 661 -25.16 20.62 -35.03
CA PHE B 661 -25.99 20.43 -33.85
C PHE B 661 -25.70 19.11 -33.19
N ILE B 662 -25.41 18.09 -34.00
CA ILE B 662 -25.12 16.77 -33.44
C ILE B 662 -23.72 16.75 -32.84
N ILE B 663 -22.76 17.46 -33.46
CA ILE B 663 -21.40 17.49 -32.96
C ILE B 663 -21.34 18.18 -31.61
N LEU B 664 -22.18 19.18 -31.40
CA LEU B 664 -22.24 19.84 -30.10
C LEU B 664 -22.81 18.93 -29.03
N LEU B 665 -23.84 18.16 -29.39
CA LEU B 665 -24.41 17.25 -28.39
C LEU B 665 -23.50 16.07 -28.14
N LEU B 666 -22.78 15.60 -29.15
CA LEU B 666 -21.90 14.46 -28.93
C LEU B 666 -20.61 14.88 -28.24
N ALA B 667 -20.20 16.14 -28.40
CA ALA B 667 -19.06 16.60 -27.63
C ALA B 667 -19.46 16.90 -26.21
N TYR B 668 -20.75 17.12 -25.97
CA TYR B 668 -21.20 17.37 -24.62
C TYR B 668 -21.33 16.08 -23.84
N VAL B 669 -21.90 15.04 -24.45
CA VAL B 669 -22.17 13.79 -23.75
C VAL B 669 -20.87 13.09 -23.40
N ILE B 670 -19.88 13.18 -24.28
CA ILE B 670 -18.59 12.55 -23.99
C ILE B 670 -17.85 13.32 -22.91
N LEU B 671 -17.94 14.65 -22.92
CA LEU B 671 -17.28 15.46 -21.90
C LEU B 671 -17.93 15.28 -20.54
N THR B 672 -19.25 15.32 -20.49
CA THR B 672 -19.96 15.33 -19.23
C THR B 672 -20.35 13.94 -18.74
N TYR B 673 -21.06 13.16 -19.57
CA TYR B 673 -21.55 11.88 -19.09
C TYR B 673 -20.44 10.84 -19.00
N ILE B 674 -19.49 10.89 -19.92
CA ILE B 674 -18.44 9.86 -19.94
C ILE B 674 -17.24 10.29 -19.11
N LEU B 675 -16.81 11.54 -19.24
CA LEU B 675 -15.53 11.92 -18.65
C LEU B 675 -15.64 12.41 -17.22
N LEU B 676 -16.49 13.41 -16.94
CA LEU B 676 -16.52 14.01 -15.61
C LEU B 676 -17.17 13.07 -14.59
N LEU B 677 -18.29 12.44 -14.95
CA LEU B 677 -18.97 11.58 -13.98
C LEU B 677 -18.19 10.31 -13.70
N ASN B 678 -17.22 9.99 -14.55
CA ASN B 678 -16.33 8.89 -14.23
C ASN B 678 -15.04 9.41 -13.59
N MET B 679 -14.83 10.72 -13.62
CA MET B 679 -13.77 11.30 -12.80
C MET B 679 -14.25 11.58 -11.39
N LEU B 680 -15.54 11.87 -11.23
CA LEU B 680 -16.08 12.13 -9.90
C LEU B 680 -16.05 10.87 -9.05
N ILE B 681 -16.29 9.71 -9.67
CA ILE B 681 -16.25 8.45 -8.95
C ILE B 681 -14.83 8.12 -8.53
N ALA B 682 -13.86 8.47 -9.36
CA ALA B 682 -12.46 8.20 -9.02
C ALA B 682 -11.96 9.16 -7.96
N LEU B 683 -12.44 10.40 -7.96
CA LEU B 683 -11.96 11.35 -6.97
C LEU B 683 -12.67 11.17 -5.63
N MET B 684 -13.87 10.62 -5.64
CA MET B 684 -14.46 10.21 -4.37
C MET B 684 -13.82 8.92 -3.86
N GLY B 685 -13.22 8.15 -4.78
CA GLY B 685 -12.48 6.99 -4.34
C GLY B 685 -11.21 7.35 -3.60
N GLU B 686 -10.64 8.51 -3.92
CA GLU B 686 -9.43 8.94 -3.21
C GLU B 686 -9.78 9.63 -1.91
N THR B 687 -10.91 10.34 -1.86
CA THR B 687 -11.27 11.08 -0.66
C THR B 687 -11.71 10.15 0.46
N VAL B 688 -12.46 9.11 0.12
CA VAL B 688 -12.94 8.17 1.13
C VAL B 688 -11.78 7.37 1.72
N ASN B 689 -10.74 7.10 0.93
CA ASN B 689 -9.56 6.43 1.47
C ASN B 689 -8.79 7.35 2.41
N LYS B 690 -8.87 8.66 2.21
CA LYS B 690 -8.19 9.58 3.11
C LYS B 690 -8.96 9.70 4.42
N ILE B 691 -10.26 9.96 4.35
CA ILE B 691 -11.03 10.24 5.55
C ILE B 691 -11.64 8.96 6.11
N ALA B 692 -11.12 7.81 5.71
CA ALA B 692 -11.44 6.58 6.43
C ALA B 692 -10.83 6.60 7.82
N GLN B 693 -9.62 7.16 7.94
CA GLN B 693 -8.95 7.22 9.24
C GLN B 693 -9.41 8.44 10.03
N GLU B 694 -9.63 9.55 9.34
CA GLU B 694 -9.94 10.80 10.02
C GLU B 694 -11.34 10.77 10.63
N SER B 695 -12.26 9.99 10.05
CA SER B 695 -13.64 10.05 10.47
C SER B 695 -13.86 9.36 11.82
N LYS B 696 -13.04 8.35 12.13
CA LYS B 696 -13.05 7.77 13.47
C LYS B 696 -12.63 8.80 14.50
N ASN B 697 -11.73 9.70 14.11
CA ASN B 697 -11.29 10.76 15.00
C ASN B 697 -12.34 11.85 15.14
N ILE B 698 -13.12 12.10 14.08
CA ILE B 698 -14.13 13.15 14.15
C ILE B 698 -15.37 12.65 14.88
N TRP B 699 -15.62 11.34 14.80
CA TRP B 699 -16.78 10.75 15.46
C TRP B 699 -16.67 10.81 16.98
N LYS B 700 -15.48 10.53 17.52
CA LYS B 700 -15.25 10.59 18.96
C LYS B 700 -15.44 12.00 19.49
N LEU B 701 -15.05 13.00 18.69
CA LEU B 701 -15.27 14.38 19.08
C LEU B 701 -16.75 14.74 19.00
N GLN B 702 -17.46 14.22 18.00
CA GLN B 702 -18.89 14.51 17.89
C GLN B 702 -19.70 13.71 18.90
N ARG B 703 -19.10 12.70 19.53
CA ARG B 703 -19.71 12.09 20.70
C ARG B 703 -19.44 12.92 21.95
N ALA B 704 -18.29 13.60 22.00
CA ALA B 704 -17.88 14.30 23.22
C ALA B 704 -18.67 15.58 23.42
N ILE B 705 -19.09 16.24 22.34
CA ILE B 705 -19.79 17.51 22.47
C ILE B 705 -21.21 17.28 22.97
N THR B 706 -21.79 16.12 22.66
CA THR B 706 -23.09 15.75 23.19
C THR B 706 -23.04 15.59 24.70
N ILE B 707 -21.94 15.05 25.21
CA ILE B 707 -21.82 14.76 26.63
C ILE B 707 -21.65 16.06 27.41
N LEU B 708 -20.98 17.03 26.82
CA LEU B 708 -20.75 18.30 27.50
C LEU B 708 -21.99 19.17 27.48
N ASP B 709 -22.75 19.15 26.40
CA ASP B 709 -23.92 20.02 26.31
C ASP B 709 -25.06 19.51 27.18
N THR B 710 -25.07 18.21 27.46
CA THR B 710 -26.09 17.67 28.35
C THR B 710 -25.79 18.03 29.80
N GLU B 711 -24.52 18.16 30.14
CA GLU B 711 -24.16 18.51 31.51
C GLU B 711 -24.42 19.98 31.80
N LYS B 712 -24.25 20.85 30.80
CA LYS B 712 -24.49 22.27 31.03
C LYS B 712 -25.97 22.57 31.17
N SER B 713 -26.82 21.68 30.63
CA SER B 713 -28.25 21.95 30.63
C SER B 713 -28.96 21.53 31.91
N PHE B 714 -28.28 20.89 32.85
CA PHE B 714 -28.95 20.36 34.04
C PHE B 714 -28.03 20.51 35.25
N LEU B 715 -28.55 21.11 36.32
CA LEU B 715 -27.75 21.26 37.55
C LEU B 715 -27.70 19.95 38.34
N LYS B 716 -28.80 19.18 38.32
CA LYS B 716 -28.82 17.92 39.06
C LYS B 716 -27.98 16.86 38.35
N CYS B 717 -27.70 17.05 37.06
CA CYS B 717 -26.74 16.18 36.38
C CYS B 717 -25.31 16.56 36.73
N MET B 718 -25.08 17.81 37.16
CA MET B 718 -23.72 18.23 37.49
C MET B 718 -23.24 17.60 38.80
N ARG B 719 -24.17 17.31 39.71
CA ARG B 719 -23.82 16.56 40.91
C ARG B 719 -23.74 15.06 40.61
N LYS B 720 -24.25 14.66 39.44
CA LYS B 720 -24.10 13.31 38.93
C LYS B 720 -23.01 13.22 37.86
N ALA B 721 -22.49 14.37 37.42
CA ALA B 721 -21.39 14.44 36.47
C ALA B 721 -20.06 14.01 37.07
N PHE B 722 -19.97 13.83 38.38
CA PHE B 722 -18.75 13.31 39.00
C PHE B 722 -18.65 11.84 38.64
N ARG B 723 -18.11 11.58 37.46
CA ARG B 723 -17.92 10.21 37.03
C ARG B 723 -16.74 9.61 37.76
N SER B 724 -17.03 8.57 38.55
CA SER B 724 -16.08 7.88 39.43
C SER B 724 -15.39 8.89 40.34
N GLY B 725 -16.19 9.62 41.10
CA GLY B 725 -15.61 10.64 41.96
C GLY B 725 -14.84 10.05 43.12
N LYS B 726 -15.58 9.46 44.06
CA LYS B 726 -15.12 8.56 45.12
C LYS B 726 -14.31 9.23 46.23
N LEU B 727 -13.86 10.49 46.01
CA LEU B 727 -13.21 11.38 46.99
C LEU B 727 -12.11 10.68 47.79
N LEU B 728 -11.28 9.88 47.10
CA LEU B 728 -10.42 8.93 47.78
C LEU B 728 -9.23 9.60 48.44
N GLN B 729 -8.81 9.05 49.58
CA GLN B 729 -7.49 9.31 50.15
C GLN B 729 -6.47 8.61 49.28
N VAL B 730 -5.42 9.35 48.89
CA VAL B 730 -4.41 8.80 48.01
C VAL B 730 -3.04 8.69 48.67
N GLY B 731 -2.53 9.77 49.23
CA GLY B 731 -1.21 9.75 49.83
C GLY B 731 -1.13 10.80 50.91
N TYR B 732 0.09 11.27 51.16
CA TYR B 732 0.33 12.25 52.19
C TYR B 732 1.04 13.46 51.62
N THR B 733 0.41 14.62 51.77
CA THR B 733 0.94 15.89 51.31
C THR B 733 1.97 16.39 52.32
N PRO B 734 2.69 17.48 52.01
CA PRO B 734 3.39 18.20 53.07
C PRO B 734 2.43 18.79 54.09
N ASP B 735 2.97 19.06 55.28
CA ASP B 735 2.27 19.42 56.51
C ASP B 735 1.34 18.30 56.94
N GLY B 736 1.74 17.06 56.63
CA GLY B 736 1.18 15.84 57.20
C GLY B 736 -0.31 15.59 57.11
N LYS B 737 -0.89 15.73 55.93
CA LYS B 737 -2.32 15.57 55.76
C LYS B 737 -2.63 14.50 54.72
N ASP B 738 -3.87 14.02 54.76
CA ASP B 738 -4.37 13.10 53.74
C ASP B 738 -4.52 13.82 52.41
N ASP B 739 -4.61 13.06 51.33
CA ASP B 739 -4.65 13.70 50.02
C ASP B 739 -6.07 14.18 49.70
N TYR B 740 -7.03 13.25 49.67
CA TYR B 740 -8.46 13.52 49.42
C TYR B 740 -8.69 14.21 48.08
N ARG B 741 -8.42 13.47 47.01
CA ARG B 741 -8.52 14.01 45.66
C ARG B 741 -9.31 13.02 44.81
N TRP B 742 -10.23 13.55 43.98
CA TRP B 742 -11.20 12.76 43.22
C TRP B 742 -10.47 11.88 42.20
N CYS B 743 -10.73 10.58 42.22
CA CYS B 743 -9.92 9.71 41.38
C CYS B 743 -10.74 8.65 40.67
N PHE B 744 -10.30 8.33 39.45
CA PHE B 744 -10.90 7.40 38.50
C PHE B 744 -10.29 6.02 38.75
N ARG B 745 -10.38 5.07 37.82
CA ARG B 745 -9.78 3.75 37.97
C ARG B 745 -9.60 3.14 36.60
N VAL B 746 -8.68 2.17 36.48
CA VAL B 746 -8.40 1.51 35.21
C VAL B 746 -7.83 0.11 35.49
N ASP B 747 -7.73 -0.73 34.46
CA ASP B 747 -7.11 -2.05 34.56
C ASP B 747 -6.28 -2.34 33.32
N GLU B 748 -5.12 -2.98 33.52
CA GLU B 748 -4.26 -3.44 32.43
C GLU B 748 -3.62 -4.76 32.84
N VAL B 749 -2.84 -5.34 31.92
CA VAL B 749 -1.95 -6.46 32.19
C VAL B 749 -0.61 -6.24 31.51
N ASN B 750 0.40 -7.01 31.93
CA ASN B 750 1.71 -7.01 31.30
C ASN B 750 2.36 -8.38 31.50
N TRP B 751 2.91 -8.94 30.42
CA TRP B 751 3.50 -10.27 30.38
C TRP B 751 4.91 -10.30 29.83
N THR B 752 5.30 -9.31 29.02
CA THR B 752 6.65 -9.28 28.46
C THR B 752 7.68 -9.04 29.56
N THR B 753 7.47 -8.00 30.36
CA THR B 753 8.27 -7.84 31.55
C THR B 753 7.71 -8.70 32.67
N TRP B 754 8.40 -8.67 33.80
CA TRP B 754 7.95 -9.38 34.98
C TRP B 754 7.01 -8.54 35.84
N ASN B 755 6.76 -7.30 35.43
CA ASN B 755 5.87 -6.33 36.10
C ASN B 755 6.32 -6.08 37.54
N THR B 756 7.49 -5.47 37.69
CA THR B 756 7.93 -5.00 38.99
C THR B 756 7.36 -3.62 39.27
N ASN B 757 6.84 -3.43 40.48
CA ASN B 757 6.23 -2.17 40.89
C ASN B 757 6.95 -1.64 42.12
N VAL B 758 7.34 -0.36 42.06
CA VAL B 758 8.09 0.25 43.17
C VAL B 758 7.14 0.66 44.28
N GLY B 759 6.07 1.38 43.96
CA GLY B 759 5.15 1.86 44.96
C GLY B 759 3.72 1.42 44.71
N ILE B 760 3.06 0.89 45.74
CA ILE B 760 1.73 0.29 45.64
C ILE B 760 0.90 0.83 46.81
N ILE B 761 -0.28 1.37 46.50
CA ILE B 761 -1.12 1.97 47.53
C ILE B 761 -1.71 0.90 48.43
N ASN B 762 -2.45 -0.05 47.85
CA ASN B 762 -3.14 -1.07 48.63
C ASN B 762 -2.38 -2.38 48.47
N GLU B 763 -1.82 -2.88 49.57
CA GLU B 763 -1.00 -4.09 49.51
C GLU B 763 -1.85 -5.32 49.16
N ASP B 764 -3.10 -5.32 49.56
CA ASP B 764 -4.02 -6.43 49.36
C ASP B 764 -4.93 -6.16 48.16
N PRO B 765 -5.05 -7.12 47.23
CA PRO B 765 -5.66 -6.82 45.92
C PRO B 765 -7.16 -6.62 45.93
N GLY B 766 -7.73 -6.41 44.74
CA GLY B 766 -9.18 -6.33 44.58
C GLY B 766 -9.80 -5.06 45.15
N ASN B 767 -11.07 -4.84 44.76
CA ASN B 767 -11.83 -3.67 45.21
C ASN B 767 -13.17 -4.17 45.77
N CYS B 768 -13.18 -4.51 47.05
CA CYS B 768 -14.35 -5.07 47.70
C CYS B 768 -14.92 -4.18 48.78
N GLU B 769 -14.70 -2.86 48.68
CA GLU B 769 -15.11 -1.77 49.58
C GLU B 769 -14.43 -1.83 50.94
N GLY B 770 -13.41 -2.68 51.12
CA GLY B 770 -12.60 -2.68 52.32
C GLY B 770 -11.13 -2.81 51.98
N VAL B 771 -10.31 -1.83 52.37
CA VAL B 771 -8.89 -1.82 52.04
C VAL B 771 -8.09 -1.49 53.27
N LYS B 772 -6.80 -1.84 53.23
CA LYS B 772 -5.82 -1.43 54.24
C LYS B 772 -4.59 -0.93 53.51
N ARG B 773 -4.17 0.30 53.82
CA ARG B 773 -3.13 0.95 53.05
C ARG B 773 -1.77 0.35 53.34
N THR B 774 -0.84 0.49 52.40
CA THR B 774 0.48 -0.10 52.54
C THR B 774 1.38 0.84 53.34
N LEU B 775 2.36 0.25 54.03
CA LEU B 775 3.40 1.00 54.71
C LEU B 775 4.47 1.55 53.78
N SER B 776 4.30 1.41 52.46
CA SER B 776 5.22 2.01 51.51
C SER B 776 5.13 3.54 51.54
N PHE B 777 3.99 4.07 51.99
CA PHE B 777 3.83 5.50 52.19
C PHE B 777 4.78 5.98 53.30
N SER B 778 5.50 7.07 53.02
CA SER B 778 6.53 7.53 53.93
C SER B 778 5.93 8.16 55.19
N LEU B 779 5.02 9.11 55.01
CA LEU B 779 4.41 9.78 56.16
C LEU B 779 3.25 8.94 56.68
N LEU C 111 6.38 -8.23 81.89
CA LEU C 111 5.27 -8.79 81.13
C LEU C 111 4.62 -7.73 80.28
N LYS C 112 5.11 -7.57 79.05
CA LYS C 112 4.60 -6.54 78.16
C LYS C 112 3.30 -7.00 77.50
N LEU C 113 2.32 -6.10 77.46
CA LEU C 113 0.99 -6.44 76.96
C LEU C 113 0.96 -6.50 75.44
N TYR C 114 -0.02 -7.22 74.90
CA TYR C 114 -0.21 -7.36 73.47
C TYR C 114 -1.68 -7.41 73.13
N ASP C 115 -2.11 -6.59 72.17
CA ASP C 115 -3.42 -6.70 71.54
C ASP C 115 -3.26 -6.95 70.06
N ARG C 116 -4.38 -6.90 69.33
CA ARG C 116 -4.36 -7.24 67.91
C ARG C 116 -3.63 -6.15 67.10
N ARG C 117 -3.74 -4.90 67.51
CA ARG C 117 -3.18 -3.80 66.73
C ARG C 117 -1.66 -3.72 66.87
N SER C 118 -1.14 -3.91 68.10
CA SER C 118 0.28 -3.73 68.33
C SER C 118 1.09 -4.87 67.74
N ILE C 119 0.50 -6.07 67.64
CA ILE C 119 1.21 -7.19 67.04
C ILE C 119 1.30 -7.01 65.53
N PHE C 120 0.19 -6.60 64.89
CA PHE C 120 0.18 -6.40 63.44
C PHE C 120 1.09 -5.27 63.02
N ASP C 121 1.27 -4.27 63.87
CA ASP C 121 2.19 -3.19 63.56
C ASP C 121 3.63 -3.66 63.68
N ALA C 122 3.92 -4.45 64.72
CA ALA C 122 5.25 -5.06 64.86
C ALA C 122 5.54 -6.01 63.70
N VAL C 123 4.51 -6.66 63.17
CA VAL C 123 4.65 -7.46 61.96
C VAL C 123 4.92 -6.56 60.76
N ALA C 124 4.21 -5.42 60.69
CA ALA C 124 4.31 -4.55 59.52
C ALA C 124 5.64 -3.82 59.45
N GLN C 125 5.94 -3.01 60.46
CA GLN C 125 7.10 -2.13 60.34
C GLN C 125 8.42 -2.79 60.69
N ASN C 126 8.41 -4.11 60.93
CA ASN C 126 9.62 -4.96 61.00
C ASN C 126 10.55 -4.55 62.13
N ASN C 127 9.99 -4.21 63.28
CA ASN C 127 10.81 -3.95 64.47
C ASN C 127 10.79 -5.19 65.37
N CYS C 128 11.84 -6.00 65.28
CA CYS C 128 11.84 -7.29 65.97
C CYS C 128 12.11 -7.11 67.47
N GLN C 129 12.50 -5.90 67.89
CA GLN C 129 12.67 -5.61 69.31
C GLN C 129 11.34 -5.63 70.04
N GLU C 130 10.25 -5.29 69.34
CA GLU C 130 8.93 -5.42 69.94
C GLU C 130 8.52 -6.88 70.05
N LEU C 131 9.05 -7.72 69.17
CA LEU C 131 8.71 -9.14 69.14
C LEU C 131 9.82 -9.89 69.85
N GLU C 132 9.83 -9.79 71.18
CA GLU C 132 10.76 -10.59 71.97
C GLU C 132 10.07 -11.17 73.19
N SER C 133 8.97 -10.54 73.61
CA SER C 133 8.18 -11.01 74.73
C SER C 133 6.79 -11.49 74.31
N LEU C 134 6.59 -11.74 73.02
CA LEU C 134 5.29 -12.23 72.57
C LEU C 134 5.11 -13.70 72.95
N LEU C 135 6.21 -14.43 73.12
CA LEU C 135 6.10 -15.82 73.55
C LEU C 135 5.74 -15.99 75.04
N PRO C 136 6.36 -15.29 76.02
CA PRO C 136 5.89 -15.50 77.40
C PRO C 136 4.54 -14.87 77.68
N PHE C 137 4.13 -13.89 76.88
CA PHE C 137 2.80 -13.31 77.06
C PHE C 137 1.70 -14.29 76.69
N LEU C 138 1.91 -15.06 75.63
CA LEU C 138 0.95 -16.09 75.26
C LEU C 138 1.02 -17.29 76.19
N GLN C 139 2.17 -17.46 76.86
CA GLN C 139 2.25 -18.45 77.92
C GLN C 139 1.54 -17.96 79.18
N LYS C 140 1.45 -16.65 79.35
CA LYS C 140 0.75 -16.08 80.51
C LYS C 140 -0.75 -16.17 80.34
N SER C 141 -1.27 -15.71 79.20
CA SER C 141 -2.71 -15.57 79.00
C SER C 141 -3.40 -16.86 78.56
N ARG C 142 -2.68 -17.99 78.61
CA ARG C 142 -3.14 -19.31 78.17
C ARG C 142 -3.55 -19.30 76.69
N LYS C 143 -2.92 -18.43 75.90
CA LYS C 143 -3.34 -18.24 74.52
C LYS C 143 -2.35 -18.84 73.54
N ARG C 144 -2.87 -19.20 72.37
CA ARG C 144 -2.08 -19.62 71.23
C ARG C 144 -2.02 -18.47 70.24
N LEU C 145 -1.19 -18.62 69.21
CA LEU C 145 -1.22 -17.65 68.11
C LEU C 145 -2.50 -17.76 67.30
N THR C 146 -3.14 -18.91 67.33
CA THR C 146 -4.47 -19.10 66.72
C THR C 146 -5.54 -18.79 67.76
N ASP C 147 -5.50 -17.56 68.27
CA ASP C 147 -6.46 -17.06 69.22
C ASP C 147 -7.48 -16.21 68.47
N SER C 148 -8.74 -16.27 68.93
CA SER C 148 -9.84 -15.62 68.24
C SER C 148 -9.71 -14.10 68.27
N GLU C 149 -9.06 -13.57 69.32
CA GLU C 149 -8.86 -12.13 69.40
C GLU C 149 -7.76 -11.67 68.45
N PHE C 150 -6.88 -12.58 68.04
CA PHE C 150 -5.73 -12.19 67.21
C PHE C 150 -6.13 -12.04 65.75
N LYS C 151 -7.16 -12.74 65.31
CA LYS C 151 -7.59 -12.64 63.92
C LYS C 151 -8.32 -11.32 63.67
N ASP C 152 -8.03 -10.71 62.53
CA ASP C 152 -8.76 -9.53 62.10
C ASP C 152 -10.20 -9.91 61.76
N PRO C 153 -11.19 -9.14 62.22
CA PRO C 153 -12.59 -9.60 62.14
C PRO C 153 -13.21 -9.63 60.74
N GLU C 154 -13.00 -8.60 59.92
CA GLU C 154 -13.73 -8.54 58.66
C GLU C 154 -13.11 -9.45 57.60
N THR C 155 -11.78 -9.54 57.56
CA THR C 155 -11.06 -10.51 56.74
C THR C 155 -10.12 -11.26 57.66
N GLY C 156 -10.19 -12.59 57.66
CA GLY C 156 -9.51 -13.38 58.66
C GLY C 156 -7.99 -13.45 58.52
N LYS C 157 -7.34 -12.29 58.55
CA LYS C 157 -5.90 -12.20 58.34
C LYS C 157 -5.17 -12.55 59.63
N THR C 158 -4.22 -13.47 59.55
CA THR C 158 -3.46 -13.90 60.70
C THR C 158 -2.18 -13.06 60.76
N CYS C 159 -1.37 -13.28 61.80
CA CYS C 159 -0.06 -12.63 61.90
C CYS C 159 0.89 -13.14 60.82
N LEU C 160 0.67 -14.37 60.37
CA LEU C 160 1.47 -14.92 59.28
C LEU C 160 1.09 -14.29 57.95
N LEU C 161 -0.21 -14.04 57.76
CA LEU C 161 -0.68 -13.46 56.50
C LEU C 161 -0.30 -12.00 56.38
N LYS C 162 -0.27 -11.29 57.51
CA LYS C 162 0.15 -9.89 57.51
C LYS C 162 1.62 -9.76 57.15
N ALA C 163 2.42 -10.77 57.50
CA ALA C 163 3.85 -10.75 57.22
C ALA C 163 4.13 -11.04 55.75
N MET C 164 3.19 -11.69 55.07
CA MET C 164 3.40 -11.98 53.65
C MET C 164 3.21 -10.75 52.79
N LEU C 165 2.22 -9.91 53.11
CA LEU C 165 1.95 -8.74 52.31
C LEU C 165 3.02 -7.67 52.51
N ASN C 166 3.36 -7.41 53.77
CA ASN C 166 4.43 -6.48 54.12
C ASN C 166 5.76 -7.17 53.85
N LEU C 167 6.43 -6.75 52.79
CA LEU C 167 7.66 -7.40 52.35
C LEU C 167 8.75 -6.36 52.13
N HIS C 168 9.81 -6.43 52.92
CA HIS C 168 10.92 -5.50 52.84
C HIS C 168 12.07 -6.19 52.11
N ASN C 169 12.40 -5.67 50.91
CA ASN C 169 13.52 -6.12 50.08
C ASN C 169 13.43 -7.61 49.73
N GLY C 170 12.23 -8.15 49.60
CA GLY C 170 12.07 -9.54 49.27
C GLY C 170 12.16 -10.50 50.42
N GLN C 171 12.70 -10.09 51.56
CA GLN C 171 12.92 -10.98 52.70
C GLN C 171 12.41 -10.32 53.98
N ASN C 172 11.16 -10.62 54.34
CA ASN C 172 10.71 -10.27 55.67
C ASN C 172 11.29 -11.27 56.68
N ASP C 173 11.74 -10.74 57.81
CA ASP C 173 12.29 -11.59 58.87
C ASP C 173 11.36 -11.71 60.07
N THR C 174 10.20 -11.05 60.04
CA THR C 174 9.21 -11.22 61.09
C THR C 174 8.60 -12.61 61.03
N ILE C 175 8.45 -13.14 59.81
CA ILE C 175 7.69 -14.38 59.57
C ILE C 175 8.36 -15.56 60.25
N SER C 176 9.70 -15.59 60.27
CA SER C 176 10.42 -16.72 60.87
C SER C 176 10.31 -16.70 62.38
N LEU C 177 10.03 -15.53 62.96
CA LEU C 177 9.86 -15.45 64.41
C LEU C 177 8.43 -15.82 64.83
N LEU C 178 7.47 -15.62 63.93
CA LEU C 178 6.11 -16.09 64.22
C LEU C 178 6.05 -17.61 64.18
N LEU C 179 6.83 -18.22 63.30
CA LEU C 179 6.82 -19.66 63.17
C LEU C 179 7.56 -20.32 64.33
N ASP C 180 8.49 -19.61 64.94
CA ASP C 180 9.18 -20.15 66.11
C ASP C 180 8.27 -20.11 67.34
N ILE C 181 7.35 -19.16 67.39
CA ILE C 181 6.41 -19.10 68.49
C ILE C 181 5.29 -20.12 68.30
N ALA C 182 4.89 -20.34 67.04
CA ALA C 182 3.78 -21.24 66.74
C ALA C 182 4.16 -22.70 67.00
N ARG C 183 5.43 -23.04 66.89
CA ARG C 183 5.85 -24.40 67.22
C ARG C 183 5.92 -24.58 68.74
N GLN C 184 6.17 -23.50 69.48
CA GLN C 184 6.18 -23.59 70.93
C GLN C 184 4.76 -23.69 71.47
N THR C 185 3.81 -23.01 70.82
CA THR C 185 2.40 -23.14 71.14
C THR C 185 1.76 -24.31 70.40
N ASP C 186 2.57 -25.12 69.70
CA ASP C 186 2.33 -26.40 69.03
C ASP C 186 1.01 -26.49 68.24
N SER C 187 0.51 -25.36 67.74
CA SER C 187 -0.66 -25.31 66.87
C SER C 187 -0.26 -24.93 65.45
N LEU C 188 0.90 -25.43 65.00
CA LEU C 188 1.54 -24.92 63.79
C LEU C 188 0.76 -25.29 62.53
N LYS C 189 0.21 -26.51 62.50
CA LYS C 189 -0.50 -26.97 61.31
C LYS C 189 -1.82 -26.22 61.12
N GLU C 190 -2.44 -25.80 62.23
CA GLU C 190 -3.61 -24.94 62.11
C GLU C 190 -3.18 -23.50 61.85
N PHE C 191 -1.96 -23.14 62.25
CA PHE C 191 -1.52 -21.75 62.16
C PHE C 191 -1.23 -21.35 60.73
N VAL C 192 -0.43 -22.14 60.02
CA VAL C 192 -0.04 -21.77 58.67
C VAL C 192 -1.19 -21.99 57.69
N ASN C 193 -2.12 -22.89 58.04
CA ASN C 193 -3.25 -23.17 57.17
C ASN C 193 -4.39 -22.19 57.36
N ALA C 194 -4.23 -21.19 58.22
CA ALA C 194 -5.23 -20.15 58.37
C ALA C 194 -5.32 -19.34 57.09
N SER C 195 -6.51 -18.88 56.75
CA SER C 195 -6.75 -18.26 55.47
C SER C 195 -7.79 -17.16 55.61
N TYR C 196 -7.93 -16.38 54.55
CA TYR C 196 -8.98 -15.37 54.51
C TYR C 196 -10.35 -16.03 54.41
N THR C 197 -11.28 -15.58 55.25
CA THR C 197 -12.65 -16.06 55.20
C THR C 197 -13.60 -15.03 54.59
N ASP C 198 -13.06 -13.97 54.00
CA ASP C 198 -13.89 -13.00 53.33
C ASP C 198 -14.43 -13.58 52.03
N SER C 199 -15.66 -13.18 51.66
CA SER C 199 -16.33 -13.75 50.50
C SER C 199 -15.63 -13.37 49.21
N TYR C 200 -14.94 -12.21 49.20
CA TYR C 200 -14.15 -11.84 48.03
C TYR C 200 -12.83 -12.61 48.00
N TYR C 201 -12.49 -13.29 49.12
CA TYR C 201 -11.16 -13.85 49.37
C TYR C 201 -11.17 -15.28 49.91
N LYS C 202 -12.19 -16.08 49.58
CA LYS C 202 -12.37 -17.34 50.28
C LYS C 202 -11.26 -18.34 50.00
N GLY C 203 -10.36 -18.48 50.97
CA GLY C 203 -9.41 -19.57 50.97
C GLY C 203 -7.98 -19.23 50.55
N GLN C 204 -7.67 -17.96 50.27
CA GLN C 204 -6.30 -17.60 49.92
C GLN C 204 -5.39 -17.75 51.12
N THR C 205 -4.33 -18.52 50.93
CA THR C 205 -3.46 -18.90 52.04
C THR C 205 -2.13 -18.17 51.97
N ALA C 206 -1.21 -18.55 52.85
CA ALA C 206 0.13 -17.99 52.81
C ALA C 206 0.89 -18.45 51.56
N LEU C 207 0.54 -19.63 51.06
CA LEU C 207 1.27 -20.19 49.93
C LEU C 207 0.87 -19.51 48.63
N HIS C 208 -0.37 -19.02 48.55
CA HIS C 208 -0.83 -18.34 47.33
C HIS C 208 -0.14 -16.99 47.17
N ILE C 209 0.45 -16.46 48.23
CA ILE C 209 1.09 -15.15 48.16
C ILE C 209 2.55 -15.30 47.77
N ALA C 210 3.24 -16.30 48.34
CA ALA C 210 4.67 -16.46 48.09
C ALA C 210 4.95 -16.88 46.65
N ILE C 211 4.13 -17.80 46.13
CA ILE C 211 4.20 -18.18 44.72
C ILE C 211 3.88 -16.98 43.83
N GLU C 212 3.00 -16.11 44.30
CA GLU C 212 2.63 -14.95 43.52
C GLU C 212 3.75 -13.93 43.44
N ARG C 213 4.42 -13.67 44.55
CA ARG C 213 5.46 -12.65 44.60
C ARG C 213 6.81 -13.13 44.10
N ARG C 214 6.87 -14.33 43.49
CA ARG C 214 8.08 -14.88 42.86
C ARG C 214 9.21 -15.05 43.85
N ASN C 215 8.88 -15.51 45.05
CA ASN C 215 9.84 -15.65 46.14
C ASN C 215 10.07 -17.16 46.30
N MET C 216 11.26 -17.60 45.92
CA MET C 216 11.57 -19.03 45.98
C MET C 216 11.76 -19.50 47.42
N ALA C 217 12.48 -18.72 48.22
CA ALA C 217 12.80 -19.16 49.58
C ALA C 217 11.58 -19.10 50.48
N LEU C 218 10.65 -18.19 50.20
CA LEU C 218 9.49 -18.03 51.07
C LEU C 218 8.49 -19.15 50.85
N VAL C 219 8.51 -19.75 49.65
CA VAL C 219 7.73 -20.96 49.39
C VAL C 219 8.27 -22.12 50.22
N THR C 220 9.60 -22.23 50.29
CA THR C 220 10.23 -23.38 50.92
C THR C 220 9.97 -23.41 52.43
N LEU C 221 9.99 -22.24 53.07
CA LEU C 221 9.78 -22.18 54.51
C LEU C 221 8.32 -22.41 54.87
N LEU C 222 7.41 -22.10 53.95
CA LEU C 222 5.99 -22.25 54.25
C LEU C 222 5.55 -23.70 54.22
N VAL C 223 5.98 -24.44 53.19
CA VAL C 223 5.43 -25.76 52.95
C VAL C 223 5.98 -26.77 53.95
N GLU C 224 7.16 -26.49 54.52
CA GLU C 224 7.75 -27.41 55.48
C GLU C 224 7.03 -27.36 56.81
N ASN C 225 6.33 -26.27 57.08
CA ASN C 225 5.63 -26.07 58.35
C ASN C 225 4.19 -26.57 58.32
N GLY C 226 3.83 -27.37 57.32
CA GLY C 226 2.50 -27.94 57.31
C GLY C 226 1.47 -27.15 56.54
N ALA C 227 1.90 -26.19 55.72
CA ALA C 227 0.95 -25.53 54.84
C ALA C 227 0.55 -26.48 53.72
N ASP C 228 -0.73 -26.87 53.72
CA ASP C 228 -1.21 -27.83 52.74
C ASP C 228 -1.30 -27.19 51.37
N VAL C 229 -0.61 -27.79 50.39
CA VAL C 229 -0.49 -27.19 49.06
C VAL C 229 -1.74 -27.38 48.22
N GLN C 230 -2.72 -28.14 48.70
CA GLN C 230 -3.97 -28.34 47.98
C GLN C 230 -5.07 -27.40 48.41
N ALA C 231 -4.75 -26.36 49.17
CA ALA C 231 -5.77 -25.39 49.55
C ALA C 231 -6.19 -24.60 48.33
N ALA C 232 -7.50 -24.51 48.13
CA ALA C 232 -8.06 -23.91 46.93
C ALA C 232 -8.57 -22.51 47.25
N ALA C 233 -8.30 -21.58 46.33
CA ALA C 233 -8.71 -20.19 46.49
C ALA C 233 -10.08 -20.01 45.84
N ASN C 234 -11.12 -20.39 46.58
CA ASN C 234 -12.49 -20.40 46.06
C ASN C 234 -13.18 -19.07 46.34
N GLY C 235 -12.48 -17.98 46.00
CA GLY C 235 -12.95 -16.65 46.32
C GLY C 235 -13.17 -15.83 45.07
N ASP C 236 -14.04 -14.83 45.20
CA ASP C 236 -14.61 -14.14 44.03
C ASP C 236 -13.59 -13.30 43.28
N PHE C 237 -12.40 -13.08 43.86
CA PHE C 237 -11.32 -12.51 43.08
C PHE C 237 -10.69 -13.59 42.19
N PHE C 238 -10.72 -14.84 42.66
CA PHE C 238 -9.99 -15.89 41.96
C PHE C 238 -10.88 -16.64 40.98
N LYS C 239 -12.20 -16.38 41.02
CA LYS C 239 -13.08 -16.88 39.97
C LYS C 239 -12.90 -16.10 38.67
N LYS C 240 -13.75 -16.41 37.70
CA LYS C 240 -13.66 -15.72 36.41
C LYS C 240 -14.04 -14.26 36.54
N THR C 241 -15.29 -13.99 36.94
CA THR C 241 -15.86 -12.65 37.16
C THR C 241 -15.60 -11.72 35.97
N LYS C 242 -16.25 -12.05 34.85
CA LYS C 242 -15.99 -11.36 33.58
C LYS C 242 -16.41 -9.89 33.62
N GLY C 243 -17.26 -9.51 34.57
CA GLY C 243 -17.55 -8.10 34.76
C GLY C 243 -16.62 -7.43 35.77
N ARG C 244 -16.25 -8.16 36.82
CA ARG C 244 -15.49 -7.61 37.94
C ARG C 244 -13.99 -7.66 37.66
N PRO C 245 -13.19 -6.89 38.40
CA PRO C 245 -11.72 -7.06 38.28
C PRO C 245 -11.25 -8.32 38.97
N GLY C 246 -10.52 -9.15 38.24
CA GLY C 246 -10.07 -10.43 38.79
C GLY C 246 -9.02 -11.06 37.91
N PHE C 247 -8.36 -12.06 38.48
CA PHE C 247 -7.30 -12.81 37.81
C PHE C 247 -7.63 -14.29 37.94
N TYR C 248 -7.91 -14.94 36.81
CA TYR C 248 -8.24 -16.36 36.81
C TYR C 248 -7.04 -17.16 36.34
N PHE C 249 -6.40 -17.86 37.26
CA PHE C 249 -5.29 -18.74 36.95
C PHE C 249 -5.63 -20.21 37.11
N GLY C 250 -6.80 -20.55 37.62
CA GLY C 250 -7.15 -21.92 37.85
C GLY C 250 -7.30 -22.31 39.31
N GLU C 251 -7.18 -21.35 40.22
CA GLU C 251 -7.68 -21.46 41.60
C GLU C 251 -6.95 -22.52 42.42
N LEU C 252 -5.70 -22.76 42.11
CA LEU C 252 -4.96 -23.77 42.86
C LEU C 252 -3.48 -23.39 42.79
N PRO C 253 -2.68 -23.68 43.83
CA PRO C 253 -1.27 -23.23 43.82
C PRO C 253 -0.42 -23.82 42.71
N LEU C 254 -0.66 -25.07 42.34
CA LEU C 254 0.06 -25.66 41.22
C LEU C 254 -0.36 -25.02 39.91
N SER C 255 -1.63 -24.61 39.82
CA SER C 255 -2.07 -23.86 38.64
C SER C 255 -1.53 -22.45 38.66
N LEU C 256 -1.19 -21.94 39.83
CA LEU C 256 -0.68 -20.57 39.95
C LEU C 256 0.78 -20.51 39.53
N ALA C 257 1.56 -21.54 39.88
CA ALA C 257 2.97 -21.55 39.50
C ALA C 257 3.14 -21.86 38.02
N ALA C 258 2.16 -22.53 37.43
CA ALA C 258 2.27 -22.93 36.03
C ALA C 258 1.86 -21.79 35.10
N CYS C 259 0.76 -21.11 35.42
CA CYS C 259 0.30 -20.00 34.58
C CYS C 259 1.18 -18.77 34.68
N THR C 260 1.84 -18.56 35.82
CA THR C 260 2.75 -17.44 35.99
C THR C 260 4.20 -17.79 35.69
N ASN C 261 4.44 -18.77 34.81
CA ASN C 261 5.72 -19.10 34.17
C ASN C 261 6.79 -19.57 35.13
N GLN C 262 6.49 -19.82 36.40
CA GLN C 262 7.52 -20.16 37.38
C GLN C 262 7.81 -21.65 37.24
N LEU C 263 8.92 -21.95 36.55
CA LEU C 263 9.20 -23.34 36.22
C LEU C 263 9.87 -24.08 37.38
N ALA C 264 10.53 -23.34 38.27
CA ALA C 264 11.20 -24.00 39.39
C ALA C 264 10.20 -24.46 40.43
N ILE C 265 9.14 -23.68 40.66
CA ILE C 265 8.21 -23.97 41.74
C ILE C 265 7.23 -25.06 41.31
N VAL C 266 6.91 -25.12 40.02
CA VAL C 266 5.97 -26.13 39.53
C VAL C 266 6.60 -27.53 39.60
N LYS C 267 7.93 -27.60 39.66
CA LYS C 267 8.57 -28.88 39.92
C LYS C 267 8.64 -29.15 41.42
N PHE C 268 8.83 -28.10 42.22
CA PHE C 268 9.06 -28.29 43.65
C PHE C 268 7.80 -28.74 44.36
N LEU C 269 6.64 -28.28 43.90
CA LEU C 269 5.39 -28.62 44.58
C LEU C 269 5.02 -30.07 44.36
N LEU C 270 5.47 -30.64 43.24
CA LEU C 270 5.25 -32.05 42.93
C LEU C 270 6.28 -32.96 43.58
N GLN C 271 7.45 -32.42 43.95
CA GLN C 271 8.59 -33.22 44.37
C GLN C 271 9.14 -32.79 45.72
N ASN C 272 8.31 -32.18 46.56
CA ASN C 272 8.69 -31.89 47.94
C ASN C 272 8.42 -33.13 48.80
N SER C 273 9.37 -33.45 49.68
CA SER C 273 9.35 -34.72 50.38
C SER C 273 8.28 -34.76 51.46
N TRP C 274 7.79 -33.59 51.88
CA TRP C 274 6.87 -33.57 53.01
C TRP C 274 5.46 -33.93 52.59
N GLN C 275 4.91 -33.22 51.62
CA GLN C 275 3.53 -33.44 51.18
C GLN C 275 3.41 -33.03 49.72
N PRO C 276 3.49 -33.98 48.80
CA PRO C 276 3.51 -33.63 47.37
C PRO C 276 2.14 -33.24 46.86
N ALA C 277 2.13 -32.58 45.71
CA ALA C 277 0.89 -32.05 45.15
C ALA C 277 0.21 -33.06 44.25
N ASP C 278 -1.01 -32.71 43.84
CA ASP C 278 -1.81 -33.50 42.93
C ASP C 278 -1.82 -32.80 41.58
N ILE C 279 -1.36 -33.51 40.55
CA ILE C 279 -1.32 -32.95 39.20
C ILE C 279 -2.65 -33.09 38.49
N SER C 280 -3.56 -33.89 39.03
CA SER C 280 -4.84 -34.16 38.38
C SER C 280 -6.01 -33.49 39.06
N ALA C 281 -5.80 -32.77 40.15
CA ALA C 281 -6.90 -32.13 40.87
C ALA C 281 -7.46 -30.98 40.05
N ARG C 282 -8.69 -30.61 40.36
CA ARG C 282 -9.39 -29.58 39.62
C ARG C 282 -10.03 -28.57 40.56
N ASP C 283 -10.28 -27.37 40.05
CA ASP C 283 -10.97 -26.34 40.81
C ASP C 283 -12.49 -26.56 40.73
N SER C 284 -13.25 -25.53 41.12
CA SER C 284 -14.70 -25.64 41.12
C SER C 284 -15.26 -25.72 39.70
N VAL C 285 -14.59 -25.07 38.76
CA VAL C 285 -15.03 -25.12 37.36
C VAL C 285 -14.68 -26.47 36.73
N GLY C 286 -13.72 -27.19 37.31
CA GLY C 286 -13.30 -28.46 36.77
C GLY C 286 -12.00 -28.42 36.02
N ASN C 287 -11.42 -27.25 35.81
CA ASN C 287 -10.18 -27.13 35.06
C ASN C 287 -9.00 -27.68 35.86
N THR C 288 -8.13 -28.39 35.18
CA THR C 288 -6.86 -28.83 35.74
C THR C 288 -5.77 -27.91 35.22
N VAL C 289 -4.51 -28.31 35.47
CA VAL C 289 -3.37 -27.47 35.16
C VAL C 289 -3.23 -27.28 33.66
N LEU C 290 -3.56 -28.31 32.88
CA LEU C 290 -3.43 -28.22 31.43
C LEU C 290 -4.60 -27.47 30.82
N HIS C 291 -5.72 -27.41 31.54
CA HIS C 291 -6.82 -26.56 31.11
C HIS C 291 -6.49 -25.10 31.34
N ALA C 292 -5.90 -24.78 32.49
CA ALA C 292 -5.71 -23.40 32.89
C ALA C 292 -4.64 -22.72 32.05
N LEU C 293 -3.67 -23.48 31.54
CA LEU C 293 -2.69 -22.91 30.63
C LEU C 293 -3.33 -22.52 29.31
N VAL C 294 -4.44 -23.15 28.96
CA VAL C 294 -5.15 -22.74 27.75
C VAL C 294 -5.99 -21.51 28.05
N GLU C 295 -6.50 -21.40 29.27
CA GLU C 295 -7.35 -20.25 29.63
C GLU C 295 -6.54 -18.96 29.75
N VAL C 296 -5.23 -19.07 29.97
CA VAL C 296 -4.40 -17.93 30.29
C VAL C 296 -3.55 -17.62 29.07
N ALA C 297 -3.87 -18.23 27.95
CA ALA C 297 -3.26 -17.89 26.67
C ALA C 297 -4.07 -16.78 26.03
N ASP C 298 -3.39 -15.90 25.31
CA ASP C 298 -4.05 -14.82 24.57
C ASP C 298 -3.42 -14.55 23.22
N ASN C 299 -2.90 -15.57 22.54
CA ASN C 299 -2.56 -15.64 21.13
C ASN C 299 -1.36 -14.77 20.75
N THR C 300 -0.80 -13.98 21.65
CA THR C 300 0.38 -13.19 21.32
C THR C 300 1.60 -14.10 21.28
N ALA C 301 2.54 -13.76 20.40
CA ALA C 301 3.65 -14.67 20.09
C ALA C 301 4.61 -14.82 21.26
N ASP C 302 4.59 -13.86 22.19
CA ASP C 302 5.32 -14.06 23.44
C ASP C 302 4.59 -15.03 24.35
N ASN C 303 3.25 -14.98 24.36
CA ASN C 303 2.48 -15.84 25.23
C ASN C 303 2.44 -17.27 24.71
N THR C 304 2.49 -17.43 23.38
CA THR C 304 2.53 -18.76 22.77
C THR C 304 3.84 -19.47 23.08
N LYS C 305 4.90 -18.71 23.37
CA LYS C 305 6.19 -19.29 23.67
C LYS C 305 6.17 -20.02 25.00
N PHE C 306 5.74 -19.35 26.07
CA PHE C 306 5.92 -19.95 27.39
C PHE C 306 4.68 -20.72 27.83
N VAL C 307 3.58 -20.60 27.09
CA VAL C 307 2.46 -21.51 27.36
C VAL C 307 2.81 -22.91 26.90
N THR C 308 3.19 -23.05 25.64
CA THR C 308 3.50 -24.37 25.09
C THR C 308 4.78 -24.94 25.69
N SER C 309 5.68 -24.08 26.17
CA SER C 309 6.84 -24.58 26.89
C SER C 309 6.43 -25.12 28.26
N MET C 310 5.56 -24.40 28.96
CA MET C 310 5.09 -24.89 30.25
C MET C 310 4.09 -26.02 30.07
N TYR C 311 3.36 -26.02 28.95
CA TYR C 311 2.45 -27.13 28.66
C TYR C 311 3.22 -28.41 28.38
N ASN C 312 4.45 -28.26 27.89
CA ASN C 312 5.29 -29.41 27.58
C ASN C 312 5.82 -30.06 28.85
N GLU C 313 6.20 -29.25 29.83
CA GLU C 313 6.97 -29.76 30.95
C GLU C 313 6.10 -30.54 31.92
N ILE C 314 4.79 -30.34 31.86
CA ILE C 314 3.90 -30.96 32.83
C ILE C 314 3.54 -32.37 32.40
N LEU C 315 3.42 -32.59 31.07
CA LEU C 315 3.09 -33.91 30.54
C LEU C 315 4.22 -34.90 30.82
N ILE C 316 5.46 -34.46 30.61
CA ILE C 316 6.61 -35.30 30.88
C ILE C 316 6.69 -35.60 32.36
N LEU C 317 6.55 -34.57 33.19
CA LEU C 317 6.57 -34.74 34.63
C LEU C 317 5.32 -35.44 35.14
N GLY C 318 4.24 -35.41 34.35
CA GLY C 318 3.10 -36.24 34.68
C GLY C 318 3.40 -37.72 34.50
N ALA C 319 4.20 -38.06 33.50
CA ALA C 319 4.48 -39.46 33.23
C ALA C 319 5.52 -40.02 34.20
N LYS C 320 6.44 -39.18 34.67
CA LYS C 320 7.47 -39.64 35.59
C LYS C 320 6.87 -39.99 36.95
N LEU C 321 5.97 -39.14 37.44
CA LEU C 321 5.29 -39.43 38.69
C LEU C 321 4.21 -40.48 38.48
N HIS C 322 3.45 -40.35 37.40
CA HIS C 322 2.31 -41.22 37.16
C HIS C 322 2.30 -41.65 35.70
N PRO C 323 2.99 -42.73 35.35
CA PRO C 323 2.92 -43.23 33.97
C PRO C 323 1.58 -43.88 33.67
N THR C 324 0.85 -44.29 34.70
CA THR C 324 -0.48 -44.85 34.51
C THR C 324 -1.52 -43.77 34.20
N LEU C 325 -1.17 -42.51 34.45
CA LEU C 325 -2.12 -41.43 34.24
C LEU C 325 -2.05 -40.93 32.80
N LYS C 326 -3.23 -40.58 32.25
CA LYS C 326 -3.35 -39.98 30.93
C LYS C 326 -3.88 -38.58 31.17
N LEU C 327 -3.02 -37.58 30.98
CA LEU C 327 -3.33 -36.23 31.47
C LEU C 327 -4.36 -35.53 30.60
N GLU C 328 -4.34 -35.77 29.30
CA GLU C 328 -5.18 -34.96 28.43
C GLU C 328 -6.54 -35.60 28.15
N GLU C 329 -6.87 -36.68 28.85
CA GLU C 329 -8.21 -37.24 28.67
C GLU C 329 -9.23 -36.49 29.52
N LEU C 330 -8.77 -35.71 30.49
CA LEU C 330 -9.64 -35.23 31.55
C LEU C 330 -10.52 -34.10 31.05
N ILE C 331 -11.67 -33.93 31.71
CA ILE C 331 -12.65 -32.94 31.28
C ILE C 331 -13.05 -32.07 32.46
N ASN C 332 -13.53 -30.88 32.12
CA ASN C 332 -14.14 -29.96 33.07
C ASN C 332 -15.64 -30.24 33.12
N LYS C 333 -16.40 -29.32 33.72
CA LYS C 333 -17.84 -29.55 33.85
C LYS C 333 -18.57 -29.33 32.52
N LYS C 334 -17.93 -28.64 31.58
CA LYS C 334 -18.49 -28.57 30.24
C LYS C 334 -18.11 -29.78 29.39
N GLY C 335 -17.25 -30.66 29.90
CA GLY C 335 -16.90 -31.89 29.22
C GLY C 335 -15.82 -31.73 28.17
N LEU C 336 -15.06 -30.65 28.18
CA LEU C 336 -14.08 -30.41 27.14
C LEU C 336 -12.71 -30.89 27.58
N THR C 337 -11.92 -31.37 26.62
CA THR C 337 -10.53 -31.76 26.82
C THR C 337 -9.64 -30.55 26.58
N PRO C 338 -8.38 -30.53 27.07
CA PRO C 338 -7.53 -29.36 26.82
C PRO C 338 -7.19 -29.14 25.35
N LEU C 339 -7.30 -30.19 24.53
CA LEU C 339 -7.25 -29.97 23.09
C LEU C 339 -8.49 -29.24 22.60
N ALA C 340 -9.67 -29.71 23.00
CA ALA C 340 -10.90 -29.15 22.46
C ALA C 340 -11.22 -27.81 23.08
N LEU C 341 -10.69 -27.55 24.27
CA LEU C 341 -10.85 -26.24 24.89
C LEU C 341 -10.08 -25.17 24.14
N ALA C 342 -8.96 -25.56 23.53
CA ALA C 342 -8.18 -24.62 22.73
C ALA C 342 -8.85 -24.39 21.39
N ALA C 343 -9.69 -25.32 20.96
CA ALA C 343 -10.40 -25.14 19.70
C ALA C 343 -11.75 -24.47 19.93
N SER C 344 -12.34 -24.69 21.10
CA SER C 344 -13.63 -24.06 21.42
C SER C 344 -13.47 -22.56 21.55
N SER C 345 -12.39 -22.12 22.19
CA SER C 345 -12.01 -20.71 22.18
C SER C 345 -11.22 -20.42 20.92
N GLY C 346 -10.55 -19.28 20.88
CA GLY C 346 -9.88 -18.92 19.64
C GLY C 346 -8.40 -19.21 19.63
N LYS C 347 -7.92 -20.04 20.56
CA LYS C 347 -6.48 -20.19 20.75
C LYS C 347 -5.88 -20.99 19.62
N ILE C 348 -5.03 -20.35 18.84
CA ILE C 348 -4.46 -20.92 17.62
C ILE C 348 -3.07 -21.48 17.85
N GLY C 349 -2.26 -20.82 18.68
CA GLY C 349 -0.91 -21.30 18.92
C GLY C 349 -0.87 -22.54 19.79
N VAL C 350 -1.76 -22.61 20.77
CA VAL C 350 -1.87 -23.80 21.60
C VAL C 350 -2.48 -24.93 20.78
N LEU C 351 -3.36 -24.59 19.83
CA LEU C 351 -3.93 -25.62 18.95
C LEU C 351 -2.90 -26.17 17.99
N ALA C 352 -2.07 -25.29 17.42
CA ALA C 352 -1.08 -25.74 16.45
C ALA C 352 0.02 -26.55 17.12
N TYR C 353 0.24 -26.31 18.42
CA TYR C 353 1.24 -27.09 19.14
C TYR C 353 0.76 -28.50 19.42
N ILE C 354 -0.47 -28.67 19.90
CA ILE C 354 -0.93 -29.97 20.39
C ILE C 354 -1.08 -30.95 19.23
N LEU C 355 -1.51 -30.46 18.07
CA LEU C 355 -1.64 -31.34 16.92
C LEU C 355 -0.28 -31.73 16.37
N GLN C 356 0.66 -30.80 16.34
CA GLN C 356 2.02 -31.07 15.88
C GLN C 356 2.95 -31.27 17.06
N ARG C 357 2.66 -32.29 17.87
CA ARG C 357 3.41 -32.51 19.10
C ARG C 357 4.24 -33.77 18.94
N GLU C 358 5.56 -33.61 18.95
CA GLU C 358 6.48 -34.74 19.09
C GLU C 358 7.44 -34.48 20.23
N ILE C 359 7.52 -35.45 21.14
CA ILE C 359 8.48 -35.43 22.23
C ILE C 359 9.56 -36.43 21.86
N GLN C 360 10.76 -35.92 21.56
CA GLN C 360 11.75 -36.74 20.87
C GLN C 360 12.50 -37.65 21.83
N GLU C 361 12.69 -37.22 23.07
CA GLU C 361 13.49 -37.97 24.02
C GLU C 361 12.78 -39.27 24.40
N PRO C 362 13.50 -40.36 24.64
CA PRO C 362 12.84 -41.63 24.96
C PRO C 362 12.26 -41.63 26.36
N GLU C 363 11.50 -42.69 26.65
CA GLU C 363 10.72 -43.04 27.83
C GLU C 363 9.46 -42.17 27.95
N CYS C 364 9.36 -41.09 27.18
CA CYS C 364 8.15 -40.28 27.11
C CYS C 364 7.87 -39.88 25.67
N ARG C 365 8.02 -40.82 24.74
CA ARG C 365 7.75 -40.58 23.34
C ARG C 365 6.31 -40.90 22.97
N HIS C 366 5.61 -41.69 23.79
CA HIS C 366 4.24 -42.07 23.47
C HIS C 366 3.28 -40.88 23.60
N LEU C 367 3.72 -39.81 24.24
CA LEU C 367 2.93 -38.59 24.33
C LEU C 367 2.92 -37.80 23.03
N SER C 368 3.65 -38.25 22.02
CA SER C 368 3.71 -37.51 20.77
C SER C 368 2.42 -37.66 19.98
N ARG C 369 2.27 -36.81 18.97
CA ARG C 369 1.14 -36.89 18.05
C ARG C 369 1.57 -36.88 16.59
N LYS C 370 2.58 -36.08 16.24
CA LYS C 370 3.15 -36.07 14.90
C LYS C 370 4.35 -37.01 14.85
N PHE C 371 4.24 -38.08 14.09
CA PHE C 371 5.30 -39.07 13.99
C PHE C 371 5.88 -39.08 12.59
N THR C 372 7.16 -38.77 12.45
CA THR C 372 7.82 -38.86 11.16
C THR C 372 8.17 -40.32 10.89
N GLU C 373 7.87 -40.80 9.68
CA GLU C 373 7.98 -42.23 9.45
C GLU C 373 9.25 -42.60 8.69
N TRP C 374 9.58 -41.86 7.63
CA TRP C 374 10.83 -42.08 6.93
C TRP C 374 11.26 -40.75 6.31
N ALA C 375 12.53 -40.69 5.95
CA ALA C 375 13.11 -39.50 5.34
C ALA C 375 14.15 -39.96 4.34
N TYR C 376 14.08 -39.41 3.13
CA TYR C 376 15.05 -39.70 2.09
C TYR C 376 15.59 -38.38 1.59
N GLY C 377 16.57 -37.82 2.30
CA GLY C 377 17.09 -36.52 1.99
C GLY C 377 16.08 -35.42 2.20
N PRO C 378 15.64 -34.80 1.10
CA PRO C 378 14.63 -33.74 1.23
C PRO C 378 13.28 -34.27 1.67
N VAL C 379 12.85 -35.41 1.15
CA VAL C 379 11.47 -35.85 1.33
C VAL C 379 11.26 -36.31 2.77
N HIS C 380 10.19 -35.81 3.38
CA HIS C 380 9.95 -35.97 4.81
C HIS C 380 8.50 -36.34 5.02
N SER C 381 8.23 -37.60 5.35
CA SER C 381 6.88 -38.14 5.47
C SER C 381 6.54 -38.30 6.94
N SER C 382 5.35 -37.86 7.33
CA SER C 382 4.97 -37.80 8.74
C SER C 382 3.59 -38.41 8.96
N LEU C 383 3.40 -39.03 10.11
CA LEU C 383 2.09 -39.53 10.54
C LEU C 383 1.49 -38.60 11.60
N TYR C 384 0.52 -37.81 11.17
CA TYR C 384 -0.31 -37.09 12.14
C TYR C 384 -1.30 -38.05 12.75
N ASP C 385 -1.88 -37.66 13.88
CA ASP C 385 -2.82 -38.54 14.57
C ASP C 385 -4.22 -37.98 14.60
N LEU C 386 -5.21 -38.86 14.58
CA LEU C 386 -6.62 -38.55 14.43
C LEU C 386 -7.46 -39.18 15.53
N SER C 387 -7.03 -39.10 16.78
CA SER C 387 -7.78 -39.77 17.84
C SER C 387 -8.96 -38.94 18.31
N CYS C 388 -8.69 -37.77 18.84
CA CYS C 388 -9.77 -36.93 19.34
C CYS C 388 -10.46 -36.16 18.24
N ILE C 389 -9.72 -35.79 17.20
CA ILE C 389 -10.26 -35.07 16.04
C ILE C 389 -10.90 -36.10 15.12
N ASP C 390 -11.55 -35.61 14.05
CA ASP C 390 -12.06 -36.42 12.94
C ASP C 390 -13.25 -37.25 13.40
N THR C 391 -14.20 -36.59 14.08
CA THR C 391 -15.59 -37.02 14.26
C THR C 391 -15.68 -38.36 15.01
N CYS C 392 -14.66 -38.69 15.82
CA CYS C 392 -14.66 -39.96 16.51
C CYS C 392 -15.36 -39.88 17.85
N GLU C 393 -15.24 -38.76 18.54
CA GLU C 393 -15.70 -38.66 19.91
C GLU C 393 -16.82 -37.63 20.04
N LYS C 394 -17.14 -37.30 21.29
CA LYS C 394 -18.25 -36.40 21.58
C LYS C 394 -17.92 -34.97 21.17
N ASN C 395 -16.71 -34.52 21.48
CA ASN C 395 -16.24 -33.20 21.07
C ASN C 395 -14.95 -33.36 20.28
N SER C 396 -15.08 -33.46 18.96
CA SER C 396 -13.94 -33.49 18.07
C SER C 396 -13.68 -32.07 17.60
N VAL C 397 -12.42 -31.75 17.36
CA VAL C 397 -12.09 -30.36 17.10
C VAL C 397 -12.48 -29.97 15.69
N LEU C 398 -12.79 -30.95 14.85
CA LEU C 398 -13.32 -30.62 13.54
C LEU C 398 -14.78 -30.19 13.67
N GLU C 399 -15.48 -30.75 14.64
CA GLU C 399 -16.85 -30.34 14.93
C GLU C 399 -16.89 -29.00 15.65
N VAL C 400 -16.01 -28.83 16.64
CA VAL C 400 -16.14 -27.71 17.57
C VAL C 400 -15.69 -26.41 16.92
N ILE C 401 -14.74 -26.48 15.99
CA ILE C 401 -14.35 -25.31 15.21
C ILE C 401 -15.51 -24.81 14.34
N ALA C 402 -16.15 -25.73 13.61
CA ALA C 402 -17.14 -25.32 12.63
C ALA C 402 -18.45 -24.90 13.30
N TYR C 403 -18.84 -25.54 14.39
CA TYR C 403 -20.09 -25.22 15.04
C TYR C 403 -19.96 -24.13 16.10
N SER C 404 -18.82 -23.44 16.17
CA SER C 404 -18.66 -22.42 17.20
C SER C 404 -19.41 -21.15 16.81
N SER C 405 -19.90 -20.45 17.83
CA SER C 405 -20.95 -19.45 17.69
C SER C 405 -20.47 -18.10 17.20
N SER C 406 -19.24 -18.00 16.70
CA SER C 406 -18.58 -16.81 16.13
C SER C 406 -18.34 -15.70 17.14
N GLU C 407 -18.75 -15.88 18.40
CA GLU C 407 -18.29 -15.01 19.47
C GLU C 407 -16.88 -15.39 19.88
N THR C 408 -16.50 -16.65 19.66
CA THR C 408 -15.13 -17.07 19.84
C THR C 408 -14.37 -16.74 18.56
N PRO C 409 -13.30 -15.94 18.64
CA PRO C 409 -12.64 -15.48 17.42
C PRO C 409 -11.88 -16.59 16.73
N ASN C 410 -11.44 -16.27 15.50
CA ASN C 410 -10.40 -17.02 14.79
C ASN C 410 -10.83 -18.46 14.49
N ARG C 411 -12.15 -18.68 14.32
CA ARG C 411 -12.64 -19.96 13.83
C ARG C 411 -12.13 -20.22 12.43
N HIS C 412 -11.97 -19.15 11.66
CA HIS C 412 -11.48 -19.24 10.30
C HIS C 412 -10.00 -19.54 10.30
N ASP C 413 -9.29 -19.08 11.34
CA ASP C 413 -7.85 -19.30 11.41
C ASP C 413 -7.51 -20.74 11.77
N MET C 414 -8.33 -21.38 12.60
CA MET C 414 -8.02 -22.69 13.14
C MET C 414 -8.21 -23.83 12.14
N LEU C 415 -8.53 -23.53 10.88
CA LEU C 415 -8.54 -24.54 9.83
C LEU C 415 -7.29 -24.48 8.99
N LEU C 416 -6.28 -23.73 9.43
CA LEU C 416 -5.06 -23.59 8.65
C LEU C 416 -3.96 -24.54 9.09
N VAL C 417 -4.10 -25.20 10.24
CA VAL C 417 -3.05 -26.08 10.73
C VAL C 417 -3.01 -27.34 9.88
N GLU C 418 -1.90 -28.07 9.99
CA GLU C 418 -1.57 -29.07 8.98
C GLU C 418 -2.39 -30.35 9.00
N PRO C 419 -2.68 -31.00 10.13
CA PRO C 419 -3.47 -32.25 10.01
C PRO C 419 -4.93 -32.01 9.73
N LEU C 420 -5.43 -30.78 9.91
CA LEU C 420 -6.84 -30.52 9.61
C LEU C 420 -7.01 -30.09 8.17
N ASN C 421 -6.13 -29.22 7.67
CA ASN C 421 -6.34 -28.58 6.39
C ASN C 421 -6.12 -29.54 5.23
N ARG C 422 -5.47 -30.66 5.50
CA ARG C 422 -5.37 -31.70 4.50
C ARG C 422 -6.34 -32.83 4.79
N LEU C 423 -7.07 -32.74 5.90
CA LEU C 423 -8.08 -33.74 6.22
C LEU C 423 -9.42 -33.38 5.57
N LEU C 424 -9.79 -32.10 5.62
CA LEU C 424 -11.02 -31.67 4.97
C LEU C 424 -10.87 -31.71 3.45
N GLN C 425 -9.67 -31.41 2.95
CA GLN C 425 -9.44 -31.46 1.52
C GLN C 425 -9.43 -32.90 1.04
N ASP C 426 -9.10 -33.84 1.90
CA ASP C 426 -9.08 -35.22 1.46
C ASP C 426 -10.32 -35.98 1.91
N LYS C 427 -11.22 -35.30 2.61
CA LYS C 427 -12.58 -35.84 2.72
C LYS C 427 -13.45 -35.35 1.60
N TRP C 428 -13.08 -34.24 0.97
CA TRP C 428 -13.90 -33.72 -0.12
C TRP C 428 -13.67 -34.52 -1.38
N ASP C 429 -12.43 -34.96 -1.61
CA ASP C 429 -12.08 -35.58 -2.87
C ASP C 429 -12.64 -36.98 -3.01
N ARG C 430 -13.20 -37.56 -1.96
CA ARG C 430 -13.90 -38.83 -2.08
C ARG C 430 -15.08 -38.86 -1.11
N PHE C 431 -16.21 -39.37 -1.61
CA PHE C 431 -17.56 -39.55 -1.08
C PHE C 431 -18.27 -38.26 -0.63
N VAL C 432 -17.69 -37.08 -0.80
CA VAL C 432 -18.46 -35.88 -0.45
C VAL C 432 -18.66 -35.01 -1.68
N LYS C 433 -17.72 -35.06 -2.63
CA LYS C 433 -17.92 -34.36 -3.89
C LYS C 433 -19.04 -35.02 -4.69
N ARG C 434 -19.20 -36.33 -4.54
CA ARG C 434 -20.26 -37.02 -5.25
C ARG C 434 -21.62 -36.74 -4.63
N ILE C 435 -21.68 -36.57 -3.31
CA ILE C 435 -22.98 -36.34 -2.68
C ILE C 435 -23.39 -34.88 -2.81
N PHE C 436 -22.43 -33.97 -2.78
CA PHE C 436 -22.77 -32.55 -2.88
C PHE C 436 -23.22 -32.17 -4.28
N TYR C 437 -22.68 -32.83 -5.30
CA TYR C 437 -23.16 -32.56 -6.65
C TYR C 437 -24.51 -33.22 -6.88
N PHE C 438 -24.85 -34.21 -6.07
CA PHE C 438 -26.16 -34.83 -6.19
C PHE C 438 -27.21 -34.03 -5.45
N ASN C 439 -26.83 -33.34 -4.37
CA ASN C 439 -27.80 -32.49 -3.70
C ASN C 439 -28.12 -31.28 -4.54
N PHE C 440 -27.16 -30.80 -5.32
CA PHE C 440 -27.40 -29.65 -6.17
C PHE C 440 -28.17 -30.03 -7.43
N PHE C 441 -28.15 -31.31 -7.79
CA PHE C 441 -28.90 -31.73 -8.96
C PHE C 441 -30.36 -31.99 -8.62
N VAL C 442 -30.63 -32.52 -7.42
CA VAL C 442 -32.01 -32.73 -7.02
C VAL C 442 -32.68 -31.40 -6.73
N TYR C 443 -31.93 -30.43 -6.24
CA TYR C 443 -32.52 -29.12 -5.96
C TYR C 443 -32.83 -28.38 -7.25
N CYS C 444 -32.03 -28.57 -8.30
CA CYS C 444 -32.36 -27.95 -9.56
C CYS C 444 -33.51 -28.67 -10.26
N LEU C 445 -33.74 -29.93 -9.93
CA LEU C 445 -34.95 -30.60 -10.40
C LEU C 445 -36.14 -30.25 -9.54
N TYR C 446 -35.92 -29.60 -8.42
CA TYR C 446 -37.04 -29.15 -7.62
C TYR C 446 -37.55 -27.81 -8.10
N MET C 447 -36.65 -26.93 -8.52
CA MET C 447 -37.09 -25.61 -8.92
C MET C 447 -37.64 -25.60 -10.34
N ILE C 448 -37.34 -26.61 -11.14
CA ILE C 448 -37.96 -26.68 -12.46
C ILE C 448 -39.38 -27.23 -12.33
N VAL C 449 -39.61 -28.12 -11.36
CA VAL C 449 -40.96 -28.62 -11.13
C VAL C 449 -41.81 -27.55 -10.47
N PHE C 450 -41.26 -26.86 -9.49
CA PHE C 450 -42.05 -25.88 -8.75
C PHE C 450 -42.28 -24.61 -9.56
N THR C 451 -41.41 -24.31 -10.53
CA THR C 451 -41.71 -23.24 -11.47
C THR C 451 -42.87 -23.61 -12.38
N THR C 452 -42.80 -24.79 -12.98
CA THR C 452 -43.75 -25.17 -14.01
C THR C 452 -45.11 -25.48 -13.41
N ALA C 453 -45.14 -25.96 -12.17
CA ALA C 453 -46.42 -26.23 -11.54
C ALA C 453 -47.07 -24.96 -11.04
N ALA C 454 -46.30 -23.88 -10.90
CA ALA C 454 -46.88 -22.62 -10.47
C ALA C 454 -47.23 -21.75 -11.67
N TYR C 455 -46.46 -21.87 -12.75
CA TYR C 455 -46.74 -21.12 -13.96
C TYR C 455 -48.09 -21.51 -14.56
N TYR C 456 -48.39 -22.80 -14.59
CA TYR C 456 -49.60 -23.30 -15.20
C TYR C 456 -50.75 -23.45 -14.21
N ARG C 457 -50.78 -22.63 -13.16
CA ARG C 457 -51.80 -22.70 -12.11
C ARG C 457 -53.17 -22.38 -12.67
N PRO C 458 -54.24 -22.89 -12.06
CA PRO C 458 -55.57 -22.56 -12.57
C PRO C 458 -55.95 -21.14 -12.21
N VAL C 459 -56.55 -20.45 -13.18
CA VAL C 459 -57.01 -19.09 -13.04
C VAL C 459 -58.52 -19.02 -12.89
N ASP C 460 -59.18 -20.17 -12.81
CA ASP C 460 -60.62 -20.26 -13.02
C ASP C 460 -61.40 -19.67 -11.83
N GLY C 461 -61.26 -20.26 -10.65
CA GLY C 461 -62.10 -19.86 -9.55
C GLY C 461 -61.50 -19.94 -8.16
N LEU C 462 -62.31 -20.38 -7.20
CA LEU C 462 -61.88 -20.43 -5.81
C LEU C 462 -60.92 -21.61 -5.59
N PRO C 463 -59.92 -21.44 -4.73
CA PRO C 463 -58.66 -22.18 -4.87
C PRO C 463 -58.72 -23.69 -4.65
N PRO C 464 -59.61 -24.30 -3.85
CA PRO C 464 -59.66 -25.77 -3.94
C PRO C 464 -60.33 -26.20 -5.23
N TYR C 465 -59.52 -26.58 -6.21
CA TYR C 465 -59.99 -26.81 -7.57
C TYR C 465 -60.24 -28.29 -7.80
N LYS C 466 -61.28 -28.58 -8.57
CA LYS C 466 -61.54 -29.95 -8.98
C LYS C 466 -60.51 -30.39 -10.02
N LEU C 467 -60.40 -31.69 -10.20
CA LEU C 467 -59.34 -32.28 -10.98
C LEU C 467 -59.96 -33.02 -12.17
N LYS C 468 -59.75 -32.48 -13.37
CA LYS C 468 -60.29 -33.10 -14.56
C LYS C 468 -59.47 -34.34 -14.93
N ASN C 469 -60.08 -35.21 -15.73
CA ASN C 469 -59.41 -36.43 -16.16
C ASN C 469 -58.70 -36.14 -17.47
N THR C 470 -57.55 -35.46 -17.37
CA THR C 470 -56.71 -35.17 -18.52
C THR C 470 -55.28 -35.58 -18.17
N VAL C 471 -54.44 -35.67 -19.19
CA VAL C 471 -53.02 -35.93 -18.94
C VAL C 471 -52.34 -34.64 -18.51
N GLY C 472 -53.00 -33.50 -18.74
CA GLY C 472 -52.43 -32.23 -18.32
C GLY C 472 -52.60 -32.01 -16.83
N ASP C 473 -53.76 -32.36 -16.29
CA ASP C 473 -54.01 -32.07 -14.89
C ASP C 473 -53.38 -33.12 -13.98
N TYR C 474 -53.07 -34.30 -14.50
CA TYR C 474 -52.36 -35.29 -13.72
C TYR C 474 -50.92 -34.84 -13.48
N PHE C 475 -50.30 -34.24 -14.48
CA PHE C 475 -48.93 -33.76 -14.32
C PHE C 475 -48.87 -32.53 -13.44
N ARG C 476 -49.94 -31.74 -13.41
CA ARG C 476 -49.90 -30.51 -12.63
C ARG C 476 -50.10 -30.79 -11.16
N VAL C 477 -51.03 -31.67 -10.80
CA VAL C 477 -51.29 -31.94 -9.39
C VAL C 477 -50.19 -32.86 -8.84
N THR C 478 -49.44 -33.52 -9.73
CA THR C 478 -48.21 -34.16 -9.30
C THR C 478 -47.14 -33.12 -9.03
N GLY C 479 -47.10 -32.08 -9.85
CA GLY C 479 -46.10 -31.04 -9.68
C GLY C 479 -46.33 -30.19 -8.44
N GLU C 480 -47.56 -30.19 -7.93
CA GLU C 480 -47.85 -29.44 -6.71
C GLU C 480 -47.51 -30.26 -5.47
N ILE C 481 -47.76 -31.56 -5.51
CA ILE C 481 -47.48 -32.42 -4.37
C ILE C 481 -45.97 -32.60 -4.21
N LEU C 482 -45.22 -32.62 -5.32
CA LEU C 482 -43.77 -32.64 -5.22
C LEU C 482 -43.21 -31.29 -4.80
N SER C 483 -44.03 -30.25 -4.81
CA SER C 483 -43.55 -28.92 -4.44
C SER C 483 -43.86 -28.61 -2.98
N VAL C 484 -44.96 -29.13 -2.45
CA VAL C 484 -45.24 -28.96 -1.03
C VAL C 484 -44.34 -29.87 -0.21
N SER C 485 -44.11 -31.10 -0.70
CA SER C 485 -43.31 -32.05 0.05
C SER C 485 -41.85 -31.64 0.09
N GLY C 486 -41.39 -30.92 -0.90
CA GLY C 486 -40.11 -30.25 -0.78
C GLY C 486 -40.15 -29.14 0.26
N GLY C 487 -41.29 -28.48 0.37
CA GLY C 487 -41.40 -27.38 1.31
C GLY C 487 -41.48 -27.84 2.75
N VAL C 488 -41.89 -29.10 2.97
CA VAL C 488 -41.87 -29.65 4.32
C VAL C 488 -40.45 -30.03 4.71
N TYR C 489 -39.66 -30.50 3.74
CA TYR C 489 -38.31 -30.95 4.00
C TYR C 489 -37.42 -29.80 4.47
N PHE C 490 -37.56 -28.64 3.86
CA PHE C 490 -36.76 -27.50 4.28
C PHE C 490 -37.29 -26.92 5.59
N PHE C 491 -38.54 -27.23 5.93
CA PHE C 491 -39.09 -26.73 7.17
C PHE C 491 -38.61 -27.55 8.35
N LEU C 492 -38.49 -28.87 8.17
CA LEU C 492 -38.08 -29.71 9.30
C LEU C 492 -36.59 -29.61 9.55
N ARG C 493 -35.77 -29.50 8.50
CA ARG C 493 -34.34 -29.31 8.72
C ARG C 493 -34.03 -27.91 9.22
N GLY C 494 -34.95 -26.98 9.01
CA GLY C 494 -34.84 -25.72 9.69
C GLY C 494 -35.12 -25.86 11.17
N ILE C 495 -36.16 -26.63 11.52
CA ILE C 495 -36.69 -26.59 12.88
C ILE C 495 -35.86 -27.48 13.80
N GLN C 496 -35.01 -28.33 13.23
CA GLN C 496 -34.06 -29.07 14.06
C GLN C 496 -32.76 -28.30 14.19
N TYR C 497 -32.53 -27.35 13.28
CA TYR C 497 -31.32 -26.55 13.35
C TYR C 497 -31.44 -25.47 14.41
N PHE C 498 -32.65 -25.01 14.68
CA PHE C 498 -32.79 -23.93 15.65
C PHE C 498 -33.08 -24.45 17.04
N LEU C 499 -33.89 -25.51 17.15
CA LEU C 499 -34.40 -25.96 18.44
C LEU C 499 -33.76 -27.25 18.92
N GLN C 500 -33.78 -28.31 18.11
CA GLN C 500 -33.27 -29.59 18.56
C GLN C 500 -31.76 -29.57 18.70
N ARG C 501 -31.07 -28.99 17.73
CA ARG C 501 -29.65 -28.69 17.84
C ARG C 501 -29.49 -27.19 17.74
N ARG C 502 -28.32 -26.71 18.16
CA ARG C 502 -27.84 -25.35 17.91
C ARG C 502 -28.81 -24.23 18.29
N PRO C 503 -28.99 -23.95 19.59
CA PRO C 503 -29.78 -22.78 19.95
C PRO C 503 -29.02 -21.51 19.60
N SER C 504 -29.76 -20.50 19.16
CA SER C 504 -29.13 -19.32 18.59
C SER C 504 -29.80 -18.05 19.08
N MET C 505 -28.99 -17.07 19.43
CA MET C 505 -29.47 -15.78 19.88
C MET C 505 -29.76 -14.89 18.67
N LYS C 506 -30.30 -13.70 18.95
CA LYS C 506 -30.82 -12.85 17.87
C LYS C 506 -29.69 -12.21 17.08
N THR C 507 -28.56 -11.91 17.72
CA THR C 507 -27.46 -11.30 16.99
C THR C 507 -26.64 -12.34 16.24
N LEU C 508 -26.96 -13.61 16.40
CA LEU C 508 -26.27 -14.67 15.68
C LEU C 508 -26.91 -14.95 14.31
N PHE C 509 -27.97 -14.22 13.96
CA PHE C 509 -28.60 -14.40 12.66
C PHE C 509 -27.91 -13.61 11.55
N VAL C 510 -26.68 -13.16 11.79
CA VAL C 510 -25.81 -12.75 10.71
C VAL C 510 -24.68 -13.75 10.55
N ASP C 511 -24.59 -14.69 11.49
CA ASP C 511 -23.68 -15.82 11.34
C ASP C 511 -24.37 -17.00 10.67
N SER C 512 -25.65 -17.18 10.96
CA SER C 512 -26.45 -18.27 10.42
C SER C 512 -27.37 -17.79 9.31
N TYR C 513 -26.81 -16.90 8.47
CA TYR C 513 -27.59 -16.25 7.43
C TYR C 513 -28.06 -17.22 6.37
N SER C 514 -27.19 -18.16 5.99
CA SER C 514 -27.50 -19.04 4.87
C SER C 514 -28.59 -20.04 5.22
N GLU C 515 -28.77 -20.29 6.51
CA GLU C 515 -29.80 -21.23 6.94
C GLU C 515 -31.12 -20.52 7.21
N MET C 516 -31.07 -19.25 7.56
CA MET C 516 -32.30 -18.49 7.78
C MET C 516 -33.09 -18.33 6.47
N LEU C 517 -32.40 -18.23 5.35
CA LEU C 517 -33.09 -18.06 4.07
C LEU C 517 -33.78 -19.34 3.61
N PHE C 518 -33.21 -20.50 3.93
CA PHE C 518 -33.90 -21.74 3.58
C PHE C 518 -35.08 -22.00 4.49
N PHE C 519 -35.17 -21.30 5.61
CA PHE C 519 -36.31 -21.50 6.48
C PHE C 519 -37.42 -20.52 6.13
N VAL C 520 -37.07 -19.30 5.74
CA VAL C 520 -38.07 -18.30 5.38
C VAL C 520 -38.80 -18.71 4.10
N GLN C 521 -38.07 -19.34 3.16
CA GLN C 521 -38.69 -19.94 1.98
C GLN C 521 -39.73 -20.98 2.37
N SER C 522 -39.43 -21.82 3.35
CA SER C 522 -40.34 -22.89 3.69
C SER C 522 -41.48 -22.40 4.57
N LEU C 523 -41.43 -21.14 5.01
CA LEU C 523 -42.59 -20.55 5.67
C LEU C 523 -43.60 -20.04 4.64
N PHE C 524 -43.12 -19.50 3.53
CA PHE C 524 -44.04 -19.05 2.49
C PHE C 524 -44.69 -20.22 1.79
N MET C 525 -43.92 -21.27 1.49
CA MET C 525 -44.46 -22.40 0.75
C MET C 525 -45.46 -23.19 1.59
N LEU C 526 -45.22 -23.29 2.89
CA LEU C 526 -46.24 -23.83 3.77
C LEU C 526 -47.28 -22.78 4.13
N GLY C 527 -46.97 -21.50 3.91
CA GLY C 527 -47.96 -20.48 4.12
C GLY C 527 -49.04 -20.52 3.05
N SER C 528 -48.68 -20.95 1.84
CA SER C 528 -49.66 -21.05 0.77
C SER C 528 -50.63 -22.19 0.99
N VAL C 529 -50.16 -23.28 1.59
CA VAL C 529 -51.02 -24.46 1.76
C VAL C 529 -52.10 -24.19 2.80
N VAL C 530 -51.82 -23.29 3.74
CA VAL C 530 -52.86 -22.84 4.64
C VAL C 530 -53.89 -22.00 3.89
N LEU C 531 -53.43 -21.09 3.03
CA LEU C 531 -54.34 -20.22 2.31
C LEU C 531 -55.05 -20.94 1.17
N TYR C 532 -54.44 -22.00 0.65
CA TYR C 532 -55.03 -22.72 -0.48
C TYR C 532 -56.28 -23.47 -0.04
N PHE C 533 -56.25 -24.05 1.15
CA PHE C 533 -57.41 -24.79 1.63
C PHE C 533 -58.29 -23.98 2.55
N SER C 534 -58.00 -22.70 2.72
CA SER C 534 -58.89 -21.82 3.44
C SER C 534 -59.79 -21.02 2.51
N HIS C 535 -59.91 -21.47 1.25
CA HIS C 535 -60.76 -20.85 0.23
C HIS C 535 -60.38 -19.40 -0.03
N ARG C 536 -59.09 -19.10 -0.05
CA ARG C 536 -58.62 -17.74 -0.21
C ARG C 536 -57.76 -17.61 -1.45
N LYS C 537 -57.99 -16.55 -2.23
CA LYS C 537 -57.27 -16.33 -3.48
C LYS C 537 -55.87 -15.79 -3.23
N GLU C 538 -55.51 -15.49 -2.00
CA GLU C 538 -54.19 -14.97 -1.70
C GLU C 538 -53.12 -16.04 -1.60
N TYR C 539 -53.31 -17.23 -2.17
CA TYR C 539 -52.23 -18.19 -2.15
C TYR C 539 -51.17 -17.82 -3.18
N VAL C 540 -51.54 -16.99 -4.17
CA VAL C 540 -50.56 -16.59 -5.17
C VAL C 540 -49.74 -15.41 -4.67
N ALA C 541 -49.98 -14.95 -3.45
CA ALA C 541 -49.14 -13.89 -2.91
C ALA C 541 -48.07 -14.46 -1.99
N SER C 542 -48.24 -15.72 -1.59
CA SER C 542 -47.23 -16.35 -0.74
C SER C 542 -46.39 -17.32 -1.53
N MET C 543 -47.01 -18.00 -2.49
CA MET C 543 -46.28 -18.90 -3.39
C MET C 543 -45.26 -18.13 -4.20
N VAL C 544 -45.59 -16.91 -4.60
CA VAL C 544 -44.75 -16.12 -5.50
C VAL C 544 -43.49 -15.65 -4.79
N PHE C 545 -43.60 -15.28 -3.51
CA PHE C 545 -42.39 -14.98 -2.75
C PHE C 545 -41.58 -16.23 -2.46
N SER C 546 -42.18 -17.40 -2.59
CA SER C 546 -41.37 -18.62 -2.46
C SER C 546 -40.65 -18.92 -3.75
N LEU C 547 -41.23 -18.56 -4.90
CA LEU C 547 -40.54 -18.73 -6.18
C LEU C 547 -39.36 -17.79 -6.32
N ALA C 548 -39.55 -16.53 -5.98
CA ALA C 548 -38.48 -15.55 -6.12
C ALA C 548 -37.36 -15.80 -5.14
N MET C 549 -37.69 -16.41 -4.00
CA MET C 549 -36.66 -16.74 -3.02
C MET C 549 -36.15 -18.14 -3.27
N GLY C 550 -36.87 -18.91 -4.07
CA GLY C 550 -36.45 -20.26 -4.35
C GLY C 550 -35.27 -20.31 -5.30
N TRP C 551 -35.37 -19.59 -6.41
CA TRP C 551 -34.28 -19.55 -7.37
C TRP C 551 -33.07 -18.83 -6.81
N THR C 552 -33.30 -17.85 -5.96
CA THR C 552 -32.24 -17.01 -5.42
C THR C 552 -31.36 -17.75 -4.42
N ASN C 553 -31.91 -18.74 -3.72
CA ASN C 553 -31.16 -19.53 -2.75
C ASN C 553 -30.34 -20.62 -3.42
N MET C 554 -30.31 -20.64 -4.74
CA MET C 554 -29.40 -21.50 -5.48
C MET C 554 -27.99 -20.95 -5.46
N LEU C 555 -27.80 -19.75 -4.93
CA LEU C 555 -26.47 -19.27 -4.61
C LEU C 555 -25.93 -19.85 -3.31
N TYR C 556 -26.71 -20.68 -2.62
CA TYR C 556 -26.13 -21.40 -1.51
C TYR C 556 -25.18 -22.47 -1.99
N TYR C 557 -25.45 -23.06 -3.15
CA TYR C 557 -24.61 -24.15 -3.59
C TYR C 557 -23.37 -23.68 -4.32
N THR C 558 -23.23 -22.38 -4.55
CA THR C 558 -22.07 -21.93 -5.30
C THR C 558 -20.90 -21.67 -4.36
N ARG C 559 -21.10 -21.86 -3.06
CA ARG C 559 -19.96 -22.06 -2.18
C ARG C 559 -19.48 -23.50 -2.33
N GLY C 560 -18.24 -23.75 -1.93
CA GLY C 560 -17.59 -25.00 -2.27
C GLY C 560 -16.94 -24.98 -3.63
N PHE C 561 -17.15 -23.92 -4.40
CA PHE C 561 -16.36 -23.63 -5.58
C PHE C 561 -15.53 -22.43 -5.16
N GLN C 562 -14.28 -22.34 -5.59
CA GLN C 562 -13.44 -21.29 -5.03
C GLN C 562 -13.77 -19.93 -5.60
N GLN C 563 -13.62 -19.75 -6.92
CA GLN C 563 -13.79 -18.41 -7.47
C GLN C 563 -15.26 -17.99 -7.54
N MET C 564 -16.16 -18.96 -7.68
CA MET C 564 -17.57 -18.62 -7.60
C MET C 564 -18.00 -18.32 -6.17
N GLY C 565 -17.38 -18.97 -5.19
CA GLY C 565 -17.84 -18.84 -3.82
C GLY C 565 -17.49 -17.52 -3.19
N ILE C 566 -16.45 -16.85 -3.69
CA ILE C 566 -16.07 -15.55 -3.16
C ILE C 566 -17.04 -14.48 -3.64
N TYR C 567 -17.84 -14.80 -4.67
CA TYR C 567 -18.82 -13.83 -5.12
C TYR C 567 -20.05 -13.84 -4.21
N ALA C 568 -20.46 -15.02 -3.75
CA ALA C 568 -21.70 -15.11 -2.97
C ALA C 568 -21.44 -14.85 -1.49
N VAL C 569 -20.18 -14.85 -1.07
CA VAL C 569 -19.87 -14.42 0.29
C VAL C 569 -19.99 -12.92 0.41
N MET C 570 -19.62 -12.20 -0.65
CA MET C 570 -19.67 -10.74 -0.63
C MET C 570 -21.10 -10.23 -0.66
N ILE C 571 -22.05 -11.05 -1.07
CA ILE C 571 -23.44 -10.62 -1.02
C ILE C 571 -23.97 -10.67 0.40
N GLU C 572 -23.66 -11.73 1.15
CA GLU C 572 -24.18 -11.81 2.51
C GLU C 572 -23.41 -10.89 3.45
N LYS C 573 -22.24 -10.43 3.04
CA LYS C 573 -21.53 -9.46 3.86
C LYS C 573 -21.88 -8.03 3.48
N MET C 574 -22.48 -7.81 2.32
CA MET C 574 -22.89 -6.48 1.91
C MET C 574 -24.38 -6.40 1.60
N ILE C 575 -25.20 -7.06 2.41
CA ILE C 575 -26.64 -6.88 2.34
C ILE C 575 -27.05 -6.63 3.77
N LEU C 576 -26.07 -6.70 4.67
CA LEU C 576 -26.26 -6.44 6.09
C LEU C 576 -25.36 -5.33 6.60
N ARG C 577 -24.31 -4.98 5.87
CA ARG C 577 -23.36 -3.96 6.26
C ARG C 577 -23.51 -2.70 5.42
N ASP C 578 -23.44 -2.82 4.11
CA ASP C 578 -23.40 -1.64 3.24
C ASP C 578 -24.77 -1.26 2.70
N LEU C 579 -25.67 -2.23 2.56
CA LEU C 579 -26.97 -1.86 2.02
C LEU C 579 -27.94 -1.46 3.13
N CYS C 580 -27.77 -2.01 4.33
CA CYS C 580 -28.68 -1.62 5.41
C CYS C 580 -28.27 -0.27 6.00
N ARG C 581 -27.04 0.17 5.77
CA ARG C 581 -26.72 1.54 6.15
C ARG C 581 -27.15 2.51 5.07
N PHE C 582 -26.99 2.13 3.81
CA PHE C 582 -27.33 3.03 2.72
C PHE C 582 -28.83 3.22 2.60
N MET C 583 -29.61 2.18 2.86
CA MET C 583 -31.05 2.32 2.67
C MET C 583 -31.71 3.00 3.85
N PHE C 584 -30.95 3.35 4.89
CA PHE C 584 -31.51 4.25 5.89
C PHE C 584 -31.31 5.70 5.49
N VAL C 585 -30.13 6.03 4.96
CA VAL C 585 -29.84 7.40 4.56
C VAL C 585 -30.63 7.77 3.32
N TYR C 586 -30.81 6.81 2.42
CA TYR C 586 -31.57 7.07 1.21
C TYR C 586 -33.05 7.25 1.51
N LEU C 587 -33.57 6.52 2.49
CA LEU C 587 -34.99 6.68 2.81
C LEU C 587 -35.24 7.91 3.66
N VAL C 588 -34.19 8.56 4.16
CA VAL C 588 -34.36 9.87 4.75
C VAL C 588 -34.52 10.92 3.65
N PHE C 589 -33.68 10.84 2.62
CA PHE C 589 -33.72 11.85 1.56
C PHE C 589 -34.96 11.70 0.70
N LEU C 590 -35.36 10.46 0.41
CA LEU C 590 -36.51 10.24 -0.44
C LEU C 590 -37.79 10.65 0.26
N PHE C 591 -37.89 10.39 1.56
CA PHE C 591 -39.09 10.79 2.29
C PHE C 591 -38.94 12.20 2.80
N GLY C 592 -37.73 12.75 2.74
CA GLY C 592 -37.58 14.17 3.03
C GLY C 592 -38.14 15.03 1.92
N PHE C 593 -37.68 14.82 0.69
CA PHE C 593 -38.07 15.68 -0.41
C PHE C 593 -39.46 15.36 -0.93
N SER C 594 -39.92 14.11 -0.82
CA SER C 594 -41.26 13.81 -1.31
C SER C 594 -42.33 14.21 -0.31
N THR C 595 -41.93 14.67 0.87
CA THR C 595 -42.87 15.37 1.73
C THR C 595 -42.94 16.84 1.34
N ALA C 596 -41.82 17.39 0.88
CA ALA C 596 -41.78 18.77 0.46
C ALA C 596 -42.59 18.98 -0.81
N VAL C 597 -42.58 18.00 -1.71
CA VAL C 597 -43.18 18.19 -3.01
C VAL C 597 -44.71 18.08 -2.93
N VAL C 598 -45.23 17.18 -2.10
CA VAL C 598 -46.67 17.01 -2.02
C VAL C 598 -47.32 18.20 -1.32
N THR C 599 -46.59 18.82 -0.40
CA THR C 599 -47.09 20.03 0.25
C THR C 599 -47.21 21.17 -0.74
N LEU C 600 -46.35 21.19 -1.75
CA LEU C 600 -46.47 22.18 -2.82
C LEU C 600 -47.69 21.92 -3.70
N ILE C 601 -47.80 20.73 -4.27
CA ILE C 601 -48.70 20.55 -5.41
C ILE C 601 -50.14 20.50 -4.93
N GLU C 602 -50.99 21.27 -5.58
CA GLU C 602 -52.36 21.48 -5.15
C GLU C 602 -53.26 20.50 -5.90
N ASP C 603 -54.57 20.74 -5.85
CA ASP C 603 -55.53 19.82 -6.46
C ASP C 603 -55.60 19.99 -7.98
N GLY C 604 -56.65 19.43 -8.59
CA GLY C 604 -56.78 19.46 -10.04
C GLY C 604 -56.89 20.86 -10.61
N LYS C 605 -57.51 21.76 -9.85
CA LYS C 605 -57.31 23.21 -9.94
C LYS C 605 -57.94 23.84 -11.18
N ASN C 606 -58.49 23.03 -12.08
CA ASN C 606 -59.00 23.54 -13.34
C ASN C 606 -60.38 22.96 -13.65
N PRO C 625 -50.13 10.80 -19.59
CA PRO C 625 -50.52 10.00 -18.42
C PRO C 625 -51.11 10.86 -17.30
N PRO C 626 -52.40 11.20 -17.40
CA PRO C 626 -53.02 12.05 -16.38
C PRO C 626 -53.30 11.27 -15.11
N ASP C 627 -52.96 11.88 -13.97
CA ASP C 627 -53.17 11.29 -12.67
C ASP C 627 -53.14 12.40 -11.63
N SER C 628 -53.87 12.20 -10.54
CA SER C 628 -53.77 13.09 -9.39
C SER C 628 -52.56 12.68 -8.57
N TYR C 629 -51.52 13.51 -8.60
CA TYR C 629 -50.28 13.25 -7.89
C TYR C 629 -50.31 13.70 -6.44
N ASN C 630 -51.49 14.00 -5.89
CA ASN C 630 -51.56 14.51 -4.53
C ASN C 630 -51.31 13.42 -3.49
N SER C 631 -51.30 12.16 -3.88
CA SER C 631 -51.00 11.12 -2.92
C SER C 631 -49.52 11.15 -2.58
N LEU C 632 -49.19 10.77 -1.35
CA LEU C 632 -47.80 10.66 -0.98
C LEU C 632 -47.16 9.43 -1.61
N TYR C 633 -47.98 8.45 -1.97
CA TYR C 633 -47.42 7.24 -2.57
C TYR C 633 -46.91 7.49 -3.98
N SER C 634 -47.64 8.26 -4.77
CA SER C 634 -47.21 8.51 -6.14
C SER C 634 -45.95 9.36 -6.16
N THR C 635 -45.85 10.36 -5.30
CA THR C 635 -44.72 11.27 -5.36
C THR C 635 -43.49 10.66 -4.71
N CYS C 636 -43.68 9.70 -3.80
CA CYS C 636 -42.53 8.92 -3.35
C CYS C 636 -42.07 7.97 -4.43
N LEU C 637 -42.95 7.64 -5.37
CA LEU C 637 -42.56 6.76 -6.45
C LEU C 637 -41.92 7.55 -7.59
N GLU C 638 -42.40 8.77 -7.84
CA GLU C 638 -41.84 9.59 -8.91
C GLU C 638 -40.46 10.10 -8.57
N LEU C 639 -40.11 10.12 -7.29
CA LEU C 639 -38.75 10.51 -6.92
C LEU C 639 -37.86 9.31 -6.74
N PHE C 640 -38.42 8.11 -6.71
CA PHE C 640 -37.57 6.94 -6.77
C PHE C 640 -37.02 6.76 -8.17
N LYS C 641 -37.74 7.24 -9.18
CA LYS C 641 -37.37 6.97 -10.55
C LYS C 641 -36.16 7.77 -10.99
N PHE C 642 -35.75 8.75 -10.20
CA PHE C 642 -34.52 9.47 -10.53
C PHE C 642 -33.30 8.63 -10.20
N THR C 643 -33.45 7.71 -9.26
CA THR C 643 -32.33 6.83 -8.91
C THR C 643 -32.19 5.72 -9.93
N ILE C 644 -33.31 5.29 -10.52
CA ILE C 644 -33.38 4.11 -11.37
C ILE C 644 -32.93 4.48 -12.77
N GLY C 645 -32.76 5.78 -13.03
CA GLY C 645 -32.37 6.24 -14.34
C GLY C 645 -33.51 6.48 -15.29
N MET C 646 -34.74 6.56 -14.81
CA MET C 646 -35.89 6.83 -15.65
C MET C 646 -36.60 8.03 -15.01
N GLY C 647 -36.07 9.22 -15.20
CA GLY C 647 -36.40 10.34 -14.34
C GLY C 647 -37.06 11.48 -15.10
N ASP C 648 -38.27 11.80 -14.70
CA ASP C 648 -39.10 12.75 -15.44
C ASP C 648 -39.24 14.02 -14.62
N LEU C 649 -38.46 15.05 -14.94
CA LEU C 649 -38.78 16.38 -14.45
C LEU C 649 -40.03 16.86 -15.17
N GLU C 650 -40.71 17.84 -14.56
CA GLU C 650 -42.05 18.28 -14.93
C GLU C 650 -43.01 17.10 -14.99
N PHE C 651 -43.02 16.28 -13.94
CA PHE C 651 -43.96 15.16 -13.92
C PHE C 651 -45.37 15.61 -13.60
N THR C 652 -45.52 16.81 -13.08
CA THR C 652 -46.81 17.43 -12.89
C THR C 652 -46.71 18.92 -13.15
N GLU C 653 -47.87 19.54 -13.34
CA GLU C 653 -47.97 20.99 -13.48
C GLU C 653 -49.17 21.53 -12.71
N ASN C 654 -49.67 20.74 -11.76
CA ASN C 654 -50.76 21.15 -10.90
C ASN C 654 -50.29 21.94 -9.70
N TYR C 655 -49.00 22.20 -9.61
CA TYR C 655 -48.46 22.97 -8.50
C TYR C 655 -48.69 24.46 -8.71
N ASP C 656 -48.00 25.24 -7.89
CA ASP C 656 -47.80 26.65 -8.11
C ASP C 656 -46.36 26.91 -7.69
N PHE C 657 -45.85 28.12 -7.98
CA PHE C 657 -44.47 28.51 -7.67
C PHE C 657 -43.46 27.58 -8.34
N LYS C 658 -43.34 27.70 -9.66
CA LYS C 658 -42.47 26.81 -10.44
C LYS C 658 -41.00 26.95 -10.04
N ALA C 659 -40.61 28.10 -9.50
CA ALA C 659 -39.22 28.30 -9.13
C ALA C 659 -38.80 27.42 -7.98
N VAL C 660 -39.69 27.17 -7.02
CA VAL C 660 -39.29 26.36 -5.88
C VAL C 660 -39.50 24.88 -6.18
N PHE C 661 -40.26 24.56 -7.22
CA PHE C 661 -40.46 23.16 -7.55
C PHE C 661 -39.24 22.60 -8.26
N ILE C 662 -38.58 23.43 -9.07
CA ILE C 662 -37.41 22.97 -9.79
C ILE C 662 -36.22 22.89 -8.86
N ILE C 663 -36.11 23.83 -7.91
CA ILE C 663 -34.99 23.84 -6.96
C ILE C 663 -35.04 22.60 -6.07
N LEU C 664 -36.25 22.15 -5.72
CA LEU C 664 -36.37 20.94 -4.93
C LEU C 664 -35.96 19.70 -5.71
N LEU C 665 -36.32 19.65 -6.98
CA LEU C 665 -35.91 18.49 -7.79
C LEU C 665 -34.44 18.53 -8.13
N LEU C 666 -33.87 19.72 -8.31
CA LEU C 666 -32.45 19.78 -8.64
C LEU C 666 -31.60 19.59 -7.39
N ALA C 667 -32.11 19.93 -6.22
CA ALA C 667 -31.37 19.63 -5.01
C ALA C 667 -31.50 18.16 -4.66
N TYR C 668 -32.53 17.50 -5.18
CA TYR C 668 -32.68 16.08 -4.92
C TYR C 668 -31.76 15.26 -5.81
N VAL C 669 -31.69 15.60 -7.10
CA VAL C 669 -30.93 14.80 -8.05
C VAL C 669 -29.44 14.91 -7.76
N ILE C 670 -28.98 16.09 -7.33
CA ILE C 670 -27.57 16.25 -7.01
C ILE C 670 -27.23 15.51 -5.71
N LEU C 671 -28.13 15.55 -4.73
CA LEU C 671 -27.90 14.83 -3.48
C LEU C 671 -27.93 13.33 -3.66
N THR C 672 -28.91 12.83 -4.39
CA THR C 672 -29.11 11.40 -4.48
C THR C 672 -28.41 10.76 -5.67
N TYR C 673 -28.65 11.26 -6.88
CA TYR C 673 -28.10 10.60 -8.05
C TYR C 673 -26.60 10.87 -8.20
N ILE C 674 -26.15 12.06 -7.84
CA ILE C 674 -24.75 12.41 -8.03
C ILE C 674 -23.93 12.07 -6.81
N LEU C 675 -24.42 12.38 -5.60
CA LEU C 675 -23.56 12.29 -4.43
C LEU C 675 -23.60 10.92 -3.76
N LEU C 676 -24.79 10.41 -3.42
CA LEU C 676 -24.84 9.16 -2.64
C LEU C 676 -24.49 7.94 -3.49
N LEU C 677 -24.99 7.88 -4.72
CA LEU C 677 -24.72 6.71 -5.56
C LEU C 677 -23.27 6.67 -6.02
N ASN C 678 -22.57 7.79 -5.92
CA ASN C 678 -21.15 7.76 -6.18
C ASN C 678 -20.36 7.63 -4.88
N MET C 679 -21.03 7.77 -3.73
CA MET C 679 -20.41 7.40 -2.47
C MET C 679 -20.59 5.93 -2.19
N LEU C 680 -21.68 5.33 -2.67
CA LEU C 680 -21.90 3.91 -2.46
C LEU C 680 -20.87 3.08 -3.21
N ILE C 681 -20.48 3.54 -4.40
CA ILE C 681 -19.49 2.83 -5.19
C ILE C 681 -18.13 2.93 -4.52
N ALA C 682 -17.83 4.07 -3.90
CA ALA C 682 -16.55 4.21 -3.21
C ALA C 682 -16.51 3.42 -1.92
N LEU C 683 -17.64 3.30 -1.22
CA LEU C 683 -17.65 2.57 0.02
C LEU C 683 -17.70 1.06 -0.19
N MET C 684 -18.25 0.63 -1.32
CA MET C 684 -18.11 -0.78 -1.68
C MET C 684 -16.71 -1.05 -2.19
N GLY C 685 -16.01 -0.03 -2.66
CA GLY C 685 -14.61 -0.22 -3.03
C GLY C 685 -13.72 -0.45 -1.83
N GLU C 686 -14.11 0.08 -0.67
CA GLU C 686 -13.33 -0.14 0.53
C GLU C 686 -13.67 -1.47 1.18
N THR C 687 -14.94 -1.88 1.08
CA THR C 687 -15.36 -3.10 1.76
C THR C 687 -14.83 -4.34 1.05
N VAL C 688 -14.81 -4.32 -0.28
CA VAL C 688 -14.32 -5.46 -1.05
C VAL C 688 -12.81 -5.64 -0.85
N ASN C 689 -12.08 -4.54 -0.66
CA ASN C 689 -10.66 -4.66 -0.36
C ASN C 689 -10.42 -5.24 1.03
N LYS C 690 -11.35 -5.03 1.96
CA LYS C 690 -11.20 -5.63 3.28
C LYS C 690 -11.51 -7.11 3.24
N ILE C 691 -12.66 -7.49 2.68
CA ILE C 691 -13.10 -8.87 2.74
C ILE C 691 -12.60 -9.65 1.53
N ALA C 692 -11.59 -9.13 0.84
CA ALA C 692 -10.89 -9.96 -0.13
C ALA C 692 -10.09 -11.05 0.58
N GLN C 693 -9.52 -10.72 1.73
CA GLN C 693 -8.75 -11.70 2.48
C GLN C 693 -9.64 -12.56 3.37
N GLU C 694 -10.68 -11.95 3.94
CA GLU C 694 -11.53 -12.66 4.89
C GLU C 694 -12.38 -13.72 4.21
N SER C 695 -12.71 -13.52 2.93
CA SER C 695 -13.67 -14.40 2.28
C SER C 695 -13.04 -15.75 1.94
N LYS C 696 -11.73 -15.79 1.70
CA LYS C 696 -11.04 -17.07 1.58
C LYS C 696 -11.11 -17.86 2.87
N ASN C 697 -11.12 -17.15 3.99
CA ASN C 697 -11.23 -17.79 5.29
C ASN C 697 -12.66 -18.25 5.57
N ILE C 698 -13.65 -17.53 5.05
CA ILE C 698 -15.04 -17.91 5.30
C ILE C 698 -15.44 -19.04 4.36
N TRP C 699 -14.84 -19.09 3.18
CA TRP C 699 -15.16 -20.14 2.22
C TRP C 699 -14.73 -21.52 2.69
N LYS C 700 -13.54 -21.62 3.30
CA LYS C 700 -13.05 -22.89 3.83
C LYS C 700 -13.94 -23.41 4.95
N LEU C 701 -14.47 -22.49 5.75
CA LEU C 701 -15.41 -22.87 6.80
C LEU C 701 -16.74 -23.32 6.20
N GLN C 702 -17.19 -22.65 5.14
CA GLN C 702 -18.45 -23.02 4.51
C GLN C 702 -18.30 -24.28 3.66
N ARG C 703 -17.06 -24.69 3.38
CA ARG C 703 -16.83 -26.02 2.83
C ARG C 703 -16.84 -27.07 3.94
N ALA C 704 -16.41 -26.69 5.15
CA ALA C 704 -16.24 -27.66 6.22
C ALA C 704 -17.58 -28.10 6.82
N ILE C 705 -18.56 -27.22 6.82
CA ILE C 705 -19.84 -27.54 7.44
C ILE C 705 -20.62 -28.50 6.56
N THR C 706 -20.40 -28.45 5.25
CA THR C 706 -21.00 -29.42 4.32
C THR C 706 -20.48 -30.81 4.60
N ILE C 707 -19.20 -30.93 4.94
CA ILE C 707 -18.57 -32.23 5.13
C ILE C 707 -19.05 -32.86 6.43
N LEU C 708 -19.33 -32.03 7.42
CA LEU C 708 -19.78 -32.55 8.71
C LEU C 708 -21.25 -32.95 8.67
N ASP C 709 -22.06 -32.19 7.94
CA ASP C 709 -23.50 -32.48 7.93
C ASP C 709 -23.80 -33.71 7.09
N THR C 710 -22.92 -34.03 6.14
CA THR C 710 -23.11 -35.23 5.34
C THR C 710 -22.75 -36.47 6.15
N GLU C 711 -21.80 -36.35 7.07
CA GLU C 711 -21.41 -37.49 7.88
C GLU C 711 -22.45 -37.81 8.94
N LYS C 712 -23.12 -36.79 9.47
CA LYS C 712 -24.13 -37.03 10.50
C LYS C 712 -25.37 -37.67 9.90
N SER C 713 -25.58 -37.50 8.59
CA SER C 713 -26.81 -37.97 7.97
C SER C 713 -26.74 -39.44 7.54
N PHE C 714 -25.60 -40.11 7.67
CA PHE C 714 -25.46 -41.46 7.16
C PHE C 714 -24.57 -42.28 8.09
N LEU C 715 -25.06 -43.45 8.53
CA LEU C 715 -24.26 -44.30 9.39
C LEU C 715 -23.21 -45.07 8.61
N LYS C 716 -23.54 -45.46 7.36
CA LYS C 716 -22.58 -46.19 6.55
C LYS C 716 -21.47 -45.28 6.04
N CYS C 717 -21.71 -43.96 6.04
CA CYS C 717 -20.62 -43.03 5.75
C CYS C 717 -19.71 -42.85 6.96
N MET C 718 -20.22 -43.12 8.17
CA MET C 718 -19.40 -42.95 9.37
C MET C 718 -18.33 -44.03 9.48
N ARG C 719 -18.60 -45.22 8.92
CA ARG C 719 -17.57 -46.24 8.83
C ARG C 719 -16.65 -45.97 7.65
N LYS C 720 -17.07 -45.08 6.76
CA LYS C 720 -16.23 -44.59 5.67
C LYS C 720 -15.65 -43.22 5.97
N ALA C 721 -16.10 -42.58 7.05
CA ALA C 721 -15.56 -41.30 7.52
C ALA C 721 -14.17 -41.40 8.10
N PHE C 722 -13.65 -42.62 8.33
CA PHE C 722 -12.28 -42.79 8.78
C PHE C 722 -11.37 -42.47 7.60
N ARG C 723 -11.11 -41.18 7.43
CA ARG C 723 -10.21 -40.75 6.37
C ARG C 723 -8.79 -41.06 6.77
N SER C 724 -8.15 -41.92 5.97
CA SER C 724 -6.80 -42.44 6.20
C SER C 724 -6.69 -43.01 7.61
N GLY C 725 -7.54 -43.99 7.91
CA GLY C 725 -7.54 -44.55 9.24
C GLY C 725 -6.32 -45.40 9.51
N LYS C 726 -6.24 -46.56 8.85
CA LYS C 726 -5.07 -47.42 8.68
C LYS C 726 -4.63 -48.15 9.94
N LEU C 727 -5.13 -47.74 11.12
CA LEU C 727 -4.97 -48.40 12.42
C LEU C 727 -3.52 -48.79 12.70
N LEU C 728 -2.58 -47.89 12.40
CA LEU C 728 -1.18 -48.26 12.32
C LEU C 728 -0.55 -48.43 13.71
N GLN C 729 0.39 -49.38 13.78
CA GLN C 729 1.33 -49.44 14.89
C GLN C 729 2.32 -48.29 14.74
N VAL C 730 2.52 -47.54 15.82
CA VAL C 730 3.39 -46.38 15.76
C VAL C 730 4.64 -46.53 16.63
N GLY C 731 4.48 -46.84 17.91
CA GLY C 731 5.62 -46.94 18.80
C GLY C 731 5.29 -47.89 19.93
N TYR C 732 5.96 -47.68 21.05
CA TYR C 732 5.78 -48.54 22.20
C TYR C 732 5.40 -47.71 23.43
N THR C 733 4.25 -48.03 23.99
CA THR C 733 3.74 -47.38 25.18
C THR C 733 4.42 -47.94 26.42
N PRO C 734 4.19 -47.37 27.60
CA PRO C 734 4.53 -48.10 28.82
C PRO C 734 3.70 -49.37 28.96
N ASP C 735 4.24 -50.29 29.78
CA ASP C 735 3.80 -51.66 29.97
C ASP C 735 3.93 -52.43 28.65
N GLY C 736 4.92 -52.05 27.84
CA GLY C 736 5.43 -52.81 26.71
C GLY C 736 4.45 -53.25 25.63
N LYS C 737 3.65 -52.34 25.11
CA LYS C 737 2.64 -52.69 24.12
C LYS C 737 2.82 -51.86 22.86
N ASP C 738 2.22 -52.34 21.77
CA ASP C 738 2.18 -51.59 20.53
C ASP C 738 1.27 -50.37 20.68
N ASP C 739 1.40 -49.42 19.77
CA ASP C 739 0.64 -48.19 19.92
C ASP C 739 -0.77 -48.37 19.39
N TYR C 740 -0.91 -48.71 18.12
CA TYR C 740 -2.19 -48.96 17.43
C TYR C 740 -3.13 -47.75 17.52
N ARG C 741 -2.74 -46.69 16.83
CA ARG C 741 -3.49 -45.45 16.86
C ARG C 741 -3.68 -44.95 15.44
N TRP C 742 -4.90 -44.49 15.12
CA TRP C 742 -5.30 -44.13 13.75
C TRP C 742 -4.48 -42.95 13.25
N CYS C 743 -3.83 -43.10 12.09
CA CYS C 743 -2.90 -42.07 11.67
C CYS C 743 -3.02 -41.72 10.20
N PHE C 744 -2.81 -40.44 9.91
CA PHE C 744 -2.91 -39.78 8.61
C PHE C 744 -1.53 -39.86 7.95
N ARG C 745 -1.25 -39.03 6.94
CA ARG C 745 0.07 -39.02 6.29
C ARG C 745 0.24 -37.68 5.58
N VAL C 746 1.50 -37.29 5.33
CA VAL C 746 1.80 -36.02 4.67
C VAL C 746 3.17 -36.13 3.98
N ASP C 747 3.50 -35.16 3.12
CA ASP C 747 4.81 -35.07 2.48
C ASP C 747 5.30 -33.63 2.45
N GLU C 748 6.61 -33.44 2.67
CA GLU C 748 7.26 -32.14 2.55
C GLU C 748 8.66 -32.34 1.99
N VAL C 749 9.36 -31.22 1.76
CA VAL C 749 10.79 -31.20 1.47
C VAL C 749 11.46 -30.09 2.25
N ASN C 750 12.80 -30.16 2.35
CA ASN C 750 13.61 -29.12 2.95
C ASN C 750 14.99 -29.12 2.29
N TRP C 751 15.46 -27.93 1.92
CA TRP C 751 16.73 -27.73 1.23
C TRP C 751 17.65 -26.73 1.88
N THR C 752 17.11 -25.80 2.69
CA THR C 752 17.96 -24.82 3.35
C THR C 752 18.84 -25.47 4.39
N THR C 753 18.24 -26.25 5.28
CA THR C 753 19.02 -27.09 6.17
C THR C 753 19.43 -28.36 5.44
N TRP C 754 20.21 -29.18 6.14
CA TRP C 754 20.62 -30.46 5.61
C TRP C 754 19.62 -31.57 5.93
N ASN C 755 18.54 -31.22 6.65
CA ASN C 755 17.46 -32.14 7.05
C ASN C 755 18.00 -33.33 7.86
N THR C 756 18.52 -33.04 9.05
CA THR C 756 18.88 -34.09 9.98
C THR C 756 17.66 -34.51 10.79
N ASN C 757 17.46 -35.82 10.94
CA ASN C 757 16.32 -36.38 11.66
C ASN C 757 16.83 -37.25 12.79
N VAL C 758 16.30 -37.02 13.99
CA VAL C 758 16.74 -37.77 15.17
C VAL C 758 16.07 -39.14 15.21
N GLY C 759 14.75 -39.17 15.08
CA GLY C 759 14.01 -40.42 15.16
C GLY C 759 13.18 -40.70 13.93
N ILE C 760 13.30 -41.91 13.38
CA ILE C 760 12.67 -42.30 12.13
C ILE C 760 12.01 -43.66 12.34
N ILE C 761 10.71 -43.76 12.00
CA ILE C 761 9.97 -45.01 12.24
C ILE C 761 10.45 -46.09 11.28
N ASN C 762 10.35 -45.85 9.98
CA ASN C 762 10.68 -46.84 8.97
C ASN C 762 12.01 -46.47 8.35
N GLU C 763 13.01 -47.32 8.55
CA GLU C 763 14.37 -47.02 8.07
C GLU C 763 14.43 -47.03 6.55
N ASP C 764 13.61 -47.84 5.92
CA ASP C 764 13.57 -48.01 4.47
C ASP C 764 12.42 -47.20 3.85
N PRO C 765 12.70 -46.40 2.82
CA PRO C 765 11.75 -45.36 2.38
C PRO C 765 10.52 -45.89 1.66
N GLY C 766 9.65 -44.98 1.21
CA GLY C 766 8.50 -45.33 0.40
C GLY C 766 7.40 -46.04 1.16
N ASN C 767 6.23 -46.11 0.50
CA ASN C 767 5.03 -46.75 1.08
C ASN C 767 4.50 -47.76 0.05
N CYS C 768 5.03 -48.98 0.09
CA CYS C 768 4.68 -50.01 -0.87
C CYS C 768 3.98 -51.20 -0.23
N GLU C 769 3.29 -50.98 0.89
CA GLU C 769 2.53 -51.92 1.73
C GLU C 769 3.42 -52.97 2.39
N GLY C 770 4.74 -52.80 2.38
CA GLY C 770 5.64 -53.65 3.13
C GLY C 770 6.72 -52.82 3.79
N VAL C 771 6.81 -52.88 5.13
CA VAL C 771 7.76 -52.06 5.88
C VAL C 771 8.46 -52.93 6.91
N LYS C 772 9.62 -52.46 7.37
CA LYS C 772 10.34 -53.05 8.49
C LYS C 772 10.76 -51.91 9.42
N ARG C 773 10.37 -52.03 10.69
CA ARG C 773 10.52 -50.91 11.62
C ARG C 773 11.99 -50.74 12.02
N THR C 774 12.33 -49.52 12.43
CA THR C 774 13.72 -49.20 12.77
C THR C 774 14.00 -49.61 14.22
N LEU C 775 15.27 -49.94 14.49
CA LEU C 775 15.73 -50.20 15.85
C LEU C 775 15.94 -48.93 16.66
N SER C 776 15.57 -47.75 16.13
CA SER C 776 15.62 -46.53 16.90
C SER C 776 14.61 -46.53 18.05
N PHE C 777 13.56 -47.33 17.91
CA PHE C 777 12.60 -47.53 18.99
C PHE C 777 13.26 -48.22 20.17
N SER C 778 13.05 -47.67 21.37
CA SER C 778 13.75 -48.16 22.55
C SER C 778 13.23 -49.53 22.99
N LEU C 779 11.91 -49.65 23.17
CA LEU C 779 11.34 -50.91 23.61
C LEU C 779 11.13 -51.84 22.41
N LEU D 111 30.64 -74.96 16.83
CA LEU D 111 29.99 -74.65 15.56
C LEU D 111 28.60 -74.05 15.81
N LYS D 112 28.55 -72.71 15.93
CA LYS D 112 27.30 -72.04 16.21
C LYS D 112 26.48 -71.88 14.93
N LEU D 113 25.18 -72.16 15.04
CA LEU D 113 24.29 -72.17 13.88
C LEU D 113 23.94 -70.75 13.47
N TYR D 114 23.52 -70.60 12.21
CA TYR D 114 23.12 -69.32 11.64
C TYR D 114 21.98 -69.52 10.66
N ASP D 115 20.92 -68.74 10.81
CA ASP D 115 19.86 -68.62 9.81
C ASP D 115 19.77 -67.17 9.36
N ARG D 116 18.72 -66.88 8.57
CA ARG D 116 18.59 -65.55 7.99
C ARG D 116 18.24 -64.51 9.06
N ARG D 117 17.46 -64.92 10.07
CA ARG D 117 16.98 -63.95 11.06
C ARG D 117 18.07 -63.57 12.05
N SER D 118 18.87 -64.53 12.49
CA SER D 118 19.87 -64.25 13.53
C SER D 118 21.04 -63.45 12.97
N ILE D 119 21.33 -63.58 11.68
CA ILE D 119 22.41 -62.81 11.10
C ILE D 119 21.98 -61.35 10.93
N PHE D 120 20.74 -61.12 10.45
CA PHE D 120 20.24 -59.77 10.24
C PHE D 120 20.07 -59.02 11.56
N ASP D 121 19.79 -59.75 12.64
CA ASP D 121 19.71 -59.11 13.94
C ASP D 121 21.09 -58.74 14.45
N ALA D 122 22.07 -59.62 14.25
CA ALA D 122 23.45 -59.30 14.60
C ALA D 122 23.98 -58.14 13.77
N VAL D 123 23.49 -58.02 12.53
CA VAL D 123 23.80 -56.85 11.71
C VAL D 123 23.11 -55.61 12.28
N ALA D 124 21.87 -55.76 12.73
CA ALA D 124 21.09 -54.62 13.18
C ALA D 124 21.57 -54.07 14.52
N GLN D 125 21.55 -54.90 15.56
CA GLN D 125 21.80 -54.36 16.89
C GLN D 125 23.27 -54.23 17.23
N ASN D 126 24.17 -54.51 16.27
CA ASN D 126 25.60 -54.16 16.34
C ASN D 126 26.32 -54.89 17.47
N ASN D 127 25.99 -56.16 17.68
CA ASN D 127 26.71 -56.99 18.65
C ASN D 127 27.71 -57.86 17.88
N CYS D 128 28.98 -57.43 17.85
CA CYS D 128 29.96 -58.12 17.02
C CYS D 128 30.43 -59.43 17.67
N GLN D 129 30.06 -59.65 18.94
CA GLN D 129 30.36 -60.92 19.60
C GLN D 129 29.59 -62.08 18.97
N GLU D 130 28.40 -61.78 18.43
CA GLU D 130 27.66 -62.80 17.69
C GLU D 130 28.32 -63.08 16.35
N LEU D 131 29.02 -62.09 15.80
CA LEU D 131 29.65 -62.21 14.49
C LEU D 131 31.13 -62.52 14.73
N GLU D 132 31.41 -63.76 15.13
CA GLU D 132 32.80 -64.19 15.25
C GLU D 132 32.97 -65.60 14.68
N SER D 133 31.87 -66.34 14.62
CA SER D 133 31.88 -67.68 14.05
C SER D 133 31.06 -67.77 12.77
N LEU D 134 30.75 -66.64 12.15
CA LEU D 134 30.00 -66.68 10.90
C LEU D 134 30.89 -67.13 9.74
N LEU D 135 32.19 -66.93 9.88
CA LEU D 135 33.11 -67.40 8.83
C LEU D 135 33.33 -68.92 8.85
N PRO D 136 33.59 -69.62 9.97
CA PRO D 136 33.74 -71.08 9.86
C PRO D 136 32.42 -71.80 9.62
N PHE D 137 31.29 -71.17 9.94
CA PHE D 137 30.00 -71.79 9.66
C PHE D 137 29.73 -71.85 8.17
N LEU D 138 30.10 -70.79 7.44
CA LEU D 138 29.94 -70.80 5.99
C LEU D 138 31.00 -71.68 5.34
N GLN D 139 32.12 -71.90 6.03
CA GLN D 139 33.07 -72.90 5.57
C GLN D 139 32.56 -74.31 5.82
N LYS D 140 31.71 -74.47 6.83
CA LYS D 140 31.14 -75.79 7.13
C LYS D 140 30.05 -76.16 6.12
N SER D 141 29.09 -75.26 5.91
CA SER D 141 27.90 -75.56 5.13
C SER D 141 28.10 -75.42 3.62
N ARG D 142 29.35 -75.24 3.18
CA ARG D 142 29.74 -75.01 1.78
C ARG D 142 29.06 -73.77 1.21
N LYS D 143 28.77 -72.79 2.06
CA LYS D 143 27.98 -71.64 1.63
C LYS D 143 28.84 -70.39 1.52
N ARG D 144 28.39 -69.48 0.66
CA ARG D 144 28.94 -68.15 0.53
C ARG D 144 28.01 -67.17 1.23
N LEU D 145 28.44 -65.92 1.35
CA LEU D 145 27.54 -64.89 1.83
C LEU D 145 26.45 -64.57 0.80
N THR D 146 26.72 -64.84 -0.47
CA THR D 146 25.72 -64.74 -1.54
C THR D 146 25.01 -66.07 -1.67
N ASP D 147 24.40 -66.51 -0.58
CA ASP D 147 23.61 -67.72 -0.53
C ASP D 147 22.13 -67.36 -0.66
N SER D 148 21.38 -68.23 -1.34
CA SER D 148 19.98 -67.94 -1.64
C SER D 148 19.12 -67.89 -0.38
N GLU D 149 19.51 -68.64 0.65
CA GLU D 149 18.78 -68.61 1.91
C GLU D 149 19.05 -67.33 2.69
N PHE D 150 20.17 -66.66 2.40
CA PHE D 150 20.55 -65.48 3.18
C PHE D 150 19.79 -64.24 2.72
N LYS D 151 19.37 -64.20 1.46
CA LYS D 151 18.64 -63.05 0.97
C LYS D 151 17.21 -63.04 1.50
N ASP D 152 16.74 -61.85 1.87
CA ASP D 152 15.35 -61.67 2.25
C ASP D 152 14.45 -61.86 1.04
N PRO D 153 13.35 -62.62 1.15
CA PRO D 153 12.60 -63.03 -0.04
C PRO D 153 11.82 -61.95 -0.76
N GLU D 154 11.11 -61.08 -0.04
CA GLU D 154 10.21 -60.15 -0.72
C GLU D 154 10.98 -58.96 -1.31
N THR D 155 11.99 -58.47 -0.60
CA THR D 155 12.92 -57.47 -1.13
C THR D 155 14.33 -58.02 -0.93
N GLY D 156 15.10 -58.08 -2.00
CA GLY D 156 16.37 -58.80 -1.98
C GLY D 156 17.48 -58.14 -1.17
N LYS D 157 17.23 -57.91 0.11
CA LYS D 157 18.18 -57.22 0.98
C LYS D 157 19.25 -58.18 1.45
N THR D 158 20.50 -57.79 1.27
CA THR D 158 21.63 -58.61 1.66
C THR D 158 22.06 -58.21 3.09
N CYS D 159 23.05 -58.91 3.63
CA CYS D 159 23.61 -58.54 4.93
C CYS D 159 24.35 -57.22 4.83
N LEU D 160 24.87 -56.89 3.64
CA LEU D 160 25.52 -55.61 3.43
C LEU D 160 24.50 -54.48 3.39
N LEU D 161 23.35 -54.74 2.77
CA LEU D 161 22.32 -53.71 2.64
C LEU D 161 21.64 -53.44 3.98
N LYS D 162 21.50 -54.47 4.80
CA LYS D 162 20.91 -54.29 6.14
C LYS D 162 21.82 -53.43 7.01
N ALA D 163 23.13 -53.52 6.79
CA ALA D 163 24.09 -52.75 7.57
C ALA D 163 24.10 -51.28 7.17
N MET D 164 23.66 -50.98 5.96
CA MET D 164 23.63 -49.59 5.51
C MET D 164 22.49 -48.82 6.15
N LEU D 165 21.33 -49.45 6.30
CA LEU D 165 20.17 -48.76 6.86
C LEU D 165 20.33 -48.55 8.35
N ASN D 166 20.75 -49.61 9.06
CA ASN D 166 21.02 -49.55 10.48
C ASN D 166 22.36 -48.85 10.67
N LEU D 167 22.31 -47.61 11.14
CA LEU D 167 23.51 -46.80 11.26
C LEU D 167 23.59 -46.19 12.66
N HIS D 168 24.62 -46.56 13.40
CA HIS D 168 24.82 -46.08 14.76
C HIS D 168 25.90 -45.01 14.73
N ASN D 169 25.52 -43.77 15.05
CA ASN D 169 26.40 -42.61 15.16
C ASN D 169 27.19 -42.35 13.88
N GLY D 170 26.62 -42.65 12.72
CA GLY D 170 27.30 -42.42 11.47
C GLY D 170 28.28 -43.50 11.05
N GLN D 171 28.70 -44.37 11.96
CA GLN D 171 29.72 -45.38 11.67
C GLN D 171 29.25 -46.74 12.18
N ASN D 172 28.62 -47.52 11.30
CA ASN D 172 28.41 -48.92 11.61
C ASN D 172 29.71 -49.69 11.42
N ASP D 173 30.01 -50.58 12.37
CA ASP D 173 31.21 -51.39 12.29
C ASP D 173 30.91 -52.84 11.93
N THR D 174 29.64 -53.20 11.75
CA THR D 174 29.29 -54.54 11.28
C THR D 174 29.70 -54.72 9.82
N ILE D 175 29.62 -53.64 9.04
CA ILE D 175 29.80 -53.71 7.59
C ILE D 175 31.21 -54.14 7.22
N SER D 176 32.21 -53.69 7.99
CA SER D 176 33.59 -54.03 7.69
C SER D 176 33.89 -55.49 7.99
N LEU D 177 33.10 -56.11 8.86
CA LEU D 177 33.29 -57.52 9.17
C LEU D 177 32.59 -58.41 8.15
N LEU D 178 31.53 -57.91 7.51
CA LEU D 178 30.91 -58.66 6.43
C LEU D 178 31.82 -58.68 5.21
N LEU D 179 32.55 -57.59 4.99
CA LEU D 179 33.43 -57.51 3.83
C LEU D 179 34.67 -58.35 4.03
N ASP D 180 35.06 -58.59 5.28
CA ASP D 180 36.20 -59.45 5.54
C ASP D 180 35.83 -60.92 5.32
N ILE D 181 34.55 -61.27 5.52
CA ILE D 181 34.12 -62.63 5.28
C ILE D 181 33.89 -62.85 3.79
N ALA D 182 33.43 -61.82 3.09
CA ALA D 182 33.11 -61.95 1.66
C ALA D 182 34.37 -62.10 0.82
N ARG D 183 35.50 -61.55 1.28
CA ARG D 183 36.75 -61.76 0.55
C ARG D 183 37.30 -63.15 0.81
N GLN D 184 36.98 -63.74 1.97
CA GLN D 184 37.42 -65.10 2.24
C GLN D 184 36.58 -66.10 1.47
N THR D 185 35.30 -65.80 1.29
CA THR D 185 34.43 -66.59 0.42
C THR D 185 34.51 -66.15 -1.03
N ASP D 186 35.44 -65.23 -1.35
CA ASP D 186 35.90 -64.71 -2.65
C ASP D 186 34.79 -64.42 -3.66
N SER D 187 33.59 -64.11 -3.21
CA SER D 187 32.49 -63.69 -4.07
C SER D 187 32.16 -62.22 -3.87
N LEU D 188 33.21 -61.40 -3.68
CA LEU D 188 33.05 -60.04 -3.20
C LEU D 188 32.40 -59.14 -4.24
N LYS D 189 32.76 -59.32 -5.51
CA LYS D 189 32.22 -58.46 -6.56
C LYS D 189 30.75 -58.73 -6.80
N GLU D 190 30.30 -59.97 -6.58
CA GLU D 190 28.88 -60.25 -6.63
C GLU D 190 28.20 -59.81 -5.34
N PHE D 191 28.98 -59.77 -4.24
CA PHE D 191 28.39 -59.50 -2.93
C PHE D 191 27.99 -58.04 -2.78
N VAL D 192 28.90 -57.12 -3.09
CA VAL D 192 28.60 -55.70 -2.90
C VAL D 192 27.65 -55.20 -3.97
N ASN D 193 27.63 -55.87 -5.13
CA ASN D 193 26.76 -55.44 -6.22
C ASN D 193 25.35 -56.00 -6.09
N ALA D 194 25.05 -56.73 -5.02
CA ALA D 194 23.70 -57.19 -4.76
C ALA D 194 22.79 -56.00 -4.49
N SER D 195 21.54 -56.08 -4.93
CA SER D 195 20.66 -54.94 -4.87
C SER D 195 19.24 -55.43 -4.62
N TYR D 196 18.36 -54.47 -4.34
CA TYR D 196 16.95 -54.76 -4.18
C TYR D 196 16.35 -55.16 -5.52
N THR D 197 15.59 -56.26 -5.52
CA THR D 197 14.88 -56.71 -6.71
C THR D 197 13.39 -56.43 -6.62
N ASP D 198 12.96 -55.66 -5.62
CA ASP D 198 11.56 -55.31 -5.51
C ASP D 198 11.21 -54.28 -6.59
N SER D 199 9.96 -54.36 -7.08
CA SER D 199 9.55 -53.51 -8.20
C SER D 199 9.48 -52.04 -7.79
N TYR D 200 9.24 -51.78 -6.51
CA TYR D 200 9.29 -50.40 -6.02
C TYR D 200 10.74 -49.94 -5.85
N TYR D 201 11.70 -50.87 -5.91
CA TYR D 201 13.08 -50.66 -5.50
C TYR D 201 14.12 -51.20 -6.49
N LYS D 202 13.80 -51.26 -7.78
CA LYS D 202 14.64 -52.02 -8.71
C LYS D 202 16.02 -51.39 -8.89
N GLY D 203 17.01 -51.99 -8.24
CA GLY D 203 18.40 -51.68 -8.51
C GLY D 203 19.12 -50.80 -7.51
N GLN D 204 18.47 -50.41 -6.42
CA GLN D 204 19.15 -49.59 -5.41
C GLN D 204 20.23 -50.40 -4.71
N THR D 205 21.44 -49.87 -4.73
CA THR D 205 22.59 -50.61 -4.25
C THR D 205 23.08 -50.07 -2.92
N ALA D 206 24.22 -50.58 -2.46
CA ALA D 206 24.83 -50.06 -1.24
C ALA D 206 25.36 -48.65 -1.46
N LEU D 207 25.73 -48.32 -2.69
CA LEU D 207 26.33 -47.03 -2.96
C LEU D 207 25.28 -45.92 -2.98
N HIS D 208 24.03 -46.27 -3.35
CA HIS D 208 22.96 -45.27 -3.37
C HIS D 208 22.57 -44.84 -1.96
N ILE D 209 22.95 -45.63 -0.96
CA ILE D 209 22.56 -45.32 0.41
C ILE D 209 23.62 -44.44 1.06
N ALA D 210 24.90 -44.76 0.84
CA ALA D 210 25.98 -44.04 1.49
C ALA D 210 26.08 -42.61 0.99
N ILE D 211 25.93 -42.42 -0.33
CA ILE D 211 25.87 -41.08 -0.91
C ILE D 211 24.65 -40.33 -0.38
N GLU D 212 23.57 -41.06 -0.12
CA GLU D 212 22.36 -40.42 0.38
C GLU D 212 22.52 -39.94 1.81
N ARG D 213 23.14 -40.74 2.66
CA ARG D 213 23.25 -40.41 4.07
C ARG D 213 24.42 -39.47 4.38
N ARG D 214 25.07 -38.91 3.35
CA ARG D 214 26.14 -37.92 3.48
C ARG D 214 27.33 -38.45 4.26
N ASN D 215 27.68 -39.70 3.98
CA ASN D 215 28.75 -40.40 4.68
C ASN D 215 29.90 -40.51 3.71
N MET D 216 30.97 -39.73 3.97
CA MET D 216 32.12 -39.72 3.06
C MET D 216 32.91 -41.02 3.15
N ALA D 217 33.15 -41.51 4.36
CA ALA D 217 34.01 -42.67 4.53
C ALA D 217 33.31 -43.95 4.08
N LEU D 218 31.98 -43.99 4.17
CA LEU D 218 31.25 -45.19 3.81
C LEU D 218 31.18 -45.36 2.31
N VAL D 219 31.27 -44.25 1.57
CA VAL D 219 31.40 -44.30 0.11
C VAL D 219 32.73 -44.91 -0.27
N THR D 220 33.80 -44.53 0.45
CA THR D 220 35.15 -44.93 0.07
C THR D 220 35.37 -46.42 0.26
N LEU D 221 34.79 -46.99 1.32
CA LEU D 221 34.97 -48.41 1.59
C LEU D 221 34.14 -49.26 0.64
N LEU D 222 33.05 -48.71 0.12
CA LEU D 222 32.18 -49.49 -0.75
C LEU D 222 32.77 -49.63 -2.15
N VAL D 223 33.28 -48.54 -2.72
CA VAL D 223 33.67 -48.54 -4.13
C VAL D 223 34.97 -49.30 -4.34
N GLU D 224 35.79 -49.43 -3.30
CA GLU D 224 37.05 -50.15 -3.43
C GLU D 224 36.84 -51.64 -3.49
N ASN D 225 35.70 -52.12 -3.00
CA ASN D 225 35.39 -53.53 -2.96
C ASN D 225 34.64 -54.02 -4.19
N GLY D 226 34.63 -53.24 -5.27
CA GLY D 226 34.01 -53.69 -6.50
C GLY D 226 32.57 -53.31 -6.67
N ALA D 227 32.06 -52.38 -5.88
CA ALA D 227 30.72 -51.86 -6.13
C ALA D 227 30.75 -50.98 -7.37
N ASP D 228 30.06 -51.42 -8.41
CA ASP D 228 30.07 -50.69 -9.67
C ASP D 228 29.25 -49.41 -9.55
N VAL D 229 29.88 -48.27 -9.85
CA VAL D 229 29.26 -46.98 -9.63
C VAL D 229 28.24 -46.63 -10.69
N GLN D 230 28.13 -47.43 -11.75
CA GLN D 230 27.18 -47.20 -12.82
C GLN D 230 25.88 -47.95 -12.63
N ALA D 231 25.64 -48.54 -11.47
CA ALA D 231 24.39 -49.22 -11.21
C ALA D 231 23.25 -48.20 -11.13
N ALA D 232 22.20 -48.46 -11.89
CA ALA D 232 21.10 -47.53 -12.03
C ALA D 232 19.93 -47.96 -11.18
N ALA D 233 19.30 -47.00 -10.52
CA ALA D 233 18.15 -47.26 -9.65
C ALA D 233 16.87 -47.12 -10.47
N ASN D 234 16.55 -48.18 -11.20
CA ASN D 234 15.42 -48.16 -12.14
C ASN D 234 14.14 -48.64 -11.43
N GLY D 235 13.87 -48.05 -10.28
CA GLY D 235 12.77 -48.49 -9.44
C GLY D 235 11.77 -47.37 -9.24
N ASP D 236 10.53 -47.77 -8.94
CA ASP D 236 9.40 -46.86 -9.02
C ASP D 236 9.42 -45.78 -7.94
N PHE D 237 10.28 -45.91 -6.94
CA PHE D 237 10.52 -44.79 -6.05
C PHE D 237 11.43 -43.77 -6.71
N PHE D 238 12.33 -44.23 -7.59
CA PHE D 238 13.35 -43.35 -8.14
C PHE D 238 12.92 -42.77 -9.48
N LYS D 239 11.81 -43.25 -10.05
CA LYS D 239 11.20 -42.59 -11.20
C LYS D 239 10.51 -41.29 -10.78
N LYS D 240 9.84 -40.67 -11.76
CA LYS D 240 9.15 -39.42 -11.48
C LYS D 240 7.98 -39.65 -10.54
N THR D 241 6.98 -40.45 -10.97
CA THR D 241 5.78 -40.81 -10.22
C THR D 241 5.08 -39.59 -9.63
N LYS D 242 4.53 -38.76 -10.53
CA LYS D 242 3.96 -37.48 -10.15
C LYS D 242 2.74 -37.62 -9.25
N GLY D 243 2.11 -38.81 -9.22
CA GLY D 243 1.06 -39.06 -8.26
C GLY D 243 1.57 -39.65 -6.95
N ARG D 244 2.57 -40.52 -7.05
CA ARG D 244 3.06 -41.31 -5.92
C ARG D 244 4.11 -40.52 -5.14
N PRO D 245 4.40 -40.93 -3.90
CA PRO D 245 5.54 -40.31 -3.20
C PRO D 245 6.88 -40.82 -3.73
N GLY D 246 7.74 -39.90 -4.12
CA GLY D 246 9.01 -40.28 -4.71
C GLY D 246 9.95 -39.11 -4.80
N PHE D 247 11.22 -39.44 -5.03
CA PHE D 247 12.29 -38.46 -5.16
C PHE D 247 13.04 -38.73 -6.46
N TYR D 248 12.96 -37.78 -7.40
CA TYR D 248 13.62 -37.93 -8.70
C TYR D 248 14.87 -37.08 -8.71
N PHE D 249 16.01 -37.75 -8.66
CA PHE D 249 17.30 -37.09 -8.76
C PHE D 249 18.04 -37.40 -10.06
N GLY D 250 17.51 -38.28 -10.89
CA GLY D 250 18.20 -38.65 -12.11
C GLY D 250 18.70 -40.08 -12.16
N GLU D 251 18.42 -40.88 -11.12
CA GLU D 251 18.47 -42.34 -11.17
C GLU D 251 19.88 -42.88 -11.37
N LEU D 252 20.88 -42.17 -10.90
CA LEU D 252 22.24 -42.64 -11.06
C LEU D 252 23.06 -42.05 -9.92
N PRO D 253 24.10 -42.75 -9.44
CA PRO D 253 24.83 -42.24 -8.25
C PRO D 253 25.54 -40.93 -8.47
N LEU D 254 26.08 -40.69 -9.67
CA LEU D 254 26.70 -39.40 -9.95
C LEU D 254 25.65 -38.30 -10.02
N SER D 255 24.44 -38.64 -10.47
CA SER D 255 23.34 -37.67 -10.44
C SER D 255 22.84 -37.47 -9.02
N LEU D 256 23.06 -38.46 -8.15
CA LEU D 256 22.60 -38.35 -6.76
C LEU D 256 23.52 -37.44 -5.95
N ALA D 257 24.83 -37.53 -6.20
CA ALA D 257 25.77 -36.69 -5.47
C ALA D 257 25.72 -35.25 -5.97
N ALA D 258 25.27 -35.05 -7.21
CA ALA D 258 25.25 -33.71 -7.77
C ALA D 258 23.99 -32.95 -7.35
N CYS D 259 22.84 -33.61 -7.39
CA CYS D 259 21.59 -32.97 -7.01
C CYS D 259 21.47 -32.73 -5.51
N THR D 260 22.12 -33.56 -4.70
CA THR D 260 22.11 -33.38 -3.25
C THR D 260 23.31 -32.60 -2.75
N ASN D 261 23.88 -31.71 -3.57
CA ASN D 261 24.87 -30.68 -3.22
C ASN D 261 26.20 -31.22 -2.73
N GLN D 262 26.46 -32.53 -2.79
CA GLN D 262 27.69 -33.08 -2.22
C GLN D 262 28.79 -32.88 -3.23
N LEU D 263 29.62 -31.87 -3.00
CA LEU D 263 30.63 -31.48 -3.97
C LEU D 263 31.86 -32.36 -3.87
N ALA D 264 32.11 -32.95 -2.71
CA ALA D 264 33.30 -33.78 -2.55
C ALA D 264 33.13 -35.12 -3.25
N ILE D 265 31.92 -35.68 -3.22
CA ILE D 265 31.71 -37.02 -3.74
C ILE D 265 31.57 -36.99 -5.26
N VAL D 266 31.05 -35.88 -5.80
CA VAL D 266 30.88 -35.78 -7.24
C VAL D 266 32.23 -35.66 -7.94
N LYS D 267 33.27 -35.25 -7.20
CA LYS D 267 34.61 -35.31 -7.74
C LYS D 267 35.22 -36.69 -7.57
N PHE D 268 34.90 -37.35 -6.45
CA PHE D 268 35.55 -38.62 -6.12
C PHE D 268 35.10 -39.73 -7.05
N LEU D 269 33.83 -39.70 -7.48
CA LEU D 269 33.31 -40.77 -8.32
C LEU D 269 33.90 -40.72 -9.72
N LEU D 270 34.31 -39.53 -10.16
CA LEU D 270 34.96 -39.36 -11.45
C LEU D 270 36.45 -39.62 -11.39
N GLN D 271 37.06 -39.56 -10.21
CA GLN D 271 38.51 -39.57 -10.05
C GLN D 271 38.98 -40.64 -9.08
N ASN D 272 38.21 -41.69 -8.89
CA ASN D 272 38.66 -42.85 -8.12
C ASN D 272 39.45 -43.77 -9.02
N SER D 273 40.58 -44.28 -8.51
CA SER D 273 41.55 -44.98 -9.35
C SER D 273 41.07 -46.36 -9.75
N TRP D 274 40.08 -46.90 -9.04
CA TRP D 274 39.68 -48.28 -9.29
C TRP D 274 38.77 -48.37 -10.51
N GLN D 275 37.67 -47.65 -10.50
CA GLN D 275 36.70 -47.71 -11.60
C GLN D 275 35.97 -46.38 -11.68
N PRO D 276 36.40 -45.50 -12.60
CA PRO D 276 35.83 -44.16 -12.65
C PRO D 276 34.45 -44.14 -13.27
N ALA D 277 33.73 -43.04 -13.04
CA ALA D 277 32.35 -42.94 -13.48
C ALA D 277 32.26 -42.35 -14.88
N ASP D 278 31.05 -42.38 -15.42
CA ASP D 278 30.72 -41.83 -16.72
C ASP D 278 29.93 -40.54 -16.49
N ILE D 279 30.45 -39.44 -17.03
CA ILE D 279 29.79 -38.14 -16.89
C ILE D 279 28.72 -37.94 -17.95
N SER D 280 28.71 -38.78 -18.98
CA SER D 280 27.78 -38.63 -20.08
C SER D 280 26.67 -39.66 -20.10
N ALA D 281 26.65 -40.59 -19.15
CA ALA D 281 25.62 -41.62 -19.15
C ALA D 281 24.26 -41.03 -18.78
N ARG D 282 23.21 -41.74 -19.14
CA ARG D 282 21.85 -41.25 -18.93
C ARG D 282 20.99 -42.34 -18.31
N ASP D 283 19.92 -41.92 -17.64
CA ASP D 283 18.95 -42.85 -17.08
C ASP D 283 17.96 -43.31 -18.15
N SER D 284 16.86 -43.91 -17.71
CA SER D 284 15.86 -44.42 -18.65
C SER D 284 15.15 -43.28 -19.37
N VAL D 285 14.98 -42.14 -18.70
CA VAL D 285 14.35 -40.99 -19.33
C VAL D 285 15.29 -40.32 -20.32
N GLY D 286 16.59 -40.54 -20.17
CA GLY D 286 17.57 -39.92 -21.03
C GLY D 286 18.30 -38.75 -20.42
N ASN D 287 17.92 -38.33 -19.22
CA ASN D 287 18.57 -37.21 -18.56
C ASN D 287 19.98 -37.56 -18.12
N THR D 288 20.90 -36.63 -18.32
CA THR D 288 22.24 -36.73 -17.78
C THR D 288 22.33 -35.84 -16.54
N VAL D 289 23.55 -35.65 -16.06
CA VAL D 289 23.79 -34.94 -14.81
C VAL D 289 23.38 -33.48 -14.93
N LEU D 290 23.60 -32.89 -16.10
CA LEU D 290 23.27 -31.49 -16.30
C LEU D 290 21.78 -31.31 -16.56
N HIS D 291 21.10 -32.37 -17.00
CA HIS D 291 19.65 -32.32 -17.09
C HIS D 291 19.03 -32.39 -15.71
N ALA D 292 19.56 -33.26 -14.85
CA ALA D 292 18.93 -33.54 -13.57
C ALA D 292 19.05 -32.37 -12.62
N LEU D 293 20.12 -31.57 -12.75
CA LEU D 293 20.24 -30.36 -11.95
C LEU D 293 19.20 -29.33 -12.33
N VAL D 294 18.68 -29.40 -13.56
CA VAL D 294 17.60 -28.52 -13.95
C VAL D 294 16.28 -29.05 -13.40
N GLU D 295 16.14 -30.37 -13.34
CA GLU D 295 14.89 -30.98 -12.87
C GLU D 295 14.70 -30.77 -11.37
N VAL D 296 15.79 -30.54 -10.64
CA VAL D 296 15.75 -30.52 -9.18
C VAL D 296 15.86 -29.07 -8.72
N ALA D 297 15.73 -28.14 -9.66
CA ALA D 297 15.64 -26.72 -9.33
C ALA D 297 14.18 -26.38 -9.10
N ASP D 298 13.93 -25.45 -8.19
CA ASP D 298 12.57 -24.97 -7.93
C ASP D 298 12.52 -23.47 -7.65
N ASN D 299 13.38 -22.69 -8.31
CA ASN D 299 13.31 -21.24 -8.49
C ASN D 299 13.53 -20.45 -7.20
N THR D 300 13.67 -21.08 -6.04
CA THR D 300 13.96 -20.34 -4.83
C THR D 300 15.41 -19.91 -4.82
N ALA D 301 15.66 -18.75 -4.21
CA ALA D 301 16.96 -18.10 -4.33
C ALA D 301 18.06 -18.86 -3.60
N ASP D 302 17.68 -19.72 -2.66
CA ASP D 302 18.65 -20.64 -2.08
C ASP D 302 18.97 -21.77 -3.06
N ASN D 303 17.96 -22.23 -3.80
CA ASN D 303 18.17 -23.35 -4.71
C ASN D 303 18.90 -22.90 -5.97
N THR D 304 18.71 -21.64 -6.37
CA THR D 304 19.43 -21.08 -7.52
C THR D 304 20.91 -20.95 -7.24
N LYS D 305 21.26 -20.82 -5.95
CA LYS D 305 22.66 -20.67 -5.57
C LYS D 305 23.45 -21.94 -5.83
N PHE D 306 22.98 -23.08 -5.31
CA PHE D 306 23.83 -24.27 -5.36
C PHE D 306 23.52 -25.13 -6.58
N VAL D 307 22.45 -24.82 -7.32
CA VAL D 307 22.28 -25.48 -8.60
C VAL D 307 23.30 -24.96 -9.60
N THR D 308 23.35 -23.63 -9.78
CA THR D 308 24.27 -23.05 -10.74
C THR D 308 25.73 -23.18 -10.29
N SER D 309 25.96 -23.29 -8.98
CA SER D 309 27.31 -23.59 -8.52
C SER D 309 27.69 -25.02 -8.84
N MET D 310 26.78 -25.97 -8.65
CA MET D 310 27.09 -27.35 -9.00
C MET D 310 27.03 -27.55 -10.50
N TYR D 311 26.20 -26.76 -11.20
CA TYR D 311 26.17 -26.82 -12.66
C TYR D 311 27.47 -26.32 -13.25
N ASN D 312 28.15 -25.43 -12.52
CA ASN D 312 29.41 -24.88 -13.01
C ASN D 312 30.53 -25.90 -12.90
N GLU D 313 30.54 -26.67 -11.81
CA GLU D 313 31.72 -27.47 -11.49
C GLU D 313 31.82 -28.70 -12.38
N ILE D 314 30.72 -29.09 -13.01
CA ILE D 314 30.71 -30.32 -13.78
C ILE D 314 31.23 -30.06 -15.19
N LEU D 315 30.94 -28.88 -15.74
CA LEU D 315 31.41 -28.53 -17.07
C LEU D 315 32.93 -28.41 -17.11
N ILE D 316 33.50 -27.77 -16.09
CA ILE D 316 34.95 -27.65 -16.00
C ILE D 316 35.57 -29.02 -15.83
N LEU D 317 35.02 -29.82 -14.93
CA LEU D 317 35.52 -31.17 -14.70
C LEU D 317 35.17 -32.09 -15.87
N GLY D 318 34.18 -31.72 -16.66
CA GLY D 318 33.95 -32.44 -17.90
C GLY D 318 35.05 -32.22 -18.90
N ALA D 319 35.60 -31.00 -18.94
CA ALA D 319 36.62 -30.69 -19.93
C ALA D 319 37.98 -31.24 -19.51
N LYS D 320 38.24 -31.34 -18.21
CA LYS D 320 39.53 -31.87 -17.74
C LYS D 320 39.65 -33.36 -18.05
N LEU D 321 38.58 -34.11 -17.80
CA LEU D 321 38.58 -35.53 -18.13
C LEU D 321 38.41 -35.73 -19.63
N HIS D 322 37.50 -34.97 -20.24
CA HIS D 322 37.15 -35.16 -21.63
C HIS D 322 37.04 -33.81 -22.32
N PRO D 323 38.15 -33.26 -22.82
CA PRO D 323 38.06 -32.01 -23.58
C PRO D 323 37.42 -32.20 -24.95
N THR D 324 37.40 -33.44 -25.44
CA THR D 324 36.73 -33.72 -26.71
C THR D 324 35.23 -33.78 -26.55
N LEU D 325 34.74 -33.86 -25.32
CA LEU D 325 33.31 -33.96 -25.10
C LEU D 325 32.67 -32.58 -25.00
N LYS D 326 31.46 -32.46 -25.56
CA LYS D 326 30.65 -31.26 -25.47
C LYS D 326 29.43 -31.63 -24.65
N LEU D 327 29.37 -31.13 -23.40
CA LEU D 327 28.42 -31.67 -22.44
C LEU D 327 27.00 -31.20 -22.70
N GLU D 328 26.83 -29.96 -23.18
CA GLU D 328 25.49 -29.43 -23.26
C GLU D 328 24.84 -29.65 -24.60
N GLU D 329 25.45 -30.45 -25.49
CA GLU D 329 24.78 -30.76 -26.74
C GLU D 329 23.78 -31.88 -26.57
N LEU D 330 23.88 -32.63 -25.47
CA LEU D 330 23.20 -33.90 -25.35
C LEU D 330 21.71 -33.72 -25.11
N ILE D 331 20.93 -34.72 -25.50
CA ILE D 331 19.49 -34.64 -25.41
C ILE D 331 18.94 -35.87 -24.70
N ASN D 332 17.74 -35.69 -24.14
CA ASN D 332 16.97 -36.76 -23.57
C ASN D 332 16.06 -37.35 -24.65
N LYS D 333 15.06 -38.15 -24.24
CA LYS D 333 14.18 -38.77 -25.23
C LYS D 333 13.18 -37.78 -25.81
N LYS D 334 12.97 -36.66 -25.12
CA LYS D 334 12.18 -35.59 -25.73
C LYS D 334 13.01 -34.69 -26.63
N GLY D 335 14.32 -34.90 -26.69
CA GLY D 335 15.18 -34.16 -27.59
C GLY D 335 15.60 -32.79 -27.09
N LEU D 336 15.48 -32.53 -25.79
CA LEU D 336 15.78 -31.20 -25.27
C LEU D 336 17.21 -31.15 -24.73
N THR D 337 17.83 -29.99 -24.87
CA THR D 337 19.15 -29.71 -24.31
C THR D 337 18.97 -29.15 -22.90
N PRO D 338 20.00 -29.16 -22.03
CA PRO D 338 19.81 -28.60 -20.69
C PRO D 338 19.55 -27.11 -20.67
N LEU D 339 19.92 -26.39 -21.73
CA LEU D 339 19.46 -25.02 -21.87
C LEU D 339 17.97 -24.98 -22.15
N ALA D 340 17.51 -25.77 -23.12
CA ALA D 340 16.11 -25.68 -23.53
C ALA D 340 15.18 -26.33 -22.54
N LEU D 341 15.71 -27.27 -21.73
CA LEU D 341 14.92 -27.88 -20.68
C LEU D 341 14.63 -26.89 -19.56
N ALA D 342 15.53 -25.94 -19.36
CA ALA D 342 15.29 -24.89 -18.37
C ALA D 342 14.32 -23.86 -18.89
N ALA D 343 14.19 -23.76 -20.21
CA ALA D 343 13.23 -22.83 -20.79
C ALA D 343 11.88 -23.50 -21.01
N SER D 344 11.88 -24.81 -21.26
CA SER D 344 10.63 -25.53 -21.44
C SER D 344 9.83 -25.56 -20.16
N SER D 345 10.50 -25.79 -19.04
CA SER D 345 9.89 -25.61 -17.73
C SER D 345 9.94 -24.15 -17.34
N GLY D 346 9.71 -23.85 -16.07
CA GLY D 346 9.66 -22.46 -15.69
C GLY D 346 10.92 -21.93 -15.05
N LYS D 347 12.03 -22.66 -15.18
CA LYS D 347 13.22 -22.35 -14.40
C LYS D 347 13.90 -21.10 -14.94
N ILE D 348 13.90 -20.05 -14.13
CA ILE D 348 14.36 -18.73 -14.52
C ILE D 348 15.81 -18.47 -14.07
N GLY D 349 16.18 -18.96 -12.90
CA GLY D 349 17.53 -18.72 -12.42
C GLY D 349 18.57 -19.55 -13.15
N VAL D 350 18.21 -20.78 -13.49
CA VAL D 350 19.10 -21.62 -14.28
C VAL D 350 19.17 -21.10 -15.72
N LEU D 351 18.07 -20.50 -16.19
CA LEU D 351 18.09 -19.90 -17.53
C LEU D 351 18.93 -18.65 -17.58
N ALA D 352 18.84 -17.80 -16.55
CA ALA D 352 19.60 -16.56 -16.53
C ALA D 352 21.08 -16.84 -16.36
N TYR D 353 21.42 -17.97 -15.74
CA TYR D 353 22.83 -18.31 -15.58
C TYR D 353 23.45 -18.77 -16.89
N ILE D 354 22.77 -19.67 -17.63
CA ILE D 354 23.39 -20.30 -18.78
C ILE D 354 23.61 -19.29 -19.91
N LEU D 355 22.68 -18.35 -20.06
CA LEU D 355 22.85 -17.33 -21.09
C LEU D 355 23.95 -16.34 -20.73
N GLN D 356 24.05 -15.98 -19.45
CA GLN D 356 25.09 -15.08 -18.97
C GLN D 356 26.20 -15.88 -18.30
N ARG D 357 26.84 -16.76 -19.07
CA ARG D 357 27.85 -17.64 -18.50
C ARG D 357 29.21 -17.24 -19.03
N GLU D 358 30.07 -16.80 -18.13
CA GLU D 358 31.48 -16.62 -18.43
C GLU D 358 32.33 -17.36 -17.40
N ILE D 359 33.23 -18.20 -17.88
CA ILE D 359 34.19 -18.90 -17.04
C ILE D 359 35.52 -18.19 -17.27
N GLN D 360 36.00 -17.49 -16.24
CA GLN D 360 37.05 -16.51 -16.45
C GLN D 360 38.43 -17.17 -16.49
N GLU D 361 38.61 -18.26 -15.75
CA GLU D 361 39.91 -18.89 -15.65
C GLU D 361 40.31 -19.54 -16.97
N PRO D 362 41.59 -19.52 -17.34
CA PRO D 362 41.99 -20.08 -18.64
C PRO D 362 41.93 -21.59 -18.64
N GLU D 363 42.13 -22.15 -19.85
CA GLU D 363 42.07 -23.55 -20.29
C GLU D 363 40.63 -24.07 -20.33
N CYS D 364 39.67 -23.36 -19.74
CA CYS D 364 38.26 -23.69 -19.83
C CYS D 364 37.44 -22.44 -20.03
N ARG D 365 37.91 -21.54 -20.89
CA ARG D 365 37.21 -20.30 -21.20
C ARG D 365 36.25 -20.47 -22.38
N HIS D 366 36.45 -21.48 -23.21
CA HIS D 366 35.60 -21.67 -24.38
C HIS D 366 34.20 -22.11 -24.01
N LEU D 367 34.00 -22.52 -22.75
CA LEU D 367 32.68 -22.86 -22.25
C LEU D 367 31.84 -21.62 -21.96
N SER D 368 32.39 -20.42 -22.12
CA SER D 368 31.65 -19.22 -21.81
C SER D 368 30.60 -18.93 -22.86
N ARG D 369 29.69 -18.01 -22.54
CA ARG D 369 28.69 -17.56 -23.47
C ARG D 369 28.62 -16.03 -23.56
N LYS D 370 28.77 -15.34 -22.43
CA LYS D 370 28.84 -13.87 -22.40
C LYS D 370 30.29 -13.44 -22.44
N PHE D 371 30.70 -12.79 -23.51
CA PHE D 371 32.08 -12.35 -23.68
C PHE D 371 32.14 -10.83 -23.66
N THR D 372 32.85 -10.26 -22.71
CA THR D 372 33.06 -8.81 -22.69
C THR D 372 34.18 -8.47 -23.68
N GLU D 373 33.95 -7.46 -24.52
CA GLU D 373 34.87 -7.23 -25.62
C GLU D 373 35.85 -6.08 -25.33
N TRP D 374 35.35 -4.96 -24.82
CA TRP D 374 36.21 -3.87 -24.42
C TRP D 374 35.54 -3.12 -23.28
N ALA D 375 36.33 -2.33 -22.57
CA ALA D 375 35.85 -1.54 -21.45
C ALA D 375 36.64 -0.25 -21.43
N TYR D 376 35.94 0.87 -21.34
CA TYR D 376 36.57 2.18 -21.23
C TYR D 376 36.00 2.86 -20.00
N GLY D 377 36.54 2.54 -18.84
CA GLY D 377 36.02 3.05 -17.59
C GLY D 377 34.63 2.52 -17.28
N PRO D 378 33.63 3.42 -17.33
CA PRO D 378 32.26 2.97 -17.07
C PRO D 378 31.71 2.09 -18.17
N VAL D 379 32.01 2.39 -19.44
CA VAL D 379 31.31 1.74 -20.54
C VAL D 379 31.82 0.31 -20.69
N HIS D 380 30.89 -0.64 -20.77
CA HIS D 380 31.17 -2.06 -20.70
C HIS D 380 30.39 -2.78 -21.80
N SER D 381 31.09 -3.19 -22.85
CA SER D 381 30.47 -3.79 -24.03
C SER D 381 30.70 -5.29 -24.02
N SER D 382 29.64 -6.06 -24.28
CA SER D 382 29.68 -7.51 -24.12
C SER D 382 29.13 -8.20 -25.36
N LEU D 383 29.66 -9.36 -25.68
CA LEU D 383 29.13 -10.24 -26.73
C LEU D 383 28.38 -11.41 -26.13
N TYR D 384 27.06 -11.34 -26.18
CA TYR D 384 26.26 -12.51 -25.88
C TYR D 384 26.30 -13.45 -27.06
N ASP D 385 25.91 -14.70 -26.84
CA ASP D 385 25.96 -15.69 -27.91
C ASP D 385 24.57 -16.19 -28.29
N LEU D 386 24.42 -16.54 -29.56
CA LEU D 386 23.14 -16.88 -30.18
C LEU D 386 23.21 -18.21 -30.91
N SER D 387 23.79 -19.25 -30.30
CA SER D 387 23.95 -20.50 -31.01
C SER D 387 22.68 -21.34 -30.95
N CYS D 388 22.26 -21.72 -29.75
CA CYS D 388 21.07 -22.54 -29.63
C CYS D 388 19.80 -21.72 -29.69
N ILE D 389 19.84 -20.48 -29.22
CA ILE D 389 18.70 -19.57 -29.25
C ILE D 389 18.63 -18.96 -30.64
N ASP D 390 17.58 -18.17 -30.90
CA ASP D 390 17.44 -17.33 -32.08
C ASP D 390 17.21 -18.18 -33.32
N THR D 391 16.28 -19.14 -33.20
CA THR D 391 15.59 -19.80 -34.31
C THR D 391 16.56 -20.57 -35.22
N CYS D 392 17.70 -20.97 -34.68
CA CYS D 392 18.70 -21.64 -35.51
C CYS D 392 18.47 -23.14 -35.55
N GLU D 393 18.02 -23.72 -34.45
CA GLU D 393 17.98 -25.17 -34.32
C GLU D 393 16.54 -25.65 -34.15
N LYS D 394 16.41 -26.93 -33.79
CA LYS D 394 15.10 -27.57 -33.67
C LYS D 394 14.34 -27.04 -32.47
N ASN D 395 15.02 -26.88 -31.34
CA ASN D 395 14.43 -26.32 -30.14
C ASN D 395 15.26 -25.14 -29.69
N SER D 396 14.90 -23.94 -30.15
CA SER D 396 15.52 -22.71 -29.72
C SER D 396 14.69 -22.15 -28.58
N VAL D 397 15.35 -21.49 -27.64
CA VAL D 397 14.64 -21.10 -26.43
C VAL D 397 13.75 -19.90 -26.69
N LEU D 398 13.93 -19.24 -27.83
CA LEU D 398 13.00 -18.19 -28.21
C LEU D 398 11.70 -18.80 -28.69
N GLU D 399 11.79 -19.97 -29.31
CA GLU D 399 10.60 -20.70 -29.73
C GLU D 399 9.91 -21.37 -28.54
N VAL D 400 10.69 -21.99 -27.66
CA VAL D 400 10.13 -22.88 -26.66
C VAL D 400 9.46 -22.08 -25.54
N ILE D 401 9.96 -20.88 -25.26
CA ILE D 401 9.30 -19.99 -24.30
C ILE D 401 7.93 -19.57 -24.81
N ALA D 402 7.85 -19.12 -26.06
CA ALA D 402 6.62 -18.54 -26.57
C ALA D 402 5.56 -19.61 -26.85
N TYR D 403 5.98 -20.79 -27.32
CA TYR D 403 5.02 -21.82 -27.65
C TYR D 403 4.69 -22.75 -26.48
N SER D 404 5.10 -22.40 -25.27
CA SER D 404 4.84 -23.29 -24.14
C SER D 404 3.40 -23.15 -23.68
N SER D 405 2.85 -24.27 -23.19
CA SER D 405 1.41 -24.48 -23.08
C SER D 405 0.77 -23.82 -21.85
N SER D 406 1.48 -22.91 -21.18
CA SER D 406 1.07 -22.13 -20.00
C SER D 406 0.81 -22.97 -18.75
N GLU D 407 0.93 -24.30 -18.85
CA GLU D 407 1.00 -25.12 -17.65
C GLU D 407 2.37 -25.02 -17.02
N THR D 408 3.38 -24.72 -17.82
CA THR D 408 4.70 -24.42 -17.29
C THR D 408 4.72 -22.95 -16.89
N PRO D 409 5.02 -22.63 -15.64
CA PRO D 409 4.89 -21.24 -15.18
C PRO D 409 5.98 -20.35 -15.74
N ASN D 410 5.79 -19.05 -15.53
CA ASN D 410 6.84 -18.04 -15.68
C ASN D 410 7.36 -17.94 -17.10
N ARG D 411 6.50 -18.25 -18.08
CA ARG D 411 6.83 -17.98 -19.48
C ARG D 411 7.00 -16.50 -19.70
N HIS D 412 6.23 -15.70 -18.98
CA HIS D 412 6.31 -14.26 -19.08
C HIS D 412 7.59 -13.74 -18.43
N ASP D 413 8.08 -14.47 -17.42
CA ASP D 413 9.29 -14.05 -16.72
C ASP D 413 10.54 -14.30 -17.56
N MET D 414 10.55 -15.37 -18.34
CA MET D 414 11.76 -15.79 -19.04
C MET D 414 12.08 -14.94 -20.26
N LEU D 415 11.33 -13.88 -20.54
CA LEU D 415 11.70 -12.92 -21.57
C LEU D 415 12.36 -11.69 -20.98
N LEU D 416 12.73 -11.75 -19.70
CA LEU D 416 13.34 -10.58 -19.05
C LEU D 416 14.86 -10.63 -19.04
N VAL D 417 15.46 -11.78 -19.36
CA VAL D 417 16.92 -11.89 -19.31
C VAL D 417 17.53 -11.11 -20.47
N GLU D 418 18.83 -10.85 -20.34
CA GLU D 418 19.45 -9.80 -21.16
C GLU D 418 19.66 -10.13 -22.63
N PRO D 419 20.16 -11.31 -23.04
CA PRO D 419 20.33 -11.51 -24.49
C PRO D 419 19.04 -11.75 -25.24
N LEU D 420 17.95 -12.06 -24.55
CA LEU D 420 16.68 -12.26 -25.23
C LEU D 420 15.91 -10.96 -25.35
N ASN D 421 15.87 -10.17 -24.27
CA ASN D 421 14.98 -9.01 -24.20
C ASN D 421 15.46 -7.88 -25.09
N ARG D 422 16.72 -7.94 -25.51
CA ARG D 422 17.20 -6.98 -26.49
C ARG D 422 17.27 -7.62 -27.87
N LEU D 423 16.96 -8.90 -27.97
CA LEU D 423 16.93 -9.57 -29.26
C LEU D 423 15.57 -9.43 -29.92
N LEU D 424 14.50 -9.57 -29.13
CA LEU D 424 13.17 -9.38 -29.68
C LEU D 424 12.92 -7.90 -29.97
N GLN D 425 13.47 -7.02 -29.16
CA GLN D 425 13.31 -5.59 -29.41
C GLN D 425 14.11 -5.16 -30.63
N ASP D 426 15.17 -5.88 -30.95
CA ASP D 426 15.95 -5.49 -32.11
C ASP D 426 15.63 -6.36 -33.32
N LYS D 427 14.72 -7.32 -33.17
CA LYS D 427 14.09 -7.91 -34.36
C LYS D 427 12.86 -7.14 -34.75
N TRP D 428 12.26 -6.40 -33.82
CA TRP D 428 11.07 -5.66 -34.16
C TRP D 428 11.41 -4.40 -34.93
N ASP D 429 12.53 -3.78 -34.60
CA ASP D 429 12.87 -2.49 -35.18
C ASP D 429 13.31 -2.57 -36.63
N ARG D 430 13.54 -3.78 -37.15
CA ARG D 430 13.80 -3.92 -38.58
C ARG D 430 13.20 -5.24 -39.07
N PHE D 431 12.58 -5.18 -40.24
CA PHE D 431 11.84 -6.15 -41.05
C PHE D 431 10.62 -6.78 -40.37
N VAL D 432 10.25 -6.40 -39.15
CA VAL D 432 9.01 -6.97 -38.59
C VAL D 432 8.01 -5.86 -38.33
N LYS D 433 8.48 -4.65 -38.03
CA LYS D 433 7.56 -3.52 -37.91
C LYS D 433 6.96 -3.17 -39.26
N ARG D 434 7.71 -3.40 -40.33
CA ARG D 434 7.20 -3.12 -41.67
C ARG D 434 6.19 -4.17 -42.11
N ILE D 435 6.37 -5.42 -41.70
CA ILE D 435 5.43 -6.45 -42.14
C ILE D 435 4.18 -6.44 -41.28
N PHE D 436 4.31 -6.11 -39.99
CA PHE D 436 3.14 -6.11 -39.12
C PHE D 436 2.21 -4.95 -39.42
N TYR D 437 2.76 -3.81 -39.86
CA TYR D 437 1.90 -2.71 -40.25
C TYR D 437 1.27 -2.97 -41.61
N PHE D 438 1.86 -3.88 -42.38
CA PHE D 438 1.26 -4.23 -43.66
C PHE D 438 0.17 -5.27 -43.49
N ASN D 439 0.29 -6.14 -42.48
CA ASN D 439 -0.79 -7.08 -42.22
C ASN D 439 -2.00 -6.37 -41.68
N PHE D 440 -1.80 -5.30 -40.93
CA PHE D 440 -2.93 -4.56 -40.38
C PHE D 440 -3.56 -3.66 -41.42
N PHE D 441 -2.83 -3.34 -42.48
CA PHE D 441 -3.42 -2.51 -43.53
C PHE D 441 -4.22 -3.34 -44.51
N VAL D 442 -3.79 -4.57 -44.78
CA VAL D 442 -4.56 -5.42 -45.68
C VAL D 442 -5.82 -5.91 -44.98
N TYR D 443 -5.75 -6.09 -43.66
CA TYR D 443 -6.94 -6.52 -42.94
C TYR D 443 -7.97 -5.40 -42.85
N CYS D 444 -7.53 -4.15 -42.77
CA CYS D 444 -8.49 -3.06 -42.78
C CYS D 444 -9.04 -2.81 -44.18
N LEU D 445 -8.34 -3.24 -45.22
CA LEU D 445 -8.92 -3.23 -46.56
C LEU D 445 -9.79 -4.44 -46.79
N TYR D 446 -9.75 -5.40 -45.87
CA TYR D 446 -10.65 -6.53 -46.00
C TYR D 446 -11.99 -6.22 -45.37
N MET D 447 -12.00 -5.50 -44.27
CA MET D 447 -13.26 -5.24 -43.60
C MET D 447 -14.03 -4.10 -44.25
N ILE D 448 -13.37 -3.27 -45.05
CA ILE D 448 -14.12 -2.26 -45.79
C ILE D 448 -14.77 -2.88 -47.01
N VAL D 449 -14.14 -3.89 -47.60
CA VAL D 449 -14.75 -4.57 -48.73
C VAL D 449 -15.88 -5.48 -48.26
N PHE D 450 -15.67 -6.19 -47.16
CA PHE D 450 -16.67 -7.14 -46.69
C PHE D 450 -17.86 -6.43 -46.04
N THR D 451 -17.65 -5.21 -45.53
CA THR D 451 -18.79 -4.40 -45.08
C THR D 451 -19.63 -3.96 -46.27
N THR D 452 -18.98 -3.39 -47.28
CA THR D 452 -19.71 -2.77 -48.37
C THR D 452 -20.35 -3.81 -49.28
N ALA D 453 -19.75 -5.00 -49.37
CA ALA D 453 -20.35 -6.04 -50.19
C ALA D 453 -21.51 -6.70 -49.47
N ALA D 454 -21.58 -6.55 -48.16
CA ALA D 454 -22.71 -7.12 -47.42
C ALA D 454 -23.82 -6.10 -47.23
N TYR D 455 -23.45 -4.82 -47.13
CA TYR D 455 -24.45 -3.76 -47.00
C TYR D 455 -25.33 -3.68 -48.23
N TYR D 456 -24.74 -3.79 -49.41
CA TYR D 456 -25.47 -3.65 -50.67
C TYR D 456 -25.96 -4.98 -51.21
N ARG D 457 -26.24 -5.95 -50.35
CA ARG D 457 -26.66 -7.29 -50.75
C ARG D 457 -28.02 -7.24 -51.45
N PRO D 458 -28.32 -8.18 -52.33
CA PRO D 458 -29.63 -8.17 -52.97
C PRO D 458 -30.71 -8.60 -52.01
N VAL D 459 -31.82 -7.88 -52.07
CA VAL D 459 -33.00 -8.14 -51.25
C VAL D 459 -34.10 -8.80 -52.05
N ASP D 460 -33.84 -9.13 -53.32
CA ASP D 460 -34.89 -9.44 -54.27
C ASP D 460 -35.53 -10.80 -54.00
N GLY D 461 -34.75 -11.88 -54.09
CA GLY D 461 -35.35 -13.19 -54.01
C GLY D 461 -34.50 -14.29 -53.40
N LEU D 462 -34.56 -15.48 -53.98
CA LEU D 462 -33.86 -16.63 -53.45
C LEU D 462 -32.36 -16.54 -53.75
N PRO D 463 -31.52 -16.99 -52.82
CA PRO D 463 -30.16 -16.45 -52.69
C PRO D 463 -29.19 -16.71 -53.84
N PRO D 464 -29.26 -17.77 -54.64
CA PRO D 464 -28.38 -17.74 -55.82
C PRO D 464 -28.94 -16.78 -56.86
N TYR D 465 -28.34 -15.58 -56.91
CA TYR D 465 -28.90 -14.48 -57.69
C TYR D 465 -28.20 -14.39 -59.03
N LYS D 466 -28.96 -14.03 -60.05
CA LYS D 466 -28.39 -13.76 -61.36
C LYS D 466 -27.63 -12.44 -61.34
N LEU D 467 -26.77 -12.27 -62.32
CA LEU D 467 -25.82 -11.17 -62.34
C LEU D 467 -26.10 -10.30 -63.55
N LYS D 468 -26.60 -9.09 -63.30
CA LYS D 468 -26.90 -8.16 -64.38
C LYS D 468 -25.61 -7.57 -64.94
N ASN D 469 -25.71 -7.05 -66.15
CA ASN D 469 -24.56 -6.43 -66.81
C ASN D 469 -24.55 -4.95 -66.47
N THR D 470 -24.13 -4.64 -65.26
CA THR D 470 -23.99 -3.27 -64.80
C THR D 470 -22.59 -3.11 -64.20
N VAL D 471 -22.18 -1.86 -64.02
CA VAL D 471 -20.92 -1.60 -63.32
C VAL D 471 -21.13 -1.74 -61.81
N GLY D 472 -22.39 -1.73 -61.38
CA GLY D 472 -22.67 -1.90 -59.96
C GLY D 472 -22.56 -3.35 -59.53
N ASP D 473 -23.04 -4.27 -60.37
CA ASP D 473 -23.06 -5.67 -59.97
C ASP D 473 -21.70 -6.33 -60.19
N TYR D 474 -20.86 -5.74 -61.04
CA TYR D 474 -19.51 -6.26 -61.20
C TYR D 474 -18.68 -5.98 -59.96
N PHE D 475 -18.87 -4.81 -59.35
CA PHE D 475 -18.13 -4.47 -58.14
C PHE D 475 -18.65 -5.25 -56.94
N ARG D 476 -19.92 -5.63 -56.97
CA ARG D 476 -20.47 -6.31 -55.81
C ARG D 476 -20.06 -7.78 -55.79
N VAL D 477 -20.10 -8.45 -56.95
CA VAL D 477 -19.74 -9.87 -56.96
C VAL D 477 -18.23 -10.03 -56.90
N THR D 478 -17.49 -8.96 -57.18
CA THR D 478 -16.07 -8.94 -56.84
C THR D 478 -15.88 -8.79 -55.35
N GLY D 479 -16.72 -7.98 -54.72
CA GLY D 479 -16.60 -7.78 -53.28
C GLY D 479 -16.99 -9.00 -52.47
N GLU D 480 -17.76 -9.92 -53.08
CA GLU D 480 -18.13 -11.13 -52.38
C GLU D 480 -17.05 -12.20 -52.51
N ILE D 481 -16.42 -12.27 -53.69
CA ILE D 481 -15.37 -13.26 -53.91
C ILE D 481 -14.11 -12.90 -53.13
N LEU D 482 -13.85 -11.61 -52.96
CA LEU D 482 -12.74 -11.19 -52.10
C LEU D 482 -13.08 -11.36 -50.63
N SER D 483 -14.36 -11.61 -50.30
CA SER D 483 -14.74 -11.76 -48.91
C SER D 483 -14.80 -13.22 -48.50
N VAL D 484 -15.14 -14.12 -49.43
CA VAL D 484 -15.09 -15.54 -49.13
C VAL D 484 -13.64 -16.03 -49.12
N SER D 485 -12.82 -15.51 -50.03
CA SER D 485 -11.44 -15.96 -50.13
C SER D 485 -10.62 -15.48 -48.95
N GLY D 486 -11.00 -14.37 -48.34
CA GLY D 486 -10.44 -14.04 -47.05
C GLY D 486 -10.93 -15.00 -45.98
N GLY D 487 -12.15 -15.49 -46.10
CA GLY D 487 -12.68 -16.38 -45.09
C GLY D 487 -12.09 -17.78 -45.16
N VAL D 488 -11.53 -18.14 -46.31
CA VAL D 488 -10.83 -19.41 -46.42
C VAL D 488 -9.45 -19.30 -45.79
N TYR D 489 -8.82 -18.13 -45.92
CA TYR D 489 -7.47 -17.90 -45.40
C TYR D 489 -7.43 -18.02 -43.88
N PHE D 490 -8.43 -17.46 -43.20
CA PHE D 490 -8.46 -17.56 -41.75
C PHE D 490 -8.88 -18.95 -41.32
N PHE D 491 -9.51 -19.71 -42.20
CA PHE D 491 -9.92 -21.05 -41.85
C PHE D 491 -8.74 -22.01 -41.93
N LEU D 492 -7.87 -21.84 -42.91
CA LEU D 492 -6.76 -22.77 -43.06
C LEU D 492 -5.66 -22.49 -42.04
N ARG D 493 -5.40 -21.22 -41.72
CA ARG D 493 -4.42 -20.91 -40.69
C ARG D 493 -4.95 -21.26 -39.32
N GLY D 494 -6.27 -21.35 -39.18
CA GLY D 494 -6.80 -21.92 -37.97
C GLY D 494 -6.55 -23.42 -37.90
N ILE D 495 -6.73 -24.11 -39.03
CA ILE D 495 -6.79 -25.57 -38.98
C ILE D 495 -5.39 -26.17 -38.96
N GLN D 496 -4.37 -25.36 -39.27
CA GLN D 496 -3.01 -25.83 -39.08
C GLN D 496 -2.51 -25.48 -37.69
N TYR D 497 -3.17 -24.53 -37.03
CA TYR D 497 -2.78 -24.15 -35.68
C TYR D 497 -3.28 -25.17 -34.67
N PHE D 498 -4.39 -25.84 -34.96
CA PHE D 498 -4.92 -26.76 -33.97
C PHE D 498 -4.45 -28.19 -34.23
N LEU D 499 -4.34 -28.59 -35.49
CA LEU D 499 -4.12 -29.98 -35.83
C LEU D 499 -2.71 -30.24 -36.34
N GLN D 500 -2.26 -29.51 -37.38
CA GLN D 500 -0.95 -29.79 -37.96
C GLN D 500 0.19 -29.39 -37.02
N ARG D 501 0.07 -28.23 -36.39
CA ARG D 501 0.94 -27.83 -35.30
C ARG D 501 0.08 -27.66 -34.07
N ARG D 502 0.74 -27.63 -32.91
CA ARG D 502 0.17 -27.19 -31.63
C ARG D 502 -1.16 -27.87 -31.25
N PRO D 503 -1.12 -29.13 -30.83
CA PRO D 503 -2.36 -29.73 -30.30
C PRO D 503 -2.70 -29.10 -28.97
N SER D 504 -3.99 -28.93 -28.71
CA SER D 504 -4.43 -28.14 -27.57
C SER D 504 -5.60 -28.81 -26.86
N MET D 505 -5.53 -28.83 -25.54
CA MET D 505 -6.60 -29.39 -24.73
C MET D 505 -7.67 -28.34 -24.49
N LYS D 506 -8.75 -28.77 -23.82
CA LYS D 506 -9.93 -27.92 -23.73
C LYS D 506 -9.72 -26.77 -22.75
N THR D 507 -8.92 -26.98 -21.70
CA THR D 507 -8.70 -25.89 -20.76
C THR D 507 -7.63 -24.92 -21.25
N LEU D 508 -7.01 -25.22 -22.40
CA LEU D 508 -6.03 -24.33 -22.98
C LEU D 508 -6.66 -23.27 -23.89
N PHE D 509 -7.98 -23.29 -24.03
CA PHE D 509 -8.67 -22.29 -24.85
C PHE D 509 -8.94 -21.00 -24.09
N VAL D 510 -8.27 -20.79 -22.97
CA VAL D 510 -8.16 -19.46 -22.38
C VAL D 510 -6.74 -18.95 -22.54
N ASP D 511 -5.84 -19.82 -22.98
CA ASP D 511 -4.50 -19.38 -23.36
C ASP D 511 -4.43 -19.02 -24.83
N SER D 512 -5.18 -19.75 -25.66
CA SER D 512 -5.20 -19.53 -27.11
C SER D 512 -6.47 -18.79 -27.52
N TYR D 513 -6.84 -17.80 -26.72
CA TYR D 513 -8.09 -17.07 -26.92
C TYR D 513 -8.08 -16.27 -28.20
N SER D 514 -6.95 -15.64 -28.50
CA SER D 514 -6.91 -14.71 -29.63
C SER D 514 -6.98 -15.44 -30.95
N GLU D 515 -6.62 -16.72 -30.96
CA GLU D 515 -6.67 -17.50 -32.19
C GLU D 515 -8.01 -18.20 -32.36
N MET D 516 -8.70 -18.48 -31.25
CA MET D 516 -10.02 -19.09 -31.33
C MET D 516 -11.03 -18.14 -31.99
N LEU D 517 -10.87 -16.83 -31.76
CA LEU D 517 -11.82 -15.88 -32.35
C LEU D 517 -11.62 -15.71 -33.84
N PHE D 518 -10.39 -15.84 -34.34
CA PHE D 518 -10.20 -15.78 -35.79
C PHE D 518 -10.67 -17.05 -36.47
N PHE D 519 -10.89 -18.11 -35.71
CA PHE D 519 -11.38 -19.33 -36.33
C PHE D 519 -12.89 -19.37 -36.32
N VAL D 520 -13.51 -18.84 -35.25
CA VAL D 520 -14.97 -18.83 -35.16
C VAL D 520 -15.56 -17.89 -36.20
N GLN D 521 -14.88 -16.78 -36.47
CA GLN D 521 -15.25 -15.91 -37.59
C GLN D 521 -15.25 -16.65 -38.92
N SER D 522 -14.24 -17.49 -39.15
CA SER D 522 -14.15 -18.14 -40.44
C SER D 522 -15.06 -19.35 -40.51
N LEU D 523 -15.72 -19.71 -39.41
CA LEU D 523 -16.77 -20.72 -39.49
C LEU D 523 -18.09 -20.10 -39.93
N PHE D 524 -18.36 -18.87 -39.49
CA PHE D 524 -19.59 -18.21 -39.92
C PHE D 524 -19.50 -17.80 -41.39
N MET D 525 -18.34 -17.29 -41.81
CA MET D 525 -18.21 -16.80 -43.17
C MET D 525 -18.23 -17.95 -44.18
N LEU D 526 -17.66 -19.09 -43.80
CA LEU D 526 -17.85 -20.28 -44.63
C LEU D 526 -19.18 -20.96 -44.33
N GLY D 527 -19.81 -20.61 -43.21
CA GLY D 527 -21.14 -21.12 -42.95
C GLY D 527 -22.17 -20.49 -43.87
N SER D 528 -21.94 -19.25 -44.28
CA SER D 528 -22.87 -18.58 -45.18
C SER D 528 -22.80 -19.15 -46.59
N VAL D 529 -21.62 -19.58 -47.01
CA VAL D 529 -21.45 -20.06 -48.39
C VAL D 529 -22.14 -21.40 -48.57
N VAL D 530 -22.27 -22.17 -47.49
CA VAL D 530 -23.09 -23.37 -47.54
C VAL D 530 -24.56 -23.00 -47.68
N LEU D 531 -25.02 -22.01 -46.90
CA LEU D 531 -26.43 -21.64 -46.93
C LEU D 531 -26.78 -20.84 -48.17
N TYR D 532 -25.79 -20.15 -48.77
CA TYR D 532 -26.06 -19.32 -49.94
C TYR D 532 -26.38 -20.17 -51.15
N PHE D 533 -25.69 -21.29 -51.30
CA PHE D 533 -25.94 -22.16 -52.44
C PHE D 533 -26.86 -23.32 -52.10
N SER D 534 -27.41 -23.34 -50.91
CA SER D 534 -28.45 -24.30 -50.58
C SER D 534 -29.85 -23.73 -50.71
N HIS D 535 -29.97 -22.60 -51.42
CA HIS D 535 -31.24 -21.92 -51.69
C HIS D 535 -31.96 -21.51 -50.41
N ARG D 536 -31.20 -21.04 -49.42
CA ARG D 536 -31.75 -20.70 -48.13
C ARG D 536 -31.52 -19.23 -47.81
N LYS D 537 -32.57 -18.57 -47.32
CA LYS D 537 -32.49 -17.14 -47.02
C LYS D 537 -31.75 -16.86 -45.71
N GLU D 538 -31.36 -17.90 -44.98
CA GLU D 538 -30.65 -17.71 -43.73
C GLU D 538 -29.16 -17.46 -43.90
N TYR D 539 -28.71 -17.02 -45.07
CA TYR D 539 -27.29 -16.67 -45.17
C TYR D 539 -27.02 -15.33 -44.51
N VAL D 540 -28.07 -14.52 -44.31
CA VAL D 540 -27.86 -13.23 -43.67
C VAL D 540 -27.88 -13.37 -42.16
N ALA D 541 -28.04 -14.60 -41.66
CA ALA D 541 -27.96 -14.80 -40.20
C ALA D 541 -26.59 -15.30 -39.81
N SER D 542 -25.80 -15.76 -40.78
CA SER D 542 -24.45 -16.23 -40.48
C SER D 542 -23.42 -15.21 -40.92
N MET D 543 -23.68 -14.54 -42.03
CA MET D 543 -22.82 -13.47 -42.51
C MET D 543 -22.77 -12.33 -41.51
N VAL D 544 -23.90 -12.05 -40.85
CA VAL D 544 -24.00 -10.90 -39.97
C VAL D 544 -23.19 -11.12 -38.69
N PHE D 545 -23.19 -12.34 -38.17
CA PHE D 545 -22.30 -12.63 -37.05
C PHE D 545 -20.84 -12.64 -37.46
N SER D 546 -20.56 -12.76 -38.76
CA SER D 546 -19.18 -12.64 -39.19
C SER D 546 -18.78 -11.17 -39.30
N LEU D 547 -19.73 -10.30 -39.63
CA LEU D 547 -19.45 -8.86 -39.67
C LEU D 547 -19.20 -8.30 -38.28
N ALA D 548 -20.07 -8.65 -37.33
CA ALA D 548 -19.94 -8.12 -35.98
C ALA D 548 -18.71 -8.67 -35.29
N MET D 549 -18.28 -9.87 -35.68
CA MET D 549 -17.07 -10.43 -35.11
C MET D 549 -15.86 -10.05 -35.94
N GLY D 550 -16.12 -9.58 -37.16
CA GLY D 550 -15.01 -9.19 -38.02
C GLY D 550 -14.36 -7.90 -37.58
N TRP D 551 -15.18 -6.87 -37.34
CA TRP D 551 -14.65 -5.60 -36.89
C TRP D 551 -14.08 -5.68 -35.49
N THR D 552 -14.65 -6.54 -34.67
CA THR D 552 -14.27 -6.66 -33.27
C THR D 552 -12.91 -7.31 -33.09
N ASN D 553 -12.50 -8.18 -34.01
CA ASN D 553 -11.21 -8.84 -33.96
C ASN D 553 -10.09 -7.95 -34.48
N MET D 554 -10.38 -6.70 -34.79
CA MET D 554 -9.37 -5.72 -35.09
C MET D 554 -8.68 -5.24 -33.83
N LEU D 555 -9.17 -5.63 -32.66
CA LEU D 555 -8.42 -5.47 -31.43
C LEU D 555 -7.33 -6.51 -31.27
N TYR D 556 -7.20 -7.45 -32.20
CA TYR D 556 -6.03 -8.31 -32.15
C TYR D 556 -4.78 -7.54 -32.53
N TYR D 557 -4.91 -6.57 -33.41
CA TYR D 557 -3.71 -5.90 -33.88
C TYR D 557 -3.29 -4.77 -32.95
N THR D 558 -4.07 -4.46 -31.94
CA THR D 558 -3.69 -3.36 -31.07
C THR D 558 -2.77 -3.82 -29.95
N ARG D 559 -2.45 -5.11 -29.91
CA ARG D 559 -1.27 -5.55 -29.18
C ARG D 559 -0.06 -5.27 -30.05
N GLY D 560 1.11 -5.24 -29.43
CA GLY D 560 2.29 -4.72 -30.09
C GLY D 560 2.41 -3.22 -30.02
N PHE D 561 1.39 -2.54 -29.50
CA PHE D 561 1.49 -1.15 -29.09
C PHE D 561 1.44 -1.24 -27.58
N GLN D 562 2.18 -0.39 -26.87
CA GLN D 562 2.28 -0.61 -25.43
C GLN D 562 1.02 -0.15 -24.71
N GLN D 563 0.68 1.14 -24.80
CA GLN D 563 -0.43 1.63 -23.98
C GLN D 563 -1.78 1.19 -24.54
N MET D 564 -1.87 0.99 -25.85
CA MET D 564 -3.09 0.43 -26.41
C MET D 564 -3.23 -1.05 -26.08
N GLY D 565 -2.11 -1.77 -25.99
CA GLY D 565 -2.19 -3.21 -25.84
C GLY D 565 -2.60 -3.65 -24.46
N ILE D 566 -2.40 -2.80 -23.45
CA ILE D 566 -2.81 -3.15 -22.10
C ILE D 566 -4.32 -3.00 -21.96
N TYR D 567 -4.96 -2.32 -22.90
CA TYR D 567 -6.41 -2.22 -22.84
C TYR D 567 -7.07 -3.49 -23.37
N ALA D 568 -6.50 -4.10 -24.41
CA ALA D 568 -7.16 -5.25 -25.02
C ALA D 568 -6.75 -6.55 -24.32
N VAL D 569 -5.73 -6.50 -23.48
CA VAL D 569 -5.42 -7.67 -22.65
C VAL D 569 -6.43 -7.78 -21.52
N MET D 570 -6.88 -6.64 -21.00
CA MET D 570 -7.84 -6.66 -19.89
C MET D 570 -9.22 -7.12 -20.35
N ILE D 571 -9.50 -7.07 -21.64
CA ILE D 571 -10.77 -7.59 -22.12
C ILE D 571 -10.76 -9.11 -22.12
N GLU D 572 -9.68 -9.72 -22.59
CA GLU D 572 -9.66 -11.18 -22.63
C GLU D 572 -9.45 -11.78 -21.25
N LYS D 573 -8.98 -10.98 -20.30
CA LYS D 573 -8.87 -11.47 -18.94
C LYS D 573 -10.12 -11.21 -18.13
N MET D 574 -11.00 -10.33 -18.59
CA MET D 574 -12.25 -10.05 -17.90
C MET D 574 -13.46 -10.28 -18.79
N ILE D 575 -13.44 -11.33 -19.59
CA ILE D 575 -14.62 -11.77 -20.32
C ILE D 575 -14.71 -13.25 -20.02
N LEU D 576 -13.71 -13.75 -19.30
CA LEU D 576 -13.66 -15.14 -18.87
C LEU D 576 -13.59 -15.29 -17.35
N ARG D 577 -13.22 -14.22 -16.64
CA ARG D 577 -13.08 -14.25 -15.19
C ARG D 577 -14.20 -13.48 -14.51
N ASP D 578 -14.42 -12.23 -14.87
CA ASP D 578 -15.34 -11.38 -14.14
C ASP D 578 -16.71 -11.33 -14.78
N LEU D 579 -16.81 -11.54 -16.09
CA LEU D 579 -18.11 -11.47 -16.71
C LEU D 579 -18.80 -12.82 -16.70
N CYS D 580 -18.03 -13.91 -16.74
CA CYS D 580 -18.66 -15.22 -16.71
C CYS D 580 -19.06 -15.62 -15.30
N ARG D 581 -18.50 -14.96 -14.28
CA ARG D 581 -19.04 -15.18 -12.95
C ARG D 581 -20.24 -14.30 -12.70
N PHE D 582 -20.21 -13.07 -13.20
CA PHE D 582 -21.30 -12.14 -12.96
C PHE D 582 -22.55 -12.54 -13.72
N MET D 583 -22.40 -13.08 -14.92
CA MET D 583 -23.59 -13.40 -15.71
C MET D 583 -24.20 -14.72 -15.29
N PHE D 584 -23.60 -15.42 -14.32
CA PHE D 584 -24.32 -16.53 -13.72
C PHE D 584 -25.20 -16.05 -12.58
N VAL D 585 -24.68 -15.15 -11.76
CA VAL D 585 -25.43 -14.63 -10.62
C VAL D 585 -26.56 -13.74 -11.10
N TYR D 586 -26.32 -12.98 -12.16
CA TYR D 586 -27.35 -12.10 -12.69
C TYR D 586 -28.46 -12.89 -13.35
N LEU D 587 -28.14 -14.01 -13.98
CA LEU D 587 -29.19 -14.79 -14.62
C LEU D 587 -29.95 -15.65 -13.62
N VAL D 588 -29.45 -15.74 -12.39
CA VAL D 588 -30.26 -16.33 -11.32
C VAL D 588 -31.32 -15.32 -10.87
N PHE D 589 -30.92 -14.06 -10.68
CA PHE D 589 -31.86 -13.07 -10.17
C PHE D 589 -32.89 -12.69 -11.22
N LEU D 590 -32.47 -12.59 -12.48
CA LEU D 590 -33.39 -12.20 -13.54
C LEU D 590 -34.40 -13.29 -13.80
N PHE D 591 -33.97 -14.54 -13.75
CA PHE D 591 -34.91 -15.63 -13.98
C PHE D 591 -35.57 -16.03 -12.67
N GLY D 592 -35.06 -15.55 -11.56
CA GLY D 592 -35.77 -15.73 -10.30
C GLY D 592 -37.01 -14.87 -10.24
N PHE D 593 -36.84 -13.56 -10.41
CA PHE D 593 -37.96 -12.64 -10.24
C PHE D 593 -38.90 -12.65 -11.43
N SER D 594 -38.42 -12.93 -12.63
CA SER D 594 -39.34 -12.95 -13.77
C SER D 594 -40.11 -14.24 -13.85
N THR D 595 -39.82 -15.20 -12.99
CA THR D 595 -40.74 -16.31 -12.79
C THR D 595 -41.81 -15.94 -11.80
N ALA D 596 -41.45 -15.12 -10.82
CA ALA D 596 -42.41 -14.67 -9.82
C ALA D 596 -43.46 -13.76 -10.43
N VAL D 597 -43.05 -12.93 -11.39
CA VAL D 597 -43.95 -11.91 -11.92
C VAL D 597 -44.97 -12.51 -12.88
N VAL D 598 -44.57 -13.50 -13.68
CA VAL D 598 -45.51 -14.08 -14.65
C VAL D 598 -46.54 -14.93 -13.95
N THR D 599 -46.17 -15.54 -12.82
CA THR D 599 -47.14 -16.29 -12.03
C THR D 599 -48.21 -15.37 -11.44
N LEU D 600 -47.84 -14.12 -11.16
CA LEU D 600 -48.83 -13.14 -10.73
C LEU D 600 -49.78 -12.75 -11.83
N ILE D 601 -49.25 -12.27 -12.96
CA ILE D 601 -50.08 -11.52 -13.89
C ILE D 601 -50.99 -12.48 -14.67
N GLU D 602 -52.26 -12.14 -14.73
CA GLU D 602 -53.27 -13.02 -15.28
C GLU D 602 -53.52 -12.65 -16.74
N ASP D 603 -54.62 -13.14 -17.31
CA ASP D 603 -54.90 -12.92 -18.73
C ASP D 603 -55.43 -11.52 -19.00
N GLY D 604 -56.00 -11.32 -20.20
CA GLY D 604 -56.47 -10.01 -20.60
C GLY D 604 -57.60 -9.48 -19.72
N LYS D 605 -58.43 -10.39 -19.19
CA LYS D 605 -59.22 -10.21 -17.98
C LYS D 605 -60.39 -9.24 -18.15
N ASN D 606 -60.51 -8.61 -19.31
CA ASN D 606 -61.53 -7.59 -19.53
C ASN D 606 -62.25 -7.79 -20.85
N PRO D 625 -48.57 1.06 -25.63
CA PRO D 625 -48.05 -0.20 -26.20
C PRO D 625 -48.74 -1.43 -25.63
N PRO D 626 -49.93 -1.76 -26.14
CA PRO D 626 -50.66 -2.93 -25.60
C PRO D 626 -50.04 -4.24 -26.07
N ASP D 627 -49.89 -5.16 -25.13
CA ASP D 627 -49.34 -6.48 -25.41
C ASP D 627 -49.76 -7.42 -24.28
N SER D 628 -49.88 -8.69 -24.61
CA SER D 628 -50.07 -9.72 -23.60
C SER D 628 -48.73 -10.07 -23.01
N TYR D 629 -48.50 -9.67 -21.76
CA TYR D 629 -47.24 -9.91 -21.06
C TYR D 629 -47.19 -11.27 -20.39
N ASN D 630 -48.10 -12.18 -20.73
CA ASN D 630 -48.13 -13.48 -20.05
C ASN D 630 -47.00 -14.39 -20.49
N SER D 631 -46.29 -14.04 -21.56
CA SER D 631 -45.16 -14.87 -21.95
C SER D 631 -44.01 -14.67 -20.98
N LEU D 632 -43.22 -15.72 -20.80
CA LEU D 632 -42.03 -15.59 -19.97
C LEU D 632 -40.96 -14.81 -20.69
N TYR D 633 -41.01 -14.77 -22.03
CA TYR D 633 -39.99 -14.05 -22.77
C TYR D 633 -40.15 -12.54 -22.62
N SER D 634 -41.37 -12.03 -22.63
CA SER D 634 -41.56 -10.60 -22.50
C SER D 634 -41.17 -10.11 -21.11
N THR D 635 -41.52 -10.87 -20.08
CA THR D 635 -41.29 -10.40 -18.73
C THR D 635 -39.83 -10.61 -18.32
N CYS D 636 -39.13 -11.53 -18.96
CA CYS D 636 -37.69 -11.58 -18.78
C CYS D 636 -37.02 -10.44 -19.50
N LEU D 637 -37.70 -9.86 -20.49
CA LEU D 637 -37.14 -8.73 -21.20
C LEU D 637 -37.46 -7.42 -20.48
N GLU D 638 -38.64 -7.33 -19.88
CA GLU D 638 -39.03 -6.12 -19.17
C GLU D 638 -38.25 -5.94 -17.88
N LEU D 639 -37.68 -7.02 -17.35
CA LEU D 639 -36.85 -6.89 -16.17
C LEU D 639 -35.38 -6.77 -16.53
N PHE D 640 -35.03 -7.03 -17.78
CA PHE D 640 -33.68 -6.71 -18.20
C PHE D 640 -33.52 -5.20 -18.35
N LYS D 641 -34.61 -4.50 -18.64
CA LYS D 641 -34.52 -3.08 -18.95
C LYS D 641 -34.24 -2.24 -17.73
N PHE D 642 -34.37 -2.81 -16.53
CA PHE D 642 -34.01 -2.06 -15.34
C PHE D 642 -32.51 -1.97 -15.19
N THR D 643 -31.78 -2.92 -15.77
CA THR D 643 -30.33 -2.88 -15.71
C THR D 643 -29.78 -1.90 -16.73
N ILE D 644 -30.48 -1.75 -17.85
CA ILE D 644 -30.01 -1.00 -19.01
C ILE D 644 -30.25 0.48 -18.79
N GLY D 645 -31.03 0.81 -17.75
CA GLY D 645 -31.37 2.19 -17.48
C GLY D 645 -32.60 2.69 -18.18
N MET D 646 -33.42 1.81 -18.72
CA MET D 646 -34.65 2.20 -19.39
C MET D 646 -35.76 1.38 -18.74
N GLY D 647 -36.18 1.78 -17.54
CA GLY D 647 -36.91 0.88 -16.66
C GLY D 647 -38.31 1.40 -16.36
N ASP D 648 -39.30 0.61 -16.72
CA ASP D 648 -40.69 1.02 -16.65
C ASP D 648 -41.39 0.24 -15.55
N LEU D 649 -41.54 0.84 -14.38
CA LEU D 649 -42.51 0.30 -13.43
C LEU D 649 -43.91 0.54 -13.96
N GLU D 650 -44.87 -0.24 -13.45
CA GLU D 650 -46.22 -0.33 -13.99
C GLU D 650 -46.18 -0.65 -15.48
N PHE D 651 -45.41 -1.66 -15.88
CA PHE D 651 -45.37 -2.02 -17.29
C PHE D 651 -46.60 -2.81 -17.69
N THR D 652 -47.35 -3.32 -16.72
CA THR D 652 -48.64 -3.92 -16.98
C THR D 652 -49.58 -3.61 -15.82
N GLU D 653 -50.86 -3.82 -16.06
CA GLU D 653 -51.89 -3.69 -15.03
C GLU D 653 -52.91 -4.81 -15.14
N ASN D 654 -52.54 -5.90 -15.82
CA ASN D 654 -53.38 -7.08 -15.94
C ASN D 654 -53.22 -8.03 -14.77
N TYR D 655 -52.42 -7.66 -13.78
CA TYR D 655 -52.24 -8.49 -12.61
C TYR D 655 -53.39 -8.34 -11.64
N ASP D 656 -53.18 -8.85 -10.44
CA ASP D 656 -53.99 -8.55 -9.29
C ASP D 656 -52.99 -8.42 -8.15
N PHE D 657 -53.45 -7.96 -6.97
CA PHE D 657 -52.61 -7.76 -5.78
C PHE D 657 -51.46 -6.80 -6.07
N LYS D 658 -51.79 -5.51 -6.22
CA LYS D 658 -50.78 -4.50 -6.58
C LYS D 658 -49.69 -4.38 -5.52
N ALA D 659 -50.00 -4.72 -4.27
CA ALA D 659 -49.03 -4.57 -3.20
C ALA D 659 -47.86 -5.53 -3.36
N VAL D 660 -48.11 -6.74 -3.85
CA VAL D 660 -47.01 -7.70 -3.99
C VAL D 660 -46.30 -7.52 -5.32
N PHE D 661 -46.92 -6.82 -6.26
CA PHE D 661 -46.26 -6.60 -7.54
C PHE D 661 -45.21 -5.53 -7.42
N ILE D 662 -45.45 -4.52 -6.59
CA ILE D 662 -44.48 -3.45 -6.43
C ILE D 662 -43.32 -3.92 -5.56
N ILE D 663 -43.61 -4.75 -4.55
CA ILE D 663 -42.55 -5.24 -3.66
C ILE D 663 -41.58 -6.13 -4.43
N LEU D 664 -42.08 -6.87 -5.41
CA LEU D 664 -41.21 -7.70 -6.23
C LEU D 664 -40.32 -6.85 -7.13
N LEU D 665 -40.87 -5.78 -7.69
CA LEU D 665 -40.06 -4.91 -8.53
C LEU D 665 -39.08 -4.09 -7.70
N LEU D 666 -39.47 -3.68 -6.50
CA LEU D 666 -38.55 -2.89 -5.70
C LEU D 666 -37.49 -3.75 -5.04
N ALA D 667 -37.78 -5.03 -4.81
CA ALA D 667 -36.74 -5.92 -4.33
C ALA D 667 -35.81 -6.32 -5.46
N TYR D 668 -36.29 -6.21 -6.70
CA TYR D 668 -35.42 -6.53 -7.83
C TYR D 668 -34.46 -5.40 -8.12
N VAL D 669 -34.95 -4.16 -8.12
CA VAL D 669 -34.13 -3.02 -8.52
C VAL D 669 -33.04 -2.77 -7.49
N ILE D 670 -33.35 -2.99 -6.21
CA ILE D 670 -32.33 -2.81 -5.18
C ILE D 670 -31.29 -3.92 -5.24
N LEU D 671 -31.73 -5.14 -5.51
CA LEU D 671 -30.78 -6.26 -5.64
C LEU D 671 -29.89 -6.12 -6.85
N THR D 672 -30.48 -5.81 -7.99
CA THR D 672 -29.74 -5.82 -9.24
C THR D 672 -29.14 -4.47 -9.60
N TYR D 673 -29.93 -3.41 -9.64
CA TYR D 673 -29.40 -2.13 -10.10
C TYR D 673 -28.52 -1.47 -9.04
N ILE D 674 -28.86 -1.63 -7.78
CA ILE D 674 -28.11 -0.96 -6.73
C ILE D 674 -26.97 -1.83 -6.21
N LEU D 675 -27.22 -3.11 -5.98
CA LEU D 675 -26.24 -3.92 -5.28
C LEU D 675 -25.23 -4.60 -6.20
N LEU D 676 -25.68 -5.34 -7.21
CA LEU D 676 -24.74 -6.11 -8.02
C LEU D 676 -23.92 -5.21 -8.96
N LEU D 677 -24.56 -4.24 -9.60
CA LEU D 677 -23.83 -3.39 -10.53
C LEU D 677 -22.88 -2.45 -9.82
N ASN D 678 -23.04 -2.29 -8.52
CA ASN D 678 -22.05 -1.54 -7.76
C ASN D 678 -21.06 -2.50 -7.09
N MET D 679 -21.35 -3.80 -7.11
CA MET D 679 -20.34 -4.78 -6.74
C MET D 679 -19.46 -5.14 -7.92
N LEU D 680 -20.00 -5.07 -9.13
CA LEU D 680 -19.21 -5.38 -10.30
C LEU D 680 -18.13 -4.34 -10.52
N ILE D 681 -18.44 -3.08 -10.23
CA ILE D 681 -17.47 -2.00 -10.37
C ILE D 681 -16.36 -2.16 -9.34
N ALA D 682 -16.71 -2.62 -8.13
CA ALA D 682 -15.69 -2.82 -7.11
C ALA D 682 -14.83 -4.04 -7.39
N LEU D 683 -15.41 -5.08 -7.99
CA LEU D 683 -14.62 -6.27 -8.26
C LEU D 683 -13.77 -6.12 -9.51
N MET D 684 -14.18 -5.25 -10.44
CA MET D 684 -13.28 -4.90 -11.51
C MET D 684 -12.20 -3.95 -11.03
N GLY D 685 -12.46 -3.24 -9.93
CA GLY D 685 -11.42 -2.41 -9.35
C GLY D 685 -10.31 -3.23 -8.72
N GLU D 686 -10.64 -4.44 -8.27
CA GLU D 686 -9.62 -5.30 -7.69
C GLU D 686 -8.87 -6.07 -8.77
N THR D 687 -9.56 -6.42 -9.86
CA THR D 687 -8.93 -7.22 -10.90
C THR D 687 -7.93 -6.41 -11.70
N VAL D 688 -8.27 -5.16 -11.99
CA VAL D 688 -7.38 -4.29 -12.76
C VAL D 688 -6.12 -3.96 -11.97
N ASN D 689 -6.23 -3.86 -10.65
CA ASN D 689 -5.04 -3.65 -9.83
C ASN D 689 -4.14 -4.88 -9.82
N LYS D 690 -4.72 -6.07 -9.97
CA LYS D 690 -3.90 -7.27 -10.04
C LYS D 690 -3.19 -7.38 -11.38
N ILE D 691 -3.93 -7.26 -12.47
CA ILE D 691 -3.36 -7.50 -13.79
C ILE D 691 -2.82 -6.20 -14.39
N ALA D 692 -2.58 -5.20 -13.55
CA ALA D 692 -1.79 -4.06 -14.01
C ALA D 692 -0.34 -4.47 -14.22
N GLN D 693 0.16 -5.35 -13.36
CA GLN D 693 1.55 -5.81 -13.48
C GLN D 693 1.66 -6.96 -14.46
N GLU D 694 0.66 -7.85 -14.47
CA GLU D 694 0.74 -9.06 -15.29
C GLU D 694 0.61 -8.73 -16.77
N SER D 695 -0.09 -7.64 -17.11
CA SER D 695 -0.39 -7.39 -18.51
C SER D 695 0.83 -6.88 -19.27
N LYS D 696 1.76 -6.21 -18.58
CA LYS D 696 3.04 -5.87 -19.20
C LYS D 696 3.81 -7.13 -19.54
N ASN D 697 3.64 -8.16 -18.73
CA ASN D 697 4.30 -9.45 -18.99
C ASN D 697 3.63 -10.21 -20.12
N ILE D 698 2.31 -10.05 -20.27
CA ILE D 698 1.59 -10.78 -21.32
C ILE D 698 1.77 -10.06 -22.66
N TRP D 699 1.96 -8.74 -22.61
CA TRP D 699 2.13 -7.98 -23.84
C TRP D 699 3.45 -8.31 -24.55
N LYS D 700 4.54 -8.46 -23.77
CA LYS D 700 5.83 -8.81 -24.35
C LYS D 700 5.79 -10.18 -25.00
N LEU D 701 5.02 -11.10 -24.43
CA LEU D 701 4.85 -12.42 -25.03
C LEU D 701 4.00 -12.33 -26.29
N GLN D 702 2.98 -11.47 -26.29
CA GLN D 702 2.14 -11.32 -27.47
C GLN D 702 2.83 -10.50 -28.55
N ARG D 703 3.92 -9.82 -28.22
CA ARG D 703 4.79 -9.27 -29.23
C ARG D 703 5.74 -10.32 -29.79
N ALA D 704 6.12 -11.30 -28.96
CA ALA D 704 7.14 -12.27 -29.36
C ALA D 704 6.58 -13.30 -30.34
N ILE D 705 5.29 -13.63 -30.24
CA ILE D 705 4.72 -14.66 -31.09
C ILE D 705 4.55 -14.12 -32.50
N THR D 706 4.35 -12.81 -32.63
CA THR D 706 4.29 -12.18 -33.95
C THR D 706 5.62 -12.28 -34.68
N ILE D 707 6.71 -12.16 -33.92
CA ILE D 707 8.04 -12.15 -34.52
C ILE D 707 8.42 -13.56 -34.98
N LEU D 708 7.95 -14.56 -34.26
CA LEU D 708 8.28 -15.94 -34.62
C LEU D 708 7.44 -16.41 -35.81
N ASP D 709 6.18 -16.01 -35.88
CA ASP D 709 5.32 -16.49 -36.94
C ASP D 709 5.66 -15.83 -38.28
N THR D 710 6.26 -14.64 -38.23
CA THR D 710 6.68 -13.99 -39.46
C THR D 710 7.93 -14.65 -40.01
N GLU D 711 8.79 -15.18 -39.13
CA GLU D 711 9.99 -15.84 -39.61
C GLU D 711 9.71 -17.21 -40.21
N LYS D 712 8.70 -17.90 -39.69
CA LYS D 712 8.39 -19.22 -40.23
C LYS D 712 7.73 -19.10 -41.60
N SER D 713 7.14 -17.95 -41.90
CA SER D 713 6.39 -17.81 -43.14
C SER D 713 7.25 -17.41 -44.33
N PHE D 714 8.54 -17.15 -44.15
CA PHE D 714 9.37 -16.65 -45.24
C PHE D 714 10.77 -17.25 -45.12
N LEU D 715 11.27 -17.84 -46.20
CA LEU D 715 12.62 -18.40 -46.19
C LEU D 715 13.68 -17.31 -46.36
N LYS D 716 13.37 -16.27 -47.14
CA LYS D 716 14.32 -15.18 -47.34
C LYS D 716 14.43 -14.31 -46.09
N CYS D 717 13.41 -14.35 -45.22
CA CYS D 717 13.54 -13.70 -43.93
C CYS D 717 14.40 -14.51 -42.97
N MET D 718 14.52 -15.83 -43.19
CA MET D 718 15.31 -16.66 -42.30
C MET D 718 16.80 -16.41 -42.48
N ARG D 719 17.22 -16.02 -43.68
CA ARG D 719 18.59 -15.60 -43.89
C ARG D 719 18.79 -14.16 -43.43
N LYS D 720 17.70 -13.45 -43.18
CA LYS D 720 17.72 -12.13 -42.58
C LYS D 720 17.35 -12.18 -41.10
N ALA D 721 16.89 -13.34 -40.61
CA ALA D 721 16.59 -13.56 -39.20
C ALA D 721 17.83 -13.62 -38.33
N PHE D 722 19.02 -13.68 -38.90
CA PHE D 722 20.26 -13.63 -38.13
C PHE D 722 20.41 -12.21 -37.62
N ARG D 723 19.75 -11.93 -36.51
CA ARG D 723 19.86 -10.61 -35.90
C ARG D 723 21.20 -10.50 -35.21
N SER D 724 22.01 -9.56 -35.69
CA SER D 724 23.38 -9.31 -35.24
C SER D 724 24.19 -10.60 -35.28
N GLY D 725 24.25 -11.21 -36.46
CA GLY D 725 24.95 -12.47 -36.59
C GLY D 725 26.46 -12.32 -36.46
N LYS D 726 27.07 -11.70 -37.47
CA LYS D 726 28.42 -11.15 -37.48
C LYS D 726 29.55 -12.19 -37.49
N LEU D 727 29.21 -13.46 -37.20
CA LEU D 727 30.08 -14.64 -37.30
C LEU D 727 31.47 -14.41 -36.68
N LEU D 728 31.50 -13.79 -35.52
CA LEU D 728 32.74 -13.23 -34.98
C LEU D 728 33.66 -14.31 -34.43
N GLN D 729 34.97 -14.09 -34.59
CA GLN D 729 35.98 -14.80 -33.82
C GLN D 729 35.92 -14.29 -32.39
N VAL D 730 35.88 -15.21 -31.43
CA VAL D 730 35.76 -14.84 -30.03
C VAL D 730 37.00 -15.22 -29.22
N GLY D 731 37.40 -16.48 -29.24
CA GLY D 731 38.52 -16.92 -28.44
C GLY D 731 39.17 -18.12 -29.10
N TYR D 732 39.81 -18.93 -28.28
CA TYR D 732 40.52 -20.11 -28.78
C TYR D 732 40.02 -21.35 -28.08
N THR D 733 39.53 -22.29 -28.87
CA THR D 733 39.04 -23.57 -28.38
C THR D 733 40.22 -24.51 -28.13
N PRO D 734 39.99 -25.68 -27.54
CA PRO D 734 41.01 -26.73 -27.62
C PRO D 734 41.24 -27.18 -29.05
N ASP D 735 42.43 -27.77 -29.25
CA ASP D 735 43.03 -28.14 -30.53
C ASP D 735 43.27 -26.88 -31.36
N GLY D 736 43.55 -25.76 -30.67
CA GLY D 736 44.11 -24.54 -31.23
C GLY D 736 43.41 -23.88 -32.40
N LYS D 737 42.11 -23.65 -32.29
CA LYS D 737 41.34 -23.08 -33.39
C LYS D 737 40.63 -21.82 -32.93
N ASP D 738 40.21 -21.01 -33.92
CA ASP D 738 39.39 -19.84 -33.65
C ASP D 738 37.99 -20.27 -33.20
N ASP D 739 37.26 -19.35 -32.61
CA ASP D 739 35.96 -19.73 -32.06
C ASP D 739 34.90 -19.73 -33.17
N TYR D 740 34.69 -18.59 -33.81
CA TYR D 740 33.74 -18.39 -34.91
C TYR D 740 32.32 -18.77 -34.52
N ARG D 741 31.75 -17.98 -33.63
CA ARG D 741 30.43 -18.23 -33.10
C ARG D 741 29.61 -16.95 -33.16
N TRP D 742 28.35 -17.07 -33.59
CA TRP D 742 27.48 -15.92 -33.88
C TRP D 742 27.20 -15.12 -32.61
N CYS D 743 27.47 -13.82 -32.61
CA CYS D 743 27.39 -13.09 -31.36
C CYS D 743 26.70 -11.74 -31.52
N PHE D 744 25.97 -11.37 -30.46
CA PHE D 744 25.15 -10.17 -30.33
C PHE D 744 26.04 -9.07 -29.72
N ARG D 745 25.47 -8.00 -29.16
CA ARG D 745 26.26 -6.94 -28.53
C ARG D 745 25.36 -6.18 -27.56
N VAL D 746 25.96 -5.50 -26.58
CA VAL D 746 25.21 -4.75 -25.57
C VAL D 746 26.10 -3.64 -25.02
N ASP D 747 25.52 -2.69 -24.26
CA ASP D 747 26.26 -1.63 -23.58
C ASP D 747 25.69 -1.40 -22.19
N GLU D 748 26.59 -1.16 -21.23
CA GLU D 748 26.20 -0.79 -19.86
C GLU D 748 27.21 0.22 -19.33
N VAL D 749 26.95 0.70 -18.09
CA VAL D 749 27.92 1.47 -17.32
C VAL D 749 27.90 0.99 -15.87
N ASN D 750 28.94 1.37 -15.12
CA ASN D 750 29.03 1.11 -13.69
C ASN D 750 29.87 2.20 -13.04
N TRP D 751 29.38 2.74 -11.92
CA TRP D 751 30.00 3.83 -11.19
C TRP D 751 30.20 3.56 -9.72
N THR D 752 29.43 2.65 -9.13
CA THR D 752 29.59 2.33 -7.71
C THR D 752 30.91 1.65 -7.46
N THR D 753 31.19 0.59 -8.20
CA THR D 753 32.52 0.01 -8.19
C THR D 753 33.43 0.80 -9.10
N TRP D 754 34.69 0.40 -9.11
CA TRP D 754 35.68 1.01 -9.98
C TRP D 754 35.73 0.34 -11.35
N ASN D 755 34.91 -0.70 -11.56
CA ASN D 755 34.80 -1.48 -12.80
C ASN D 755 36.14 -2.07 -13.21
N THR D 756 36.64 -3.00 -12.40
CA THR D 756 37.81 -3.77 -12.79
C THR D 756 37.40 -4.96 -13.64
N ASN D 757 38.12 -5.20 -14.73
CA ASN D 757 37.82 -6.28 -15.65
C ASN D 757 39.04 -7.19 -15.77
N VAL D 758 38.82 -8.50 -15.62
CA VAL D 758 39.92 -9.46 -15.66
C VAL D 758 40.30 -9.76 -17.10
N GLY D 759 39.33 -10.10 -17.94
CA GLY D 759 39.59 -10.46 -19.31
C GLY D 759 38.85 -9.60 -20.32
N ILE D 760 39.56 -9.07 -21.30
CA ILE D 760 39.03 -8.13 -22.29
C ILE D 760 39.45 -8.59 -23.67
N ILE D 761 38.49 -8.72 -24.58
CA ILE D 761 38.81 -9.21 -25.93
C ILE D 761 39.59 -8.18 -26.72
N ASN D 762 39.04 -6.99 -26.90
CA ASN D 762 39.65 -5.95 -27.71
C ASN D 762 40.23 -4.89 -26.78
N GLU D 763 41.55 -4.75 -26.81
CA GLU D 763 42.23 -3.83 -25.89
C GLU D 763 41.88 -2.39 -26.21
N ASP D 764 41.64 -2.09 -27.48
CA ASP D 764 41.36 -0.75 -27.97
C ASP D 764 39.84 -0.56 -28.16
N PRO D 765 39.28 0.53 -27.62
CA PRO D 765 37.81 0.63 -27.49
C PRO D 765 37.07 0.86 -28.79
N GLY D 766 35.74 1.01 -28.69
CA GLY D 766 34.91 1.36 -29.84
C GLY D 766 34.74 0.25 -30.86
N ASN D 767 33.77 0.46 -31.76
CA ASN D 767 33.46 -0.51 -32.82
C ASN D 767 33.44 0.25 -34.15
N CYS D 768 34.62 0.38 -34.77
CA CYS D 768 34.77 1.14 -36.01
C CYS D 768 35.16 0.26 -37.19
N GLU D 769 34.81 -1.03 -37.16
CA GLU D 769 35.06 -2.09 -38.14
C GLU D 769 36.55 -2.44 -38.26
N GLY D 770 37.40 -1.96 -37.37
CA GLY D 770 38.79 -2.38 -37.31
C GLY D 770 39.23 -2.60 -35.88
N VAL D 771 39.66 -3.82 -35.55
CA VAL D 771 40.04 -4.19 -34.19
C VAL D 771 41.37 -4.93 -34.21
N LYS D 772 42.02 -4.95 -33.05
CA LYS D 772 43.21 -5.75 -32.82
C LYS D 772 43.03 -6.46 -31.47
N ARG D 773 43.14 -7.79 -31.49
CA ARG D 773 42.79 -8.58 -30.32
C ARG D 773 43.85 -8.44 -29.23
N THR D 774 43.44 -8.68 -27.99
CA THR D 774 44.33 -8.51 -26.85
C THR D 774 45.17 -9.79 -26.66
N LEU D 775 46.37 -9.61 -26.11
CA LEU D 775 47.21 -10.73 -25.71
C LEU D 775 46.78 -11.39 -24.42
N SER D 776 45.63 -10.99 -23.85
CA SER D 776 45.09 -11.68 -22.68
C SER D 776 44.63 -13.10 -23.01
N PHE D 777 44.34 -13.35 -24.28
CA PHE D 777 44.04 -14.69 -24.75
C PHE D 777 45.26 -15.59 -24.62
N SER D 778 45.06 -16.78 -24.03
CA SER D 778 46.19 -17.66 -23.72
C SER D 778 46.78 -18.28 -24.98
N LEU D 779 45.95 -18.90 -25.80
CA LEU D 779 46.43 -19.54 -27.01
C LEU D 779 46.57 -18.52 -28.13
N POV E . -26.62 22.59 -45.60
P POV E . -22.55 21.85 -43.45
C1 POV E . -21.28 21.66 -41.16
C2 POV E . -19.78 21.98 -41.29
C3 POV E . -19.00 21.07 -40.33
C210 POV E . -11.69 27.60 -39.60
C11 POV E . -24.10 22.59 -45.47
O11 POV E . -22.01 22.52 -42.02
C211 POV E . -10.71 27.16 -38.51
C12 POV E . -25.41 23.42 -45.31
O12 POV E . -23.16 23.02 -44.47
C212 POV E . -11.12 25.82 -37.85
C13 POV E . -27.78 23.52 -45.57
O13 POV E . -23.63 20.84 -43.13
C213 POV E . -9.99 24.75 -37.95
C14 POV E . -26.71 21.84 -46.87
O14 POV E . -21.40 21.16 -44.13
C214 POV E . -9.05 24.79 -36.72
C15 POV E . -26.73 21.60 -44.50
C215 POV E . -8.58 23.36 -36.31
C216 POV E . -9.75 22.46 -35.85
C217 POV E . -9.25 21.18 -35.11
C218 POV E . -10.38 20.47 -34.33
C21 POV E . -19.37 24.16 -42.07
O21 POV E . -19.56 23.31 -40.95
C22 POV E . -18.71 25.55 -41.90
O22 POV E . -19.68 23.80 -43.17
C23 POV E . -17.85 25.93 -43.14
C24 POV E . -16.32 25.69 -42.98
C25 POV E . -15.94 24.67 -41.87
C26 POV E . -15.27 25.28 -40.60
C27 POV E . -15.25 26.82 -40.59
C28 POV E . -13.84 27.42 -40.83
C29 POV E . -12.86 26.97 -39.73
C31 POV E . -17.45 21.19 -38.53
O31 POV E . -18.22 21.91 -39.47
C32 POV E . -16.32 21.87 -37.73
O32 POV E . -17.64 20.04 -38.35
C33 POV E . -15.09 20.94 -37.68
C34 POV E . -14.49 20.81 -36.25
C35 POV E . -14.93 19.50 -35.56
C36 POV E . -14.53 19.50 -34.06
C37 POV E . -14.91 18.17 -33.33
C38 POV E . -15.63 18.44 -31.97
CBT 6EU F . -7.80 26.51 -21.27
OAH 6EU F . -7.80 25.30 -22.02
CBQ 6EU F . -8.26 24.30 -21.24
CBO 6EU F . -9.51 23.71 -21.45
CBS 6EU F . -7.45 23.88 -20.21
OAI 6EU F . -6.26 24.51 -20.08
CBR 6EU F . -7.85 22.87 -19.36
CBP 6EU F . -9.08 22.27 -19.57
CBN 6EU F . -9.91 22.67 -20.60
CBM 6EU F . -11.14 22.06 -20.76
CBK 6EU F . -11.38 21.70 -22.22
OAG 6EU F . -11.70 22.55 -23.04
OAF 6EU F . -11.23 20.39 -22.53
CBC 6EU F . -12.42 19.85 -23.13
CAX 6EU F . -12.54 20.31 -24.42
CAS 6EU F . -11.49 19.96 -25.27
CAK 6EU F . -11.20 20.24 -26.62
CAU 6EU F . -13.70 21.04 -24.68
CAR 6EU F . -13.73 21.50 -26.13
OAD 6EU F . -12.70 22.45 -26.34
CAZ 6EU F . -14.90 22.11 -26.52
OAE 6EU F . -15.33 23.14 -26.01
CBA 6EU F . -15.43 21.52 -27.57
CBF 6EU F . -16.71 21.99 -28.27
CAW 6EU F . -14.74 20.45 -27.95
CAO 6EU F . -13.68 20.30 -27.06
CAJ 6EU F . -12.32 20.04 -27.66
OAA 6EU F . -12.35 18.67 -28.16
CAN 6EU F . -11.99 20.95 -28.86
CAT 6EU F . -12.82 20.54 -30.07
CAP 6EU F . -10.46 20.95 -29.26
CAM 6EU F . -9.71 19.72 -28.68
CAV 6EU F . -8.21 19.80 -28.94
CBB 6EU F . -7.61 21.08 -29.51
CBD 6EU F . -7.32 18.60 -28.65
OAC 6EU F . -10.25 18.57 -29.30
CAL 6EU F . -9.98 19.48 -27.15
OAB 6EU F . -10.32 18.11 -27.13
CAQ 6EU F . -11.09 17.98 -28.32
CAY 6EU F . -11.32 16.51 -28.70
CBE 6EU F . -12.37 15.98 -27.96
CBG 6EU F . -13.64 15.93 -28.51
CBI 6EU F . -14.69 15.39 -27.79
CBL 6EU F . -14.47 14.92 -26.51
CBJ 6EU F . -13.21 14.96 -25.95
CBH 6EU F . -12.15 15.50 -26.68
HBS 6EU F . -10.15 24.03 -22.25
HAI 6EU F . -5.89 24.72 -20.99
HBU 6EU F . -7.19 22.54 -18.56
HBT 6EU F . -9.40 21.47 -18.90
HAD 6EU F . -12.67 22.70 -27.31
HBL 6EU F . -13.81 16.30 -29.52
HBN 6EU F . -15.69 15.35 -28.22
HBP 6EU F . -15.29 14.49 -25.93
HBO 6EU F . -13.04 14.59 -24.94
HBM 6EU F . -11.16 15.54 -26.24
N POV G . -2.57 32.99 -22.69
P POV G . -5.10 36.43 -20.84
C1 POV G . -6.64 38.43 -20.09
C2 POV G . -6.48 39.53 -21.14
C3 POV G . -6.81 40.85 -20.43
C210 POV G . -15.27 44.44 -21.43
C310 POV G . -12.29 46.66 -18.50
C11 POV G . -4.66 34.18 -22.06
O11 POV G . -6.57 37.20 -20.78
C211 POV G . -15.90 45.64 -20.67
C311 POV G . -12.44 47.06 -17.01
C12 POV G . -3.11 34.24 -22.09
O12 POV G . -5.09 35.51 -22.21
C212 POV G . -17.43 45.83 -20.87
C312 POV G . -12.35 48.59 -16.80
C13 POV G . -1.11 33.07 -22.57
O13 POV G . -3.96 37.42 -20.86
C213 POV G . -18.28 44.76 -20.15
C313 POV G . -11.78 48.97 -15.41
C14 POV G . -2.99 31.69 -22.07
O14 POV G . -4.97 35.52 -19.65
C214 POV G . -19.65 45.24 -19.58
C314 POV G . -11.10 50.37 -15.38
C15 POV G . -2.98 32.97 -24.10
C215 POV G . -20.42 44.07 -18.88
C315 POV G . -9.87 50.39 -14.45
C216 POV G . -21.95 44.31 -18.80
C316 POV G . -10.14 49.76 -13.06
C217 POV G . -22.76 43.21 -19.52
C218 POV G . -24.07 43.77 -20.13
C21 POV G . -8.65 39.51 -22.33
O21 POV G . -7.25 39.30 -22.30
C22 POV G . -9.27 40.73 -23.06
O22 POV G . -9.37 38.72 -21.82
C23 POV G . -9.58 40.49 -24.55
C24 POV G . -9.77 41.85 -25.29
C25 POV G . -11.25 42.32 -25.32
C26 POV G . -11.50 43.62 -24.51
C27 POV G . -13.02 43.81 -24.22
C28 POV G . -13.41 43.42 -22.77
C29 POV G . -14.07 44.59 -22.02
C31 POV G . -4.94 42.33 -20.74
O31 POV G . -5.60 41.39 -19.91
C32 POV G . -5.71 43.18 -21.78
O32 POV G . -3.76 42.47 -20.62
C33 POV G . -6.47 44.38 -21.17
C34 POV G . -7.75 44.71 -21.99
C35 POV G . -7.95 46.24 -22.19
C36 POV G . -8.67 46.89 -20.99
C37 POV G . -9.85 47.79 -21.41
C38 POV G . -11.19 47.36 -20.73
C39 POV G . -11.08 47.37 -19.18
N POV H . 3.29 8.44 -22.03
P POV H . 0.04 11.47 -22.36
C1 POV H . 0.55 12.22 -24.83
C2 POV H . 0.13 11.31 -25.98
C3 POV H . 1.25 10.28 -26.24
C210 POV H . -3.04 8.56 -35.28
C310 POV H . -6.67 6.29 -31.80
C11 POV H . 0.77 8.96 -21.78
O11 POV H . -0.42 12.18 -23.79
C211 POV H . -4.23 8.33 -36.26
C311 POV H . -7.33 7.68 -31.61
C12 POV H . 2.20 9.00 -21.15
O12 POV H . 0.67 9.99 -22.76
C212 POV H . -5.45 7.67 -35.55
C312 POV H . -8.84 7.67 -32.01
C13 POV H . 2.84 7.19 -22.66
O13 POV H . 1.09 12.33 -21.71
C213 POV H . -6.81 8.12 -36.15
C313 POV H . -9.70 8.59 -31.10
C14 POV H . 3.86 9.28 -23.13
O14 POV H . -1.14 11.32 -21.43
C214 POV H . -7.46 7.02 -37.04
C314 POV H . -10.94 9.20 -31.81
C15 POV H . 4.42 8.19 -21.11
C215 POV H . -8.81 6.51 -36.48
C315 POV H . -11.40 8.40 -33.06
C216 POV H . -10.02 6.90 -37.38
C316 POV H . -12.13 9.29 -34.09
C217 POV H . -9.84 6.39 -38.83
C218 POV H . -11.10 6.63 -39.69
C21 POV H . -1.17 11.68 -27.91
O21 POV H . -0.05 12.07 -27.14
C22 POV H . -2.46 12.55 -27.90
O22 POV H . -1.13 10.70 -28.57
C23 POV H . -3.70 11.77 -28.40
C24 POV H . -4.19 12.28 -29.78
C25 POV H . -4.65 11.12 -30.71
C26 POV H . -3.71 10.96 -31.94
C27 POV H . -2.62 9.87 -31.71
C28 POV H . -2.13 9.26 -33.05
C29 POV H . -3.29 9.01 -34.04
C31 POV H . 0.36 8.06 -26.25
O31 POV H . 0.96 9.11 -25.49
C32 POV H . -0.08 6.76 -25.55
O32 POV H . 0.20 8.19 -27.43
C33 POV H . -1.44 6.89 -24.80
C34 POV H . -2.62 7.18 -25.78
C35 POV H . -2.62 6.23 -27.00
C36 POV H . -2.99 6.96 -28.32
C37 POV H . -3.92 6.09 -29.22
C38 POV H . -4.88 6.97 -30.08
C39 POV H . -5.15 6.32 -31.47
N POV I . -24.13 57.88 -36.91
P POV I . -20.48 56.15 -39.22
C1 POV I . -19.80 54.86 -36.99
C2 POV I . -20.06 53.51 -36.30
C3 POV I . -19.69 53.62 -34.81
C210 POV I . -19.42 42.62 -36.74
C11 POV I . -22.38 57.99 -38.78
O11 POV I . -20.28 54.75 -38.33
C211 POV I . -18.05 42.19 -37.31
C12 POV I . -22.67 58.07 -37.25
O12 POV I . -22.07 56.63 -39.12
C212 POV I . -18.11 40.77 -37.88
C13 POV I . -24.92 58.84 -37.71
O13 POV I . -20.13 55.88 -40.66
C213 POV I . -19.06 39.84 -37.10
C14 POV I . -24.75 56.54 -37.11
O14 POV I . -19.58 57.22 -38.67
C214 POV I . -18.49 38.41 -36.99
C15 POV I . -24.26 58.19 -35.48
C215 POV I . -19.07 37.59 -35.80
C216 POV I . -19.31 38.47 -34.55
C217 POV I . -19.86 37.67 -33.34
C218 POV I . -19.91 38.49 -32.04
C21 POV I . -20.05 51.56 -37.59
O21 POV I . -19.28 52.53 -36.90
C22 POV I . -19.91 51.39 -39.12
O22 POV I . -20.80 50.87 -36.98
C23 POV I . -19.87 49.90 -39.53
C24 POV I . -18.45 49.28 -39.34
C25 POV I . -18.40 47.88 -38.65
C26 POV I . -19.78 47.33 -38.20
C27 POV I . -19.92 45.82 -38.55
C28 POV I . -19.02 44.93 -37.65
C29 POV I . -19.87 43.88 -36.90
C31 POV I . -19.62 52.28 -32.87
O31 POV I . -20.21 52.48 -34.14
C32 POV I . -18.16 51.76 -32.77
O32 POV I . -20.24 52.50 -31.89
C33 POV I . -17.60 51.94 -31.33
C34 POV I . -16.22 51.26 -31.12
C35 POV I . -16.09 50.59 -29.72
C36 POV I . -16.83 51.36 -28.60
C37 POV I . -16.24 51.15 -27.17
C38 POV I . -14.69 50.92 -27.19
N POV J . -39.08 42.55 -20.53
P POV J . -36.37 39.30 -22.83
C1 POV J . -34.61 37.37 -23.29
C2 POV J . -34.23 36.60 -22.02
C3 POV J . -33.00 37.23 -21.35
C210 POV J . -29.73 28.89 -16.05
C310 POV J . -23.81 33.68 -15.56
C11 POV J . -37.47 40.56 -20.77
O11 POV J . -35.98 37.72 -23.20
C211 POV J . -30.71 28.25 -15.04
C311 POV J . -22.59 32.95 -14.93
C12 POV J . -38.96 41.06 -20.80
O12 POV J . -37.39 39.35 -21.52
C212 POV J . -31.13 26.81 -15.45
C312 POV J . -22.79 31.40 -14.87
C13 POV J . -38.30 43.25 -21.58
O13 POV J . -35.11 40.06 -22.49
C213 POV J . -30.57 25.73 -14.48
C313 POV J . -21.54 30.62 -15.34
C14 POV J . -40.43 43.16 -20.55
O14 POV J . -37.04 39.95 -24.03
C214 POV J . -31.05 24.31 -14.88
C314 POV J . -21.34 29.31 -14.54
C15 POV J . -38.53 42.81 -19.19
C215 POV J . -30.28 23.16 -14.22
C315 POV J . -20.11 29.40 -13.59
C216 POV J . -28.82 23.50 -13.86
C316 POV J . -20.45 28.94 -12.16
C217 POV J . -28.49 23.08 -12.40
C218 POV J . -27.28 22.13 -12.31
C21 POV J . -34.92 34.36 -21.97
O21 POV J . -33.92 35.27 -22.36
C22 POV J . -34.67 33.44 -20.76
O22 POV J . -35.94 34.31 -22.58
C23 POV J . -33.19 33.47 -20.29
C24 POV J . -33.03 34.18 -18.92
C25 POV J . -32.16 33.33 -17.94
C26 POV J . -33.03 32.32 -17.15
C27 POV J . -32.32 30.94 -17.01
C28 POV J . -31.13 30.98 -16.01
C29 POV J . -29.92 30.15 -16.48
C31 POV J . -30.76 36.47 -21.75
O31 POV J . -31.91 37.15 -22.26
C32 POV J . -29.48 36.42 -22.59
O32 POV J . -30.80 35.95 -20.68
C33 POV J . -28.42 35.49 -21.96
C34 POV J . -27.40 36.31 -21.12
C35 POV J . -26.21 35.43 -20.64
C36 POV J . -25.32 36.22 -19.66
C37 POV J . -24.34 35.28 -18.93
C38 POV J . -24.59 35.28 -17.39
C39 POV J . -23.37 34.74 -16.60
N POV K . -31.93 33.18 -31.66
P POV K . -34.45 37.00 -29.45
C1 POV K . -35.31 39.48 -29.10
C2 POV K . -35.40 40.62 -30.14
C3 POV K . -34.00 40.98 -30.67
C210 POV K . -29.85 41.20 -21.01
C310 POV K . -25.57 43.54 -26.56
C11 POV K . -32.76 35.19 -30.37
O11 POV K . -34.21 38.64 -29.39
C211 POV K . -28.84 40.74 -19.93
C311 POV K . -24.51 42.96 -25.60
C12 POV K . -32.11 34.67 -31.68
O12 POV K . -33.52 36.36 -30.67
C212 POV K . -27.48 41.49 -20.04
C312 POV K . -24.00 44.01 -24.58
C13 POV K . -30.54 32.91 -31.28
O13 POV K . -34.08 36.34 -28.15
C213 POV K . -26.32 40.84 -19.25
C313 POV K . -22.75 44.75 -25.12
C14 POV K . -32.77 32.31 -30.79
O14 POV K . -35.92 36.72 -29.74
C214 POV K . -26.79 40.16 -17.94
C314 POV K . -22.21 45.83 -24.14
C15 POV K . -32.16 32.74 -33.04
C215 POV K . -25.62 39.91 -16.96
C315 POV K . -21.37 46.92 -24.87
C216 POV K . -25.94 38.82 -15.92
C316 POV K . -20.62 47.82 -23.87
C217 POV K . -24.71 38.47 -15.04
C218 POV K . -24.00 39.73 -14.49
C21 POV K . -36.03 42.08 -28.25
O21 POV K . -36.06 41.77 -29.64
C22 POV K . -34.85 42.88 -27.64
O22 POV K . -36.93 41.78 -27.53
C23 POV K . -34.73 42.74 -26.10
C24 POV K . -33.98 43.93 -25.45
C25 POV K . -33.74 43.72 -23.93
C26 POV K . -33.00 42.39 -23.65
C27 POV K . -32.13 42.47 -22.36
C28 POV K . -30.67 42.86 -22.69
C29 POV K . -29.68 42.39 -21.60
C31 POV K . -33.15 42.73 -32.06
O31 POV K . -34.13 41.71 -31.88
C32 POV K . -33.08 43.92 -31.07
O32 POV K . -32.38 42.67 -32.96
C33 POV K . -31.69 44.04 -30.38
C34 POV K . -31.82 44.62 -28.94
C35 POV K . -31.22 43.65 -27.89
C36 POV K . -30.02 44.30 -27.15
C37 POV K . -28.72 43.50 -27.39
C38 POV K . -28.04 43.13 -26.04
C39 POV K . -26.81 44.03 -25.77
N POV L . -8.59 27.92 2.34
P POV L . -4.70 27.10 -0.05
C1 POV L . -5.27 28.64 -2.15
C2 POV L . -6.55 29.46 -1.99
C3 POV L . -7.68 28.81 -2.80
C210 POV L . -11.57 36.92 -8.77
C310 POV L . -14.80 32.24 -8.92
C11 POV L . -6.30 26.85 2.07
O11 POV L . -4.64 28.56 -0.88
C211 POV L . -12.49 37.79 -9.65
C311 POV L . -16.17 32.26 -9.66
C12 POV L . -7.12 28.05 2.63
O12 POV L . -5.06 27.35 1.57
C212 POV L . -13.73 36.98 -10.09
C312 POV L . -16.08 32.93 -11.06
C13 POV L . -9.12 29.30 2.31
O13 POV L . -5.78 26.24 -0.65
C213 POV L . -14.53 37.70 -11.20
C313 POV L . -17.45 33.03 -11.78
C14 POV L . -9.03 27.27 1.08
O14 POV L . -3.36 26.41 -0.16
C214 POV L . -15.52 36.72 -11.88
C314 POV L . -17.43 32.33 -13.16
C15 POV L . -9.18 27.15 3.44
C215 POV L . -16.99 37.23 -11.80
C315 POV L . -17.79 33.31 -14.32
C216 POV L . -17.22 38.48 -12.68
C316 POV L . -19.12 34.05 -14.08
C217 POV L . -18.72 38.68 -12.97
C218 POV L . -19.00 40.05 -13.63
C21 POV L . -7.25 31.71 -1.99
O21 POV L . -6.33 30.75 -2.47
C22 POV L . -7.61 32.95 -2.84
O22 POV L . -7.77 31.56 -0.93
C23 POV L . -8.41 34.01 -2.05
C24 POV L . -9.10 35.05 -2.98
C25 POV L . -10.01 34.37 -4.03
C26 POV L . -11.20 35.29 -4.45
C27 POV L . -11.92 34.75 -5.71
C28 POV L . -11.21 35.16 -7.02
C29 POV L . -12.12 36.06 -7.91
C31 POV L . -8.71 26.71 -3.24
O31 POV L . -7.58 27.40 -2.73
C32 POV L . -10.15 27.22 -2.92
O32 POV L . -8.56 25.74 -3.91
C33 POV L . -10.91 27.80 -4.14
C34 POV L . -11.56 29.17 -3.80
C35 POV L . -11.47 30.18 -4.98
C36 POV L . -12.79 30.18 -5.83
C37 POV L . -12.59 29.52 -7.23
C38 POV L . -13.05 30.43 -8.39
C39 POV L . -14.54 30.88 -8.22
N POV M . -40.43 -22.67 -33.56
P POV M . -42.43 -18.25 -32.22
C1 POV M . -40.56 -17.57 -34.00
C2 POV M . -39.31 -16.67 -34.00
C3 POV M . -38.06 -17.55 -34.08
C210 POV M . -33.50 -14.55 -26.95
C310 POV M . -27.69 -18.85 -27.20
C11 POV M . -41.53 -20.73 -32.24
O11 POV M . -40.84 -17.95 -32.65
C211 POV M . -32.09 -14.35 -26.39
C311 POV M . -27.21 -17.61 -26.40
C12 POV M . -41.66 -21.81 -33.37
O12 POV M . -42.68 -19.89 -32.26
C212 POV M . -31.39 -15.70 -26.08
C13 POV M . -39.96 -23.15 -32.25
O13 POV M . -42.68 -17.73 -30.81
C213 POV M . -30.63 -15.68 -24.74
C14 POV M . -40.55 -23.89 -34.40
O14 POV M . -43.36 -17.55 -33.18
C214 POV M . -29.89 -14.34 -24.49
C15 POV M . -39.41 -21.82 -34.21
C215 POV M . -28.39 -14.38 -24.90
C216 POV M . -27.71 -13.01 -24.65
C217 POV M . -26.17 -13.11 -24.56
C218 POV M . -25.56 -13.73 -25.83
C21 POV M . -40.19 -14.87 -32.71
O21 POV M . -39.26 -15.93 -32.81
C22 POV M . -40.72 -14.48 -31.30
O22 POV M . -40.57 -14.29 -33.67
C23 POV M . -39.58 -14.39 -30.26
C24 POV M . -39.36 -15.74 -29.50
C25 POV M . -37.86 -16.11 -29.26
C26 POV M . -36.85 -15.12 -29.88
C27 POV M . -35.72 -14.73 -28.89
C28 POV M . -35.22 -15.95 -28.09
C29 POV M . -33.80 -15.72 -27.53
C31 POV M . -37.49 -19.05 -32.30
O31 POV M . -37.55 -17.70 -32.76
C32 POV M . -36.18 -19.87 -32.42
O32 POV M . -38.46 -19.54 -31.83
C33 POV M . -35.37 -19.81 -31.11
C34 POV M . -33.83 -19.75 -31.38
C35 POV M . -33.08 -19.09 -30.20
C36 POV M . -31.60 -19.56 -30.12
C37 POV M . -31.18 -19.89 -28.66
C38 POV M . -29.63 -19.93 -28.50
C39 POV M . -29.08 -18.63 -27.84
NA NA N . -33.25 6.34 -19.06
N POV O . -23.95 16.65 -49.23
P POV O . -27.86 14.81 -46.65
C1 POV O . -27.37 17.14 -45.44
C2 POV O . -27.02 17.61 -44.02
C3 POV O . -25.57 18.09 -43.99
C210 POV O . -22.30 13.11 -37.30
C310 POV O . -15.39 15.26 -37.31
C11 POV O . -25.63 15.09 -48.05
O11 POV O . -27.00 15.78 -45.59
C211 POV O . -21.24 13.09 -36.18
C311 POV O . -15.62 14.72 -35.87
C12 POV O . -25.34 16.06 -49.24
O12 POV O . -27.02 14.72 -48.08
C212 POV O . -19.80 13.00 -36.75
C13 POV O . -22.96 15.56 -49.00
O13 POV O . -28.01 13.42 -46.06
C213 POV O . -18.91 12.02 -35.97
C14 POV O . -23.49 17.36 -50.45
O14 POV O . -29.23 15.40 -46.88
C214 POV O . -19.15 12.08 -34.44
C15 POV O . -23.91 17.64 -48.14
C215 POV O . -18.14 12.98 -33.69
C216 POV O . -18.44 13.02 -32.17
C217 POV O . -17.22 13.48 -31.34
C218 POV O . -16.72 14.87 -31.77
C21 POV O . -28.46 16.12 -42.83
O21 POV O . -27.14 16.52 -43.14
C22 POV O . -28.74 14.63 -42.48
O22 POV O . -29.35 16.91 -42.82
C23 POV O . -27.69 14.09 -41.48
C24 POV O . -26.50 13.39 -42.20
C25 POV O . -25.10 13.75 -41.63
C26 POV O . -25.13 14.68 -40.38
C27 POV O . -24.31 14.12 -39.19
C28 POV O . -22.97 13.53 -39.66
C29 POV O . -21.93 13.51 -38.53
C31 POV O . -23.75 16.60 -44.41
O31 POV O . -24.76 17.03 -43.49
C32 POV O . -22.31 17.14 -44.30
O32 POV O . -24.04 15.81 -45.24
C33 POV O . -21.40 16.20 -43.46
C34 POV O . -20.40 17.00 -42.59
C35 POV O . -19.95 16.17 -41.36
C36 POV O . -18.56 16.61 -40.84
C37 POV O . -17.66 15.39 -40.51
C38 POV O . -16.46 15.77 -39.59
C39 POV O . -16.71 15.39 -38.10
N POV P . -45.44 34.03 -8.99
P POV P . -41.44 33.42 -6.71
C1 POV P . -39.78 31.72 -5.61
C2 POV P . -38.94 32.33 -4.49
C3 POV P . -37.56 31.68 -4.47
C210 POV P . -36.17 33.68 5.09
C11 POV P . -43.54 34.82 -7.49
O11 POV P . -41.08 32.27 -5.56
C211 POV P . -34.84 33.06 5.56
C12 POV P . -45.02 34.30 -7.58
O12 POV P . -42.90 34.16 -6.40
C212 POV P . -34.15 32.24 4.45
C13 POV P . -46.87 33.63 -8.93
O13 POV P . -41.52 32.72 -8.05
C213 POV P . -32.68 32.68 4.22
C14 POV P . -45.34 35.09 -10.02
O14 POV P . -40.35 34.44 -6.71
C214 POV P . -31.70 31.89 5.12
C15 POV P . -44.62 32.89 -9.47
C215 POV P . -30.35 31.61 4.41
C216 POV P . -30.51 30.75 3.12
C217 POV P . -29.15 30.21 2.61
C218 POV P . -29.32 29.07 1.58
C21 POV P . -40.21 33.23 -2.72
O21 POV P . -39.57 32.09 -3.27
C22 POV P . -40.55 33.29 -1.21
O22 POV P . -40.49 34.14 -3.42
C23 POV P . -40.52 34.76 -0.68
C24 POV P . -39.20 35.14 0.04
C25 POV P . -38.00 34.20 -0.23
C26 POV P . -37.56 33.30 0.96
C27 POV P . -38.52 33.35 2.17
C28 POV P . -37.92 34.12 3.38
C29 POV P . -36.59 33.49 3.84
C31 POV P . -36.05 30.54 -3.02
O31 POV P . -37.30 31.20 -3.15
C32 POV P . -35.46 30.23 -1.62
O32 POV P . -35.44 30.22 -3.98
C33 POV P . -33.95 30.57 -1.63
C34 POV P . -33.08 29.43 -1.03
C35 POV P . -32.37 28.60 -2.13
C36 POV P . -31.71 27.33 -1.53
C37 POV P . -30.94 26.48 -2.60
C38 POV P . -31.25 24.97 -2.47
CBT 6EU Q . -27.89 17.91 10.92
OAH 6EU Q . -27.32 18.58 9.80
CBQ 6EU Q . -26.83 17.66 8.94
CBO 6EU Q . -27.41 17.40 7.70
CBS 6EU Q . -25.71 16.98 9.34
OAI 6EU Q . -25.19 17.29 10.55
CBR 6EU Q . -25.13 16.01 8.53
CBP 6EU Q . -25.71 15.75 7.30
CBN 6EU Q . -26.84 16.44 6.88
CBM 6EU Q . -27.39 16.13 5.65
CBK 6EU Q . -27.72 17.41 4.87
OAG 6EU Q . -28.70 18.08 5.15
OAF 6EU Q . -26.86 17.72 3.86
CBC 6EU Q . -27.55 17.84 2.61
CAX 6EU Q . -28.26 19.02 2.58
CAS 6EU Q . -27.49 20.18 2.73
CAK 6EU Q . -27.80 21.54 2.78
CAU 6EU Q . -29.64 18.87 2.41
CAR 6EU Q . -30.32 20.22 2.40
OAD 6EU Q . -30.23 20.81 3.69
CAZ 6EU Q . -31.66 20.20 2.10
OAE 6EU Q . -32.50 19.60 2.76
CBA 6EU Q . -31.95 20.98 1.07
CBF 6EU Q . -33.36 21.20 0.52
CAW 6EU Q . -30.87 21.55 0.55
CAO 6EU Q . -29.77 21.09 1.28
CAJ 6EU Q . -28.76 22.13 1.72
OAA 6EU Q . -28.06 22.55 0.52
CAN 6EU Q . -29.40 23.39 2.33
CAT 6EU Q . -30.07 24.20 1.24
CAP 6EU Q . -28.39 24.30 3.12
CAM 6EU Q . -26.91 23.99 2.75
CAV 6EU Q . -25.94 24.76 3.61
CBB 6EU Q . -26.45 25.54 4.83
CBD 6EU Q . -24.45 24.77 3.27
OAC 6EU Q . -26.74 24.35 1.39
CAL 6EU Q . -26.56 22.46 2.77
OAB 6EU Q . -25.94 22.29 1.51
CAQ 6EU Q . -26.73 23.12 0.68
CAY 6EU Q . -26.07 23.35 -0.68
CBE 6EU Q . -26.32 22.28 -1.52
CBG 6EU Q . -27.35 22.35 -2.45
CBI 6EU Q . -27.59 21.29 -3.30
CBL 6EU Q . -26.81 20.15 -3.23
CBJ 6EU Q . -25.77 20.08 -2.32
CBH 6EU Q . -25.53 21.15 -1.47
HBS 6EU Q . -28.31 17.94 7.39
HAI 6EU Q . -25.29 18.27 10.72
HBU 6EU Q . -24.25 15.48 8.85
HBT 6EU Q . -25.28 15.00 6.65
HAD 6EU Q . -30.61 21.74 3.66
HBL 6EU Q . -27.97 23.25 -2.50
HBN 6EU Q . -28.41 21.34 -4.02
HBP 6EU Q . -27.00 19.31 -3.91
HBO 6EU Q . -25.15 19.19 -2.27
HBM 6EU Q . -24.71 21.09 -0.75
N POV R . -28.48 21.21 18.62
P POV R . -32.04 18.69 20.25
C1 POV R . -34.22 17.49 21.09
C2 POV R . -35.06 18.53 21.84
C3 POV R . -35.95 17.79 22.82
C210 POV R . -44.67 15.90 20.42
C310 POV R . -43.17 14.28 24.60
C11 POV R . -30.62 19.95 18.47
O11 POV R . -33.60 18.15 20.03
C211 POV R . -45.68 14.97 21.14
C311 POV R . -43.14 12.84 25.17
C12 POV R . -29.51 20.50 19.42
O12 POV R . -31.81 19.98 19.24
C212 POV R . -46.96 14.64 20.33
C312 POV R . -44.00 12.71 26.46
C13 POV R . -27.43 21.61 19.58
O13 POV R . -31.80 19.08 21.68
C213 POV R . -46.71 13.60 19.21
C313 POV R . -43.46 11.62 27.42
C14 POV R . -27.83 20.47 17.52
O14 POV R . -31.08 17.59 19.86
C214 POV R . -47.91 12.64 18.89
C314 POV R . -43.83 11.88 28.91
C15 POV R . -29.13 22.41 18.04
C215 POV R . -47.56 11.67 17.72
C315 POV R . -42.71 11.43 29.88
C216 POV R . -48.81 11.07 17.04
C316 POV R . -42.15 10.02 29.57
C217 POV R . -48.93 11.48 15.55
C218 POV R . -50.42 11.58 15.09
C21 POV R . -36.92 18.96 20.25
O21 POV R . -35.77 19.40 20.96
C22 POV R . -38.35 19.42 20.68
O22 POV R . -36.82 18.26 19.31
C23 POV R . -38.84 20.69 19.94
C24 POV R . -40.03 21.33 20.71
C25 POV R . -41.41 20.88 20.18
C26 POV R . -42.26 20.12 21.25
C27 POV R . -43.39 19.30 20.59
C28 POV R . -43.03 17.80 20.41
C29 POV R . -44.05 16.87 21.11
C31 POV R . -35.60 18.79 24.98
O31 POV R . -35.28 17.74 24.08
C32 POV R . -36.95 19.54 24.92
O32 POV R . -34.80 19.11 25.79
C33 POV R . -38.13 18.74 25.56
C34 POV R . -39.48 19.09 24.88
C35 POV R . -40.63 19.25 25.91
C36 POV R . -41.26 17.86 26.26
C37 POV R . -42.82 17.89 26.19
C38 POV R . -43.37 16.78 25.25
C39 POV R . -42.91 15.36 25.69
N POV S . -8.55 22.04 3.19
P POV S . -12.95 21.27 3.57
C1 POV S . -13.65 23.77 3.83
C2 POV S . -13.70 24.69 2.59
C3 POV S . -12.30 25.29 2.38
C210 POV S . -16.68 32.21 -3.61
C310 POV S . -17.02 27.61 -6.65
C11 POV S . -10.67 20.96 2.20
O11 POV S . -14.11 22.47 3.50
C211 POV S . -17.66 32.70 -4.71
C311 POV S . -18.33 27.24 -5.90
C12 POV S . -9.48 20.85 3.20
O12 POV S . -11.63 21.85 2.74
C212 POV S . -17.96 31.60 -5.76
C312 POV S . -19.54 27.12 -6.87
C13 POV S . -8.27 22.43 1.79
O13 POV S . -12.61 21.01 5.01
C213 POV S . -19.39 31.69 -6.36
C313 POV S . -20.49 25.94 -6.50
C14 POV S . -8.93 23.28 3.92
O14 POV S . -13.46 19.99 2.94
C214 POV S . -19.40 32.26 -7.80
C314 POV S . -21.97 26.23 -6.85
C15 POV S . -7.33 21.56 3.85
C215 POV S . -19.92 31.25 -8.86
C315 POV S . -22.14 27.16 -8.08
C216 POV S . -21.29 31.69 -9.47
C316 POV S . -23.49 27.92 -8.06
C217 POV S . -21.21 33.09 -10.11
C218 POV S . -22.51 33.46 -10.87
C21 POV S . -15.39 26.05 1.68
O21 POV S . -14.61 25.73 2.82
C22 POV S . -16.88 25.61 1.61
O22 POV S . -14.91 26.65 0.78
C23 POV S . -17.42 25.64 0.16
C24 POV S . -18.47 26.76 -0.07
C25 POV S . -18.30 27.43 -1.46
C26 POV S . -17.83 28.91 -1.33
C27 POV S . -16.28 29.06 -1.48
C28 POV S . -15.89 30.46 -2.00
C29 POV S . -16.84 30.98 -3.10
C31 POV S . -11.55 24.93 0.14
O31 POV S . -11.58 24.46 1.48
C32 POV S . -10.87 24.09 -0.96
O32 POV S . -12.06 25.97 -0.13
C33 POV S . -11.75 22.91 -1.47
C34 POV S . -13.05 23.42 -2.15
C35 POV S . -12.77 24.56 -3.18
C36 POV S . -13.85 25.67 -3.14
C37 POV S . -14.22 26.17 -4.57
C38 POV S . -15.69 26.66 -4.66
C39 POV S . -15.84 27.83 -5.66
N POV T . -63.64 27.66 21.97
P POV T . -60.47 31.05 22.19
C1 POV T . -58.58 29.18 22.12
C2 POV T . -57.75 28.39 21.09
C3 POV T . -57.17 27.14 21.76
C210 POV T . -50.57 28.72 12.86
C11 POV T . -62.91 30.02 22.62
O11 POV T . -59.21 30.25 21.44
C211 POV T . -49.40 29.66 13.22
C12 POV T . -62.78 28.48 22.88
O12 POV T . -61.91 30.41 21.66
C212 POV T . -48.68 30.17 11.97
C13 POV T . -65.03 28.15 22.05
O13 POV T . -60.41 32.52 21.84
C213 POV T . -48.59 29.09 10.85
C14 POV T . -63.30 27.59 20.52
O14 POV T . -60.34 30.88 23.68
C214 POV T . -47.24 29.14 10.13
C15 POV T . -63.56 26.28 22.47
C215 POV T . -46.85 27.80 9.44
C216 POV T . -47.23 26.59 10.32
C217 POV T . -46.98 25.24 9.61
C218 POV T . -46.97 24.02 10.55
C21 POV T . -56.84 29.55 19.27
O21 POV T . -56.71 29.20 20.64
C22 POV T . -57.03 31.03 18.84
O22 POV T . -56.80 28.70 18.45
C23 POV T . -56.16 31.36 17.61
C24 POV T . -54.69 31.70 18.01
C25 POV T . -53.59 31.01 17.14
C26 POV T . -54.12 30.10 16.01
C27 POV T . -53.36 30.35 14.67
C28 POV T . -51.94 29.76 14.70
C29 POV T . -51.72 28.76 13.53
C31 POV T . -55.77 25.30 21.22
O31 POV T . -56.66 26.30 20.73
C32 POV T . -54.35 25.70 21.70
O32 POV T . -56.11 24.16 21.26
C33 POV T . -53.69 24.55 22.51
C34 POV T . -52.19 24.84 22.84
C35 POV T . -51.31 23.55 22.73
C36 POV T . -52.05 22.25 23.16
C37 POV T . -51.11 21.13 23.69
C38 POV T . -49.84 21.67 24.41
N POV U . -60.73 6.67 5.29
P POV U . -57.27 9.68 3.79
C1 POV U . -54.88 10.64 3.18
C2 POV U . -53.80 9.56 3.09
C3 POV U . -53.15 9.35 4.46
C210 POV U . -44.10 5.38 1.24
C310 POV U . -42.66 7.11 8.54
C11 POV U . -58.36 7.40 4.63
O11 POV U . -56.10 10.11 2.69
C211 POV U . -44.15 4.10 0.39
C311 POV U . -41.14 6.93 8.82
C12 POV U . -59.77 6.92 4.16
O12 POV U . -57.73 8.09 3.55
C212 POV U . -43.64 4.32 -1.05
C312 POV U . -40.31 6.78 7.50
C13 POV U . -60.87 7.94 6.04
O13 POV U . -56.74 9.83 5.20
C213 POV U . -42.32 3.54 -1.34
C313 POV U . -39.02 7.65 7.51
C14 POV U . -62.10 6.22 4.98
O14 POV U . -58.48 10.58 3.62
C214 POV U . -41.89 3.68 -2.82
C314 POV U . -37.84 6.93 6.81
C15 POV U . -60.14 5.61 6.14
C215 POV U . -40.45 3.18 -3.11
C315 POV U . -36.75 6.48 7.82
C216 POV U . -39.46 3.52 -1.99
C316 POV U . -36.35 5.00 7.62
C217 POV U . -38.60 2.29 -1.60
C218 POV U . -37.09 2.55 -1.73
C21 POV U . -52.87 9.26 0.97
O21 POV U . -52.82 9.98 2.18
C22 POV U . -51.75 8.24 0.65
O22 POV U . -53.76 9.45 0.21
C23 POV U . -50.60 8.29 1.69
C24 POV U . -50.61 7.05 2.64
C25 POV U . -49.20 6.42 2.77
C26 POV U . -48.97 5.33 1.69
C27 POV U . -47.54 5.44 1.08
C28 POV U . -46.44 4.90 2.03
C29 POV U . -45.15 5.75 1.99
C31 POV U . -51.15 10.49 5.13
O31 POV U . -52.54 10.57 4.85
C32 POV U . -50.41 11.71 5.73
O32 POV U . -50.55 9.49 4.89
C33 POV U . -48.87 11.49 5.73
C34 POV U . -48.34 11.37 7.18
C35 POV U . -46.83 11.03 7.18
C36 POV U . -46.38 10.51 8.57
C37 POV U . -44.88 10.11 8.53
C38 POV U . -44.70 8.61 8.91
C39 POV U . -43.25 8.29 9.35
N POV V . -52.30 19.34 -0.51
P POV V . -56.07 16.52 1.52
C1 POV V . -58.18 15.96 3.04
C2 POV V . -59.25 16.91 3.62
C3 POV V . -58.61 17.90 4.60
C210 POV V . -53.24 10.32 9.52
C310 POV V . -52.98 17.07 12.46
C11 POV V . -53.90 17.86 0.80
O11 POV V . -56.92 16.63 2.95
C211 POV V . -51.93 9.65 10.01
C311 POV V . -51.58 16.49 12.83
C12 POV V . -53.38 19.31 0.53
O12 POV V . -55.23 17.95 1.28
C212 POV V . -51.43 10.25 11.34
C312 POV V . -51.62 15.72 14.18
C13 POV V . -51.01 19.48 0.18
O13 POV V . -55.09 15.37 1.56
C213 POV V . -49.98 9.89 11.72
C313 POV V . -51.33 16.69 15.36
C14 POV V . -52.12 18.22 -1.48
O14 POV V . -57.03 16.31 0.39
C214 POV V . -49.55 8.48 11.23
C314 POV V . -51.35 15.99 16.74
C15 POV V . -52.58 20.54 -1.31
C215 POV V . -48.29 7.98 11.96
C315 POV V . -51.61 16.96 17.90
C216 POV V . -47.56 6.86 11.17
C316 POV V . -51.38 16.29 19.28
C217 POV V . -46.22 6.45 11.83
C218 POV V . -46.35 6.22 13.36
C21 POV V . -60.14 14.94 4.81
O21 POV V . -60.33 16.23 4.21
C22 POV V . -59.65 14.81 6.28
O22 POV V . -60.41 13.96 4.21
C23 POV V . -59.07 13.41 6.61
C24 POV V . -59.14 13.09 8.12
C25 POV V . -58.42 11.76 8.49
C26 POV V . -56.97 11.71 7.96
C27 POV V . -56.04 10.81 8.83
C28 POV V . -55.32 11.64 9.92
C29 POV V . -54.01 10.96 10.40
C31 POV V . -59.45 19.55 6.11
O31 POV V . -59.50 19.00 4.80
C32 POV V . -59.91 18.70 7.33
O32 POV V . -59.08 20.67 6.29
C33 POV V . -58.79 18.52 8.38
C34 POV V . -58.87 17.13 9.08
C35 POV V . -57.54 16.34 8.95
C36 POV V . -56.90 16.09 10.33
C37 POV V . -55.49 16.74 10.40
C38 POV V . -54.44 15.71 10.87
C39 POV V . -54.04 15.95 12.34
N POV W . -23.29 -4.42 17.20
P POV W . -20.52 -0.81 18.22
C1 POV W . -22.45 0.96 18.61
C2 POV W . -23.86 0.34 18.56
C3 POV W . -24.49 0.60 17.19
C210 POV W . -34.01 5.13 19.80
C310 POV W . -33.46 4.04 14.25
C11 POV W . -21.03 -3.34 17.57
O11 POV W . -21.58 0.01 19.21
C211 POV W . -35.44 5.67 19.69
C311 POV W . -34.66 4.26 13.28
C12 POV W . -22.21 -4.13 18.21
O12 POV W . -20.52 -2.44 18.56
C212 POV W . -35.88 5.70 18.20
C312 POV W . -35.39 5.61 13.52
C13 POV W . -24.54 -4.55 17.98
O13 POV W . -20.93 -0.61 16.78
C213 POV W . -37.28 6.35 18.02
C313 POV W . -36.63 5.81 12.62
C14 POV W . -23.57 -3.45 16.11
O14 POV W . -19.12 -0.25 18.43
C214 POV W . -37.56 6.63 16.53
C314 POV W . -36.54 7.08 11.76
C15 POV W . -22.94 -5.70 16.55
C215 POV W . -38.94 6.09 16.09
C315 POV W . -37.70 8.07 12.03
C216 POV W . -40.13 6.86 16.74
C316 POV W . -39.08 7.41 11.91
C217 POV W . -41.42 6.62 15.95
C218 POV W . -42.67 7.13 16.70
C21 POV W . -25.80 0.15 19.88
O21 POV W . -24.65 0.92 19.54
C22 POV W . -27.08 0.85 20.38
O22 POV W . -25.78 -1.04 19.77
C23 POV W . -28.12 -0.15 20.97
C24 POV W . -29.51 0.51 21.18
C25 POV W . -30.04 1.19 19.88
C26 POV W . -31.59 1.18 19.79
C27 POV W . -32.10 2.10 18.65
C28 POV W . -32.17 3.58 19.10
C29 POV W . -33.60 4.14 18.99
C31 POV W . -23.99 0.75 14.85
O31 POV W . -23.49 0.69 16.19
C32 POV W . -25.26 -0.04 14.45
O32 POV W . -23.42 1.40 14.04
C33 POV W . -26.52 0.85 14.18
C34 POV W . -27.77 0.32 14.94
C35 POV W . -28.64 1.46 15.50
C36 POV W . -29.86 1.78 14.57
C37 POV W . -29.68 3.13 13.81
C38 POV W . -30.90 4.08 13.99
C39 POV W . -32.23 3.42 13.53
N POV X . -40.68 38.15 -12.88
P POV X . -41.71 34.31 -15.97
C1 POV X . -42.55 33.42 -13.59
C2 POV X . -42.21 32.23 -12.67
C3 POV X . -41.45 32.75 -11.44
C210 POV X . -34.17 27.46 -11.79
C310 POV X . -30.47 29.95 -6.09
C11 POV X . -40.61 36.42 -14.80
O11 POV X . -41.43 33.66 -14.45
C211 POV X . -33.09 26.78 -10.93
C311 POV X . -29.93 28.51 -6.31
C12 POV X . -41.33 37.65 -14.15
O12 POV X . -41.40 35.94 -15.89
C212 POV X . -32.13 27.82 -10.28
C13 POV X . -39.22 38.26 -13.09
O13 POV X . -40.79 33.66 -16.98
C213 POV X . -30.65 27.38 -10.35
C14 POV X . -41.11 39.47 -12.36
O14 POV X . -43.15 34.07 -16.37
C214 POV X . -30.47 25.86 -10.08
C15 POV X . -41.00 37.17 -11.83
C215 POV X . -30.11 25.55 -8.60
C216 POV X . -29.96 24.03 -8.39
C217 POV X . -29.15 23.68 -7.12
C218 POV X . -29.79 24.27 -5.85
C21 POV X . -42.00 30.58 -14.38
O21 POV X . -41.39 31.33 -13.34
C22 POV X . -41.18 30.23 -15.63
O22 POV X . -43.14 30.25 -14.30
C23 POV X . -39.80 29.62 -15.25
C24 POV X . -38.68 30.70 -15.19
C25 POV X . -37.68 30.55 -14.01
C26 POV X . -38.02 29.39 -13.04
C27 POV X . -36.78 28.56 -12.61
C28 POV X . -35.54 29.45 -12.40
C29 POV X . -34.47 28.74 -11.55
C31 POV X . -39.27 33.70 -11.65
O31 POV X . -40.07 32.51 -11.67
C32 POV X . -38.53 34.13 -10.36
O32 POV X . -39.18 34.36 -12.63
C33 POV X . -37.06 33.63 -10.36
C34 POV X . -36.60 33.19 -8.94
C35 POV X . -35.43 32.17 -9.03
C36 POV X . -34.55 32.18 -7.75
C37 POV X . -33.04 32.15 -8.09
C38 POV X . -32.17 31.73 -6.88
C39 POV X . -31.73 30.24 -6.96
N POV Y . -57.02 -6.64 -2.30
P POV Y . -53.11 -7.41 0.11
C1 POV Y . -50.54 -7.94 0.04
C2 POV Y . -50.04 -8.65 1.30
C3 POV Y . -48.61 -8.18 1.60
C210 POV Y . -46.43 -16.46 6.41
C11 POV Y . -55.72 -7.37 -0.24
O11 POV Y . -51.84 -8.41 -0.28
C211 POV Y . -44.91 -16.57 6.61
C12 POV Y . -56.44 -7.81 -1.57
O12 POV Y . -54.57 -8.19 -0.06
C212 POV Y . -44.17 -15.29 6.16
C13 POV Y . -57.80 -7.19 -3.43
O13 POV Y . -53.07 -6.21 -0.80
C213 POV Y . -43.48 -14.56 7.35
C14 POV Y . -57.91 -5.69 -1.59
O14 POV Y . -52.94 -6.99 1.55
C214 POV Y . -42.00 -14.99 7.50
C15 POV Y . -55.88 -5.84 -2.80
C215 POV Y . -41.08 -13.82 7.92
C216 POV Y . -40.93 -12.74 6.82
C217 POV Y . -39.72 -11.80 7.07
C218 POV Y . -39.37 -10.95 5.84
C21 POV Y . -51.12 -10.70 1.71
O21 POV Y . -50.04 -10.03 1.09
C22 POV Y . -51.06 -12.23 1.96
O22 POV Y . -52.07 -10.09 2.07
C23 POV Y . -51.82 -12.62 3.25
C24 POV Y . -50.92 -12.85 4.50
C25 POV Y . -49.52 -12.16 4.43
C26 POV Y . -48.31 -13.12 4.24
C27 POV Y . -48.73 -14.60 4.04
C28 POV Y . -48.42 -15.49 5.28
C29 POV Y . -46.90 -15.61 5.48
C31 POV Y . -46.41 -9.00 1.97
O31 POV Y . -47.78 -9.32 1.69
C32 POV Y . -45.42 -10.09 2.40
O32 POV Y . -46.03 -7.88 1.89
C33 POV Y . -44.54 -9.55 3.55
C34 POV Y . -43.02 -9.83 3.34
C35 POV Y . -42.28 -8.57 2.81
C36 POV Y . -40.83 -8.93 2.35
C37 POV Y . -40.03 -7.69 1.89
C38 POV Y . -39.29 -7.96 0.54
CBT 6EU Z . -28.92 -19.50 0.27
OAH 6EU Z . -29.22 -18.24 0.85
CBQ 6EU Z . -28.50 -17.28 0.21
CBO 6EU Z . -29.08 -16.34 -0.62
CBS 6EU Z . -27.14 -17.28 0.44
OAI 6EU Z . -26.65 -18.23 1.28
CBR 6EU Z . -26.33 -16.35 -0.17
CBP 6EU Z . -26.90 -15.40 -1.01
CBN 6EU Z . -28.26 -15.39 -1.23
CBM 6EU Z . -28.80 -14.44 -2.08
CBK 6EU Z . -30.04 -13.79 -1.47
OAG 6EU Z . -31.11 -14.37 -1.46
OAF 6EU Z . -29.86 -12.54 -0.97
CBC 6EU Z . -30.76 -11.61 -1.58
CAX 6EU Z . -32.04 -11.80 -1.09
CAS 6EU Z . -32.17 -11.63 0.29
CAK 6EU Z . -33.24 -11.76 1.18
CAU 6EU Z . -33.00 -12.13 -2.05
CAR 6EU Z . -34.36 -12.32 -1.41
OAD 6EU Z . -34.32 -13.48 -0.58
CAZ 6EU Z . -35.40 -12.51 -2.27
OAE 6EU Z . -35.47 -13.44 -3.07
CBA 6EU Z . -36.36 -11.63 -2.09
CBF 6EU Z . -37.68 -11.60 -2.87
CAW 6EU Z . -36.06 -10.75 -1.14
CAO 6EU Z . -34.78 -11.05 -0.68
CAJ 6EU Z . -34.59 -11.09 0.82
OAA 6EU Z . -34.64 -9.70 1.27
CAN 6EU Z . -35.70 -11.85 1.57
CAT 6EU Z . -36.97 -11.04 1.56
CAP 6EU Z . -35.33 -12.21 3.06
CAM 6EU Z . -34.13 -11.35 3.59
CAV 6EU Z . -33.69 -11.80 4.97
CBB 6EU Z . -34.24 -13.10 5.56
CBD 6EU Z . -32.69 -10.96 5.76
OAC 6EU Z . -34.60 -10.01 3.65
CAL 6EU Z . -32.91 -11.29 2.62
OAB 6EU Z . -32.67 -9.90 2.54
CAQ 6EU Z . -33.99 -9.37 2.53
CAY 6EU Z . -34.00 -7.87 2.76
CBE 6EU Z . -33.72 -7.18 1.59
CBG 6EU Z . -34.76 -6.69 0.82
CBI 6EU Z . -34.48 -6.00 -0.36
CBL 6EU Z . -33.17 -5.82 -0.76
CBJ 6EU Z . -32.13 -6.31 0.01
CBH 6EU Z . -32.41 -6.99 1.18
HBS 6EU Z . -30.15 -16.35 -0.80
HAI 6EU Z . -27.30 -18.39 2.02
HBU 6EU Z . -25.25 -16.35 0.01
HBT 6EU Z . -26.27 -14.67 -1.49
HAD 6EU Z . -35.19 -13.57 -0.10
HBL 6EU Z . -35.79 -6.83 1.14
HBN 6EU Z . -35.30 -5.62 -0.96
HBP 6EU Z . -32.97 -5.28 -1.68
HBO 6EU Z . -31.11 -6.16 -0.31
HBM 6EU Z . -31.60 -7.38 1.79
N POV AA . -29.48 -26.81 4.36
P POV AA . -30.06 -29.68 0.73
C1 POV AA . -30.75 -31.25 -1.28
C2 POV AA . -31.85 -32.18 -0.76
C3 POV AA . -31.78 -33.46 -1.58
C210 POV AA . -37.66 -34.42 -8.80
C310 POV AA . -34.32 -37.76 -8.16
C11 POV AA . -30.28 -27.48 2.11
O11 POV AA . -30.94 -30.00 -0.65
C211 POV AA . -37.65 -35.50 -9.91
C311 POV AA . -33.24 -38.33 -9.12
C12 POV AA . -29.57 -27.95 3.40
O12 POV AA . -30.97 -28.63 1.63
C212 POV AA . -38.58 -35.24 -11.13
C312 POV AA . -33.46 -39.85 -9.41
C13 POV AA . -28.69 -27.31 5.49
O13 POV AA . -29.78 -30.93 1.50
C213 POV AA . -38.15 -34.03 -12.00
C313 POV AA . -32.13 -40.58 -9.71
C14 POV AA . -28.86 -25.56 3.88
O14 POV AA . -28.78 -29.00 0.34
C214 POV AA . -38.28 -34.22 -13.54
C314 POV AA . -32.18 -42.10 -9.38
C15 POV AA . -30.86 -26.51 4.78
C215 POV AA . -37.74 -32.99 -14.34
C315 POV AA . -30.83 -42.63 -8.83
C216 POV AA . -38.39 -32.81 -15.73
C316 POV AA . -29.61 -42.17 -9.68
C217 POV AA . -39.05 -31.42 -15.89
C218 POV AA . -40.34 -31.47 -16.74
C21 POV AA . -33.86 -31.41 -1.97
O21 POV AA . -33.12 -31.57 -0.76
C22 POV AA . -35.11 -32.28 -2.26
O22 POV AA . -33.56 -30.58 -2.75
C23 POV AA . -36.43 -31.68 -1.77
C24 POV AA . -37.54 -32.78 -1.74
C25 POV AA . -38.38 -32.82 -3.05
C26 POV AA . -38.14 -34.09 -3.89
C27 POV AA . -38.65 -33.94 -5.35
C28 POV AA . -37.52 -33.71 -6.38
C29 POV AA . -37.51 -34.78 -7.50
C31 POV AA . -31.58 -35.37 -0.11
O31 POV AA . -30.93 -34.39 -0.89
C32 POV AA . -33.05 -35.78 -0.38
O32 POV AA . -30.98 -35.91 0.76
C33 POV AA . -33.21 -36.78 -1.55
C34 POV AA . -34.60 -36.62 -2.24
C35 POV AA . -35.27 -37.99 -2.54
C36 POV AA . -34.77 -38.59 -3.88
C37 POV AA . -35.94 -39.04 -4.79
C38 POV AA . -35.86 -38.38 -6.19
C39 POV AA . -34.53 -38.66 -6.91
N POV BA . -19.38 -5.37 12.80
P POV BA . -21.97 -7.23 9.77
C1 POV BA . -23.98 -7.69 11.40
C2 POV BA . -24.90 -6.53 11.80
C3 POV BA . -24.31 -5.81 13.00
C210 POV BA . -33.46 -1.59 14.41
C310 POV BA . -31.54 1.00 9.91
C11 POV BA . -20.42 -5.15 10.44
O11 POV BA . -23.58 -7.56 10.04
C211 POV BA . -34.77 -0.89 13.95
C311 POV BA . -32.07 -0.17 9.03
C12 POV BA . -19.27 -5.72 11.35
O12 POV BA . -21.60 -5.90 10.69
C212 POV BA . -34.56 -0.04 12.66
C312 POV BA . -33.18 0.28 8.04
C13 POV BA . -19.77 -3.96 12.96
O13 POV BA . -21.15 -8.43 10.21
C213 POV BA . -35.82 0.02 11.76
C313 POV BA . -33.02 -0.37 6.64
C14 POV BA . -20.28 -6.16 13.69
O14 POV BA . -21.71 -6.96 8.31
C214 POV BA . -36.55 1.39 11.86
C314 POV BA . -34.38 -0.57 5.92
C15 POV BA . -18.02 -5.59 13.34
C215 POV BA . -36.58 2.16 10.50
C315 POV BA . -35.40 0.55 6.22
C216 POV BA . -38.01 2.26 9.90
C316 POV BA . -36.86 0.12 5.98
C217 POV BA . -39.00 2.93 10.88
C218 POV BA . -40.38 3.20 10.23
C21 POV BA . -27.24 -6.25 11.67
O21 POV BA . -26.16 -7.04 12.14
C22 POV BA . -28.07 -6.73 10.45
O22 POV BA . -27.52 -5.23 12.21
C23 POV BA . -28.86 -5.56 9.79
C24 POV BA . -30.40 -5.69 10.01
C25 POV BA . -31.07 -4.31 10.27
C26 POV BA . -31.63 -4.21 11.72
C27 POV BA . -30.63 -3.53 12.70
C28 POV BA . -31.36 -2.87 13.90
C29 POV BA . -32.66 -2.15 13.48
C31 POV BA . -24.11 -3.46 12.59
O31 POV BA . -23.49 -4.74 12.54
C32 POV BA . -23.35 -2.21 12.05
O32 POV BA . -25.20 -3.33 13.05
C33 POV BA . -23.41 -2.09 10.50
C34 POV BA . -24.86 -1.90 9.99
C35 POV BA . -25.62 -0.79 10.78
C36 POV BA . -27.09 -1.19 11.07
C37 POV BA . -28.07 0.01 10.91
C38 POV BA . -29.48 -0.44 10.46
C39 POV BA . -30.60 0.50 11.02
N POV CA . -58.43 -42.13 -10.35
P POV CA . -58.18 -41.14 -5.82
C1 POV CA . -55.63 -40.45 -6.19
C2 POV CA . -54.80 -39.23 -6.56
C3 POV CA . -53.41 -39.67 -7.05
C210 POV CA . -51.86 -29.05 -4.02
C11 POV CA . -59.21 -42.42 -7.94
O11 POV CA . -56.95 -40.01 -5.89
C211 POV CA . -51.63 -28.91 -2.50
C12 POV CA . -58.08 -42.66 -8.99
O12 POV CA . -58.97 -41.16 -7.28
C212 POV CA . -51.70 -27.42 -2.06
C13 POV CA . -59.73 -42.68 -10.77
O13 POV CA . -59.15 -40.75 -4.73
C213 POV CA . -51.15 -26.44 -3.13
C14 POV CA . -58.51 -40.66 -10.56
O14 POV CA . -57.60 -42.49 -5.52
C214 POV CA . -50.40 -25.27 -2.46
C15 POV CA . -57.37 -42.61 -11.26
C215 POV CA . -49.47 -24.50 -3.45
C216 POV CA . -48.78 -25.45 -4.45
C217 POV CA . -47.80 -24.69 -5.38
C218 POV CA . -46.97 -25.63 -6.28
C21 POV CA . -55.33 -37.18 -5.56
O21 POV CA . -54.66 -38.42 -5.44
C22 POV CA . -56.53 -36.84 -4.64
O22 POV CA . -54.99 -36.39 -6.38
C23 POV CA . -56.43 -35.39 -4.11
C24 POV CA . -55.41 -35.27 -2.94
C25 POV CA . -54.53 -33.98 -2.95
C26 POV CA . -54.61 -33.14 -4.26
C27 POV CA . -54.47 -31.62 -3.97
C28 POV CA . -53.03 -31.23 -3.58
C29 POV CA . -52.50 -30.12 -4.51
C31 POV CA . -51.36 -38.73 -7.77
O31 POV CA . -52.77 -38.55 -7.64
C32 POV CA . -50.45 -38.66 -6.52
O32 POV CA . -50.89 -38.93 -8.84
C33 POV CA . -49.04 -39.22 -6.82
C34 POV CA . -48.03 -38.99 -5.66
C35 POV CA . -46.61 -38.61 -6.16
C36 POV CA . -46.23 -39.32 -7.51
C37 POV CA . -44.69 -39.52 -7.70
C38 POV CA . -43.92 -39.73 -6.37
N POV DA . -47.34 -26.06 -28.95
P POV DA . -47.10 -23.37 -24.97
C1 POV DA . -46.14 -21.94 -22.95
C2 POV DA . -44.67 -21.56 -23.15
C3 POV DA . -43.75 -22.62 -22.56
C210 POV DA . -35.41 -16.45 -21.25
C310 POV DA . -33.58 -22.73 -17.29
C11 POV DA . -46.24 -24.59 -27.16
O11 POV DA . -46.79 -21.92 -24.21
C211 POV DA . -34.85 -15.73 -22.50
C311 POV DA . -32.28 -22.48 -16.47
C12 POV DA . -47.08 -24.65 -28.48
O12 POV DA . -46.49 -23.34 -26.52
C212 POV DA . -34.99 -14.19 -22.39
C312 POV DA . -31.89 -20.97 -16.43
C13 POV DA . -48.06 -26.77 -27.88
O13 POV DA . -46.43 -24.50 -24.21
C213 POV DA . -33.62 -13.48 -22.25
C313 POV DA . -31.49 -20.49 -15.01
C14 POV DA . -48.15 -26.26 -30.18
O14 POV DA . -48.60 -23.61 -25.01
C214 POV DA . -33.77 -11.94 -22.23
C314 POV DA . -30.35 -19.45 -15.05
C15 POV DA . -46.02 -26.68 -29.24
C215 POV DA . -32.47 -11.19 -21.85
C315 POV DA . -29.01 -20.04 -14.53
C216 POV DA . -31.65 -11.91 -20.75
C316 POV DA . -27.84 -19.72 -15.48
C217 POV DA . -30.14 -11.98 -21.11
C218 POV DA . -29.25 -11.29 -20.05
C21 POV DA . -44.31 -19.25 -23.39
O21 POV DA . -44.43 -20.34 -22.49
C22 POV DA . -42.92 -18.65 -23.66
O22 POV DA . -45.28 -18.82 -23.92
C23 POV DA . -41.86 -19.17 -22.67
C24 POV DA . -40.81 -20.11 -23.36
C25 POV DA . -39.36 -19.70 -23.00
C26 POV DA . -38.82 -18.62 -23.98
C27 POV DA . -38.00 -17.53 -23.24
C28 POV DA . -36.60 -18.05 -22.78
C29 POV DA . -36.20 -17.52 -21.39
C31 POV DA . -42.83 -22.44 -20.36
O31 POV DA . -43.97 -22.67 -21.15
C32 POV DA . -42.91 -22.59 -18.82
O32 POV DA . -41.80 -22.12 -20.86
C33 POV DA . -41.61 -22.11 -18.13
C34 POV DA . -40.67 -23.29 -17.84
C35 POV DA . -39.48 -22.88 -16.94
C36 POV DA . -38.45 -24.03 -16.85
C37 POV DA . -37.11 -23.52 -16.25
C38 POV DA . -35.94 -23.73 -17.24
C39 POV DA . -34.56 -23.67 -16.54
N POV EA . -50.77 -17.33 -15.69
P POV EA . -51.16 -20.66 -19.53
C1 POV EA . -52.00 -22.79 -20.87
C2 POV EA . -53.21 -23.72 -20.59
C3 POV EA . -53.08 -24.36 -19.20
C210 POV EA . -43.06 -27.28 -20.74
C310 POV EA . -46.37 -29.81 -14.64
C11 POV EA . -50.62 -19.22 -17.38
O11 POV EA . -51.49 -22.29 -19.65
C211 POV EA . -41.56 -27.31 -20.38
C311 POV EA . -44.88 -29.71 -14.17
C12 POV EA . -51.28 -18.69 -16.06
O12 POV EA . -51.52 -20.15 -18.00
C212 POV EA . -41.24 -28.37 -19.29
C312 POV EA . -44.11 -31.02 -14.43
C13 POV EA . -49.73 -17.52 -14.66
O13 POV EA . -49.70 -20.37 -19.82
C213 POV EA . -39.84 -28.22 -18.64
C313 POV EA . -44.23 -31.99 -13.22
C14 POV EA . -50.17 -16.44 -16.71
O14 POV EA . -52.01 -19.92 -20.53
C214 POV EA . -38.77 -27.64 -19.60
C314 POV EA . -43.44 -33.31 -13.44
C15 POV EA . -51.91 -16.64 -15.11
C215 POV EA . -37.33 -27.90 -19.08
C315 POV EA . -43.98 -34.45 -12.52
C216 POV EA . -36.31 -26.94 -19.72
C316 POV EA . -43.04 -35.68 -12.55
C217 POV EA . -34.89 -27.10 -19.09
C218 POV EA . -34.46 -28.58 -18.98
C21 POV EA . -52.25 -25.21 -22.32
O21 POV EA . -53.37 -24.71 -21.58
C22 POV EA . -51.40 -26.38 -21.75
O22 POV EA . -51.99 -24.78 -23.40
C23 POV EA . -50.03 -26.53 -22.47
C24 POV EA . -49.48 -27.98 -22.35
C25 POV EA . -48.03 -28.12 -22.89
C26 POV EA . -47.07 -27.11 -22.21
C27 POV EA . -45.61 -27.63 -22.16
C28 POV EA . -45.32 -28.35 -20.83
C29 POV EA . -43.82 -28.36 -20.47
C31 POV EA . -54.32 -26.04 -18.02
O31 POV EA . -54.36 -24.83 -18.78
C32 POV EA . -53.78 -27.34 -18.67
O32 POV EA . -54.70 -26.06 -16.89
C33 POV EA . -52.58 -27.95 -17.89
C34 POV EA . -51.59 -28.66 -18.84
C35 POV EA . -50.15 -28.10 -18.71
C36 POV EA . -49.17 -29.17 -18.20
C37 POV EA . -48.54 -28.76 -16.84
C38 POV EA . -47.00 -28.82 -16.91
C39 POV EA . -46.46 -30.06 -16.15
N POV FA . -9.85 -24.41 -12.88
P POV FA . -9.82 -24.35 -8.20
C1 POV FA . -12.29 -25.27 -7.88
C2 POV FA . -12.98 -25.72 -9.17
C3 POV FA . -14.01 -24.67 -9.61
C210 POV FA . -23.09 -30.29 -11.05
C310 POV FA . -23.43 -24.95 -12.99
C11 POV FA . -8.80 -23.93 -10.62
O11 POV FA . -10.91 -25.59 -8.01
C211 POV FA . -24.50 -30.72 -11.50
C311 POV FA . -24.70 -24.47 -13.73
C12 POV FA . -8.96 -24.94 -11.81
O12 POV FA . -8.74 -24.69 -9.42
C212 POV FA . -25.24 -29.55 -12.18
C312 POV FA . -26.01 -24.88 -13.01
C13 POV FA . -10.47 -25.60 -13.53
O13 POV FA . -10.58 -23.09 -8.55
C213 POV FA . -26.74 -29.84 -12.45
C313 POV FA . -27.29 -24.51 -13.79
C14 POV FA . -10.97 -23.49 -12.54
O14 POV FA . -9.06 -24.15 -6.91
C214 POV FA . -27.49 -28.53 -12.79
C314 POV FA . -28.25 -23.61 -12.97
C15 POV FA . -9.00 -23.68 -13.84
C215 POV FA . -28.25 -28.65 -14.14
C315 POV FA . -29.66 -24.25 -12.81
C216 POV FA . -29.46 -29.61 -14.04
C316 POV FA . -30.27 -24.64 -14.17
C217 POV FA . -30.50 -29.34 -15.16
C218 POV FA . -31.55 -30.47 -15.24
C21 POV FA . -13.93 -27.65 -10.11
O21 POV FA . -13.65 -26.93 -8.93
C22 POV FA . -15.16 -28.60 -10.16
O22 POV FA . -13.24 -27.55 -11.07
C23 POV FA . -15.16 -29.50 -11.42
C24 POV FA . -16.55 -30.16 -11.68
C25 POV FA . -17.67 -29.08 -11.79
C26 POV FA . -18.84 -29.55 -12.70
C27 POV FA . -20.08 -28.63 -12.59
C28 POV FA . -20.98 -29.02 -11.38
C29 POV FA . -22.39 -29.47 -11.82
C31 POV FA . -14.30 -22.33 -9.92
O31 POV FA . -13.52 -23.36 -9.34
C32 POV FA . -14.84 -22.46 -11.37
O32 POV FA . -14.55 -21.35 -9.28
C33 POV FA . -16.38 -22.62 -11.48
C34 POV FA . -16.78 -23.80 -12.41
C35 POV FA . -18.00 -24.59 -11.88
C36 POV FA . -19.33 -24.12 -12.55
C37 POV FA . -20.21 -23.26 -11.58
C38 POV FA . -21.68 -23.75 -11.52
C39 POV FA . -22.32 -23.87 -12.94
N POV GA . -25.69 9.83 -54.79
P POV GA . -26.19 6.25 -51.57
C1 POV GA . -25.88 4.77 -49.38
C2 POV GA . -25.15 5.52 -48.27
C3 POV GA . -23.63 5.32 -48.40
C210 POV GA . -21.01 7.04 -38.50
C310 POV GA . -14.71 3.81 -41.36
C11 POV GA . -25.34 8.57 -52.59
O11 POV GA . -26.70 5.71 -50.07
C211 POV GA . -21.37 8.41 -37.90
C311 POV GA . -13.70 3.53 -40.20
C12 POV GA . -26.26 9.51 -53.43
O12 POV GA . -26.15 7.92 -51.60
C212 POV GA . -22.43 8.30 -36.77
C312 POV GA . -14.36 3.66 -38.80
C13 POV GA . -25.48 8.54 -55.51
O13 POV GA . -24.80 5.72 -51.85
C213 POV GA . -21.84 8.69 -35.38
C313 POV GA . -14.00 2.47 -37.86
C14 POV GA . -26.47 10.69 -55.71
O14 POV GA . -27.14 5.74 -52.63
C214 POV GA . -22.92 8.67 -34.28
C314 POV GA . -13.84 2.94 -36.39
C15 POV GA . -24.40 10.52 -54.58
C215 POV GA . -22.34 8.83 -32.85
C315 POV GA . -12.36 2.89 -35.92
C216 POV GA . -21.03 8.05 -32.63
C316 POV GA . -11.93 4.21 -35.24
C217 POV GA . -19.96 8.89 -31.91
C218 POV GA . -19.43 8.24 -30.62
C21 POV GA . -26.40 5.90 -46.33
O21 POV GA . -25.56 5.01 -47.03
C22 POV GA . -25.84 6.64 -45.09
O22 POV GA . -27.52 6.07 -46.69
C23 POV GA . -24.46 6.09 -44.66
C24 POV GA . -23.30 7.09 -44.96
C25 POV GA . -22.36 7.26 -43.74
C26 POV GA . -22.86 8.39 -42.80
C27 POV GA . -22.75 7.98 -41.31
C28 POV GA . -21.28 8.03 -40.80
C29 POV GA . -20.97 6.86 -39.84
C31 POV GA . -22.45 3.58 -47.27
O31 POV GA . -23.36 3.93 -48.30
C32 POV GA . -21.91 2.13 -47.18
O32 POV GA . -22.09 4.39 -46.48
C33 POV GA . -21.19 1.88 -45.84
C34 POV GA . -19.74 1.39 -46.06
C35 POV GA . -18.89 1.57 -44.78
C36 POV GA . -17.39 1.71 -45.10
C37 POV GA . -16.54 1.59 -43.81
C38 POV GA . -15.77 2.91 -43.51
C39 POV GA . -14.64 2.72 -42.46
N POV HA . -30.20 -3.57 -46.77
P POV HA . -29.45 -0.20 -50.52
C1 POV HA . -28.99 0.69 -52.98
C2 POV HA . -29.28 -0.01 -54.32
C3 POV HA . -28.43 -1.30 -54.44
C210 POV HA . -19.69 3.60 -51.26
C310 POV HA . -18.97 -3.35 -53.66
C11 POV HA . -29.42 -1.98 -48.57
O11 POV HA . -28.67 -0.27 -51.98
C211 POV HA . -18.47 3.80 -50.32
C311 POV HA . -17.86 -3.24 -52.59
C12 POV HA . -29.85 -3.43 -48.22
O12 POV HA . -29.66 -1.75 -49.96
C212 POV HA . -17.30 2.86 -50.70
C312 POV HA . -16.51 -2.75 -53.19
C13 POV HA . -29.03 -4.18 -46.09
O13 POV HA . -28.65 0.60 -49.51
C213 POV HA . -16.20 2.74 -49.61
C313 POV HA . -15.70 -3.92 -53.78
C14 POV HA . -30.58 -2.40 -45.95
O14 POV HA . -30.81 0.46 -50.71
C214 POV HA . -16.02 4.03 -48.77
C314 POV HA . -14.32 -3.48 -54.33
C15 POV HA . -31.32 -4.51 -46.74
C215 POV HA . -14.67 4.04 -48.00
C315 POV HA . -13.72 -4.50 -55.33
C216 POV HA . -14.68 5.02 -46.80
C316 POV HA . -12.26 -4.14 -55.71
C217 POV HA . -13.40 4.93 -45.95
C218 POV HA . -12.11 4.93 -46.81
C21 POV HA . -28.12 1.91 -55.38
O21 POV HA . -29.07 0.83 -55.44
C22 POV HA . -26.62 1.66 -55.69
O22 POV HA . -28.48 3.02 -55.13
C23 POV HA . -25.69 2.78 -55.17
C24 POV HA . -24.35 2.84 -55.95
C25 POV HA . -23.35 3.85 -55.34
C26 POV HA . -23.12 3.60 -53.82
C27 POV HA . -21.70 4.04 -53.36
C28 POV HA . -20.69 2.86 -53.43
C29 POV HA . -19.49 3.06 -52.48
C31 POV HA . -28.01 -2.86 -56.20
O31 POV HA . -28.98 -2.12 -55.47
C32 POV HA . -26.97 -2.12 -57.07
O32 POV HA . -28.00 -4.05 -56.16
C33 POV HA . -25.51 -2.43 -56.66
C34 POV HA . -24.57 -1.22 -56.86
C35 POV HA . -23.84 -0.81 -55.55
C36 POV HA . -22.31 -0.98 -55.69
C37 POV HA . -21.77 -1.99 -54.64
C38 POV HA . -20.60 -1.39 -53.83
C39 POV HA . -19.25 -1.97 -54.31
N POV IA . 4.86 7.94 -27.75
P POV IA . 5.98 3.61 -26.53
C1 POV IA . 4.92 2.38 -28.64
C2 POV IA . 4.37 3.35 -29.70
C3 POV IA . 2.84 3.44 -29.58
C210 POV IA . -0.67 1.45 -39.60
C310 POV IA . -4.75 3.26 -36.11
C11 POV IA . 5.96 6.25 -26.21
O11 POV IA . 6.07 2.98 -28.07
C211 POV IA . -1.54 1.39 -40.88
C311 POV IA . -6.18 3.55 -36.66
C12 POV IA . 6.14 7.22 -27.42
O12 POV IA . 6.75 5.09 -26.45
C212 POV IA . -2.97 1.89 -40.58
C312 POV IA . -6.69 2.42 -37.60
C13 POV IA . 4.97 8.30 -29.18
O13 POV IA . 4.52 3.81 -26.17
C213 POV IA . -3.99 1.47 -41.68
C313 POV IA . -8.08 2.74 -38.21
C14 POV IA . 3.56 7.24 -27.59
O14 POV IA . 6.63 2.66 -25.56
C214 POV IA . -5.43 1.60 -41.15
C314 POV IA . -9.13 1.63 -37.89
C15 POV IA . 4.81 9.15 -26.91
C215 POV IA . -6.27 2.59 -42.01
C315 POV IA . -9.71 0.99 -39.18
C216 POV IA . -6.53 2.04 -43.43
C316 POV IA . -10.27 2.04 -40.16
C217 POV IA . -7.74 2.75 -44.08
C218 POV IA . -7.84 2.48 -45.59
C21 POV IA . 4.63 3.88 -31.98
O21 POV IA . 4.70 2.88 -30.96
C22 POV IA . 4.29 3.47 -33.44
O22 POV IA . 4.84 5.02 -31.72
C23 POV IA . 4.55 4.63 -34.45
C24 POV IA . 3.88 4.35 -35.82
C25 POV IA . 2.37 4.08 -35.69
C26 POV IA . 1.58 4.51 -36.96
C27 POV IA . 0.11 3.99 -36.92
C28 POV IA . 0.00 2.54 -37.45
C29 POV IA . -0.85 2.46 -38.74
C31 POV IA . 1.08 3.66 -27.98
O31 POV IA . 2.45 3.36 -28.22
C32 POV IA . 0.40 4.83 -28.74
O32 POV IA . 0.47 3.03 -27.19
C33 POV IA . -0.67 4.38 -29.78
C34 POV IA . -0.48 5.11 -31.14
C35 POV IA . -0.74 4.16 -32.35
C36 POV IA . -2.18 4.34 -32.91
C37 POV IA . -3.10 3.13 -32.57
C38 POV IA . -3.80 2.53 -33.82
C39 POV IA . -4.62 3.60 -34.60
N POV JA . -57.16 -1.17 2.79
P POV JA . -56.29 1.25 -1.54
C1 POV JA . -55.71 -1.29 -2.13
C2 POV JA . -54.50 -2.06 -2.65
C3 POV JA . -53.93 -2.93 -1.52
C210 POV JA . -45.39 -0.19 -1.44
C310 POV JA . -42.78 -4.16 4.01
C11 POV JA . -56.52 0.59 1.01
O11 POV JA . -55.28 -0.07 -1.53
C211 POV JA . -43.96 -0.65 -1.14
C311 POV JA . -41.53 -3.81 3.16
C12 POV JA . -57.65 -0.23 1.71
O12 POV JA . -57.08 1.33 -0.08
C212 POV JA . -43.74 -0.88 0.37
C13 POV JA . -56.22 -0.46 3.67
O13 POV JA . -55.48 2.52 -1.75
C213 POV JA . -42.38 -0.33 0.88
C14 POV JA . -58.17 -1.78 3.69
O14 POV JA . -57.29 1.11 -2.67
C214 POV JA . -41.23 -0.56 -0.13
C15 POV JA . -56.50 -2.30 2.09
C215 POV JA . -40.37 -1.82 0.21
C216 POV JA . -39.26 -2.02 -0.85
C217 POV JA . -38.11 -2.92 -0.33
C218 POV JA . -38.62 -4.31 0.09
C21 POV JA . -53.75 -0.44 -4.24
O21 POV JA . -53.50 -1.15 -3.03
C22 POV JA . -53.18 0.98 -4.41
O22 POV JA . -54.38 -0.94 -5.11
C23 POV JA . -51.69 1.05 -3.97
C24 POV JA . -51.53 1.50 -2.48
C25 POV JA . -50.52 0.66 -1.66
C26 POV JA . -49.72 -0.38 -2.49
C27 POV JA . -48.19 -0.25 -2.33
C28 POV JA . -47.80 -0.03 -0.86
C29 POV JA . -46.35 -0.48 -0.58
C31 POV JA . -53.01 -1.95 0.46
O31 POV JA . -52.84 -2.23 -0.93
C32 POV JA . -52.40 -2.89 1.52
O32 POV JA . -53.62 -0.99 0.78
C33 POV JA . -51.02 -2.38 2.00
C34 POV JA . -50.03 -3.56 2.27
C35 POV JA . -48.56 -3.10 2.14
C36 POV JA . -47.59 -3.98 2.97
C37 POV JA . -46.56 -3.13 3.74
C38 POV JA . -45.34 -3.97 4.21
C39 POV JA . -44.10 -3.78 3.30
N POV KA . -38.19 -18.02 -38.93
P POV KA . -34.23 -18.92 -36.66
C1 POV KA . -32.05 -17.95 -35.57
C2 POV KA . -30.91 -18.96 -35.52
C3 POV KA . -30.06 -18.74 -34.26
C210 POV KA . -22.00 -22.59 -38.38
C11 POV KA . -36.25 -19.51 -38.26
O11 POV KA . -32.78 -18.11 -36.78
C211 POV KA . -20.81 -22.44 -37.41
C12 POV KA . -36.85 -18.56 -39.34
O12 POV KA . -34.85 -19.27 -38.16
C212 POV KA . -21.19 -21.67 -36.11
C13 POV KA . -38.70 -17.26 -40.10
O13 POV KA . -35.21 -18.03 -35.91
C213 POV KA . -20.82 -22.47 -34.84
C14 POV KA . -39.26 -18.95 -38.54
O14 POV KA . -34.00 -20.20 -35.90
C214 POV KA . -19.38 -22.14 -34.35
C15 POV KA . -37.97 -17.12 -37.79
C215 POV KA . -19.28 -22.14 -32.81
C216 POV KA . -20.19 -21.08 -32.13
C217 POV KA . -19.83 -20.86 -30.64
C218 POV KA . -20.46 -19.57 -30.07
C21 POV KA . -30.29 -19.77 -37.65
O21 POV KA . -30.10 -18.79 -36.65
C22 POV KA . -29.22 -20.00 -38.76
O22 POV KA . -31.27 -20.44 -37.65
C23 POV KA . -29.17 -21.49 -39.20
C24 POV KA . -28.02 -22.32 -38.54
C25 POV KA . -27.44 -21.70 -37.23
C26 POV KA . -25.98 -21.14 -37.36
C27 POV KA . -25.43 -21.15 -38.81
C28 POV KA . -24.35 -22.24 -39.04
C29 POV KA . -23.19 -22.07 -38.05
C31 POV KA . -27.83 -18.34 -33.56
O31 POV KA . -28.71 -18.57 -34.65
C32 POV KA . -26.30 -18.43 -33.73
O32 POV KA . -28.27 -18.07 -32.48
C33 POV KA . -25.70 -19.19 -32.52
C34 POV KA . -24.48 -18.46 -31.90
C35 POV KA . -24.85 -17.66 -30.62
C36 POV KA . -23.69 -16.75 -30.15
C37 POV KA . -24.00 -15.99 -28.84
C38 POV KA . -23.62 -14.48 -28.94
CBT 6EU LA . -8.83 -10.90 -31.92
OAH 6EU LA . -9.69 -11.51 -30.97
CBQ 6EU LA . -9.94 -10.64 -29.96
CBO 6EU LA . -11.17 -10.03 -29.77
CBS 6EU LA . -8.88 -10.38 -29.12
OAI 6EU LA . -7.72 -11.01 -29.37
CBR 6EU LA . -9.03 -9.49 -28.07
CBP 6EU LA . -10.26 -8.89 -27.87
CBN 6EU LA . -11.33 -9.15 -28.71
CBM 6EU LA . -12.54 -8.51 -28.49
CBK 6EU LA . -13.70 -9.50 -28.56
OAG 6EU LA . -14.11 -9.91 -29.64
OAF 6EU LA . -14.23 -9.88 -27.37
CBC 6EU LA . -15.63 -9.60 -27.31
CAX 6EU LA . -16.32 -10.52 -28.09
CAS 6EU LA . -16.16 -11.85 -27.70
CAK 6EU LA . -16.64 -13.07 -28.21
CAU 6EU LA . -17.06 -9.97 -29.13
CAR 6EU LA . -17.77 -11.06 -29.92
OAD 6EU LA . -16.80 -11.84 -30.59
CAZ 6EU LA . -18.64 -10.61 -30.88
OAE 6EU LA . -18.30 -9.91 -31.84
CBA 6EU LA . -19.86 -11.10 -30.71
CBF 6EU LA . -21.03 -10.83 -31.65
CAW 6EU LA . -19.94 -11.86 -29.63
CAO 6EU LA . -18.70 -11.85 -29.00
CAJ 6EU LA . -18.14 -13.18 -28.56
OAA 6EU LA . -18.94 -13.58 -27.41
CAN 6EU LA . -18.28 -14.29 -29.62
CAT 6EU LA . -19.74 -14.70 -29.73
CAP 6EU LA . -17.40 -15.56 -29.31
CAM 6EU LA . -16.93 -15.62 -27.83
CAV 6EU LA . -15.97 -16.76 -27.59
CBB 6EU LA . -15.40 -17.55 -28.76
CBD 6EU LA . -15.56 -17.13 -26.16
OAC 6EU LA . -18.10 -15.79 -27.04
CAL 6EU LA . -16.32 -14.27 -27.31
OAB 6EU LA . -17.05 -14.08 -26.11
CAQ 6EU LA . -18.35 -14.52 -26.47
CAY 6EU LA . -19.25 -14.70 -25.24
CBE 6EU LA . -19.77 -13.49 -24.84
CBG 6EU LA . -21.05 -13.11 -25.25
CBI 6EU LA . -21.58 -11.90 -24.84
CBL 6EU LA . -20.84 -11.05 -24.03
CBJ 6EU LA . -19.57 -11.43 -23.62
CBH 6EU LA . -19.04 -12.64 -24.03
HBS 6EU LA . -11.99 -10.24 -30.44
HAI 6EU LA . -7.89 -11.94 -29.69
HBU 6EU LA . -8.20 -9.28 -27.39
HBT 6EU LA . -10.39 -8.19 -27.04
HAD 6EU LA . -17.26 -12.61 -31.05
HBL 6EU LA . -21.63 -13.78 -25.88
HBN 6EU LA . -22.57 -11.61 -25.16
HBP 6EU LA . -21.26 -10.11 -23.71
HBO 6EU LA . -18.99 -10.76 -22.98
HBM 6EU LA . -18.04 -12.93 -23.71
N POV MA . -3.58 -15.09 -36.95
P POV MA . -3.13 -11.97 -40.39
C1 POV MA . -3.11 -10.37 -42.48
C2 POV MA . -3.18 -11.25 -43.72
C3 POV MA . -2.55 -10.45 -44.88
C210 POV MA . -8.11 -5.83 -50.66
C310 POV MA . -3.43 -5.39 -51.27
C11 POV MA . -4.31 -13.26 -38.47
O11 POV MA . -3.90 -10.99 -41.49
C211 POV MA . -7.70 -4.78 -51.72
C311 POV MA . -2.54 -4.12 -51.31
C12 POV MA . -3.17 -14.25 -38.11
O12 POV MA . -4.23 -13.10 -39.87
C212 POV MA . -8.86 -3.97 -52.37
C312 POV MA . -1.82 -3.97 -52.68
C13 POV MA . -2.40 -15.91 -36.62
O13 POV MA . -1.93 -12.64 -41.00
C213 POV MA . -9.48 -2.92 -51.39
C313 POV MA . -0.45 -3.24 -52.55
C14 POV MA . -4.01 -14.40 -35.72
O14 POV MA . -2.70 -11.14 -39.21
C214 POV MA . -9.96 -1.59 -52.05
C314 POV MA . 0.55 -3.62 -53.67
C15 POV MA . -4.69 -15.94 -37.41
C215 POV MA . -10.53 -0.60 -51.00
C315 POV MA . 2.01 -3.66 -53.16
C216 POV MA . -11.52 0.44 -51.59
C316 POV MA . 2.40 -2.43 -52.31
C217 POV MA . -12.93 0.33 -50.97
C218 POV MA . -14.04 0.71 -51.98
C21 POV MA . -5.49 -10.87 -44.53
O21 POV MA . -4.48 -11.71 -43.99
C22 POV MA . -5.93 -10.98 -46.02
O22 POV MA . -6.03 -10.08 -43.85
C23 POV MA . -7.14 -11.92 -46.24
C24 POV MA . -7.23 -12.32 -47.74
C25 POV MA . -8.18 -11.38 -48.55
C26 POV MA . -7.45 -10.63 -49.70
C27 POV MA . -8.29 -9.43 -50.21
C28 POV MA . -7.87 -8.08 -49.56
C29 POV MA . -7.48 -7.01 -50.60
C31 POV MA . -0.85 -11.85 -45.84
O31 POV MA . -1.18 -10.80 -44.96
C32 POV MA . -1.73 -12.17 -47.07
O32 POV MA . 0.12 -12.50 -45.64
C33 POV MA . -1.52 -11.19 -48.26
C34 POV MA . -2.82 -11.02 -49.10
C35 POV MA . -2.55 -11.00 -50.62
C36 POV MA . -2.15 -9.58 -51.12
C37 POV MA . -2.95 -9.15 -52.38
C38 POV MA . -3.68 -7.80 -52.17
C39 POV MA . -2.69 -6.65 -51.77
N POV NA . -7.46 -18.99 -12.39
P POV NA . -9.01 -17.08 -16.10
C1 POV NA . -9.82 -19.28 -17.26
C2 POV NA . -11.11 -19.95 -16.80
C3 POV NA . -10.80 -20.88 -15.61
C210 POV NA . -19.82 -25.24 -17.27
C310 POV NA . -21.23 -20.30 -15.25
C11 POV NA . -9.02 -17.20 -13.41
O11 POV NA . -9.94 -17.86 -17.23
C211 POV NA . -21.34 -25.26 -17.59
C311 POV NA . -21.12 -19.69 -16.69
C12 POV NA . -7.58 -17.59 -12.93
O12 POV NA . -9.27 -17.85 -14.65
C212 POV NA . -22.04 -23.96 -17.11
C312 POV NA . -22.46 -19.09 -17.16
C13 POV NA . -8.61 -19.30 -11.51
O13 POV NA . -7.55 -17.18 -16.50
C213 POV NA . -23.23 -23.55 -18.03
C313 POV NA . -22.28 -17.77 -17.96
C14 POV NA . -7.33 -20.14 -13.32
O14 POV NA . -9.39 -15.62 -16.00
C214 POV NA . -24.61 -23.87 -17.41
C314 POV NA . -23.33 -17.59 -19.08
C15 POV NA . -6.21 -18.98 -11.61
C215 POV NA . -25.45 -22.58 -17.12
C315 POV NA . -24.71 -18.20 -18.73
C216 POV NA . -26.73 -22.52 -18.01
C316 POV NA . -25.53 -18.56 -19.99
C217 POV NA . -27.63 -23.77 -17.84
C218 POV NA . -28.97 -23.64 -18.59
C21 POV NA . -13.05 -20.62 -17.95
O21 POV NA . -11.64 -20.71 -17.83
C22 POV NA . -13.68 -19.77 -19.08
O22 POV NA . -13.76 -21.18 -17.17
C23 POV NA . -15.16 -19.40 -18.78
C24 POV NA . -16.15 -20.15 -19.73
C25 POV NA . -17.43 -20.61 -18.98
C26 POV NA . -17.52 -22.16 -18.88
C27 POV NA . -16.96 -22.71 -17.53
C28 POV NA . -17.60 -24.07 -17.15
C29 POV NA . -19.12 -24.11 -17.46
C31 POV NA . -12.24 -20.39 -13.76
O31 POV NA . -10.99 -20.15 -14.40
C32 POV NA . -12.61 -19.62 -12.47
O32 POV NA . -12.99 -21.19 -14.21
C33 POV NA . -13.11 -18.17 -12.76
C34 POV NA . -14.44 -18.17 -13.57
C35 POV NA . -15.49 -19.15 -12.99
C36 POV NA . -16.27 -19.91 -14.09
C37 POV NA . -17.78 -20.04 -13.74
C38 POV NA . -18.67 -20.07 -15.01
C39 POV NA . -19.91 -21.00 -14.82
N POV OA . -18.91 -11.90 -69.23
P POV OA . -18.19 -16.04 -67.23
C1 POV OA . -16.85 -14.79 -65.31
C2 POV OA . -17.10 -14.11 -63.96
C3 POV OA . -15.92 -13.19 -63.61
C210 POV OA . -20.76 -15.09 -53.71
C11 POV OA . -18.68 -14.45 -69.34
O11 POV OA . -18.02 -15.51 -65.66
C211 POV OA . -20.20 -16.36 -53.06
C12 POV OA . -17.97 -13.07 -69.12
O12 POV OA . -19.14 -14.95 -68.07
C212 POV OA . -21.08 -16.85 -51.88
C13 POV OA . -19.62 -11.99 -70.53
O13 POV OA . -18.87 -17.39 -67.24
C213 POV OA . -21.68 -15.67 -51.07
C14 POV OA . -19.95 -11.70 -68.19
O14 POV OA . -16.83 -16.15 -67.87
C214 POV OA . -21.66 -15.98 -49.55
C15 POV OA . -18.06 -10.70 -69.21
C215 POV OA . -21.66 -14.70 -48.67
C216 POV OA . -20.82 -13.57 -49.28
C217 POV OA . -20.91 -12.26 -48.47
C218 POV OA . -19.77 -11.27 -48.75
C21 POV OA . -18.54 -15.17 -62.43
O21 POV OA . -17.23 -15.09 -62.98
C22 POV OA . -19.40 -16.44 -62.60
O22 POV OA . -18.97 -14.24 -61.84
C23 POV OA . -20.12 -16.80 -61.28
C24 POV OA . -19.20 -17.60 -60.31
C25 POV OA . -19.22 -17.11 -58.82
C26 POV OA . -20.17 -15.92 -58.52
C27 POV OA . -21.00 -16.17 -57.24
C28 POV OA . -20.15 -16.02 -55.96
C29 POV OA . -20.75 -14.93 -55.03
C31 POV OA . -15.22 -11.76 -61.87
O31 POV OA . -16.32 -12.37 -62.52
C32 POV OA . -14.25 -12.61 -61.01
O32 POV OA . -15.03 -10.58 -61.99
C33 POV OA . -12.97 -11.82 -60.66
C34 POV OA . -12.06 -12.57 -59.62
C35 POV OA . -11.39 -11.59 -58.61
C36 POV OA . -11.01 -10.22 -59.24
C37 POV OA . -9.80 -9.50 -58.56
C38 POV OA . -8.77 -10.50 -57.95
#